data_2M14
#
_entry.id   2M14
#
loop_
_entity.id
_entity.type
_entity.pdbx_description
1 polymer 'RNA polymerase II transcription factor B subunit 1'
2 polymer 'DNA repair protein RAD4'
#
loop_
_entity_poly.entity_id
_entity_poly.type
_entity_poly.pdbx_seq_one_letter_code
_entity_poly.pdbx_strand_id
1 'polypeptide(L)'
;PSHSGAAIFEKVSGIIAINEDVSPAELTWRSTDGDKVHTVVLSTIDKLQATPASSEKMMLRLIGKVDESKKRKDNEGNEV
VPKPQRHMFSFNNRTVMDNIKMTLQQIISRYKDADGNSS
;
A
2 'polypeptide(L)' GSTDDSVEEIQSSEEDYDSEEFEDVTDGNEVAGVEDISVEIK B
#
# COMPACT_ATOMS: atom_id res chain seq x y z
N PRO A 1 -14.70 -4.84 11.99
CA PRO A 1 -13.98 -4.61 10.70
C PRO A 1 -12.69 -3.82 10.91
N SER A 2 -11.61 -4.51 11.22
CA SER A 2 -10.31 -3.87 11.45
C SER A 2 -9.43 -3.97 10.21
N HIS A 3 -8.99 -5.19 9.90
CA HIS A 3 -8.14 -5.41 8.74
C HIS A 3 -8.97 -5.55 7.47
N SER A 4 -9.77 -4.53 7.17
CA SER A 4 -10.61 -4.54 5.98
C SER A 4 -11.36 -3.22 5.82
N GLY A 5 -11.20 -2.60 4.65
CA GLY A 5 -11.87 -1.34 4.39
C GLY A 5 -12.19 -1.18 2.92
N ALA A 6 -13.26 -0.44 2.62
CA ALA A 6 -13.66 -0.24 1.24
C ALA A 6 -12.68 0.69 0.53
N ALA A 7 -11.87 0.11 -0.35
CA ALA A 7 -10.88 0.87 -1.11
C ALA A 7 -11.23 0.92 -2.60
N ILE A 8 -10.80 1.98 -3.26
CA ILE A 8 -11.07 2.16 -4.69
C ILE A 8 -9.89 1.66 -5.53
N PHE A 9 -10.21 1.09 -6.70
CA PHE A 9 -9.20 0.58 -7.60
C PHE A 9 -9.65 0.70 -9.05
N GLU A 10 -8.88 1.42 -9.85
CA GLU A 10 -9.22 1.63 -11.26
C GLU A 10 -10.44 2.51 -11.40
N LYS A 11 -10.59 3.46 -10.47
CA LYS A 11 -11.72 4.40 -10.48
C LYS A 11 -12.98 3.78 -9.88
N VAL A 12 -12.94 2.49 -9.55
CA VAL A 12 -14.10 1.82 -8.99
C VAL A 12 -13.89 1.56 -7.49
N SER A 13 -14.98 1.63 -6.74
CA SER A 13 -14.89 1.40 -5.30
C SER A 13 -15.20 -0.05 -4.96
N GLY A 14 -14.25 -0.71 -4.32
CA GLY A 14 -14.43 -2.10 -3.95
C GLY A 14 -14.26 -2.31 -2.45
N ILE A 15 -13.65 -3.44 -2.10
CA ILE A 15 -13.42 -3.76 -0.69
C ILE A 15 -12.00 -4.26 -0.48
N ILE A 16 -11.27 -3.56 0.36
CA ILE A 16 -9.90 -3.94 0.66
C ILE A 16 -9.87 -4.77 1.95
N ALA A 17 -9.37 -5.99 1.85
CA ALA A 17 -9.31 -6.88 2.99
C ALA A 17 -7.96 -7.59 3.08
N ILE A 18 -7.34 -7.53 4.25
CA ILE A 18 -6.04 -8.15 4.46
C ILE A 18 -6.18 -9.63 4.84
N ASN A 19 -5.60 -10.50 4.03
CA ASN A 19 -5.64 -11.94 4.29
C ASN A 19 -4.59 -12.34 5.32
N GLU A 20 -4.98 -12.35 6.59
CA GLU A 20 -4.07 -12.72 7.66
C GLU A 20 -4.25 -14.18 8.06
N ASP A 21 -4.73 -14.98 7.11
CA ASP A 21 -4.95 -16.40 7.36
C ASP A 21 -3.90 -17.25 6.64
N VAL A 22 -3.04 -16.60 5.86
CA VAL A 22 -1.99 -17.32 5.13
C VAL A 22 -0.63 -17.08 5.76
N SER A 23 0.42 -17.63 5.15
CA SER A 23 1.77 -17.45 5.67
C SER A 23 2.13 -15.97 5.61
N PRO A 24 2.29 -15.40 4.40
CA PRO A 24 2.60 -13.99 4.25
C PRO A 24 1.33 -13.18 4.14
N ALA A 25 1.04 -12.37 5.15
CA ALA A 25 -0.16 -11.56 5.17
C ALA A 25 -0.38 -10.86 3.83
N GLU A 26 -1.53 -11.10 3.22
CA GLU A 26 -1.85 -10.52 1.92
C GLU A 26 -2.95 -9.46 2.03
N LEU A 27 -3.18 -8.78 0.92
CA LEU A 27 -4.20 -7.75 0.82
C LEU A 27 -5.03 -7.97 -0.43
N THR A 28 -6.28 -8.39 -0.26
CA THR A 28 -7.15 -8.67 -1.39
C THR A 28 -8.27 -7.66 -1.54
N TRP A 29 -8.31 -6.99 -2.70
CA TRP A 29 -9.34 -6.02 -2.99
C TRP A 29 -10.52 -6.68 -3.71
N ARG A 30 -11.65 -6.78 -3.01
CA ARG A 30 -12.84 -7.38 -3.58
C ARG A 30 -13.90 -6.31 -3.83
N SER A 31 -14.22 -6.07 -5.10
CA SER A 31 -15.21 -5.07 -5.48
C SER A 31 -16.46 -5.20 -4.62
N THR A 32 -17.31 -4.17 -4.67
CA THR A 32 -18.55 -4.17 -3.90
C THR A 32 -19.57 -5.08 -4.55
N ASP A 33 -19.62 -4.99 -5.87
CA ASP A 33 -20.56 -5.79 -6.65
C ASP A 33 -19.99 -7.18 -6.90
N GLY A 34 -18.68 -7.25 -7.05
CA GLY A 34 -18.02 -8.53 -7.30
C GLY A 34 -17.59 -8.69 -8.74
N ASP A 35 -17.39 -7.56 -9.42
CA ASP A 35 -16.97 -7.57 -10.81
C ASP A 35 -15.48 -7.27 -10.95
N LYS A 36 -14.90 -6.70 -9.90
CA LYS A 36 -13.48 -6.35 -9.92
C LYS A 36 -12.76 -6.92 -8.70
N VAL A 37 -11.56 -7.43 -8.92
CA VAL A 37 -10.78 -8.01 -7.83
C VAL A 37 -9.29 -7.72 -8.01
N HIS A 38 -8.54 -7.76 -6.91
CA HIS A 38 -7.10 -7.50 -6.94
C HIS A 38 -6.41 -8.15 -5.75
N THR A 39 -5.18 -8.61 -5.95
CA THR A 39 -4.42 -9.24 -4.89
C THR A 39 -3.11 -8.50 -4.62
N VAL A 40 -2.79 -8.34 -3.33
CA VAL A 40 -1.57 -7.65 -2.93
C VAL A 40 -0.91 -8.36 -1.78
N VAL A 41 0.35 -8.69 -1.94
CA VAL A 41 1.09 -9.36 -0.88
C VAL A 41 1.98 -8.38 -0.12
N LEU A 42 1.66 -8.17 1.14
CA LEU A 42 2.44 -7.26 1.98
C LEU A 42 3.88 -7.72 2.10
N SER A 43 4.12 -9.01 1.85
CA SER A 43 5.46 -9.56 1.93
C SER A 43 6.40 -8.86 0.95
N THR A 44 5.83 -8.39 -0.16
CA THR A 44 6.59 -7.69 -1.17
C THR A 44 6.56 -6.19 -0.92
N ILE A 45 5.45 -5.73 -0.37
CA ILE A 45 5.26 -4.32 -0.05
C ILE A 45 6.41 -3.80 0.81
N ASP A 46 7.35 -3.08 0.19
CA ASP A 46 8.50 -2.54 0.90
C ASP A 46 8.10 -1.36 1.77
N LYS A 47 7.11 -0.58 1.31
CA LYS A 47 6.65 0.58 2.06
C LYS A 47 5.13 0.72 1.96
N LEU A 48 4.57 1.52 2.87
CA LEU A 48 3.13 1.76 2.90
C LEU A 48 2.83 3.25 2.73
N GLN A 49 1.64 3.57 2.25
CA GLN A 49 1.26 4.96 2.06
C GLN A 49 -0.19 5.20 2.46
N ALA A 50 -0.44 6.36 3.06
CA ALA A 50 -1.77 6.74 3.50
C ALA A 50 -1.88 8.24 3.72
N THR A 51 -2.94 8.85 3.22
CA THR A 51 -3.16 10.29 3.37
C THR A 51 -3.86 10.61 4.67
N PRO A 52 -3.09 11.02 5.69
CA PRO A 52 -3.62 11.38 7.01
C PRO A 52 -4.80 12.34 6.92
N ALA A 53 -5.55 12.45 8.00
CA ALA A 53 -6.72 13.33 8.04
C ALA A 53 -6.35 14.77 7.65
N SER A 54 -5.06 15.09 7.73
CA SER A 54 -4.59 16.43 7.39
C SER A 54 -4.68 16.68 5.88
N SER A 55 -4.72 15.59 5.11
CA SER A 55 -4.81 15.69 3.66
C SER A 55 -6.26 15.63 3.20
N GLU A 56 -6.69 16.69 2.50
CA GLU A 56 -8.05 16.77 2.00
C GLU A 56 -8.37 15.60 1.07
N LYS A 57 -7.33 15.03 0.47
CA LYS A 57 -7.48 13.91 -0.45
C LYS A 57 -7.21 12.59 0.26
N MET A 58 -8.24 11.75 0.37
CA MET A 58 -8.10 10.46 1.03
C MET A 58 -7.74 9.37 0.02
N MET A 59 -6.48 8.94 0.07
CA MET A 59 -5.99 7.91 -0.84
C MET A 59 -4.80 7.17 -0.25
N LEU A 60 -4.78 5.85 -0.43
CA LEU A 60 -3.69 5.02 0.09
C LEU A 60 -2.88 4.40 -1.04
N ARG A 61 -1.63 4.05 -0.74
CA ARG A 61 -0.74 3.45 -1.73
C ARG A 61 0.29 2.56 -1.06
N LEU A 62 0.72 1.51 -1.75
CA LEU A 62 1.71 0.59 -1.20
C LEU A 62 2.86 0.38 -2.17
N ILE A 63 4.09 0.50 -1.65
CA ILE A 63 5.29 0.33 -2.47
C ILE A 63 5.70 -1.13 -2.50
N GLY A 64 5.87 -1.67 -3.70
CA GLY A 64 6.27 -3.06 -3.84
C GLY A 64 7.77 -3.23 -3.90
N LYS A 65 8.24 -4.45 -3.69
CA LYS A 65 9.68 -4.72 -3.73
C LYS A 65 10.23 -4.58 -5.14
N VAL A 66 11.39 -3.94 -5.27
CA VAL A 66 12.01 -3.72 -6.53
C VAL A 66 13.23 -4.64 -6.68
N ASP A 67 14.36 -4.05 -6.93
CA ASP A 67 15.61 -4.79 -7.10
C ASP A 67 16.79 -3.83 -7.17
N GLU A 68 17.63 -3.85 -6.14
CA GLU A 68 18.80 -2.99 -6.08
C GLU A 68 20.06 -3.75 -6.46
N SER A 69 19.90 -4.75 -7.33
CA SER A 69 21.03 -5.57 -7.76
C SER A 69 21.25 -5.42 -9.27
N LYS A 70 20.90 -4.26 -9.81
CA LYS A 70 21.05 -3.99 -11.23
C LYS A 70 21.50 -2.56 -11.48
N LYS A 71 20.75 -1.61 -10.90
CA LYS A 71 21.07 -0.19 -11.06
C LYS A 71 20.99 0.22 -12.52
N ARG A 72 20.71 1.50 -12.75
CA ARG A 72 20.62 2.03 -14.11
C ARG A 72 20.37 3.53 -14.09
N LYS A 73 20.23 4.13 -15.27
CA LYS A 73 19.99 5.55 -15.40
C LYS A 73 18.60 5.82 -15.97
N ASP A 74 18.28 7.11 -16.13
CA ASP A 74 16.97 7.49 -16.67
C ASP A 74 17.08 7.86 -18.15
N ASN A 75 18.09 7.30 -18.83
CA ASN A 75 18.31 7.57 -20.25
C ASN A 75 18.94 8.95 -20.47
N GLU A 76 19.18 9.69 -19.39
CA GLU A 76 19.76 11.01 -19.49
C GLU A 76 21.20 10.99 -18.99
N GLY A 77 21.46 10.12 -18.04
CA GLY A 77 22.80 10.00 -17.47
C GLY A 77 22.81 10.19 -15.97
N ASN A 78 21.74 9.76 -15.31
CA ASN A 78 21.64 9.87 -13.86
C ASN A 78 21.37 8.51 -13.21
N GLU A 79 22.37 8.00 -12.50
CA GLU A 79 22.25 6.71 -11.83
C GLU A 79 21.08 6.72 -10.85
N VAL A 80 19.99 6.05 -11.22
CA VAL A 80 18.81 5.97 -10.36
C VAL A 80 18.46 4.53 -10.04
N VAL A 81 17.32 4.34 -9.36
CA VAL A 81 16.87 3.00 -9.01
C VAL A 81 15.53 2.68 -9.67
N PRO A 82 15.37 1.45 -10.17
CA PRO A 82 14.13 1.03 -10.83
C PRO A 82 12.89 1.30 -9.98
N LYS A 83 11.91 1.97 -10.57
CA LYS A 83 10.68 2.31 -9.85
C LYS A 83 10.00 1.04 -9.32
N PRO A 84 9.73 0.99 -8.00
CA PRO A 84 9.08 -0.18 -7.39
C PRO A 84 7.59 -0.24 -7.68
N GLN A 85 7.12 -1.40 -8.11
CA GLN A 85 5.70 -1.58 -8.43
C GLN A 85 4.85 -1.32 -7.19
N ARG A 86 4.03 -0.28 -7.25
CA ARG A 86 3.16 0.09 -6.13
C ARG A 86 1.70 0.06 -6.54
N HIS A 87 0.83 -0.17 -5.56
CA HIS A 87 -0.61 -0.21 -5.81
C HIS A 87 -1.29 1.04 -5.24
N MET A 88 -1.79 1.90 -6.12
CA MET A 88 -2.44 3.12 -5.70
C MET A 88 -3.93 2.89 -5.48
N PHE A 89 -4.43 3.32 -4.33
CA PHE A 89 -5.85 3.17 -4.00
C PHE A 89 -6.44 4.52 -3.58
N SER A 90 -7.76 4.56 -3.48
CA SER A 90 -8.44 5.80 -3.08
C SER A 90 -9.55 5.51 -2.07
N PHE A 91 -9.44 6.14 -0.90
CA PHE A 91 -10.43 5.96 0.15
C PHE A 91 -11.38 7.15 0.20
N ASN A 92 -12.56 6.95 0.77
CA ASN A 92 -13.57 8.01 0.86
C ASN A 92 -14.04 8.20 2.30
N ASN A 93 -13.10 8.42 3.21
CA ASN A 93 -13.43 8.63 4.61
C ASN A 93 -12.16 8.82 5.45
N ARG A 94 -12.32 9.42 6.63
CA ARG A 94 -11.18 9.66 7.51
C ARG A 94 -10.89 8.45 8.38
N THR A 95 -11.95 7.75 8.79
CA THR A 95 -11.81 6.57 9.63
C THR A 95 -11.41 5.35 8.78
N VAL A 96 -11.96 5.27 7.57
CA VAL A 96 -11.67 4.16 6.68
C VAL A 96 -10.17 4.06 6.39
N MET A 97 -9.56 5.20 6.12
CA MET A 97 -8.12 5.23 5.82
C MET A 97 -7.32 4.79 7.03
N ASP A 98 -7.81 5.11 8.21
CA ASP A 98 -7.14 4.74 9.46
C ASP A 98 -7.24 3.24 9.70
N ASN A 99 -8.32 2.63 9.22
CA ASN A 99 -8.54 1.20 9.39
C ASN A 99 -7.46 0.41 8.66
N ILE A 100 -7.11 0.85 7.45
CA ILE A 100 -6.10 0.18 6.66
C ILE A 100 -4.69 0.66 7.01
N LYS A 101 -4.53 1.98 7.07
CA LYS A 101 -3.24 2.58 7.39
C LYS A 101 -2.69 2.04 8.72
N MET A 102 -3.57 1.83 9.68
CA MET A 102 -3.17 1.35 10.99
C MET A 102 -3.04 -0.18 11.01
N THR A 103 -3.79 -0.84 10.14
CA THR A 103 -3.76 -2.30 10.07
C THR A 103 -2.62 -2.80 9.19
N LEU A 104 -2.50 -2.22 7.99
CA LEU A 104 -1.45 -2.62 7.07
C LEU A 104 -0.09 -2.56 7.76
N GLN A 105 0.17 -1.43 8.42
CA GLN A 105 1.43 -1.24 9.14
C GLN A 105 1.71 -2.42 10.06
N GLN A 106 0.64 -3.04 10.55
CA GLN A 106 0.78 -4.19 11.43
C GLN A 106 1.48 -5.33 10.71
N ILE A 107 1.24 -5.41 9.40
CA ILE A 107 1.85 -6.43 8.57
C ILE A 107 3.23 -5.97 8.12
N ILE A 108 3.34 -4.68 7.84
CA ILE A 108 4.59 -4.07 7.41
C ILE A 108 5.73 -4.46 8.35
N SER A 109 5.61 -4.07 9.60
CA SER A 109 6.61 -4.38 10.62
C SER A 109 6.75 -5.88 10.81
N ARG A 110 5.71 -6.61 10.45
CA ARG A 110 5.71 -8.07 10.58
C ARG A 110 6.92 -8.69 9.87
N TYR A 111 7.44 -7.99 8.86
CA TYR A 111 8.59 -8.47 8.12
C TYR A 111 9.89 -7.86 8.65
N LYS A 112 9.82 -6.60 9.04
CA LYS A 112 10.99 -5.91 9.57
C LYS A 112 11.45 -6.53 10.88
N ASP A 113 10.52 -6.72 11.79
CA ASP A 113 10.82 -7.32 13.09
C ASP A 113 11.49 -8.68 12.92
N ALA A 114 11.00 -9.47 11.97
CA ALA A 114 11.55 -10.79 11.72
C ALA A 114 12.88 -10.70 10.96
N ASP A 115 12.89 -9.89 9.91
CA ASP A 115 14.10 -9.71 9.10
C ASP A 115 15.22 -9.11 9.94
N TYR B 17 6.30 16.23 -7.08
CA TYR B 17 5.81 16.83 -5.81
C TYR B 17 4.51 16.19 -5.36
N ASP B 18 4.52 14.86 -5.22
CA ASP B 18 3.34 14.13 -4.81
C ASP B 18 3.27 13.99 -3.28
N SER B 19 4.07 14.78 -2.58
CA SER B 19 4.10 14.73 -1.13
C SER B 19 3.07 15.68 -0.53
N GLU B 20 2.80 16.77 -1.24
CA GLU B 20 1.83 17.77 -0.78
C GLU B 20 0.44 17.15 -0.66
N GLU B 21 0.15 16.17 -1.52
CA GLU B 21 -1.15 15.51 -1.51
C GLU B 21 -1.01 14.04 -1.08
N PHE B 22 0.05 13.75 -0.33
CA PHE B 22 0.30 12.39 0.15
C PHE B 22 1.41 12.36 1.17
N GLU B 23 1.20 11.64 2.26
CA GLU B 23 2.18 11.54 3.34
C GLU B 23 2.97 10.24 3.22
N ASP B 24 4.13 10.19 3.87
CA ASP B 24 4.99 9.01 3.85
C ASP B 24 4.74 8.13 5.07
N VAL B 25 5.16 6.88 4.98
CA VAL B 25 4.99 5.94 6.08
C VAL B 25 6.27 5.14 6.31
N THR B 26 6.34 4.44 7.44
CA THR B 26 7.50 3.63 7.79
C THR B 26 7.96 2.77 6.62
N ASP B 27 9.08 3.16 6.01
CA ASP B 27 9.62 2.43 4.87
C ASP B 27 10.62 1.37 5.33
N GLY B 28 11.11 0.59 4.37
CA GLY B 28 12.07 -0.46 4.70
C GLY B 28 13.38 0.11 5.19
N ASN B 29 14.45 -0.67 5.07
CA ASN B 29 15.78 -0.25 5.50
C ASN B 29 16.41 0.69 4.48
N GLU B 30 17.32 1.54 4.94
CA GLU B 30 18.01 2.48 4.07
C GLU B 30 19.32 2.93 4.68
N VAL B 31 19.28 3.40 5.93
CA VAL B 31 20.46 3.85 6.63
C VAL B 31 20.49 3.36 8.07
N PRO A 1 -13.99 -6.63 11.80
CA PRO A 1 -13.61 -5.69 10.72
C PRO A 1 -12.38 -4.87 11.08
N SER A 2 -11.40 -5.52 11.69
CA SER A 2 -10.16 -4.85 12.10
C SER A 2 -9.04 -5.13 11.11
N HIS A 3 -9.40 -5.34 9.85
CA HIS A 3 -8.42 -5.63 8.80
C HIS A 3 -9.09 -5.73 7.44
N SER A 4 -9.94 -4.75 7.12
CA SER A 4 -10.64 -4.73 5.85
C SER A 4 -11.50 -3.48 5.72
N GLY A 5 -11.36 -2.78 4.59
CA GLY A 5 -12.13 -1.59 4.36
C GLY A 5 -12.40 -1.37 2.89
N ALA A 6 -13.44 -0.60 2.57
CA ALA A 6 -13.79 -0.34 1.18
C ALA A 6 -12.75 0.58 0.53
N ALA A 7 -11.90 -0.01 -0.31
CA ALA A 7 -10.87 0.75 -0.99
C ALA A 7 -11.15 0.87 -2.49
N ILE A 8 -10.62 1.91 -3.11
CA ILE A 8 -10.81 2.14 -4.53
C ILE A 8 -9.59 1.68 -5.33
N PHE A 9 -9.84 1.14 -6.52
CA PHE A 9 -8.77 0.67 -7.40
C PHE A 9 -9.18 0.82 -8.86
N GLU A 10 -8.33 1.46 -9.65
CA GLU A 10 -8.60 1.69 -11.06
C GLU A 10 -9.80 2.61 -11.24
N LYS A 11 -9.99 3.52 -10.28
CA LYS A 11 -11.09 4.48 -10.31
C LYS A 11 -12.40 3.87 -9.82
N VAL A 12 -12.39 2.58 -9.51
CA VAL A 12 -13.59 1.90 -9.03
C VAL A 12 -13.48 1.62 -7.54
N SER A 13 -14.61 1.62 -6.84
CA SER A 13 -14.61 1.37 -5.42
C SER A 13 -14.96 -0.08 -5.12
N GLY A 14 -14.06 -0.76 -4.43
CA GLY A 14 -14.27 -2.15 -4.08
C GLY A 14 -14.14 -2.38 -2.59
N ILE A 15 -13.57 -3.52 -2.22
CA ILE A 15 -13.38 -3.84 -0.81
C ILE A 15 -11.97 -4.37 -0.56
N ILE A 16 -11.25 -3.69 0.30
CA ILE A 16 -9.90 -4.10 0.64
C ILE A 16 -9.92 -4.90 1.93
N ALA A 17 -9.41 -6.11 1.87
CA ALA A 17 -9.42 -6.99 3.04
C ALA A 17 -8.11 -7.77 3.16
N ILE A 18 -7.46 -7.64 4.31
CA ILE A 18 -6.20 -8.33 4.55
C ILE A 18 -6.42 -9.81 4.85
N ASN A 19 -5.73 -10.66 4.10
CA ASN A 19 -5.84 -12.10 4.29
C ASN A 19 -4.85 -12.59 5.33
N GLU A 20 -5.32 -12.76 6.56
CA GLU A 20 -4.46 -13.22 7.65
C GLU A 20 -4.49 -14.74 7.76
N ASP A 21 -4.86 -15.40 6.68
CA ASP A 21 -4.91 -16.86 6.65
C ASP A 21 -3.62 -17.43 6.08
N VAL A 22 -2.84 -16.57 5.44
CA VAL A 22 -1.58 -16.97 4.84
C VAL A 22 -0.42 -16.74 5.83
N SER A 23 0.81 -16.81 5.33
CA SER A 23 1.98 -16.64 6.18
C SER A 23 2.40 -15.16 6.24
N PRO A 24 2.78 -14.56 5.11
CA PRO A 24 3.21 -13.16 5.06
C PRO A 24 2.07 -12.18 5.05
N ALA A 25 0.88 -12.70 5.14
CA ALA A 25 -0.35 -11.90 5.15
C ALA A 25 -0.47 -11.08 3.87
N GLU A 26 -1.55 -11.30 3.14
CA GLU A 26 -1.79 -10.60 1.89
C GLU A 26 -2.96 -9.62 2.02
N LEU A 27 -3.15 -8.81 0.98
CA LEU A 27 -4.23 -7.83 0.93
C LEU A 27 -5.08 -8.08 -0.31
N THR A 28 -6.31 -8.56 -0.12
CA THR A 28 -7.18 -8.86 -1.26
C THR A 28 -8.28 -7.82 -1.45
N TRP A 29 -8.27 -7.16 -2.61
CA TRP A 29 -9.26 -6.16 -2.94
C TRP A 29 -10.41 -6.81 -3.72
N ARG A 30 -11.57 -6.90 -3.09
CA ARG A 30 -12.74 -7.48 -3.74
C ARG A 30 -13.76 -6.38 -4.03
N SER A 31 -14.01 -6.12 -5.32
CA SER A 31 -14.96 -5.09 -5.72
C SER A 31 -16.27 -5.21 -4.93
N THR A 32 -17.11 -4.19 -5.06
CA THR A 32 -18.39 -4.18 -4.35
C THR A 32 -19.36 -5.12 -5.03
N ASP A 33 -19.36 -5.09 -6.34
CA ASP A 33 -20.24 -5.94 -7.13
C ASP A 33 -19.70 -7.36 -7.22
N GLY A 34 -18.38 -7.48 -7.21
CA GLY A 34 -17.76 -8.79 -7.29
C GLY A 34 -17.26 -9.11 -8.69
N ASP A 35 -16.94 -8.07 -9.44
CA ASP A 35 -16.45 -8.24 -10.80
C ASP A 35 -14.98 -7.87 -10.92
N LYS A 36 -14.48 -7.12 -9.93
CA LYS A 36 -13.09 -6.70 -9.92
C LYS A 36 -12.35 -7.24 -8.71
N VAL A 37 -11.10 -7.64 -8.91
CA VAL A 37 -10.29 -8.19 -7.84
C VAL A 37 -8.83 -7.76 -7.97
N HIS A 38 -8.20 -7.46 -6.84
CA HIS A 38 -6.80 -7.04 -6.82
C HIS A 38 -6.13 -7.44 -5.52
N THR A 39 -5.18 -8.37 -5.62
CA THR A 39 -4.47 -8.86 -4.43
C THR A 39 -3.11 -8.18 -4.27
N VAL A 40 -2.71 -7.99 -3.02
CA VAL A 40 -1.42 -7.38 -2.71
C VAL A 40 -0.74 -8.12 -1.59
N VAL A 41 0.52 -8.43 -1.78
CA VAL A 41 1.26 -9.14 -0.74
C VAL A 41 2.12 -8.18 0.07
N LEU A 42 1.69 -7.92 1.30
CA LEU A 42 2.40 -7.03 2.20
C LEU A 42 3.87 -7.43 2.32
N SER A 43 4.16 -8.71 2.07
CA SER A 43 5.53 -9.20 2.14
C SER A 43 6.42 -8.55 1.09
N THR A 44 5.82 -8.22 -0.04
CA THR A 44 6.54 -7.58 -1.14
C THR A 44 6.43 -6.07 -1.03
N ILE A 45 5.30 -5.61 -0.51
CA ILE A 45 5.05 -4.18 -0.34
C ILE A 45 6.25 -3.48 0.28
N ASP A 46 6.98 -2.74 -0.55
CA ASP A 46 8.15 -2.01 -0.10
C ASP A 46 7.80 -1.02 1.01
N LYS A 47 6.72 -0.28 0.81
CA LYS A 47 6.29 0.71 1.79
C LYS A 47 4.79 0.98 1.68
N LEU A 48 4.23 1.58 2.73
CA LEU A 48 2.82 1.92 2.76
C LEU A 48 2.63 3.42 2.65
N GLN A 49 1.49 3.87 2.15
CA GLN A 49 1.23 5.29 2.00
C GLN A 49 -0.19 5.65 2.44
N ALA A 50 -0.34 6.83 3.03
CA ALA A 50 -1.64 7.30 3.49
C ALA A 50 -1.69 8.82 3.53
N THR A 51 -2.75 9.38 2.98
CA THR A 51 -2.92 10.83 2.94
C THR A 51 -2.88 11.43 4.35
N PRO A 52 -1.74 12.04 4.70
CA PRO A 52 -1.55 12.68 6.01
C PRO A 52 -2.72 13.60 6.39
N ALA A 53 -2.80 13.95 7.66
CA ALA A 53 -3.85 14.82 8.15
C ALA A 53 -3.94 16.11 7.32
N SER A 54 -2.85 16.45 6.64
CA SER A 54 -2.81 17.66 5.82
C SER A 54 -3.54 17.44 4.49
N SER A 55 -3.69 16.18 4.10
CA SER A 55 -4.37 15.84 2.86
C SER A 55 -5.85 15.54 3.12
N GLU A 56 -6.70 16.52 2.85
CA GLU A 56 -8.14 16.37 3.06
C GLU A 56 -8.68 15.20 2.24
N LYS A 57 -7.98 14.84 1.18
CA LYS A 57 -8.40 13.74 0.32
C LYS A 57 -7.93 12.39 0.87
N MET A 58 -8.88 11.54 1.22
CA MET A 58 -8.56 10.22 1.75
C MET A 58 -8.04 9.29 0.66
N MET A 59 -6.75 9.00 0.69
CA MET A 59 -6.14 8.12 -0.31
C MET A 59 -4.89 7.44 0.23
N LEU A 60 -4.73 6.16 -0.08
CA LEU A 60 -3.58 5.40 0.37
C LEU A 60 -2.87 4.73 -0.80
N ARG A 61 -1.54 4.72 -0.76
CA ARG A 61 -0.75 4.10 -1.83
C ARG A 61 0.02 2.90 -1.30
N LEU A 62 0.29 1.94 -2.17
CA LEU A 62 1.01 0.73 -1.79
C LEU A 62 2.20 0.47 -2.70
N ILE A 63 3.40 0.61 -2.17
CA ILE A 63 4.62 0.38 -2.94
C ILE A 63 5.01 -1.09 -2.88
N GLY A 64 5.35 -1.66 -4.04
CA GLY A 64 5.75 -3.05 -4.09
C GLY A 64 7.25 -3.23 -4.16
N LYS A 65 7.70 -4.48 -4.00
CA LYS A 65 9.12 -4.78 -4.03
C LYS A 65 9.65 -4.70 -5.47
N VAL A 66 10.84 -4.12 -5.62
CA VAL A 66 11.46 -3.97 -6.91
C VAL A 66 12.65 -4.90 -7.02
N ASP A 67 13.79 -4.34 -7.33
CA ASP A 67 15.03 -5.10 -7.48
C ASP A 67 16.19 -4.17 -7.81
N GLU A 68 16.81 -3.62 -6.76
CA GLU A 68 17.94 -2.71 -6.93
C GLU A 68 19.26 -3.44 -6.73
N SER A 69 19.26 -4.74 -7.04
CA SER A 69 20.47 -5.55 -6.89
C SER A 69 21.10 -5.85 -8.24
N LYS A 70 20.32 -5.73 -9.30
CA LYS A 70 20.81 -5.98 -10.65
C LYS A 70 20.74 -4.72 -11.50
N LYS A 71 19.66 -3.96 -11.34
CA LYS A 71 19.48 -2.73 -12.09
C LYS A 71 19.41 -3.02 -13.60
N ARG A 72 18.79 -2.11 -14.34
CA ARG A 72 18.65 -2.26 -15.78
C ARG A 72 18.33 -0.93 -16.45
N LYS A 73 18.18 -0.95 -17.77
CA LYS A 73 17.87 0.25 -18.52
C LYS A 73 16.37 0.36 -18.78
N ASP A 74 15.98 1.38 -19.53
CA ASP A 74 14.57 1.60 -19.85
C ASP A 74 14.26 1.14 -21.28
N ASN A 75 15.05 0.18 -21.78
CA ASN A 75 14.86 -0.34 -23.13
C ASN A 75 15.37 0.63 -24.19
N GLU A 76 15.89 1.78 -23.76
CA GLU A 76 16.40 2.77 -24.69
C GLU A 76 17.91 2.81 -24.65
N GLY A 77 18.47 2.49 -23.49
CA GLY A 77 19.91 2.48 -23.33
C GLY A 77 20.38 3.41 -22.23
N ASN A 78 19.56 3.54 -21.18
CA ASN A 78 19.89 4.39 -20.05
C ASN A 78 19.85 3.61 -18.74
N GLU A 79 21.01 3.37 -18.17
CA GLU A 79 21.10 2.62 -16.91
C GLU A 79 20.31 3.32 -15.80
N VAL A 80 19.03 3.00 -15.71
CA VAL A 80 18.16 3.60 -14.69
C VAL A 80 17.77 2.57 -13.63
N VAL A 81 16.90 2.98 -12.72
CA VAL A 81 16.44 2.10 -11.66
C VAL A 81 14.99 1.67 -11.88
N PRO A 82 14.69 0.37 -11.76
CA PRO A 82 13.34 -0.15 -11.96
C PRO A 82 12.36 0.37 -10.92
N LYS A 83 11.27 0.96 -11.37
CA LYS A 83 10.25 1.50 -10.47
C LYS A 83 9.41 0.37 -9.87
N PRO A 84 9.14 0.43 -8.56
CA PRO A 84 8.35 -0.59 -7.86
C PRO A 84 6.85 -0.45 -8.14
N GLN A 85 6.15 -1.57 -8.10
CA GLN A 85 4.71 -1.58 -8.35
C GLN A 85 3.99 -0.71 -7.32
N ARG A 86 3.39 0.37 -7.78
CA ARG A 86 2.68 1.30 -6.91
C ARG A 86 1.17 1.14 -7.06
N HIS A 87 0.51 0.67 -5.99
CA HIS A 87 -0.93 0.49 -6.02
C HIS A 87 -1.63 1.74 -5.45
N MET A 88 -2.32 2.46 -6.32
CA MET A 88 -3.03 3.67 -5.92
C MET A 88 -4.43 3.34 -5.42
N PHE A 89 -4.64 3.51 -4.12
CA PHE A 89 -5.93 3.25 -3.51
C PHE A 89 -6.55 4.55 -2.99
N SER A 90 -7.81 4.78 -3.35
CA SER A 90 -8.51 5.99 -2.91
C SER A 90 -9.54 5.67 -1.84
N PHE A 91 -9.38 6.30 -0.68
CA PHE A 91 -10.31 6.10 0.43
C PHE A 91 -11.39 7.17 0.43
N ASN A 92 -12.50 6.89 1.10
CA ASN A 92 -13.62 7.84 1.16
C ASN A 92 -14.15 7.99 2.58
N ASN A 93 -13.30 7.71 3.57
CA ASN A 93 -13.70 7.83 4.97
C ASN A 93 -12.48 7.99 5.87
N ARG A 94 -12.70 8.65 7.01
CA ARG A 94 -11.62 8.87 7.96
C ARG A 94 -11.34 7.62 8.79
N THR A 95 -12.40 6.90 9.13
CA THR A 95 -12.29 5.69 9.91
C THR A 95 -11.68 4.56 9.08
N VAL A 96 -12.15 4.40 7.85
CA VAL A 96 -11.64 3.34 6.98
C VAL A 96 -10.15 3.52 6.72
N MET A 97 -9.71 4.77 6.57
CA MET A 97 -8.31 5.06 6.33
C MET A 97 -7.48 4.79 7.58
N ASP A 98 -8.08 5.06 8.72
CA ASP A 98 -7.42 4.85 10.01
C ASP A 98 -7.28 3.36 10.30
N ASN A 99 -8.20 2.56 9.77
CA ASN A 99 -8.17 1.12 9.98
C ASN A 99 -7.14 0.46 9.05
N ILE A 100 -7.29 0.72 7.75
CA ILE A 100 -6.37 0.15 6.76
C ILE A 100 -4.94 0.58 7.02
N LYS A 101 -4.73 1.89 7.16
CA LYS A 101 -3.40 2.43 7.40
C LYS A 101 -2.79 1.85 8.67
N MET A 102 -3.62 1.64 9.69
CA MET A 102 -3.14 1.11 10.97
C MET A 102 -3.06 -0.41 10.93
N THR A 103 -3.87 -1.03 10.09
CA THR A 103 -3.88 -2.49 9.97
C THR A 103 -2.81 -2.97 9.01
N LEU A 104 -2.60 -2.23 7.92
CA LEU A 104 -1.59 -2.61 6.94
C LEU A 104 -0.22 -2.61 7.58
N GLN A 105 0.16 -1.49 8.18
CA GLN A 105 1.45 -1.37 8.85
C GLN A 105 1.64 -2.51 9.84
N GLN A 106 0.52 -3.01 10.38
CA GLN A 106 0.58 -4.12 11.32
C GLN A 106 1.19 -5.34 10.67
N ILE A 107 0.92 -5.49 9.38
CA ILE A 107 1.45 -6.59 8.59
C ILE A 107 2.87 -6.26 8.15
N ILE A 108 3.10 -4.97 7.89
CA ILE A 108 4.41 -4.49 7.47
C ILE A 108 5.47 -4.84 8.51
N SER A 109 5.26 -4.36 9.73
CA SER A 109 6.18 -4.61 10.83
C SER A 109 6.42 -6.11 11.01
N ARG A 110 5.47 -6.92 10.58
CA ARG A 110 5.58 -8.37 10.68
C ARG A 110 6.89 -8.86 10.07
N TYR A 111 7.42 -8.09 9.12
CA TYR A 111 8.67 -8.44 8.46
C TYR A 111 9.83 -7.67 9.06
N LYS A 112 9.56 -6.44 9.49
CA LYS A 112 10.58 -5.59 10.10
C LYS A 112 11.23 -6.27 11.29
N ASP A 113 10.46 -6.45 12.36
CA ASP A 113 10.96 -7.09 13.57
C ASP A 113 11.48 -8.49 13.27
N ALA A 114 10.85 -9.15 12.28
CA ALA A 114 11.25 -10.50 11.91
C ALA A 114 12.61 -10.50 11.21
N ASP A 115 12.81 -9.54 10.31
CA ASP A 115 14.06 -9.43 9.57
C ASP A 115 15.17 -8.91 10.48
N TYR B 17 9.75 14.50 -4.05
CA TYR B 17 9.61 14.07 -5.46
C TYR B 17 8.40 13.14 -5.63
N ASP B 18 8.41 12.02 -4.93
CA ASP B 18 7.32 11.06 -5.00
C ASP B 18 6.25 11.36 -3.96
N SER B 19 6.68 11.92 -2.83
CA SER B 19 5.76 12.26 -1.75
C SER B 19 5.14 13.64 -1.95
N GLU B 20 5.45 14.27 -3.09
CA GLU B 20 4.93 15.60 -3.39
C GLU B 20 3.41 15.59 -3.42
N GLU B 21 2.82 14.42 -3.66
CA GLU B 21 1.37 14.29 -3.71
C GLU B 21 0.84 13.54 -2.49
N PHE B 22 1.42 12.37 -2.22
CA PHE B 22 1.01 11.56 -1.08
C PHE B 22 2.16 11.41 -0.08
N GLU B 23 1.88 10.77 1.05
CA GLU B 23 2.88 10.57 2.08
C GLU B 23 2.98 9.09 2.45
N ASP B 24 4.15 8.68 2.92
CA ASP B 24 4.38 7.30 3.32
C ASP B 24 4.07 7.10 4.80
N VAL B 25 3.89 5.84 5.19
CA VAL B 25 3.59 5.51 6.58
C VAL B 25 4.25 4.20 6.99
N THR B 26 5.16 4.28 7.96
CA THR B 26 5.86 3.10 8.44
C THR B 26 6.18 3.22 9.92
N ASP B 27 6.91 2.24 10.45
CA ASP B 27 7.29 2.25 11.87
C ASP B 27 8.74 2.69 12.04
N GLY B 28 9.64 1.96 11.40
CA GLY B 28 11.06 2.29 11.50
C GLY B 28 11.95 1.08 11.34
N ASN B 29 12.95 1.19 10.48
CA ASN B 29 13.88 0.10 10.23
C ASN B 29 14.99 0.08 11.27
N GLU B 30 14.89 -0.85 12.22
CA GLU B 30 15.89 -0.97 13.28
C GLU B 30 16.79 -2.18 13.05
N VAL B 31 16.20 -3.37 13.12
CA VAL B 31 16.95 -4.60 12.92
C VAL B 31 16.60 -5.23 11.57
N PRO A 1 -14.91 -5.09 11.70
CA PRO A 1 -13.95 -5.08 10.56
C PRO A 1 -12.78 -4.15 10.83
N SER A 2 -11.64 -4.72 11.20
CA SER A 2 -10.44 -3.94 11.48
C SER A 2 -9.41 -4.09 10.36
N HIS A 3 -9.21 -5.33 9.92
CA HIS A 3 -8.26 -5.61 8.85
C HIS A 3 -8.96 -5.68 7.49
N SER A 4 -9.93 -4.79 7.28
CA SER A 4 -10.66 -4.75 6.02
C SER A 4 -11.45 -3.45 5.90
N GLY A 5 -11.29 -2.77 4.77
CA GLY A 5 -12.00 -1.53 4.54
C GLY A 5 -12.35 -1.34 3.08
N ALA A 6 -13.40 -0.58 2.80
CA ALA A 6 -13.82 -0.34 1.43
C ALA A 6 -12.84 0.59 0.73
N ALA A 7 -11.99 0.00 -0.12
CA ALA A 7 -10.99 0.76 -0.85
C ALA A 7 -11.35 0.86 -2.34
N ILE A 8 -10.88 1.92 -2.99
CA ILE A 8 -11.16 2.14 -4.40
C ILE A 8 -9.94 1.80 -5.25
N PHE A 9 -10.18 1.25 -6.44
CA PHE A 9 -9.11 0.88 -7.35
C PHE A 9 -9.53 1.10 -8.79
N GLU A 10 -8.63 1.61 -9.62
CA GLU A 10 -8.93 1.87 -11.02
C GLU A 10 -10.16 2.74 -11.17
N LYS A 11 -10.40 3.59 -10.16
CA LYS A 11 -11.55 4.51 -10.16
C LYS A 11 -12.83 3.81 -9.68
N VAL A 12 -12.75 2.51 -9.42
CA VAL A 12 -13.91 1.76 -8.97
C VAL A 12 -13.79 1.46 -7.48
N SER A 13 -14.91 1.54 -6.77
CA SER A 13 -14.92 1.28 -5.34
C SER A 13 -15.17 -0.20 -5.05
N GLY A 14 -14.33 -0.76 -4.20
CA GLY A 14 -14.47 -2.16 -3.85
C GLY A 14 -14.31 -2.40 -2.36
N ILE A 15 -13.65 -3.50 -2.01
CA ILE A 15 -13.44 -3.83 -0.60
C ILE A 15 -12.02 -4.33 -0.39
N ILE A 16 -11.28 -3.64 0.46
CA ILE A 16 -9.92 -4.04 0.77
C ILE A 16 -9.91 -4.86 2.04
N ALA A 17 -9.40 -6.08 1.94
CA ALA A 17 -9.36 -6.98 3.09
C ALA A 17 -8.03 -7.72 3.16
N ILE A 18 -7.44 -7.73 4.35
CA ILE A 18 -6.16 -8.40 4.57
C ILE A 18 -6.35 -9.89 4.85
N ASN A 19 -5.69 -10.72 4.06
CA ASN A 19 -5.77 -12.16 4.22
C ASN A 19 -4.72 -12.67 5.21
N GLU A 20 -5.10 -12.77 6.48
CA GLU A 20 -4.18 -13.23 7.51
C GLU A 20 -4.38 -14.72 7.77
N ASP A 21 -4.87 -15.43 6.77
CA ASP A 21 -5.09 -16.87 6.88
C ASP A 21 -4.01 -17.65 6.15
N VAL A 22 -3.16 -16.94 5.41
CA VAL A 22 -2.09 -17.57 4.65
C VAL A 22 -0.75 -17.37 5.34
N SER A 23 0.32 -17.83 4.71
CA SER A 23 1.66 -17.66 5.28
C SER A 23 2.01 -16.18 5.34
N PRO A 24 2.18 -15.53 4.18
CA PRO A 24 2.49 -14.10 4.12
C PRO A 24 1.20 -13.29 4.04
N ALA A 25 0.89 -12.58 5.10
CA ALA A 25 -0.32 -11.76 5.15
C ALA A 25 -0.44 -10.90 3.89
N GLU A 26 -1.52 -11.13 3.14
CA GLU A 26 -1.76 -10.39 1.91
C GLU A 26 -2.95 -9.46 2.05
N LEU A 27 -3.15 -8.63 1.03
CA LEU A 27 -4.26 -7.67 1.00
C LEU A 27 -5.08 -7.91 -0.26
N THR A 28 -6.29 -8.42 -0.10
CA THR A 28 -7.15 -8.72 -1.25
C THR A 28 -8.28 -7.72 -1.40
N TRP A 29 -8.25 -6.97 -2.51
CA TRP A 29 -9.28 -6.00 -2.80
C TRP A 29 -10.41 -6.64 -3.61
N ARG A 30 -11.57 -6.79 -2.98
CA ARG A 30 -12.72 -7.38 -3.64
C ARG A 30 -13.79 -6.33 -3.90
N SER A 31 -14.08 -6.07 -5.17
CA SER A 31 -15.07 -5.07 -5.54
C SER A 31 -16.34 -5.21 -4.71
N THR A 32 -17.23 -4.22 -4.80
CA THR A 32 -18.47 -4.24 -4.07
C THR A 32 -19.43 -5.23 -4.70
N ASP A 33 -19.43 -5.24 -6.03
CA ASP A 33 -20.28 -6.13 -6.78
C ASP A 33 -19.55 -7.44 -7.11
N GLY A 34 -18.25 -7.33 -7.35
CA GLY A 34 -17.46 -8.50 -7.67
C GLY A 34 -16.98 -8.51 -9.10
N ASP A 35 -16.97 -7.34 -9.73
CA ASP A 35 -16.53 -7.22 -11.12
C ASP A 35 -15.03 -6.92 -11.20
N LYS A 36 -14.47 -6.44 -10.09
CA LYS A 36 -13.04 -6.13 -10.05
C LYS A 36 -12.40 -6.68 -8.78
N VAL A 37 -11.18 -7.19 -8.91
CA VAL A 37 -10.45 -7.76 -7.79
C VAL A 37 -8.95 -7.46 -7.89
N HIS A 38 -8.27 -7.49 -6.75
CA HIS A 38 -6.83 -7.22 -6.70
C HIS A 38 -6.21 -7.85 -5.45
N THR A 39 -4.97 -8.29 -5.57
CA THR A 39 -4.27 -8.91 -4.45
C THR A 39 -2.91 -8.25 -4.21
N VAL A 40 -2.60 -8.03 -2.94
CA VAL A 40 -1.33 -7.42 -2.56
C VAL A 40 -0.67 -8.20 -1.44
N VAL A 41 0.59 -8.50 -1.61
CA VAL A 41 1.30 -9.22 -0.57
C VAL A 41 2.16 -8.28 0.27
N LEU A 42 1.73 -8.06 1.50
CA LEU A 42 2.43 -7.18 2.43
C LEU A 42 3.90 -7.59 2.57
N SER A 43 4.19 -8.85 2.29
CA SER A 43 5.56 -9.36 2.41
C SER A 43 6.48 -8.67 1.40
N THR A 44 5.91 -8.29 0.26
CA THR A 44 6.67 -7.62 -0.79
C THR A 44 6.58 -6.11 -0.63
N ILE A 45 5.44 -5.66 -0.14
CA ILE A 45 5.20 -4.24 0.06
C ILE A 45 6.38 -3.57 0.76
N ASP A 46 7.10 -2.73 0.01
CA ASP A 46 8.26 -2.03 0.55
C ASP A 46 7.83 -1.02 1.60
N LYS A 47 6.65 -0.45 1.45
CA LYS A 47 6.14 0.54 2.39
C LYS A 47 4.69 0.90 2.10
N LEU A 48 4.06 1.56 3.05
CA LEU A 48 2.67 1.98 2.92
C LEU A 48 2.59 3.50 2.73
N GLN A 49 1.46 3.98 2.24
CA GLN A 49 1.27 5.41 2.03
C GLN A 49 -0.17 5.82 2.29
N ALA A 50 -0.34 6.88 3.07
CA ALA A 50 -1.67 7.38 3.41
C ALA A 50 -1.71 8.90 3.40
N THR A 51 -2.81 9.46 2.91
CA THR A 51 -2.97 10.91 2.83
C THR A 51 -3.52 11.46 4.15
N PRO A 52 -2.63 12.01 4.99
CA PRO A 52 -2.99 12.60 6.28
C PRO A 52 -4.18 13.54 6.16
N ALA A 53 -4.79 13.86 7.30
CA ALA A 53 -5.93 14.77 7.34
C ALA A 53 -5.63 16.09 6.63
N SER A 54 -4.34 16.40 6.47
CA SER A 54 -3.93 17.64 5.82
C SER A 54 -4.22 17.59 4.32
N SER A 55 -4.37 16.39 3.79
CA SER A 55 -4.63 16.21 2.37
C SER A 55 -6.14 16.11 2.12
N GLU A 56 -6.67 17.06 1.34
CA GLU A 56 -8.09 17.07 1.03
C GLU A 56 -8.52 15.79 0.31
N LYS A 57 -7.55 15.14 -0.33
CA LYS A 57 -7.82 13.90 -1.06
C LYS A 57 -7.42 12.69 -0.22
N MET A 58 -8.40 11.88 0.15
CA MET A 58 -8.14 10.69 0.95
C MET A 58 -7.80 9.49 0.06
N MET A 59 -6.52 9.13 0.02
CA MET A 59 -6.06 8.00 -0.78
C MET A 59 -4.80 7.38 -0.20
N LEU A 60 -4.73 6.05 -0.23
CA LEU A 60 -3.57 5.34 0.30
C LEU A 60 -2.81 4.66 -0.84
N ARG A 61 -1.48 4.68 -0.74
CA ARG A 61 -0.63 4.07 -1.76
C ARG A 61 0.13 2.87 -1.19
N LEU A 62 0.44 1.91 -2.05
CA LEU A 62 1.15 0.71 -1.63
C LEU A 62 2.37 0.45 -2.50
N ILE A 63 3.55 0.46 -1.86
CA ILE A 63 4.79 0.20 -2.58
C ILE A 63 5.08 -1.29 -2.63
N GLY A 64 5.87 -1.71 -3.61
CA GLY A 64 6.19 -3.12 -3.74
C GLY A 64 7.69 -3.37 -3.73
N LYS A 65 8.09 -4.63 -3.90
CA LYS A 65 9.51 -4.98 -3.91
C LYS A 65 10.04 -5.02 -5.34
N VAL A 66 11.21 -4.42 -5.53
CA VAL A 66 11.84 -4.38 -6.84
C VAL A 66 12.80 -5.56 -7.01
N ASP A 67 12.90 -6.30 -5.94
CA ASP A 67 13.74 -7.50 -5.87
C ASP A 67 15.20 -7.14 -5.61
N GLU A 68 16.04 -8.16 -5.60
CA GLU A 68 17.47 -7.98 -5.40
C GLU A 68 18.24 -8.68 -6.51
N SER A 69 17.62 -8.77 -7.68
CA SER A 69 18.22 -9.41 -8.84
C SER A 69 19.09 -8.42 -9.61
N LYS A 70 19.85 -7.62 -8.88
CA LYS A 70 20.73 -6.62 -9.46
C LYS A 70 19.93 -5.43 -9.99
N LYS A 71 20.06 -4.30 -9.30
CA LYS A 71 19.35 -3.08 -9.68
C LYS A 71 20.10 -2.33 -10.78
N ARG A 72 19.66 -1.11 -11.04
CA ARG A 72 20.29 -0.28 -12.06
C ARG A 72 20.82 1.02 -11.46
N LYS A 73 21.27 1.94 -12.30
CA LYS A 73 21.80 3.21 -11.85
C LYS A 73 20.86 4.36 -12.19
N ASP A 74 21.20 5.56 -11.76
CA ASP A 74 20.39 6.74 -12.04
C ASP A 74 20.90 7.49 -13.26
N ASN A 75 21.62 6.78 -14.14
CA ASN A 75 22.17 7.36 -15.35
C ASN A 75 23.41 8.19 -15.08
N GLU A 76 23.78 8.32 -13.80
CA GLU A 76 24.96 9.08 -13.43
C GLU A 76 25.62 8.52 -12.18
N GLY A 77 26.49 7.53 -12.39
CA GLY A 77 27.21 6.89 -11.30
C GLY A 77 26.39 6.77 -10.02
N ASN A 78 25.09 6.54 -10.17
CA ASN A 78 24.20 6.40 -9.03
C ASN A 78 23.49 5.06 -9.04
N GLU A 79 24.14 4.04 -8.50
CA GLU A 79 23.56 2.70 -8.43
C GLU A 79 22.44 2.64 -7.41
N VAL A 80 21.21 2.89 -7.87
CA VAL A 80 20.05 2.86 -6.98
C VAL A 80 19.12 1.71 -7.33
N VAL A 81 17.99 1.64 -6.63
CA VAL A 81 17.01 0.59 -6.86
C VAL A 81 15.84 1.15 -7.67
N PRO A 82 15.51 0.51 -8.81
CA PRO A 82 14.41 0.96 -9.66
C PRO A 82 13.11 1.14 -8.88
N LYS A 83 12.33 2.13 -9.29
CA LYS A 83 11.06 2.42 -8.63
C LYS A 83 10.23 1.14 -8.43
N PRO A 84 9.98 0.76 -7.16
CA PRO A 84 9.20 -0.44 -6.84
C PRO A 84 7.77 -0.35 -7.38
N GLN A 85 6.90 -1.24 -6.91
CA GLN A 85 5.51 -1.24 -7.34
C GLN A 85 4.76 -0.07 -6.71
N ARG A 86 3.51 0.13 -7.14
CA ARG A 86 2.71 1.23 -6.61
C ARG A 86 1.22 0.99 -6.82
N HIS A 87 0.52 0.73 -5.73
CA HIS A 87 -0.92 0.48 -5.79
C HIS A 87 -1.68 1.70 -5.25
N MET A 88 -2.39 2.39 -6.15
CA MET A 88 -3.15 3.57 -5.76
C MET A 88 -4.55 3.19 -5.30
N PHE A 89 -4.87 3.57 -4.07
CA PHE A 89 -6.19 3.28 -3.50
C PHE A 89 -6.83 4.56 -2.96
N SER A 90 -8.08 4.80 -3.33
CA SER A 90 -8.79 6.00 -2.89
C SER A 90 -9.77 5.66 -1.77
N PHE A 91 -9.49 6.16 -0.57
CA PHE A 91 -10.35 5.92 0.58
C PHE A 91 -11.50 6.91 0.61
N ASN A 92 -12.67 6.45 1.06
CA ASN A 92 -13.85 7.31 1.13
C ASN A 92 -14.33 7.49 2.56
N ASN A 93 -13.40 7.70 3.49
CA ASN A 93 -13.73 7.89 4.89
C ASN A 93 -12.48 8.15 5.73
N ARG A 94 -12.68 8.62 6.95
CA ARG A 94 -11.57 8.92 7.85
C ARG A 94 -11.26 7.71 8.73
N THR A 95 -12.31 6.96 9.08
CA THR A 95 -12.14 5.78 9.93
C THR A 95 -11.62 4.60 9.12
N VAL A 96 -11.88 4.60 7.82
CA VAL A 96 -11.42 3.52 6.94
C VAL A 96 -9.91 3.61 6.70
N MET A 97 -9.38 4.83 6.71
CA MET A 97 -7.95 5.03 6.50
C MET A 97 -7.16 4.65 7.73
N ASP A 98 -7.76 4.90 8.88
CA ASP A 98 -7.12 4.58 10.16
C ASP A 98 -7.15 3.07 10.43
N ASN A 99 -8.13 2.40 9.85
CA ASN A 99 -8.27 0.95 10.04
C ASN A 99 -7.34 0.19 9.10
N ILE A 100 -7.09 0.75 7.93
CA ILE A 100 -6.22 0.13 6.93
C ILE A 100 -4.75 0.49 7.18
N LYS A 101 -4.50 1.79 7.30
CA LYS A 101 -3.14 2.28 7.51
C LYS A 101 -2.52 1.68 8.78
N MET A 102 -3.34 1.47 9.81
CA MET A 102 -2.86 0.92 11.07
C MET A 102 -2.78 -0.60 11.02
N THR A 103 -3.64 -1.21 10.22
CA THR A 103 -3.66 -2.67 10.09
C THR A 103 -2.64 -3.16 9.08
N LEU A 104 -2.45 -2.39 8.01
CA LEU A 104 -1.49 -2.76 6.99
C LEU A 104 -0.08 -2.77 7.57
N GLN A 105 0.34 -1.64 8.12
CA GLN A 105 1.66 -1.54 8.73
C GLN A 105 1.85 -2.63 9.77
N GLN A 106 0.75 -3.10 10.33
CA GLN A 106 0.80 -4.17 11.33
C GLN A 106 1.38 -5.43 10.70
N ILE A 107 1.06 -5.64 9.43
CA ILE A 107 1.55 -6.79 8.69
C ILE A 107 2.99 -6.50 8.23
N ILE A 108 3.21 -5.26 7.83
CA ILE A 108 4.53 -4.80 7.39
C ILE A 108 5.57 -5.07 8.46
N SER A 109 5.30 -4.55 9.65
CA SER A 109 6.20 -4.71 10.79
C SER A 109 6.62 -6.17 10.97
N ARG A 110 5.77 -7.08 10.52
CA ARG A 110 6.05 -8.51 10.63
C ARG A 110 7.35 -8.86 9.91
N TYR A 111 7.63 -8.12 8.83
CA TYR A 111 8.84 -8.37 8.05
C TYR A 111 9.93 -7.36 8.41
N LYS A 112 9.84 -6.82 9.63
CA LYS A 112 10.83 -5.85 10.11
C LYS A 112 11.68 -6.44 11.22
N ASP A 113 11.04 -6.72 12.36
CA ASP A 113 11.74 -7.28 13.51
C ASP A 113 12.35 -8.63 13.16
N ALA A 114 11.69 -9.37 12.28
CA ALA A 114 12.18 -10.68 11.85
C ALA A 114 13.47 -10.55 11.05
N ASP A 115 13.54 -9.51 10.23
CA ASP A 115 14.72 -9.28 9.40
C ASP A 115 15.80 -8.54 10.18
N TYR B 17 5.23 18.91 -4.40
CA TYR B 17 5.98 17.65 -4.15
C TYR B 17 5.02 16.49 -3.89
N ASP B 18 5.58 15.29 -3.75
CA ASP B 18 4.79 14.09 -3.50
C ASP B 18 4.61 13.88 -2.00
N SER B 19 5.61 14.27 -1.22
CA SER B 19 5.57 14.11 0.23
C SER B 19 4.51 15.03 0.84
N GLU B 20 4.30 16.18 0.21
CA GLU B 20 3.31 17.14 0.70
C GLU B 20 1.90 16.68 0.39
N GLU B 21 1.66 16.29 -0.85
CA GLU B 21 0.35 15.82 -1.28
C GLU B 21 0.07 14.41 -0.76
N PHE B 22 1.14 13.63 -0.64
CA PHE B 22 1.02 12.25 -0.16
C PHE B 22 2.05 11.95 0.92
N GLU B 23 1.61 11.30 1.99
CA GLU B 23 2.51 10.96 3.09
C GLU B 23 2.94 9.50 3.00
N ASP B 24 4.23 9.25 3.23
CA ASP B 24 4.77 7.90 3.17
C ASP B 24 4.84 7.28 4.56
N VAL B 25 4.48 6.00 4.65
CA VAL B 25 4.50 5.28 5.92
C VAL B 25 5.84 4.58 6.12
N THR B 26 6.14 4.22 7.36
CA THR B 26 7.39 3.53 7.69
C THR B 26 7.66 2.39 6.72
N ASP B 27 8.84 2.40 6.12
CA ASP B 27 9.23 1.35 5.18
C ASP B 27 9.98 0.23 5.87
N GLY B 28 10.96 0.61 6.71
CA GLY B 28 11.74 -0.39 7.42
C GLY B 28 12.88 0.24 8.20
N ASN B 29 14.07 -0.34 8.05
CA ASN B 29 15.25 0.16 8.75
C ASN B 29 16.53 -0.22 8.00
N GLU B 30 16.42 -0.31 6.68
CA GLU B 30 17.57 -0.67 5.85
C GLU B 30 17.57 0.14 4.55
N VAL B 31 18.19 1.32 4.61
CA VAL B 31 18.27 2.19 3.44
C VAL B 31 19.18 1.60 2.37
N PRO A 1 -13.53 -5.19 9.62
CA PRO A 1 -13.52 -3.71 9.81
C PRO A 1 -12.13 -3.19 10.17
N SER A 2 -11.52 -3.83 11.15
CA SER A 2 -10.19 -3.44 11.61
C SER A 2 -9.15 -3.70 10.52
N HIS A 3 -9.14 -4.92 9.99
CA HIS A 3 -8.20 -5.29 8.94
C HIS A 3 -8.91 -5.46 7.60
N SER A 4 -9.82 -4.54 7.30
CA SER A 4 -10.57 -4.59 6.05
C SER A 4 -11.53 -3.39 5.94
N GLY A 5 -11.46 -2.69 4.81
CA GLY A 5 -12.32 -1.54 4.60
C GLY A 5 -12.65 -1.36 3.14
N ALA A 6 -13.69 -0.60 2.85
CA ALA A 6 -14.10 -0.35 1.47
C ALA A 6 -13.10 0.57 0.77
N ALA A 7 -12.32 -0.01 -0.14
CA ALA A 7 -11.31 0.75 -0.88
C ALA A 7 -11.68 0.88 -2.35
N ILE A 8 -11.01 1.80 -3.04
CA ILE A 8 -11.26 2.02 -4.46
C ILE A 8 -10.01 1.76 -5.29
N PHE A 9 -10.20 1.18 -6.47
CA PHE A 9 -9.09 0.88 -7.36
C PHE A 9 -9.48 1.10 -8.82
N GLU A 10 -8.81 2.04 -9.47
CA GLU A 10 -9.08 2.36 -10.86
C GLU A 10 -10.41 3.10 -11.02
N LYS A 11 -10.71 3.95 -10.04
CA LYS A 11 -11.94 4.75 -10.05
C LYS A 11 -13.16 3.92 -9.65
N VAL A 12 -12.98 2.64 -9.37
CA VAL A 12 -14.07 1.77 -8.98
C VAL A 12 -13.99 1.44 -7.49
N SER A 13 -15.13 1.50 -6.82
CA SER A 13 -15.17 1.20 -5.39
C SER A 13 -15.26 -0.30 -5.14
N GLY A 14 -14.67 -0.74 -4.05
CA GLY A 14 -14.69 -2.15 -3.70
C GLY A 14 -14.49 -2.38 -2.23
N ILE A 15 -13.92 -3.53 -1.89
CA ILE A 15 -13.67 -3.87 -0.49
C ILE A 15 -12.24 -4.34 -0.30
N ILE A 16 -11.50 -3.64 0.54
CA ILE A 16 -10.14 -4.00 0.83
C ILE A 16 -10.09 -4.79 2.13
N ALA A 17 -9.57 -6.00 2.06
CA ALA A 17 -9.50 -6.85 3.24
C ALA A 17 -8.19 -7.62 3.29
N ILE A 18 -7.54 -7.57 4.44
CA ILE A 18 -6.26 -8.26 4.65
C ILE A 18 -6.45 -9.74 4.90
N ASN A 19 -5.74 -10.57 4.14
CA ASN A 19 -5.81 -12.02 4.29
C ASN A 19 -4.76 -12.52 5.27
N GLU A 20 -5.14 -12.64 6.54
CA GLU A 20 -4.23 -13.10 7.58
C GLU A 20 -4.40 -14.60 7.80
N ASP A 21 -4.87 -15.30 6.79
CA ASP A 21 -5.07 -16.74 6.88
C ASP A 21 -3.97 -17.49 6.13
N VAL A 22 -3.13 -16.75 5.40
CA VAL A 22 -2.04 -17.36 4.65
C VAL A 22 -0.70 -17.13 5.35
N SER A 23 0.38 -17.58 4.71
CA SER A 23 1.71 -17.39 5.29
C SER A 23 2.02 -15.90 5.36
N PRO A 24 2.20 -15.23 4.20
CA PRO A 24 2.47 -13.81 4.15
C PRO A 24 1.18 -13.01 4.06
N ALA A 25 0.84 -12.31 5.13
CA ALA A 25 -0.38 -11.52 5.18
C ALA A 25 -0.52 -10.66 3.92
N GLU A 26 -1.59 -10.90 3.17
CA GLU A 26 -1.84 -10.16 1.95
C GLU A 26 -3.05 -9.24 2.09
N LEU A 27 -3.27 -8.40 1.09
CA LEU A 27 -4.38 -7.48 1.07
C LEU A 27 -5.24 -7.76 -0.15
N THR A 28 -6.44 -8.29 0.07
CA THR A 28 -7.33 -8.63 -1.05
C THR A 28 -8.45 -7.62 -1.23
N TRP A 29 -8.42 -6.92 -2.36
CA TRP A 29 -9.45 -5.95 -2.69
C TRP A 29 -10.54 -6.60 -3.54
N ARG A 30 -11.71 -6.75 -2.95
CA ARG A 30 -12.84 -7.34 -3.66
C ARG A 30 -13.90 -6.28 -3.94
N SER A 31 -14.11 -5.97 -5.23
CA SER A 31 -15.09 -4.96 -5.61
C SER A 31 -16.40 -5.14 -4.86
N THR A 32 -17.27 -4.14 -4.95
CA THR A 32 -18.55 -4.18 -4.29
C THR A 32 -19.43 -5.20 -4.98
N ASP A 33 -19.34 -5.22 -6.30
CA ASP A 33 -20.11 -6.14 -7.12
C ASP A 33 -19.33 -7.41 -7.40
N GLY A 34 -18.02 -7.26 -7.61
CA GLY A 34 -17.18 -8.41 -7.88
C GLY A 34 -16.63 -8.39 -9.30
N ASP A 35 -16.71 -7.23 -9.95
CA ASP A 35 -16.22 -7.08 -11.31
C ASP A 35 -14.71 -6.92 -11.34
N LYS A 36 -14.14 -6.55 -10.20
CA LYS A 36 -12.69 -6.37 -10.12
C LYS A 36 -12.14 -6.89 -8.79
N VAL A 37 -10.92 -7.43 -8.84
CA VAL A 37 -10.28 -7.97 -7.66
C VAL A 37 -8.78 -7.70 -7.67
N HIS A 38 -8.20 -7.54 -6.49
CA HIS A 38 -6.76 -7.28 -6.36
C HIS A 38 -6.20 -7.93 -5.10
N THR A 39 -4.96 -8.37 -5.15
CA THR A 39 -4.32 -9.01 -4.01
C THR A 39 -2.90 -8.50 -3.80
N VAL A 40 -2.72 -7.68 -2.77
CA VAL A 40 -1.40 -7.13 -2.45
C VAL A 40 -0.75 -7.93 -1.35
N VAL A 41 0.51 -8.23 -1.53
CA VAL A 41 1.24 -8.98 -0.51
C VAL A 41 2.11 -8.06 0.34
N LEU A 42 1.66 -7.82 1.56
CA LEU A 42 2.36 -6.95 2.49
C LEU A 42 3.81 -7.41 2.68
N SER A 43 4.06 -8.69 2.43
CA SER A 43 5.40 -9.25 2.57
C SER A 43 6.35 -8.64 1.55
N THR A 44 5.80 -8.22 0.41
CA THR A 44 6.60 -7.62 -0.64
C THR A 44 6.59 -6.10 -0.50
N ILE A 45 5.49 -5.59 0.02
CA ILE A 45 5.33 -4.14 0.21
C ILE A 45 6.55 -3.54 0.90
N ASP A 46 7.42 -2.92 0.11
CA ASP A 46 8.62 -2.31 0.64
C ASP A 46 8.31 -1.01 1.36
N LYS A 47 7.22 -0.34 0.94
CA LYS A 47 6.82 0.91 1.55
C LYS A 47 5.30 1.09 1.51
N LEU A 48 4.75 1.71 2.53
CA LEU A 48 3.32 1.96 2.61
C LEU A 48 3.02 3.45 2.41
N GLN A 49 1.84 3.76 1.92
CA GLN A 49 1.46 5.15 1.68
C GLN A 49 0.02 5.41 2.11
N ALA A 50 -0.21 6.57 2.70
CA ALA A 50 -1.54 6.95 3.16
C ALA A 50 -1.63 8.45 3.40
N THR A 51 -2.67 9.07 2.86
CA THR A 51 -2.88 10.50 3.00
C THR A 51 -3.07 10.87 4.47
N PRO A 52 -2.63 12.08 4.84
CA PRO A 52 -2.74 12.60 6.20
C PRO A 52 -4.08 13.26 6.45
N ALA A 53 -4.39 13.47 7.72
CA ALA A 53 -5.64 14.11 8.10
C ALA A 53 -5.68 15.56 7.61
N SER A 54 -4.56 16.05 7.05
CA SER A 54 -4.50 17.43 6.57
C SER A 54 -4.92 17.50 5.10
N SER A 55 -4.83 16.37 4.40
CA SER A 55 -5.20 16.32 2.99
C SER A 55 -6.63 15.82 2.82
N GLU A 56 -7.49 16.68 2.26
CA GLU A 56 -8.88 16.32 2.04
C GLU A 56 -9.01 15.09 1.15
N LYS A 57 -7.96 14.80 0.39
CA LYS A 57 -7.95 13.65 -0.51
C LYS A 57 -7.54 12.38 0.24
N MET A 58 -8.44 11.41 0.27
CA MET A 58 -8.19 10.15 0.95
C MET A 58 -7.75 9.07 -0.04
N MET A 59 -6.46 8.75 -0.03
CA MET A 59 -5.93 7.73 -0.93
C MET A 59 -4.69 7.07 -0.33
N LEU A 60 -4.60 5.76 -0.51
CA LEU A 60 -3.46 5.00 0.00
C LEU A 60 -2.68 4.35 -1.15
N ARG A 61 -1.48 3.88 -0.85
CA ARG A 61 -0.64 3.24 -1.87
C ARG A 61 0.25 2.17 -1.25
N LEU A 62 0.63 1.19 -2.07
CA LEU A 62 1.48 0.10 -1.62
C LEU A 62 2.69 -0.06 -2.55
N ILE A 63 3.89 0.14 -2.01
CA ILE A 63 5.11 0.02 -2.80
C ILE A 63 5.61 -1.41 -2.81
N GLY A 64 5.64 -2.02 -3.99
CA GLY A 64 6.09 -3.39 -4.12
C GLY A 64 7.61 -3.48 -4.18
N LYS A 65 8.16 -4.63 -3.77
CA LYS A 65 9.60 -4.83 -3.80
C LYS A 65 10.13 -4.73 -5.22
N VAL A 66 11.27 -4.06 -5.37
CA VAL A 66 11.89 -3.89 -6.66
C VAL A 66 13.09 -4.82 -6.80
N ASP A 67 14.23 -4.24 -7.06
CA ASP A 67 15.47 -5.00 -7.22
C ASP A 67 16.68 -4.08 -7.05
N GLU A 68 17.55 -4.44 -6.11
CA GLU A 68 18.75 -3.65 -5.84
C GLU A 68 19.99 -4.34 -6.42
N SER A 69 19.80 -5.06 -7.52
CA SER A 69 20.91 -5.76 -8.17
C SER A 69 20.73 -5.76 -9.68
N LYS A 70 20.22 -4.66 -10.22
CA LYS A 70 20.01 -4.54 -11.65
C LYS A 70 20.58 -3.22 -12.18
N LYS A 71 20.03 -2.12 -11.70
CA LYS A 71 20.50 -0.80 -12.12
C LYS A 71 20.29 -0.59 -13.61
N ARG A 72 19.40 0.33 -13.97
CA ARG A 72 19.11 0.61 -15.37
C ARG A 72 18.93 2.11 -15.60
N LYS A 73 18.64 2.49 -16.84
CA LYS A 73 18.44 3.89 -17.19
C LYS A 73 16.96 4.19 -17.42
N ASP A 74 16.63 5.48 -17.52
CA ASP A 74 15.26 5.90 -17.74
C ASP A 74 15.02 6.25 -19.21
N ASN A 75 15.81 5.66 -20.09
CA ASN A 75 15.70 5.89 -21.53
C ASN A 75 16.18 7.30 -21.92
N GLU A 76 16.63 8.07 -20.94
CA GLU A 76 17.12 9.42 -21.20
C GLU A 76 18.64 9.46 -21.16
N GLY A 77 19.22 8.57 -20.37
CA GLY A 77 20.66 8.51 -20.25
C GLY A 77 21.15 8.78 -18.84
N ASN A 78 20.29 8.51 -17.86
CA ASN A 78 20.63 8.75 -16.46
C ASN A 78 20.42 7.49 -15.63
N GLU A 79 21.50 7.00 -15.02
CA GLU A 79 21.43 5.80 -14.20
C GLU A 79 20.44 5.98 -13.05
N VAL A 80 19.47 5.08 -12.96
CA VAL A 80 18.46 5.14 -11.91
C VAL A 80 18.08 3.74 -11.44
N VAL A 81 17.08 3.66 -10.57
CA VAL A 81 16.61 2.39 -10.04
C VAL A 81 15.22 2.05 -10.58
N PRO A 82 15.01 0.78 -10.98
CA PRO A 82 13.72 0.32 -11.51
C PRO A 82 12.55 0.70 -10.60
N LYS A 83 11.53 1.31 -11.18
CA LYS A 83 10.35 1.73 -10.42
C LYS A 83 9.63 0.51 -9.84
N PRO A 84 9.36 0.52 -8.52
CA PRO A 84 8.67 -0.59 -7.85
C PRO A 84 7.18 -0.60 -8.13
N GLN A 85 6.62 -1.78 -8.34
CA GLN A 85 5.20 -1.93 -8.62
C GLN A 85 4.38 -1.33 -7.49
N ARG A 86 3.64 -0.26 -7.80
CA ARG A 86 2.81 0.40 -6.79
C ARG A 86 1.33 0.34 -7.14
N HIS A 87 0.49 0.27 -6.12
CA HIS A 87 -0.95 0.22 -6.31
C HIS A 87 -1.61 1.45 -5.70
N MET A 88 -2.23 2.27 -6.54
CA MET A 88 -2.88 3.49 -6.07
C MET A 88 -4.32 3.21 -5.64
N PHE A 89 -4.57 3.30 -4.33
CA PHE A 89 -5.90 3.07 -3.79
C PHE A 89 -6.54 4.40 -3.40
N SER A 90 -7.85 4.51 -3.60
CA SER A 90 -8.57 5.73 -3.27
C SER A 90 -9.58 5.49 -2.15
N PHE A 91 -9.30 6.07 -0.99
CA PHE A 91 -10.19 5.92 0.16
C PHE A 91 -11.26 7.01 0.15
N ASN A 92 -12.33 6.80 0.93
CA ASN A 92 -13.42 7.76 1.00
C ASN A 92 -13.94 7.94 2.42
N ASN A 93 -13.05 7.78 3.39
CA ASN A 93 -13.43 7.93 4.79
C ASN A 93 -12.20 8.12 5.67
N ARG A 94 -12.40 8.73 6.83
CA ARG A 94 -11.31 8.99 7.77
C ARG A 94 -11.00 7.74 8.59
N THR A 95 -12.05 7.04 9.02
CA THR A 95 -11.91 5.85 9.81
C THR A 95 -11.33 4.71 8.97
N VAL A 96 -11.81 4.56 7.74
CA VAL A 96 -11.34 3.51 6.85
C VAL A 96 -9.85 3.66 6.57
N MET A 97 -9.41 4.90 6.37
CA MET A 97 -8.00 5.18 6.09
C MET A 97 -7.16 4.94 7.33
N ASP A 98 -7.74 5.26 8.48
CA ASP A 98 -7.07 5.09 9.76
C ASP A 98 -6.93 3.60 10.10
N ASN A 99 -7.87 2.80 9.62
CA ASN A 99 -7.86 1.37 9.88
C ASN A 99 -6.85 0.66 8.96
N ILE A 100 -6.97 0.89 7.67
CA ILE A 100 -6.07 0.28 6.69
C ILE A 100 -4.64 0.73 6.91
N LYS A 101 -4.44 2.03 7.04
CA LYS A 101 -3.11 2.59 7.25
C LYS A 101 -2.47 2.05 8.52
N MET A 102 -3.27 1.89 9.56
CA MET A 102 -2.77 1.37 10.84
C MET A 102 -2.72 -0.15 10.84
N THR A 103 -3.54 -0.78 10.03
CA THR A 103 -3.59 -2.23 9.95
C THR A 103 -2.52 -2.76 8.99
N LEU A 104 -2.25 -2.02 7.92
CA LEU A 104 -1.26 -2.41 6.95
C LEU A 104 0.11 -2.48 7.61
N GLN A 105 0.56 -1.35 8.15
CA GLN A 105 1.85 -1.29 8.84
C GLN A 105 1.95 -2.38 9.89
N GLN A 106 0.79 -2.80 10.41
CA GLN A 106 0.74 -3.86 11.41
C GLN A 106 1.30 -5.15 10.82
N ILE A 107 1.02 -5.36 9.54
CA ILE A 107 1.50 -6.53 8.84
C ILE A 107 2.95 -6.32 8.40
N ILE A 108 3.26 -5.09 8.02
CA ILE A 108 4.60 -4.71 7.59
C ILE A 108 5.63 -5.09 8.64
N SER A 109 5.44 -4.57 9.85
CA SER A 109 6.35 -4.83 10.96
C SER A 109 6.62 -6.33 11.12
N ARG A 110 5.67 -7.16 10.68
CA ARG A 110 5.83 -8.60 10.77
C ARG A 110 7.06 -9.08 10.01
N TYR A 111 7.42 -8.34 8.97
CA TYR A 111 8.58 -8.69 8.15
C TYR A 111 9.82 -7.93 8.61
N LYS A 112 9.60 -6.73 9.16
CA LYS A 112 10.71 -5.91 9.65
C LYS A 112 11.53 -6.66 10.69
N ASP A 113 10.87 -7.10 11.76
CA ASP A 113 11.54 -7.83 12.83
C ASP A 113 12.19 -9.09 12.30
N ALA A 114 11.59 -9.68 11.27
CA ALA A 114 12.10 -10.90 10.67
C ALA A 114 13.31 -10.60 9.77
N ASP A 115 13.22 -9.51 9.02
CA ASP A 115 14.29 -9.12 8.12
C ASP A 115 15.40 -8.39 8.88
N TYR B 17 6.67 16.59 -4.50
CA TYR B 17 5.35 17.05 -5.01
C TYR B 17 4.23 16.15 -4.53
N ASP B 18 4.46 14.84 -4.60
CA ASP B 18 3.46 13.86 -4.17
C ASP B 18 3.36 13.81 -2.64
N SER B 19 4.49 14.06 -1.99
CA SER B 19 4.54 14.04 -0.52
C SER B 19 3.70 15.16 0.07
N GLU B 20 3.57 16.26 -0.68
CA GLU B 20 2.80 17.41 -0.23
C GLU B 20 1.34 17.02 0.05
N GLU B 21 0.79 16.16 -0.80
CA GLU B 21 -0.58 15.70 -0.64
C GLU B 21 -0.62 14.31 -0.02
N PHE B 22 0.36 13.49 -0.36
CA PHE B 22 0.44 12.12 0.16
C PHE B 22 1.42 12.05 1.33
N GLU B 23 1.05 11.30 2.36
CA GLU B 23 1.90 11.14 3.54
C GLU B 23 2.77 9.90 3.42
N ASP B 24 3.81 9.83 4.24
CA ASP B 24 4.72 8.69 4.23
C ASP B 24 4.35 7.69 5.31
N VAL B 25 4.85 6.46 5.18
CA VAL B 25 4.56 5.41 6.13
C VAL B 25 5.83 4.64 6.49
N THR B 26 5.77 3.88 7.58
CA THR B 26 6.93 3.09 8.02
C THR B 26 7.56 2.33 6.87
N ASP B 27 8.78 2.73 6.51
CA ASP B 27 9.51 2.08 5.42
C ASP B 27 10.95 1.81 5.81
N GLY B 28 11.61 2.83 6.37
CA GLY B 28 13.00 2.68 6.77
C GLY B 28 13.68 4.01 7.03
N ASN B 29 13.23 5.04 6.30
CA ASN B 29 13.81 6.37 6.45
C ASN B 29 15.29 6.38 6.11
N GLU B 30 15.82 7.54 5.75
CA GLU B 30 17.22 7.68 5.39
C GLU B 30 17.62 9.15 5.31
N VAL B 31 16.80 9.94 4.63
CA VAL B 31 17.07 11.37 4.48
C VAL B 31 18.40 11.60 3.78
N PRO A 1 -14.90 -4.46 11.13
CA PRO A 1 -13.86 -4.98 10.21
C PRO A 1 -12.59 -4.12 10.23
N SER A 2 -11.74 -4.38 11.22
CA SER A 2 -10.49 -3.63 11.35
C SER A 2 -9.47 -4.09 10.32
N HIS A 3 -9.52 -5.37 9.96
CA HIS A 3 -8.60 -5.93 8.98
C HIS A 3 -9.25 -5.99 7.59
N SER A 4 -10.02 -4.95 7.27
CA SER A 4 -10.69 -4.88 5.98
C SER A 4 -11.53 -3.61 5.86
N GLY A 5 -11.39 -2.92 4.74
CA GLY A 5 -12.15 -1.71 4.52
C GLY A 5 -12.46 -1.50 3.05
N ALA A 6 -13.52 -0.77 2.75
CA ALA A 6 -13.91 -0.52 1.38
C ALA A 6 -12.92 0.44 0.71
N ALA A 7 -12.10 -0.10 -0.19
CA ALA A 7 -11.10 0.70 -0.89
C ALA A 7 -11.42 0.79 -2.38
N ILE A 8 -10.97 1.87 -3.01
CA ILE A 8 -11.20 2.08 -4.43
C ILE A 8 -9.96 1.71 -5.25
N PHE A 9 -10.19 1.16 -6.44
CA PHE A 9 -9.09 0.77 -7.32
C PHE A 9 -9.50 0.93 -8.78
N GLU A 10 -8.68 1.65 -9.54
CA GLU A 10 -8.97 1.88 -10.96
C GLU A 10 -10.23 2.72 -11.13
N LYS A 11 -10.46 3.61 -10.16
CA LYS A 11 -11.63 4.49 -10.18
C LYS A 11 -12.90 3.78 -9.70
N VAL A 12 -12.80 2.48 -9.41
CA VAL A 12 -13.95 1.73 -8.94
C VAL A 12 -13.84 1.42 -7.46
N SER A 13 -14.96 1.44 -6.76
CA SER A 13 -14.95 1.15 -5.33
C SER A 13 -15.21 -0.32 -5.06
N GLY A 14 -14.38 -0.90 -4.22
CA GLY A 14 -14.52 -2.31 -3.89
C GLY A 14 -14.37 -2.56 -2.40
N ILE A 15 -13.69 -3.64 -2.05
CA ILE A 15 -13.47 -4.00 -0.66
C ILE A 15 -12.05 -4.46 -0.43
N ILE A 16 -11.34 -3.77 0.43
CA ILE A 16 -9.97 -4.13 0.75
C ILE A 16 -9.94 -4.95 2.03
N ALA A 17 -9.40 -6.16 1.93
CA ALA A 17 -9.34 -7.05 3.08
C ALA A 17 -8.00 -7.78 3.15
N ILE A 18 -7.40 -7.78 4.34
CA ILE A 18 -6.12 -8.43 4.54
C ILE A 18 -6.27 -9.92 4.81
N ASN A 19 -5.58 -10.74 4.02
CA ASN A 19 -5.64 -12.18 4.17
C ASN A 19 -4.56 -12.67 5.14
N GLU A 20 -4.94 -12.79 6.42
CA GLU A 20 -4.02 -13.25 7.44
C GLU A 20 -4.16 -14.74 7.68
N ASP A 21 -4.64 -15.46 6.67
CA ASP A 21 -4.81 -16.90 6.76
C ASP A 21 -3.70 -17.64 6.03
N VAL A 22 -2.88 -16.89 5.29
CA VAL A 22 -1.77 -17.47 4.54
C VAL A 22 -0.44 -17.23 5.25
N SER A 23 0.65 -17.65 4.62
CA SER A 23 1.98 -17.44 5.21
C SER A 23 2.28 -15.94 5.27
N PRO A 24 2.43 -15.28 4.11
CA PRO A 24 2.68 -13.85 4.05
C PRO A 24 1.38 -13.07 3.98
N ALA A 25 1.03 -12.38 5.05
CA ALA A 25 -0.20 -11.61 5.09
C ALA A 25 -0.36 -10.75 3.84
N GLU A 26 -1.41 -11.01 3.08
CA GLU A 26 -1.67 -10.26 1.86
C GLU A 26 -2.90 -9.38 2.00
N LEU A 27 -3.13 -8.53 0.99
CA LEU A 27 -4.27 -7.63 0.97
C LEU A 27 -5.09 -7.89 -0.29
N THR A 28 -6.28 -8.46 -0.12
CA THR A 28 -7.12 -8.78 -1.27
C THR A 28 -8.28 -7.79 -1.44
N TRP A 29 -8.24 -7.06 -2.55
CA TRP A 29 -9.28 -6.09 -2.86
C TRP A 29 -10.40 -6.76 -3.66
N ARG A 30 -11.55 -6.90 -3.03
CA ARG A 30 -12.71 -7.51 -3.69
C ARG A 30 -13.77 -6.46 -3.97
N SER A 31 -14.02 -6.20 -5.25
CA SER A 31 -15.02 -5.20 -5.64
C SER A 31 -16.32 -5.37 -4.85
N THR A 32 -17.17 -4.35 -4.90
CA THR A 32 -18.43 -4.39 -4.19
C THR A 32 -19.40 -5.29 -4.93
N ASP A 33 -19.37 -5.19 -6.24
CA ASP A 33 -20.24 -5.99 -7.09
C ASP A 33 -19.66 -7.38 -7.32
N GLY A 34 -18.34 -7.45 -7.43
CA GLY A 34 -17.67 -8.71 -7.65
C GLY A 34 -17.15 -8.85 -9.08
N ASP A 35 -16.88 -7.72 -9.72
CA ASP A 35 -16.38 -7.72 -11.09
C ASP A 35 -14.89 -7.39 -11.14
N LYS A 36 -14.38 -6.80 -10.06
CA LYS A 36 -12.97 -6.43 -10.00
C LYS A 36 -12.30 -7.02 -8.76
N VAL A 37 -11.08 -7.48 -8.92
CA VAL A 37 -10.34 -8.07 -7.82
C VAL A 37 -8.85 -7.73 -7.90
N HIS A 38 -8.19 -7.70 -6.75
CA HIS A 38 -6.76 -7.38 -6.68
C HIS A 38 -6.15 -7.98 -5.42
N THR A 39 -4.89 -8.38 -5.50
CA THR A 39 -4.19 -8.97 -4.36
C THR A 39 -2.83 -8.32 -4.14
N VAL A 40 -2.56 -7.95 -2.89
CA VAL A 40 -1.29 -7.33 -2.53
C VAL A 40 -0.61 -8.09 -1.42
N VAL A 41 0.67 -8.35 -1.58
CA VAL A 41 1.41 -9.07 -0.56
C VAL A 41 2.22 -8.11 0.30
N LEU A 42 1.73 -7.85 1.50
CA LEU A 42 2.41 -6.94 2.43
C LEU A 42 3.88 -7.31 2.60
N SER A 43 4.20 -8.59 2.37
CA SER A 43 5.58 -9.07 2.49
C SER A 43 6.46 -8.40 1.44
N THR A 44 5.87 -8.08 0.30
CA THR A 44 6.60 -7.43 -0.78
C THR A 44 6.47 -5.92 -0.68
N ILE A 45 5.31 -5.49 -0.19
CA ILE A 45 5.03 -4.07 -0.03
C ILE A 45 6.19 -3.34 0.62
N ASP A 46 6.97 -2.63 -0.19
CA ASP A 46 8.13 -1.89 0.30
C ASP A 46 7.73 -0.92 1.42
N LYS A 47 6.52 -0.37 1.32
CA LYS A 47 6.04 0.57 2.32
C LYS A 47 4.59 0.97 2.07
N LEU A 48 4.01 1.66 3.03
CA LEU A 48 2.63 2.11 2.93
C LEU A 48 2.58 3.62 2.74
N GLN A 49 1.44 4.13 2.28
CA GLN A 49 1.29 5.56 2.05
C GLN A 49 -0.14 6.01 2.33
N ALA A 50 -0.28 7.10 3.08
CA ALA A 50 -1.59 7.64 3.42
C ALA A 50 -1.58 9.16 3.36
N THR A 51 -2.59 9.72 2.70
CA THR A 51 -2.70 11.17 2.56
C THR A 51 -2.58 11.87 3.91
N PRO A 52 -1.40 12.45 4.19
CA PRO A 52 -1.14 13.18 5.43
C PRO A 52 -2.25 14.17 5.75
N ALA A 53 -2.28 14.63 7.01
CA ALA A 53 -3.29 15.60 7.44
C ALA A 53 -3.39 16.77 6.47
N SER A 54 -2.32 17.03 5.71
CA SER A 54 -2.32 18.12 4.76
C SER A 54 -3.18 17.80 3.54
N SER A 55 -3.42 16.52 3.31
CA SER A 55 -4.24 16.09 2.18
C SER A 55 -5.68 15.83 2.62
N GLU A 56 -6.60 16.62 2.10
CA GLU A 56 -8.01 16.48 2.44
C GLU A 56 -8.65 15.31 1.70
N LYS A 57 -8.00 14.83 0.65
CA LYS A 57 -8.51 13.73 -0.13
C LYS A 57 -8.15 12.38 0.51
N MET A 58 -9.16 11.57 0.81
CA MET A 58 -8.94 10.26 1.41
C MET A 58 -8.39 9.29 0.37
N MET A 59 -7.11 8.97 0.49
CA MET A 59 -6.46 8.04 -0.44
C MET A 59 -5.18 7.48 0.15
N LEU A 60 -4.96 6.18 -0.06
CA LEU A 60 -3.77 5.51 0.44
C LEU A 60 -3.01 4.82 -0.68
N ARG A 61 -1.69 4.83 -0.60
CA ARG A 61 -0.85 4.19 -1.62
C ARG A 61 -0.09 3.01 -1.04
N LEU A 62 0.25 2.06 -1.91
CA LEU A 62 0.97 0.86 -1.49
C LEU A 62 2.23 0.65 -2.34
N ILE A 63 3.39 0.72 -1.69
CA ILE A 63 4.65 0.53 -2.39
C ILE A 63 5.02 -0.95 -2.43
N GLY A 64 5.39 -1.44 -3.61
CA GLY A 64 5.76 -2.84 -3.75
C GLY A 64 7.27 -3.05 -3.74
N LYS A 65 7.70 -4.29 -3.53
CA LYS A 65 9.11 -4.61 -3.51
C LYS A 65 9.79 -4.18 -4.81
N VAL A 66 11.04 -3.72 -4.69
CA VAL A 66 11.80 -3.29 -5.83
C VAL A 66 12.86 -4.31 -6.17
N ASP A 67 14.09 -3.88 -6.20
CA ASP A 67 15.22 -4.74 -6.52
C ASP A 67 16.54 -4.02 -6.29
N GLU A 68 17.37 -4.55 -5.40
CA GLU A 68 18.66 -3.95 -5.09
C GLU A 68 19.79 -4.71 -5.78
N SER A 69 19.49 -5.28 -6.95
CA SER A 69 20.48 -6.04 -7.70
C SER A 69 21.13 -5.18 -8.78
N LYS A 70 20.45 -4.11 -9.16
CA LYS A 70 20.96 -3.20 -10.19
C LYS A 70 20.48 -1.78 -9.94
N LYS A 71 21.24 -1.04 -9.14
CA LYS A 71 20.90 0.35 -8.84
C LYS A 71 20.91 1.21 -10.09
N ARG A 72 20.43 2.45 -9.96
CA ARG A 72 20.40 3.37 -11.09
C ARG A 72 20.27 4.81 -10.60
N LYS A 73 20.46 5.76 -11.52
CA LYS A 73 20.37 7.18 -11.18
C LYS A 73 19.10 7.79 -11.77
N ASP A 74 18.86 9.05 -11.42
CA ASP A 74 17.67 9.76 -11.92
C ASP A 74 18.04 10.70 -13.07
N ASN A 75 19.13 10.37 -13.78
CA ASN A 75 19.59 11.19 -14.90
C ASN A 75 20.30 12.46 -14.43
N GLU A 76 20.39 12.64 -13.11
CA GLU A 76 21.04 13.81 -12.55
C GLU A 76 22.40 13.44 -11.97
N GLY A 77 22.50 12.22 -11.49
CA GLY A 77 23.74 11.75 -10.91
C GLY A 77 23.55 11.05 -9.57
N ASN A 78 22.33 11.12 -9.04
CA ASN A 78 22.01 10.49 -7.77
C ASN A 78 21.56 9.05 -7.97
N GLU A 79 22.40 8.11 -7.56
CA GLU A 79 22.10 6.69 -7.70
C GLU A 79 20.91 6.31 -6.82
N VAL A 80 19.72 6.64 -7.28
CA VAL A 80 18.50 6.32 -6.53
C VAL A 80 18.03 4.90 -6.81
N VAL A 81 16.87 4.54 -6.27
CA VAL A 81 16.31 3.22 -6.47
C VAL A 81 15.16 3.25 -7.46
N PRO A 82 15.10 2.27 -8.39
CA PRO A 82 14.04 2.20 -9.40
C PRO A 82 12.65 2.32 -8.79
N LYS A 83 11.78 3.09 -9.45
CA LYS A 83 10.42 3.28 -8.97
C LYS A 83 9.70 1.95 -8.77
N PRO A 84 9.45 1.56 -7.51
CA PRO A 84 8.77 0.29 -7.19
C PRO A 84 7.31 0.31 -7.58
N GLN A 85 6.82 -0.83 -8.07
CA GLN A 85 5.42 -0.95 -8.48
C GLN A 85 4.49 -0.73 -7.30
N ARG A 86 3.70 0.34 -7.37
CA ARG A 86 2.77 0.66 -6.29
C ARG A 86 1.33 0.80 -6.82
N HIS A 87 0.37 0.70 -5.91
CA HIS A 87 -1.04 0.82 -6.28
C HIS A 87 -1.65 2.07 -5.63
N MET A 88 -2.66 2.62 -6.30
CA MET A 88 -3.33 3.82 -5.80
C MET A 88 -4.74 3.50 -5.33
N PHE A 89 -4.96 3.56 -4.02
CA PHE A 89 -6.27 3.29 -3.44
C PHE A 89 -6.89 4.56 -2.88
N SER A 90 -8.14 4.82 -3.24
CA SER A 90 -8.83 6.01 -2.76
C SER A 90 -9.90 5.65 -1.73
N PHE A 91 -9.69 6.11 -0.50
CA PHE A 91 -10.63 5.84 0.59
C PHE A 91 -11.79 6.84 0.56
N ASN A 92 -12.97 6.37 0.93
CA ASN A 92 -14.16 7.22 0.94
C ASN A 92 -14.57 7.59 2.36
N ASN A 93 -13.62 7.58 3.28
CA ASN A 93 -13.88 7.92 4.67
C ASN A 93 -12.60 8.03 5.47
N ARG A 94 -12.65 8.78 6.56
CA ARG A 94 -11.48 8.96 7.43
C ARG A 94 -11.28 7.76 8.35
N THR A 95 -12.39 7.21 8.84
CA THR A 95 -12.35 6.07 9.72
C THR A 95 -11.80 4.84 9.00
N VAL A 96 -12.30 4.59 7.80
CA VAL A 96 -11.85 3.46 7.01
C VAL A 96 -10.35 3.52 6.74
N MET A 97 -9.81 4.74 6.73
CA MET A 97 -8.39 4.95 6.49
C MET A 97 -7.56 4.49 7.68
N ASP A 98 -8.07 4.78 8.86
CA ASP A 98 -7.39 4.40 10.10
C ASP A 98 -7.41 2.89 10.30
N ASN A 99 -8.42 2.23 9.73
CA ASN A 99 -8.55 0.79 9.84
C ASN A 99 -7.56 0.06 8.94
N ILE A 100 -7.32 0.64 7.76
CA ILE A 100 -6.39 0.05 6.80
C ILE A 100 -4.95 0.48 7.07
N LYS A 101 -4.75 1.79 7.20
CA LYS A 101 -3.43 2.33 7.45
C LYS A 101 -2.81 1.76 8.73
N MET A 102 -3.64 1.55 9.75
CA MET A 102 -3.16 1.02 11.02
C MET A 102 -3.06 -0.51 11.00
N THR A 103 -3.87 -1.14 10.16
CA THR A 103 -3.87 -2.60 10.05
C THR A 103 -2.80 -3.07 9.08
N LEU A 104 -2.60 -2.33 8.00
CA LEU A 104 -1.60 -2.70 7.02
C LEU A 104 -0.21 -2.69 7.65
N GLN A 105 0.17 -1.55 8.22
CA GLN A 105 1.47 -1.42 8.88
C GLN A 105 1.65 -2.53 9.90
N GLN A 106 0.55 -3.02 10.44
CA GLN A 106 0.59 -4.11 11.41
C GLN A 106 1.21 -5.34 10.78
N ILE A 107 0.93 -5.52 9.51
CA ILE A 107 1.47 -6.65 8.76
C ILE A 107 2.89 -6.34 8.31
N ILE A 108 3.12 -5.07 7.98
CA ILE A 108 4.42 -4.60 7.55
C ILE A 108 5.49 -4.93 8.58
N SER A 109 5.30 -4.42 9.79
CA SER A 109 6.23 -4.65 10.89
C SER A 109 6.59 -6.13 11.04
N ARG A 110 5.68 -7.00 10.60
CA ARG A 110 5.91 -8.44 10.70
C ARG A 110 7.18 -8.84 9.94
N TYR A 111 7.52 -8.07 8.92
CA TYR A 111 8.71 -8.35 8.11
C TYR A 111 9.90 -7.53 8.61
N LYS A 112 9.66 -6.24 8.82
CA LYS A 112 10.72 -5.34 9.28
C LYS A 112 11.26 -5.79 10.63
N ASP A 113 10.38 -5.87 11.62
CA ASP A 113 10.78 -6.29 12.96
C ASP A 113 11.38 -7.69 12.94
N ALA A 114 10.91 -8.52 12.01
CA ALA A 114 11.41 -9.88 11.88
C ALA A 114 12.78 -9.91 11.21
N ASP A 115 12.98 -8.99 10.26
CA ASP A 115 14.24 -8.90 9.53
C ASP A 115 15.28 -8.14 10.34
N TYR B 17 5.28 17.96 -5.77
CA TYR B 17 3.95 18.48 -5.37
C TYR B 17 2.89 17.37 -5.42
N ASP B 18 2.92 16.59 -6.49
CA ASP B 18 1.97 15.49 -6.65
C ASP B 18 2.30 14.33 -5.72
N SER B 19 3.57 13.93 -5.71
CA SER B 19 4.03 12.83 -4.87
C SER B 19 4.37 13.33 -3.46
N GLU B 20 4.83 14.57 -3.38
CA GLU B 20 5.19 15.16 -2.10
C GLU B 20 3.99 15.20 -1.15
N GLU B 21 2.81 15.34 -1.73
CA GLU B 21 1.57 15.39 -0.94
C GLU B 21 1.35 14.07 -0.21
N PHE B 22 1.79 12.98 -0.82
CA PHE B 22 1.63 11.65 -0.23
C PHE B 22 2.81 11.32 0.67
N GLU B 23 2.50 10.78 1.86
CA GLU B 23 3.53 10.42 2.82
C GLU B 23 3.58 8.91 3.03
N ASP B 24 4.74 8.40 3.39
CA ASP B 24 4.92 6.97 3.63
C ASP B 24 4.55 6.60 5.05
N VAL B 25 4.31 5.30 5.28
CA VAL B 25 3.94 4.82 6.61
C VAL B 25 4.69 3.54 6.95
N THR B 26 5.66 3.66 7.86
CA THR B 26 6.46 2.52 8.28
C THR B 26 6.87 2.65 9.74
N ASP B 27 6.70 1.55 10.49
CA ASP B 27 7.05 1.54 11.91
C ASP B 27 6.16 2.49 12.70
N GLY B 28 6.47 3.78 12.63
CA GLY B 28 5.68 4.77 13.34
C GLY B 28 6.01 6.19 12.92
N ASN B 29 5.86 7.14 13.84
CA ASN B 29 6.14 8.54 13.56
C ASN B 29 5.26 9.06 12.43
N GLU B 30 4.07 9.53 12.77
CA GLU B 30 3.14 10.05 11.79
C GLU B 30 2.69 11.46 12.15
N VAL B 31 3.49 12.44 11.77
CA VAL B 31 3.17 13.84 12.06
C VAL B 31 2.35 14.47 10.93
N PRO A 1 -13.90 -4.41 9.11
CA PRO A 1 -13.77 -2.98 9.47
C PRO A 1 -12.35 -2.61 9.85
N SER A 2 -11.78 -3.40 10.76
CA SER A 2 -10.42 -3.18 11.22
C SER A 2 -9.40 -3.68 10.20
N HIS A 3 -9.51 -4.96 9.85
CA HIS A 3 -8.60 -5.56 8.88
C HIS A 3 -9.23 -5.60 7.49
N SER A 4 -9.95 -4.52 7.15
CA SER A 4 -10.61 -4.44 5.85
C SER A 4 -11.38 -3.12 5.71
N GLY A 5 -11.20 -2.45 4.59
CA GLY A 5 -11.89 -1.20 4.35
C GLY A 5 -12.24 -1.02 2.89
N ALA A 6 -13.28 -0.26 2.60
CA ALA A 6 -13.70 -0.04 1.22
C ALA A 6 -12.70 0.86 0.50
N ALA A 7 -11.90 0.26 -0.36
CA ALA A 7 -10.90 1.00 -1.12
C ALA A 7 -11.24 1.03 -2.60
N ILE A 8 -10.77 2.07 -3.30
CA ILE A 8 -11.03 2.22 -4.72
C ILE A 8 -9.87 1.69 -5.56
N PHE A 9 -10.19 1.12 -6.72
CA PHE A 9 -9.17 0.58 -7.61
C PHE A 9 -9.63 0.68 -9.06
N GLU A 10 -8.84 1.36 -9.89
CA GLU A 10 -9.18 1.53 -11.29
C GLU A 10 -10.39 2.44 -11.46
N LYS A 11 -10.52 3.40 -10.53
CA LYS A 11 -11.63 4.37 -10.55
C LYS A 11 -12.91 3.78 -9.95
N VAL A 12 -12.89 2.49 -9.62
CA VAL A 12 -14.06 1.85 -9.04
C VAL A 12 -13.86 1.60 -7.55
N SER A 13 -14.93 1.74 -6.77
CA SER A 13 -14.85 1.53 -5.34
C SER A 13 -15.19 0.10 -4.98
N GLY A 14 -14.22 -0.59 -4.38
CA GLY A 14 -14.42 -1.96 -3.98
C GLY A 14 -14.23 -2.15 -2.49
N ILE A 15 -13.67 -3.30 -2.12
CA ILE A 15 -13.43 -3.59 -0.71
C ILE A 15 -12.01 -4.11 -0.49
N ILE A 16 -11.26 -3.40 0.32
CA ILE A 16 -9.89 -3.80 0.62
C ILE A 16 -9.89 -4.61 1.92
N ALA A 17 -9.37 -5.83 1.84
CA ALA A 17 -9.33 -6.69 3.00
C ALA A 17 -8.01 -7.45 3.09
N ILE A 18 -7.41 -7.43 4.28
CA ILE A 18 -6.14 -8.10 4.51
C ILE A 18 -6.35 -9.56 4.92
N ASN A 19 -5.87 -10.48 4.09
CA ASN A 19 -6.00 -11.90 4.37
C ASN A 19 -4.90 -12.37 5.32
N GLU A 20 -5.26 -12.56 6.58
CA GLU A 20 -4.30 -13.00 7.59
C GLU A 20 -4.30 -14.53 7.70
N ASP A 21 -4.87 -15.20 6.70
CA ASP A 21 -4.90 -16.66 6.68
C ASP A 21 -3.63 -17.21 6.05
N VAL A 22 -2.92 -16.35 5.32
CA VAL A 22 -1.67 -16.73 4.68
C VAL A 22 -0.51 -16.62 5.65
N SER A 23 0.72 -16.63 5.12
CA SER A 23 1.91 -16.53 5.96
C SER A 23 2.41 -15.09 6.06
N PRO A 24 2.68 -14.44 4.91
CA PRO A 24 3.16 -13.06 4.87
C PRO A 24 2.03 -12.04 4.87
N ALA A 25 0.84 -12.52 5.08
CA ALA A 25 -0.36 -11.68 5.11
C ALA A 25 -0.52 -10.93 3.79
N GLU A 26 -1.66 -11.14 3.13
CA GLU A 26 -1.93 -10.50 1.85
C GLU A 26 -3.04 -9.45 1.95
N LEU A 27 -3.22 -8.71 0.88
CA LEU A 27 -4.24 -7.67 0.79
C LEU A 27 -5.10 -7.91 -0.46
N THR A 28 -6.35 -8.31 -0.26
CA THR A 28 -7.23 -8.61 -1.38
C THR A 28 -8.34 -7.58 -1.53
N TRP A 29 -8.40 -6.95 -2.71
CA TRP A 29 -9.42 -5.96 -3.01
C TRP A 29 -10.61 -6.62 -3.68
N ARG A 30 -11.73 -6.69 -2.98
CA ARG A 30 -12.95 -7.28 -3.52
C ARG A 30 -13.99 -6.19 -3.79
N SER A 31 -14.29 -5.97 -5.06
CA SER A 31 -15.26 -4.95 -5.45
C SER A 31 -16.52 -5.04 -4.60
N THR A 32 -17.37 -4.01 -4.68
CA THR A 32 -18.60 -3.97 -3.93
C THR A 32 -19.60 -4.95 -4.54
N ASP A 33 -19.62 -4.97 -5.86
CA ASP A 33 -20.51 -5.84 -6.60
C ASP A 33 -19.98 -7.26 -6.65
N GLY A 34 -18.69 -7.38 -6.96
CA GLY A 34 -18.06 -8.67 -7.03
C GLY A 34 -17.71 -9.06 -8.46
N ASP A 35 -17.53 -8.06 -9.31
CA ASP A 35 -17.19 -8.29 -10.70
C ASP A 35 -15.69 -8.14 -10.93
N LYS A 36 -15.01 -7.47 -10.01
CA LYS A 36 -13.57 -7.27 -10.12
C LYS A 36 -12.88 -7.50 -8.78
N VAL A 37 -11.66 -8.03 -8.84
CA VAL A 37 -10.90 -8.32 -7.64
C VAL A 37 -9.40 -8.05 -7.87
N HIS A 38 -8.68 -7.82 -6.77
CA HIS A 38 -7.25 -7.56 -6.84
C HIS A 38 -6.52 -8.17 -5.66
N THR A 39 -5.29 -8.63 -5.89
CA THR A 39 -4.49 -9.24 -4.83
C THR A 39 -3.18 -8.49 -4.61
N VAL A 40 -2.84 -8.30 -3.34
CA VAL A 40 -1.62 -7.61 -2.97
C VAL A 40 -0.92 -8.29 -1.82
N VAL A 41 0.34 -8.59 -1.99
CA VAL A 41 1.08 -9.24 -0.93
C VAL A 41 1.97 -8.24 -0.18
N LEU A 42 1.62 -8.00 1.08
CA LEU A 42 2.37 -7.07 1.91
C LEU A 42 3.84 -7.49 2.01
N SER A 43 4.11 -8.77 1.78
CA SER A 43 5.47 -9.29 1.84
C SER A 43 6.37 -8.57 0.86
N THR A 44 5.83 -8.28 -0.32
CA THR A 44 6.57 -7.58 -1.35
C THR A 44 6.57 -6.08 -1.08
N ILE A 45 5.47 -5.62 -0.50
CA ILE A 45 5.31 -4.21 -0.17
C ILE A 45 6.44 -3.72 0.72
N ASP A 46 7.40 -3.02 0.13
CA ASP A 46 8.54 -2.50 0.86
C ASP A 46 8.15 -1.31 1.74
N LYS A 47 7.09 -0.62 1.36
CA LYS A 47 6.63 0.54 2.11
C LYS A 47 5.12 0.73 1.98
N LEU A 48 4.54 1.46 2.93
CA LEU A 48 3.10 1.73 2.93
C LEU A 48 2.86 3.23 2.83
N GLN A 49 1.68 3.61 2.32
CA GLN A 49 1.35 5.02 2.18
C GLN A 49 -0.08 5.30 2.66
N ALA A 50 -0.29 6.51 3.17
CA ALA A 50 -1.60 6.91 3.66
C ALA A 50 -1.71 8.43 3.76
N THR A 51 -2.80 8.98 3.25
CA THR A 51 -3.03 10.42 3.27
C THR A 51 -3.66 10.86 4.58
N PRO A 52 -2.84 11.39 5.51
CA PRO A 52 -3.30 11.87 6.81
C PRO A 52 -4.52 12.77 6.70
N ALA A 53 -5.21 12.99 7.82
CA ALA A 53 -6.39 13.83 7.84
C ALA A 53 -6.09 15.24 7.31
N SER A 54 -4.81 15.59 7.25
CA SER A 54 -4.41 16.90 6.76
C SER A 54 -4.62 17.02 5.26
N SER A 55 -4.68 15.88 4.58
CA SER A 55 -4.87 15.85 3.13
C SER A 55 -6.36 15.85 2.79
N GLU A 56 -6.79 16.83 1.99
CA GLU A 56 -8.18 16.93 1.59
C GLU A 56 -8.63 15.69 0.83
N LYS A 57 -7.69 15.06 0.14
CA LYS A 57 -7.97 13.86 -0.63
C LYS A 57 -7.46 12.61 0.09
N MET A 58 -8.36 11.69 0.36
CA MET A 58 -7.99 10.45 1.05
C MET A 58 -7.61 9.35 0.06
N MET A 59 -6.31 9.08 -0.04
CA MET A 59 -5.82 8.05 -0.93
C MET A 59 -4.61 7.35 -0.34
N LEU A 60 -4.55 6.03 -0.51
CA LEU A 60 -3.43 5.25 0.01
C LEU A 60 -2.57 4.71 -1.13
N ARG A 61 -1.37 4.23 -0.79
CA ARG A 61 -0.45 3.68 -1.77
C ARG A 61 0.53 2.71 -1.12
N LEU A 62 0.89 1.66 -1.84
CA LEU A 62 1.82 0.68 -1.32
C LEU A 62 2.97 0.43 -2.29
N ILE A 63 4.20 0.61 -1.82
CA ILE A 63 5.38 0.40 -2.65
C ILE A 63 5.84 -1.05 -2.60
N GLY A 64 6.02 -1.64 -3.77
CA GLY A 64 6.45 -3.03 -3.84
C GLY A 64 7.95 -3.18 -3.67
N LYS A 65 8.41 -4.43 -3.62
CA LYS A 65 9.83 -4.70 -3.45
C LYS A 65 10.58 -4.54 -4.78
N VAL A 66 11.74 -3.93 -4.72
CA VAL A 66 12.55 -3.71 -5.88
C VAL A 66 13.83 -4.53 -5.81
N ASP A 67 14.94 -3.87 -5.95
CA ASP A 67 16.25 -4.51 -5.90
C ASP A 67 17.37 -3.49 -6.11
N GLU A 68 18.07 -3.17 -5.02
CA GLU A 68 19.16 -2.20 -5.09
C GLU A 68 20.51 -2.91 -5.19
N SER A 69 20.51 -4.09 -5.78
CA SER A 69 21.74 -4.87 -5.95
C SER A 69 21.94 -5.26 -7.41
N LYS A 70 21.48 -4.42 -8.32
CA LYS A 70 21.61 -4.67 -9.74
C LYS A 70 22.01 -3.41 -10.50
N LYS A 71 21.14 -2.41 -10.44
CA LYS A 71 21.40 -1.13 -11.12
C LYS A 71 21.47 -1.34 -12.63
N ARG A 72 20.87 -0.40 -13.38
CA ARG A 72 20.87 -0.47 -14.83
C ARG A 72 20.72 0.91 -15.45
N LYS A 73 20.51 0.96 -16.76
CA LYS A 73 20.35 2.23 -17.46
C LYS A 73 18.87 2.57 -17.63
N ASP A 74 18.60 3.59 -18.45
CA ASP A 74 17.22 4.02 -18.69
C ASP A 74 16.76 3.63 -20.08
N ASN A 75 17.41 2.63 -20.67
CA ASN A 75 17.06 2.15 -22.01
C ASN A 75 17.52 3.12 -23.09
N GLU A 76 18.15 4.23 -22.69
CA GLU A 76 18.63 5.23 -23.65
C GLU A 76 20.12 5.43 -23.49
N GLY A 77 20.55 5.60 -22.26
CA GLY A 77 21.95 5.81 -21.97
C GLY A 77 22.18 6.64 -20.72
N ASN A 78 21.42 6.34 -19.68
CA ASN A 78 21.53 7.07 -18.41
C ASN A 78 21.77 6.10 -17.26
N GLU A 79 21.91 6.65 -16.05
CA GLU A 79 22.15 5.84 -14.87
C GLU A 79 21.06 6.08 -13.82
N VAL A 80 20.21 5.08 -13.63
CA VAL A 80 19.12 5.18 -12.66
C VAL A 80 19.05 3.95 -11.78
N VAL A 81 18.04 3.89 -10.91
CA VAL A 81 17.86 2.76 -10.02
C VAL A 81 16.49 2.13 -10.21
N PRO A 82 16.42 0.78 -10.21
CA PRO A 82 15.15 0.06 -10.39
C PRO A 82 14.05 0.57 -9.46
N LYS A 83 12.93 0.97 -10.05
CA LYS A 83 11.80 1.48 -9.28
C LYS A 83 10.84 0.36 -8.89
N PRO A 84 10.30 0.40 -7.66
CA PRO A 84 9.37 -0.61 -7.17
C PRO A 84 7.96 -0.41 -7.68
N GLN A 85 7.05 -1.31 -7.30
CA GLN A 85 5.66 -1.22 -7.72
C GLN A 85 4.93 -0.17 -6.89
N ARG A 86 3.74 0.22 -7.34
CA ARG A 86 2.95 1.22 -6.64
C ARG A 86 1.46 1.03 -6.89
N HIS A 87 0.74 0.59 -5.85
CA HIS A 87 -0.70 0.38 -5.96
C HIS A 87 -1.44 1.62 -5.47
N MET A 88 -2.09 2.33 -6.38
CA MET A 88 -2.82 3.54 -6.02
C MET A 88 -4.25 3.22 -5.60
N PHE A 89 -4.53 3.45 -4.32
CA PHE A 89 -5.86 3.20 -3.78
C PHE A 89 -6.50 4.51 -3.32
N SER A 90 -7.74 4.76 -3.74
CA SER A 90 -8.45 5.97 -3.37
C SER A 90 -9.44 5.72 -2.24
N PHE A 91 -9.21 6.35 -1.11
CA PHE A 91 -10.09 6.20 0.05
C PHE A 91 -11.15 7.29 0.07
N ASN A 92 -12.27 7.02 0.73
CA ASN A 92 -13.35 7.99 0.82
C ASN A 92 -13.89 8.11 2.24
N ASN A 93 -13.09 7.70 3.22
CA ASN A 93 -13.50 7.77 4.61
C ASN A 93 -12.29 8.02 5.52
N ARG A 94 -12.52 8.78 6.59
CA ARG A 94 -11.46 9.10 7.53
C ARG A 94 -11.17 7.92 8.46
N THR A 95 -12.22 7.19 8.82
CA THR A 95 -12.10 6.05 9.70
C THR A 95 -11.48 4.87 9.00
N VAL A 96 -11.95 4.58 7.78
CA VAL A 96 -11.44 3.46 7.01
C VAL A 96 -9.93 3.57 6.81
N MET A 97 -9.47 4.74 6.39
CA MET A 97 -8.05 4.96 6.18
C MET A 97 -7.29 4.81 7.49
N ASP A 98 -7.97 5.17 8.57
CA ASP A 98 -7.38 5.07 9.91
C ASP A 98 -7.10 3.63 10.29
N ASN A 99 -8.04 2.73 10.00
CA ASN A 99 -7.87 1.32 10.34
C ASN A 99 -7.02 0.60 9.30
N ILE A 100 -7.17 0.99 8.04
CA ILE A 100 -6.40 0.38 6.95
C ILE A 100 -4.91 0.69 7.11
N LYS A 101 -4.59 1.97 7.22
CA LYS A 101 -3.20 2.39 7.37
C LYS A 101 -2.62 1.86 8.68
N MET A 102 -3.47 1.73 9.70
CA MET A 102 -3.03 1.24 10.99
C MET A 102 -2.98 -0.28 11.02
N THR A 103 -3.78 -0.91 10.18
CA THR A 103 -3.83 -2.37 10.11
C THR A 103 -2.74 -2.92 9.21
N LEU A 104 -2.60 -2.34 8.02
CA LEU A 104 -1.58 -2.78 7.08
C LEU A 104 -0.21 -2.77 7.72
N GLN A 105 0.11 -1.66 8.39
CA GLN A 105 1.39 -1.51 9.08
C GLN A 105 1.63 -2.69 10.02
N GLN A 106 0.55 -3.26 10.53
CA GLN A 106 0.65 -4.40 11.43
C GLN A 106 1.32 -5.57 10.73
N ILE A 107 1.05 -5.68 9.44
CA ILE A 107 1.63 -6.73 8.60
C ILE A 107 3.05 -6.34 8.22
N ILE A 108 3.23 -5.05 7.99
CA ILE A 108 4.53 -4.49 7.62
C ILE A 108 5.59 -4.86 8.65
N SER A 109 5.38 -4.43 9.87
CA SER A 109 6.32 -4.69 10.97
C SER A 109 6.69 -6.17 11.06
N ARG A 110 5.81 -7.04 10.57
CA ARG A 110 6.04 -8.47 10.61
C ARG A 110 7.36 -8.83 9.91
N TYR A 111 7.60 -8.19 8.77
CA TYR A 111 8.81 -8.44 8.00
C TYR A 111 10.01 -7.74 8.63
N LYS A 112 9.74 -6.65 9.33
CA LYS A 112 10.79 -5.87 9.99
C LYS A 112 11.60 -6.75 10.94
N ASP A 113 10.95 -7.20 12.02
CA ASP A 113 11.61 -8.04 13.00
C ASP A 113 12.14 -9.32 12.36
N ALA A 114 11.46 -9.79 11.33
CA ALA A 114 11.86 -11.00 10.63
C ALA A 114 13.16 -10.79 9.87
N ASP A 115 13.12 -9.88 8.90
CA ASP A 115 14.31 -9.58 8.09
C ASP A 115 15.44 -9.06 8.96
N TYR B 17 5.33 17.69 -7.12
CA TYR B 17 5.74 16.48 -6.35
C TYR B 17 4.53 15.76 -5.78
N ASP B 18 4.35 14.51 -6.19
CA ASP B 18 3.22 13.71 -5.72
C ASP B 18 3.50 13.17 -4.31
N SER B 19 4.74 12.76 -4.07
CA SER B 19 5.13 12.22 -2.78
C SER B 19 4.91 13.25 -1.67
N GLU B 20 5.13 14.52 -2.00
CA GLU B 20 4.96 15.60 -1.05
C GLU B 20 3.49 15.74 -0.65
N GLU B 21 2.60 15.42 -1.57
CA GLU B 21 1.16 15.52 -1.30
C GLU B 21 0.73 14.49 -0.27
N PHE B 22 0.89 13.22 -0.59
CA PHE B 22 0.51 12.13 0.32
C PHE B 22 1.63 11.87 1.32
N GLU B 23 1.27 11.25 2.45
CA GLU B 23 2.23 10.94 3.49
C GLU B 23 2.77 9.53 3.34
N ASP B 24 4.02 9.33 3.73
CA ASP B 24 4.66 8.02 3.64
C ASP B 24 4.55 7.26 4.95
N VAL B 25 4.76 5.95 4.89
CA VAL B 25 4.69 5.10 6.08
C VAL B 25 5.96 4.27 6.23
N THR B 26 6.17 3.72 7.41
CA THR B 26 7.36 2.90 7.68
C THR B 26 7.59 1.88 6.57
N ASP B 27 8.86 1.70 6.20
CA ASP B 27 9.22 0.76 5.15
C ASP B 27 9.72 -0.55 5.74
N GLY B 28 10.22 -1.43 4.88
CA GLY B 28 10.72 -2.71 5.34
C GLY B 28 12.21 -2.71 5.59
N ASN B 29 12.99 -2.46 4.54
CA ASN B 29 14.44 -2.42 4.65
C ASN B 29 15.05 -1.67 3.47
N GLU B 30 16.38 -1.63 3.43
CA GLU B 30 17.09 -0.94 2.36
C GLU B 30 18.20 -1.82 1.80
N VAL B 31 18.98 -2.43 2.68
CA VAL B 31 20.08 -3.29 2.27
C VAL B 31 20.26 -4.45 3.25
N PRO A 1 -10.30 -1.26 13.49
CA PRO A 1 -9.25 -2.29 13.28
C PRO A 1 -9.87 -3.63 12.86
N SER A 2 -10.77 -3.58 11.88
CA SER A 2 -11.42 -4.78 11.38
C SER A 2 -10.57 -5.49 10.32
N HIS A 3 -9.38 -4.96 10.07
CA HIS A 3 -8.47 -5.54 9.08
C HIS A 3 -9.12 -5.54 7.69
N SER A 4 -9.85 -4.48 7.38
CA SER A 4 -10.51 -4.36 6.09
C SER A 4 -11.30 -3.05 5.99
N GLY A 5 -11.18 -2.39 4.84
CA GLY A 5 -11.89 -1.14 4.62
C GLY A 5 -12.25 -0.97 3.16
N ALA A 6 -13.29 -0.18 2.89
CA ALA A 6 -13.72 0.05 1.52
C ALA A 6 -12.73 0.94 0.78
N ALA A 7 -11.93 0.32 -0.09
CA ALA A 7 -10.93 1.04 -0.85
C ALA A 7 -11.32 1.15 -2.32
N ILE A 8 -10.68 2.07 -3.04
CA ILE A 8 -10.97 2.29 -4.44
C ILE A 8 -9.78 1.91 -5.32
N PHE A 9 -10.06 1.38 -6.50
CA PHE A 9 -9.01 0.98 -7.44
C PHE A 9 -9.47 1.21 -8.86
N GLU A 10 -8.58 1.72 -9.70
CA GLU A 10 -8.90 1.98 -11.10
C GLU A 10 -10.13 2.87 -11.21
N LYS A 11 -10.34 3.71 -10.20
CA LYS A 11 -11.49 4.63 -10.17
C LYS A 11 -12.76 3.94 -9.68
N VAL A 12 -12.69 2.63 -9.42
CA VAL A 12 -13.84 1.89 -8.95
C VAL A 12 -13.71 1.60 -7.46
N SER A 13 -14.80 1.78 -6.73
CA SER A 13 -14.79 1.53 -5.29
C SER A 13 -15.11 0.08 -4.98
N GLY A 14 -14.29 -0.51 -4.13
CA GLY A 14 -14.50 -1.90 -3.75
C GLY A 14 -14.34 -2.11 -2.26
N ILE A 15 -13.68 -3.21 -1.89
CA ILE A 15 -13.45 -3.51 -0.48
C ILE A 15 -12.05 -4.04 -0.26
N ILE A 16 -11.29 -3.36 0.57
CA ILE A 16 -9.93 -3.77 0.86
C ILE A 16 -9.91 -4.56 2.16
N ALA A 17 -9.42 -5.79 2.09
CA ALA A 17 -9.38 -6.65 3.26
C ALA A 17 -8.09 -7.46 3.32
N ILE A 18 -7.45 -7.46 4.48
CA ILE A 18 -6.20 -8.18 4.66
C ILE A 18 -6.44 -9.67 4.96
N ASN A 19 -5.74 -10.52 4.21
CA ASN A 19 -5.86 -11.96 4.39
C ASN A 19 -4.76 -12.49 5.31
N GLU A 20 -5.07 -12.57 6.60
CA GLU A 20 -4.11 -13.06 7.58
C GLU A 20 -4.32 -14.54 7.86
N ASP A 21 -4.89 -15.25 6.88
CA ASP A 21 -5.14 -16.67 7.01
C ASP A 21 -4.13 -17.49 6.20
N VAL A 22 -3.31 -16.78 5.41
CA VAL A 22 -2.30 -17.46 4.59
C VAL A 22 -0.91 -17.29 5.20
N SER A 23 0.10 -17.79 4.50
CA SER A 23 1.47 -17.67 4.98
C SER A 23 1.88 -16.20 5.02
N PRO A 24 2.00 -15.55 3.83
CA PRO A 24 2.36 -14.14 3.76
C PRO A 24 1.11 -13.27 3.76
N ALA A 25 0.89 -12.56 4.85
CA ALA A 25 -0.28 -11.70 4.97
C ALA A 25 -0.45 -10.81 3.74
N GLU A 26 -1.53 -11.02 3.00
CA GLU A 26 -1.80 -10.27 1.79
C GLU A 26 -3.00 -9.34 1.99
N LEU A 27 -3.18 -8.42 1.05
CA LEU A 27 -4.28 -7.48 1.08
C LEU A 27 -5.17 -7.72 -0.14
N THR A 28 -6.37 -8.25 0.09
CA THR A 28 -7.28 -8.56 -1.01
C THR A 28 -8.37 -7.52 -1.19
N TRP A 29 -8.37 -6.86 -2.35
CA TRP A 29 -9.37 -5.86 -2.67
C TRP A 29 -10.51 -6.49 -3.45
N ARG A 30 -11.68 -6.59 -2.81
CA ARG A 30 -12.84 -7.16 -3.45
C ARG A 30 -13.87 -6.08 -3.73
N SER A 31 -14.17 -5.85 -5.01
CA SER A 31 -15.13 -4.83 -5.41
C SER A 31 -16.40 -4.91 -4.57
N THR A 32 -17.22 -3.87 -4.66
CA THR A 32 -18.47 -3.82 -3.91
C THR A 32 -19.47 -4.78 -4.53
N ASP A 33 -19.47 -4.81 -5.85
CA ASP A 33 -20.37 -5.68 -6.59
C ASP A 33 -19.74 -7.05 -6.82
N GLY A 34 -18.43 -7.06 -7.00
CA GLY A 34 -17.72 -8.30 -7.22
C GLY A 34 -17.24 -8.45 -8.66
N ASP A 35 -17.09 -7.32 -9.35
CA ASP A 35 -16.64 -7.33 -10.74
C ASP A 35 -15.15 -7.02 -10.84
N LYS A 36 -14.59 -6.45 -9.78
CA LYS A 36 -13.16 -6.11 -9.76
C LYS A 36 -12.49 -6.65 -8.51
N VAL A 37 -11.26 -7.15 -8.69
CA VAL A 37 -10.50 -7.70 -7.58
C VAL A 37 -9.01 -7.37 -7.71
N HIS A 38 -8.33 -7.24 -6.58
CA HIS A 38 -6.90 -6.93 -6.57
C HIS A 38 -6.26 -7.32 -5.25
N THR A 39 -5.33 -8.27 -5.30
CA THR A 39 -4.65 -8.75 -4.10
C THR A 39 -3.23 -8.19 -4.01
N VAL A 40 -2.77 -7.95 -2.78
CA VAL A 40 -1.43 -7.43 -2.54
C VAL A 40 -0.74 -8.21 -1.45
N VAL A 41 0.51 -8.52 -1.65
CA VAL A 41 1.26 -9.27 -0.65
C VAL A 41 2.15 -8.33 0.17
N LEU A 42 1.75 -8.09 1.41
CA LEU A 42 2.49 -7.22 2.31
C LEU A 42 3.94 -7.68 2.46
N SER A 43 4.19 -8.96 2.19
CA SER A 43 5.54 -9.52 2.30
C SER A 43 6.47 -8.88 1.27
N THR A 44 5.91 -8.44 0.16
CA THR A 44 6.69 -7.81 -0.90
C THR A 44 6.62 -6.29 -0.77
N ILE A 45 5.49 -5.81 -0.29
CA ILE A 45 5.27 -4.38 -0.10
C ILE A 45 6.48 -3.72 0.55
N ASP A 46 7.23 -2.96 -0.24
CA ASP A 46 8.42 -2.28 0.26
C ASP A 46 8.05 -1.20 1.26
N LYS A 47 6.97 -0.46 0.99
CA LYS A 47 6.54 0.60 1.89
C LYS A 47 5.04 0.88 1.73
N LEU A 48 4.45 1.43 2.77
CA LEU A 48 3.02 1.77 2.77
C LEU A 48 2.84 3.27 2.73
N GLN A 49 1.72 3.72 2.20
CA GLN A 49 1.43 5.15 2.10
C GLN A 49 -0.01 5.44 2.53
N ALA A 50 -0.21 6.64 3.07
CA ALA A 50 -1.54 7.05 3.52
C ALA A 50 -1.62 8.57 3.67
N THR A 51 -2.68 9.16 3.13
CA THR A 51 -2.87 10.60 3.20
C THR A 51 -3.55 11.00 4.50
N PRO A 52 -2.76 11.47 5.48
CA PRO A 52 -3.26 11.91 6.79
C PRO A 52 -4.46 12.83 6.66
N ALA A 53 -5.17 13.02 7.77
CA ALA A 53 -6.34 13.88 7.79
C ALA A 53 -6.00 15.30 7.31
N SER A 54 -4.70 15.63 7.31
CA SER A 54 -4.27 16.95 6.88
C SER A 54 -4.42 17.12 5.37
N SER A 55 -4.48 16.00 4.66
CA SER A 55 -4.62 16.03 3.21
C SER A 55 -6.09 16.00 2.81
N GLU A 56 -6.51 17.00 2.03
CA GLU A 56 -7.89 17.10 1.59
C GLU A 56 -8.29 15.87 0.78
N LYS A 57 -7.30 15.20 0.19
CA LYS A 57 -7.54 14.01 -0.61
C LYS A 57 -7.24 12.75 0.20
N MET A 58 -8.14 11.77 0.10
CA MET A 58 -7.98 10.51 0.82
C MET A 58 -7.57 9.39 -0.12
N MET A 59 -6.29 9.00 -0.06
CA MET A 59 -5.77 7.93 -0.91
C MET A 59 -4.54 7.29 -0.29
N LEU A 60 -4.46 5.96 -0.39
CA LEU A 60 -3.32 5.22 0.15
C LEU A 60 -2.55 4.54 -0.97
N ARG A 61 -1.22 4.54 -0.85
CA ARG A 61 -0.37 3.91 -1.86
C ARG A 61 0.36 2.71 -1.27
N LEU A 62 0.64 1.73 -2.12
CA LEU A 62 1.34 0.51 -1.70
C LEU A 62 2.55 0.23 -2.58
N ILE A 63 3.74 0.40 -2.03
CA ILE A 63 4.97 0.15 -2.76
C ILE A 63 5.38 -1.31 -2.66
N GLY A 64 5.78 -1.89 -3.78
CA GLY A 64 6.19 -3.28 -3.80
C GLY A 64 7.69 -3.45 -3.72
N LYS A 65 8.14 -4.68 -3.46
CA LYS A 65 9.56 -4.96 -3.37
C LYS A 65 10.28 -4.61 -4.66
N VAL A 66 11.50 -4.10 -4.55
CA VAL A 66 12.29 -3.71 -5.68
C VAL A 66 13.48 -4.65 -5.84
N ASP A 67 14.64 -4.07 -5.91
CA ASP A 67 15.88 -4.84 -6.05
C ASP A 67 17.01 -4.22 -5.24
N GLU A 68 18.21 -4.78 -5.37
CA GLU A 68 19.37 -4.27 -4.64
C GLU A 68 20.62 -5.06 -5.02
N SER A 69 20.72 -5.41 -6.30
CA SER A 69 21.87 -6.16 -6.79
C SER A 69 22.52 -5.45 -7.97
N LYS A 70 22.68 -4.13 -7.85
CA LYS A 70 23.28 -3.32 -8.90
C LYS A 70 22.41 -3.33 -10.16
N LYS A 71 21.40 -2.46 -10.16
CA LYS A 71 20.49 -2.36 -11.29
C LYS A 71 20.84 -1.16 -12.17
N ARG A 72 19.94 -0.82 -13.09
CA ARG A 72 20.13 0.30 -14.02
C ARG A 72 20.74 1.51 -13.31
N LYS A 73 21.29 2.42 -14.10
CA LYS A 73 21.91 3.63 -13.58
C LYS A 73 20.93 4.80 -13.61
N ASP A 74 21.45 6.01 -13.39
CA ASP A 74 20.61 7.21 -13.40
C ASP A 74 20.90 8.07 -14.63
N ASN A 75 21.48 7.46 -15.66
CA ASN A 75 21.80 8.16 -16.90
C ASN A 75 22.98 9.13 -16.72
N GLU A 76 23.52 9.21 -15.51
CA GLU A 76 24.63 10.10 -15.23
C GLU A 76 25.79 9.33 -14.61
N GLY A 77 25.47 8.50 -13.64
CA GLY A 77 26.47 7.70 -12.97
C GLY A 77 26.03 7.24 -11.59
N ASN A 78 24.78 6.81 -11.50
CA ASN A 78 24.22 6.34 -10.24
C ASN A 78 23.45 5.05 -10.43
N GLU A 79 24.03 3.94 -9.97
CA GLU A 79 23.40 2.63 -10.10
C GLU A 79 22.07 2.59 -9.35
N VAL A 80 21.01 3.08 -10.00
CA VAL A 80 19.69 3.10 -9.40
C VAL A 80 19.00 1.74 -9.55
N VAL A 81 17.73 1.67 -9.16
CA VAL A 81 16.97 0.45 -9.26
C VAL A 81 15.59 0.71 -9.87
N PRO A 82 15.13 -0.16 -10.79
CA PRO A 82 13.83 0.00 -11.44
C PRO A 82 12.72 0.30 -10.44
N LYS A 83 12.02 1.41 -10.67
CA LYS A 83 10.93 1.84 -9.79
C LYS A 83 10.08 0.65 -9.34
N PRO A 84 9.83 0.53 -8.02
CA PRO A 84 9.05 -0.58 -7.46
C PRO A 84 7.57 -0.50 -7.86
N GLN A 85 7.03 -1.60 -8.36
CA GLN A 85 5.64 -1.65 -8.77
C GLN A 85 4.73 -1.42 -7.57
N ARG A 86 3.99 -0.31 -7.59
CA ARG A 86 3.09 0.03 -6.50
C ARG A 86 1.64 0.08 -6.97
N HIS A 87 0.72 0.01 -6.02
CA HIS A 87 -0.71 0.05 -6.33
C HIS A 87 -1.35 1.29 -5.75
N MET A 88 -2.01 2.08 -6.59
CA MET A 88 -2.67 3.30 -6.15
C MET A 88 -4.09 3.02 -5.67
N PHE A 89 -4.30 3.14 -4.36
CA PHE A 89 -5.61 2.90 -3.78
C PHE A 89 -6.20 4.20 -3.23
N SER A 90 -7.46 4.46 -3.57
CA SER A 90 -8.14 5.66 -3.11
C SER A 90 -9.19 5.32 -2.06
N PHE A 91 -9.11 5.98 -0.91
CA PHE A 91 -10.05 5.74 0.17
C PHE A 91 -11.19 6.75 0.15
N ASN A 92 -12.39 6.30 0.50
CA ASN A 92 -13.56 7.17 0.53
C ASN A 92 -14.08 7.35 1.95
N ASN A 93 -13.74 6.43 2.84
CA ASN A 93 -14.18 6.52 4.23
C ASN A 93 -13.08 7.10 5.12
N ARG A 94 -13.48 7.68 6.24
CA ARG A 94 -12.53 8.27 7.18
C ARG A 94 -12.11 7.26 8.24
N THR A 95 -13.03 6.38 8.61
CA THR A 95 -12.75 5.36 9.61
C THR A 95 -12.04 4.16 9.00
N VAL A 96 -12.33 3.88 7.73
CA VAL A 96 -11.72 2.75 7.04
C VAL A 96 -10.22 2.94 6.91
N MET A 97 -9.80 4.13 6.48
CA MET A 97 -8.39 4.43 6.32
C MET A 97 -7.67 4.31 7.66
N ASP A 98 -8.40 4.60 8.72
CA ASP A 98 -7.85 4.52 10.06
C ASP A 98 -7.43 3.10 10.42
N ASN A 99 -8.25 2.12 10.03
CA ASN A 99 -7.94 0.73 10.32
C ASN A 99 -6.95 0.15 9.31
N ILE A 100 -7.03 0.62 8.07
CA ILE A 100 -6.14 0.15 7.01
C ILE A 100 -4.72 0.63 7.23
N LYS A 101 -4.56 1.95 7.31
CA LYS A 101 -3.24 2.54 7.52
C LYS A 101 -2.53 1.95 8.73
N MET A 102 -3.30 1.62 9.77
CA MET A 102 -2.73 1.05 10.98
C MET A 102 -2.54 -0.45 10.87
N THR A 103 -3.50 -1.11 10.25
CA THR A 103 -3.44 -2.56 10.07
C THR A 103 -2.42 -2.97 9.02
N LEU A 104 -2.27 -2.17 7.97
CA LEU A 104 -1.32 -2.48 6.93
C LEU A 104 0.10 -2.45 7.48
N GLN A 105 0.50 -1.28 8.00
CA GLN A 105 1.83 -1.14 8.59
C GLN A 105 2.05 -2.21 9.66
N GLN A 106 0.96 -2.70 10.24
CA GLN A 106 1.05 -3.73 11.26
C GLN A 106 1.62 -5.00 10.65
N ILE A 107 1.27 -5.25 9.41
CA ILE A 107 1.78 -6.40 8.68
C ILE A 107 3.18 -6.11 8.16
N ILE A 108 3.39 -4.87 7.76
CA ILE A 108 4.68 -4.42 7.26
C ILE A 108 5.76 -4.63 8.31
N SER A 109 5.57 -4.00 9.46
CA SER A 109 6.51 -4.11 10.57
C SER A 109 6.80 -5.56 10.91
N ARG A 110 5.86 -6.44 10.59
CA ARG A 110 6.01 -7.87 10.86
C ARG A 110 7.27 -8.41 10.20
N TYR A 111 7.43 -8.10 8.93
CA TYR A 111 8.60 -8.54 8.18
C TYR A 111 9.83 -7.77 8.59
N LYS A 112 9.62 -6.55 9.09
CA LYS A 112 10.73 -5.70 9.53
C LYS A 112 11.58 -6.41 10.57
N ASP A 113 10.99 -6.70 11.72
CA ASP A 113 11.71 -7.38 12.80
C ASP A 113 12.26 -8.73 12.34
N ALA A 114 11.55 -9.35 11.41
CA ALA A 114 11.96 -10.65 10.87
C ALA A 114 13.19 -10.50 9.98
N ASP A 115 13.02 -9.82 8.86
CA ASP A 115 14.11 -9.61 7.91
C ASP A 115 15.27 -8.86 8.57
N TYR B 17 3.18 21.77 -5.56
CA TYR B 17 3.80 20.43 -5.52
C TYR B 17 2.73 19.33 -5.51
N ASP B 18 2.91 18.33 -6.36
CA ASP B 18 1.96 17.21 -6.45
C ASP B 18 2.34 16.11 -5.48
N SER B 19 3.63 15.77 -5.44
CA SER B 19 4.12 14.73 -4.55
C SER B 19 3.97 15.13 -3.09
N GLU B 20 4.02 16.44 -2.83
CA GLU B 20 3.89 16.96 -1.48
C GLU B 20 2.58 16.51 -0.84
N GLU B 21 1.54 16.36 -1.67
CA GLU B 21 0.24 15.94 -1.19
C GLU B 21 0.30 14.53 -0.61
N PHE B 22 0.69 13.57 -1.43
CA PHE B 22 0.80 12.18 -1.00
C PHE B 22 2.08 11.96 -0.21
N GLU B 23 1.97 11.25 0.91
CA GLU B 23 3.13 10.97 1.76
C GLU B 23 3.15 9.51 2.19
N ASP B 24 4.29 9.06 2.70
CA ASP B 24 4.44 7.68 3.16
C ASP B 24 4.21 7.58 4.66
N VAL B 25 3.96 6.37 5.14
CA VAL B 25 3.72 6.13 6.56
C VAL B 25 4.62 5.02 7.08
N THR B 26 5.29 5.29 8.20
CA THR B 26 6.18 4.32 8.81
C THR B 26 6.18 4.45 10.34
N ASP B 27 5.42 3.60 11.00
CA ASP B 27 5.33 3.62 12.46
C ASP B 27 4.74 4.94 12.94
N GLY B 28 4.05 4.90 14.08
CA GLY B 28 3.45 6.10 14.63
C GLY B 28 3.52 6.14 16.14
N ASN B 29 2.67 6.95 16.76
CA ASN B 29 2.64 7.08 18.21
C ASN B 29 1.22 6.96 18.74
N GLU B 30 1.07 6.25 19.85
CA GLU B 30 -0.25 6.06 20.47
C GLU B 30 -0.17 6.25 21.98
N VAL B 31 -0.93 7.23 22.49
CA VAL B 31 -0.95 7.50 23.92
C VAL B 31 -2.38 7.59 24.44
N PRO A 1 -14.49 -3.71 11.49
CA PRO A 1 -13.41 -3.35 10.55
C PRO A 1 -12.05 -3.27 11.26
N SER A 2 -11.38 -4.41 11.37
CA SER A 2 -10.08 -4.47 12.02
C SER A 2 -8.97 -4.72 11.01
N HIS A 3 -9.31 -5.39 9.91
CA HIS A 3 -8.34 -5.70 8.87
C HIS A 3 -9.03 -5.82 7.52
N SER A 4 -9.85 -4.83 7.18
CA SER A 4 -10.58 -4.81 5.92
C SER A 4 -11.41 -3.55 5.78
N GLY A 5 -11.26 -2.86 4.65
CA GLY A 5 -12.01 -1.64 4.42
C GLY A 5 -12.31 -1.44 2.96
N ALA A 6 -13.36 -0.68 2.66
CA ALA A 6 -13.74 -0.43 1.28
C ALA A 6 -12.73 0.49 0.60
N ALA A 7 -11.94 -0.08 -0.29
CA ALA A 7 -10.93 0.68 -1.01
C ALA A 7 -11.24 0.76 -2.50
N ILE A 8 -10.81 1.85 -3.15
CA ILE A 8 -11.06 2.03 -4.58
C ILE A 8 -9.84 1.64 -5.40
N PHE A 9 -10.08 1.09 -6.58
CA PHE A 9 -9.00 0.68 -7.46
C PHE A 9 -9.42 0.80 -8.92
N GLU A 10 -8.60 1.48 -9.72
CA GLU A 10 -8.91 1.68 -11.14
C GLU A 10 -10.16 2.54 -11.30
N LYS A 11 -10.38 3.44 -10.34
CA LYS A 11 -11.54 4.33 -10.36
C LYS A 11 -12.80 3.65 -9.85
N VAL A 12 -12.72 2.35 -9.55
CA VAL A 12 -13.87 1.62 -9.04
C VAL A 12 -13.74 1.34 -7.56
N SER A 13 -14.85 1.41 -6.83
CA SER A 13 -14.83 1.18 -5.41
C SER A 13 -15.11 -0.28 -5.10
N GLY A 14 -14.24 -0.89 -4.31
CA GLY A 14 -14.41 -2.28 -3.94
C GLY A 14 -14.25 -2.50 -2.45
N ILE A 15 -13.64 -3.62 -2.09
CA ILE A 15 -13.41 -3.95 -0.69
C ILE A 15 -11.99 -4.45 -0.47
N ILE A 16 -11.25 -3.75 0.37
CA ILE A 16 -9.89 -4.14 0.68
C ILE A 16 -9.89 -4.96 1.96
N ALA A 17 -9.35 -6.17 1.88
CA ALA A 17 -9.32 -7.05 3.04
C ALA A 17 -8.00 -7.80 3.14
N ILE A 18 -7.40 -7.75 4.32
CA ILE A 18 -6.12 -8.42 4.57
C ILE A 18 -6.33 -9.89 4.91
N ASN A 19 -5.74 -10.77 4.11
CA ASN A 19 -5.85 -12.20 4.34
C ASN A 19 -4.81 -12.66 5.36
N GLU A 20 -5.24 -12.75 6.61
CA GLU A 20 -4.34 -13.18 7.69
C GLU A 20 -4.35 -14.70 7.85
N ASP A 21 -4.87 -15.41 6.85
CA ASP A 21 -4.93 -16.87 6.89
C ASP A 21 -3.64 -17.47 6.33
N VAL A 22 -2.86 -16.63 5.63
CA VAL A 22 -1.60 -17.07 5.05
C VAL A 22 -0.45 -16.85 6.02
N SER A 23 0.78 -16.91 5.52
CA SER A 23 1.96 -16.72 6.37
C SER A 23 2.41 -15.26 6.38
N PRO A 24 2.80 -14.72 5.21
CA PRO A 24 3.27 -13.32 5.12
C PRO A 24 2.14 -12.31 5.06
N ALA A 25 0.94 -12.81 5.19
CA ALA A 25 -0.26 -11.98 5.17
C ALA A 25 -0.40 -11.25 3.84
N GLU A 26 -1.60 -11.32 3.26
CA GLU A 26 -1.86 -10.68 1.97
C GLU A 26 -3.01 -9.69 2.09
N LEU A 27 -3.23 -8.94 1.02
CA LEU A 27 -4.30 -7.95 0.96
C LEU A 27 -5.12 -8.17 -0.31
N THR A 28 -6.35 -8.64 -0.16
CA THR A 28 -7.19 -8.91 -1.32
C THR A 28 -8.32 -7.89 -1.48
N TRP A 29 -8.27 -7.15 -2.58
CA TRP A 29 -9.29 -6.16 -2.88
C TRP A 29 -10.43 -6.80 -3.68
N ARG A 30 -11.58 -6.92 -3.04
CA ARG A 30 -12.75 -7.51 -3.70
C ARG A 30 -13.80 -6.44 -3.96
N SER A 31 -14.11 -6.20 -5.23
CA SER A 31 -15.10 -5.19 -5.60
C SER A 31 -16.37 -5.34 -4.76
N THR A 32 -17.24 -4.34 -4.86
CA THR A 32 -18.49 -4.36 -4.13
C THR A 32 -19.45 -5.34 -4.76
N ASP A 33 -19.45 -5.34 -6.09
CA ASP A 33 -20.31 -6.21 -6.85
C ASP A 33 -19.60 -7.51 -7.19
N GLY A 34 -18.29 -7.42 -7.39
CA GLY A 34 -17.50 -8.61 -7.72
C GLY A 34 -17.04 -8.61 -9.16
N ASP A 35 -17.04 -7.43 -9.78
CA ASP A 35 -16.62 -7.31 -11.17
C ASP A 35 -15.12 -7.04 -11.26
N LYS A 36 -14.53 -6.57 -10.16
CA LYS A 36 -13.11 -6.27 -10.13
C LYS A 36 -12.46 -6.81 -8.86
N VAL A 37 -11.26 -7.34 -8.99
CA VAL A 37 -10.53 -7.90 -7.86
C VAL A 37 -9.03 -7.62 -7.98
N HIS A 38 -8.34 -7.65 -6.85
CA HIS A 38 -6.89 -7.39 -6.81
C HIS A 38 -6.27 -8.01 -5.56
N THR A 39 -5.04 -8.48 -5.69
CA THR A 39 -4.34 -9.09 -4.57
C THR A 39 -2.98 -8.43 -4.32
N VAL A 40 -2.71 -8.11 -3.06
CA VAL A 40 -1.46 -7.47 -2.68
C VAL A 40 -0.80 -8.24 -1.55
N VAL A 41 0.47 -8.54 -1.72
CA VAL A 41 1.18 -9.26 -0.67
C VAL A 41 2.04 -8.30 0.15
N LEU A 42 1.59 -8.04 1.37
CA LEU A 42 2.29 -7.14 2.29
C LEU A 42 3.77 -7.53 2.40
N SER A 43 4.08 -8.79 2.15
CA SER A 43 5.46 -9.27 2.22
C SER A 43 6.31 -8.63 1.13
N THR A 44 5.69 -8.37 -0.01
CA THR A 44 6.37 -7.76 -1.14
C THR A 44 6.29 -6.25 -1.03
N ILE A 45 5.18 -5.78 -0.50
CA ILE A 45 4.96 -4.35 -0.34
C ILE A 45 6.18 -3.66 0.25
N ASP A 46 6.98 -3.06 -0.63
CA ASP A 46 8.19 -2.36 -0.22
C ASP A 46 7.91 -1.36 0.89
N LYS A 47 6.70 -0.77 0.89
CA LYS A 47 6.35 0.21 1.90
C LYS A 47 4.90 0.66 1.74
N LEU A 48 4.34 1.20 2.82
CA LEU A 48 2.98 1.69 2.82
C LEU A 48 2.95 3.21 2.86
N GLN A 49 1.90 3.80 2.33
CA GLN A 49 1.77 5.25 2.31
C GLN A 49 0.29 5.65 2.33
N ALA A 50 -0.06 6.57 3.21
CA ALA A 50 -1.43 7.03 3.32
C ALA A 50 -1.50 8.55 3.51
N THR A 51 -2.60 9.14 3.06
CA THR A 51 -2.80 10.58 3.18
C THR A 51 -3.42 10.94 4.54
N PRO A 52 -2.58 11.36 5.49
CA PRO A 52 -3.02 11.76 6.84
C PRO A 52 -4.21 12.72 6.79
N ALA A 53 -4.89 12.87 7.93
CA ALA A 53 -6.04 13.75 8.02
C ALA A 53 -5.66 15.18 7.65
N SER A 54 -4.36 15.49 7.65
CA SER A 54 -3.89 16.82 7.30
C SER A 54 -4.05 17.09 5.81
N SER A 55 -4.15 16.02 5.02
CA SER A 55 -4.31 16.14 3.59
C SER A 55 -5.77 16.07 3.19
N GLU A 56 -6.26 17.11 2.53
CA GLU A 56 -7.65 17.17 2.09
C GLU A 56 -7.99 15.98 1.19
N LYS A 57 -6.97 15.39 0.58
CA LYS A 57 -7.16 14.25 -0.32
C LYS A 57 -6.94 12.94 0.44
N MET A 58 -7.99 12.14 0.53
CA MET A 58 -7.91 10.85 1.21
C MET A 58 -7.65 9.72 0.23
N MET A 59 -6.42 9.21 0.23
CA MET A 59 -6.05 8.13 -0.67
C MET A 59 -4.92 7.28 -0.07
N LEU A 60 -5.01 5.97 -0.24
CA LEU A 60 -4.00 5.06 0.28
C LEU A 60 -3.06 4.61 -0.84
N ARG A 61 -1.78 4.42 -0.50
CA ARG A 61 -0.78 4.00 -1.47
C ARG A 61 -0.02 2.78 -0.96
N LEU A 62 0.26 1.85 -1.87
CA LEU A 62 0.98 0.62 -1.52
C LEU A 62 2.17 0.40 -2.44
N ILE A 63 3.38 0.46 -1.87
CA ILE A 63 4.59 0.25 -2.64
C ILE A 63 4.93 -1.23 -2.71
N GLY A 64 5.16 -1.73 -3.92
CA GLY A 64 5.48 -3.13 -4.09
C GLY A 64 6.98 -3.38 -4.20
N LYS A 65 7.38 -4.63 -4.04
CA LYS A 65 8.79 -4.99 -4.13
C LYS A 65 9.38 -4.56 -5.47
N VAL A 66 10.67 -4.22 -5.46
CA VAL A 66 11.35 -3.78 -6.65
C VAL A 66 12.12 -4.94 -7.29
N ASP A 67 13.41 -4.80 -7.35
CA ASP A 67 14.29 -5.81 -7.93
C ASP A 67 14.22 -5.74 -9.46
N GLU A 68 14.98 -6.62 -10.12
CA GLU A 68 15.00 -6.65 -11.58
C GLU A 68 14.06 -7.72 -12.12
N SER A 69 13.01 -8.02 -11.37
CA SER A 69 12.03 -9.03 -11.77
C SER A 69 10.69 -8.40 -12.08
N LYS A 70 10.72 -7.15 -12.53
CA LYS A 70 9.48 -6.42 -12.87
C LYS A 70 9.72 -5.48 -14.04
N LYS A 71 10.54 -4.46 -13.82
CA LYS A 71 10.85 -3.48 -14.85
C LYS A 71 9.58 -2.76 -15.31
N ARG A 72 9.75 -1.63 -15.97
CA ARG A 72 8.62 -0.85 -16.47
C ARG A 72 9.11 0.37 -17.27
N LYS A 73 8.16 1.18 -17.71
CA LYS A 73 8.50 2.38 -18.49
C LYS A 73 8.60 3.59 -17.59
N ASP A 74 9.28 4.63 -18.08
CA ASP A 74 9.46 5.86 -17.31
C ASP A 74 8.44 6.91 -17.73
N ASN A 75 7.29 6.46 -18.23
CA ASN A 75 6.22 7.36 -18.67
C ASN A 75 6.55 7.99 -20.02
N GLU A 76 7.72 7.67 -20.58
CA GLU A 76 8.13 8.21 -21.86
C GLU A 76 8.11 7.14 -22.94
N GLY A 77 8.41 5.91 -22.53
CA GLY A 77 8.43 4.80 -23.45
C GLY A 77 9.69 3.96 -23.33
N ASN A 78 10.63 4.42 -22.51
CA ASN A 78 11.88 3.69 -22.32
C ASN A 78 11.76 2.68 -21.18
N GLU A 79 12.28 1.48 -21.40
CA GLU A 79 12.23 0.43 -20.39
C GLU A 79 13.29 0.65 -19.31
N VAL A 80 12.84 0.92 -18.09
CA VAL A 80 13.74 1.15 -16.98
C VAL A 80 13.06 0.85 -15.65
N VAL A 81 13.73 1.17 -14.55
CA VAL A 81 13.19 0.93 -13.22
C VAL A 81 13.28 2.18 -12.35
N PRO A 82 12.46 3.20 -12.65
CA PRO A 82 12.45 4.46 -11.87
C PRO A 82 12.02 4.24 -10.43
N LYS A 83 10.80 3.72 -10.26
CA LYS A 83 10.26 3.47 -8.93
C LYS A 83 9.57 2.10 -8.89
N PRO A 84 9.48 1.50 -7.69
CA PRO A 84 8.85 0.19 -7.50
C PRO A 84 7.35 0.22 -7.81
N GLN A 85 6.85 -0.89 -8.35
CA GLN A 85 5.42 -0.99 -8.68
C GLN A 85 4.56 -0.80 -7.44
N ARG A 86 3.68 0.19 -7.47
CA ARG A 86 2.81 0.48 -6.34
C ARG A 86 1.34 0.53 -6.77
N HIS A 87 0.45 0.36 -5.81
CA HIS A 87 -0.98 0.39 -6.08
C HIS A 87 -1.62 1.62 -5.45
N MET A 88 -2.24 2.45 -6.27
CA MET A 88 -2.88 3.67 -5.79
C MET A 88 -4.34 3.40 -5.40
N PHE A 89 -4.60 3.46 -4.09
CA PHE A 89 -5.95 3.23 -3.58
C PHE A 89 -6.56 4.54 -3.10
N SER A 90 -7.88 4.67 -3.23
CA SER A 90 -8.58 5.88 -2.81
C SER A 90 -9.73 5.56 -1.88
N PHE A 91 -9.73 6.16 -0.69
CA PHE A 91 -10.79 5.93 0.28
C PHE A 91 -11.74 7.13 0.33
N ASN A 92 -12.82 6.99 1.09
CA ASN A 92 -13.81 8.06 1.21
C ASN A 92 -14.14 8.36 2.67
N ASN A 93 -13.14 8.26 3.54
CA ASN A 93 -13.33 8.53 4.96
C ASN A 93 -12.01 8.50 5.71
N ARG A 94 -11.95 9.21 6.83
CA ARG A 94 -10.74 9.26 7.64
C ARG A 94 -10.56 7.98 8.44
N THR A 95 -11.66 7.42 8.92
CA THR A 95 -11.63 6.20 9.69
C THR A 95 -11.35 5.00 8.80
N VAL A 96 -12.06 4.92 7.67
CA VAL A 96 -11.87 3.81 6.74
C VAL A 96 -10.42 3.73 6.27
N MET A 97 -9.86 4.88 5.90
CA MET A 97 -8.47 4.92 5.43
C MET A 97 -7.53 4.60 6.57
N ASP A 98 -7.90 5.03 7.77
CA ASP A 98 -7.10 4.79 8.96
C ASP A 98 -7.16 3.31 9.36
N ASN A 99 -8.27 2.66 9.05
CA ASN A 99 -8.44 1.25 9.37
C ASN A 99 -7.45 0.40 8.60
N ILE A 100 -7.14 0.81 7.37
CA ILE A 100 -6.20 0.08 6.54
C ILE A 100 -4.76 0.52 6.82
N LYS A 101 -4.55 1.83 6.87
CA LYS A 101 -3.23 2.37 7.14
C LYS A 101 -2.68 1.90 8.48
N MET A 102 -3.57 1.76 9.46
CA MET A 102 -3.17 1.33 10.79
C MET A 102 -3.09 -0.20 10.88
N THR A 103 -3.86 -0.87 10.05
CA THR A 103 -3.87 -2.34 10.04
C THR A 103 -2.75 -2.90 9.17
N LEU A 104 -2.59 -2.34 7.98
CA LEU A 104 -1.55 -2.80 7.07
C LEU A 104 -0.19 -2.76 7.75
N GLN A 105 0.11 -1.62 8.37
CA GLN A 105 1.38 -1.45 9.07
C GLN A 105 1.61 -2.60 10.05
N GLN A 106 0.52 -3.17 10.56
CA GLN A 106 0.61 -4.28 11.49
C GLN A 106 1.31 -5.46 10.82
N ILE A 107 1.05 -5.62 9.53
CA ILE A 107 1.66 -6.68 8.75
C ILE A 107 3.05 -6.26 8.31
N ILE A 108 3.19 -4.97 8.01
CA ILE A 108 4.46 -4.40 7.58
C ILE A 108 5.53 -4.63 8.65
N SER A 109 5.25 -4.13 9.85
CA SER A 109 6.17 -4.27 10.97
C SER A 109 6.51 -5.73 11.23
N ARG A 110 5.60 -6.63 10.84
CA ARG A 110 5.81 -8.06 11.02
C ARG A 110 7.13 -8.49 10.41
N TYR A 111 7.38 -8.07 9.18
CA TYR A 111 8.61 -8.40 8.49
C TYR A 111 9.78 -7.61 9.08
N LYS A 112 9.47 -6.44 9.62
CA LYS A 112 10.49 -5.58 10.22
C LYS A 112 11.26 -6.31 11.31
N ASP A 113 10.56 -6.61 12.41
CA ASP A 113 11.18 -7.31 13.53
C ASP A 113 11.72 -8.67 13.09
N ALA A 114 11.06 -9.28 12.11
CA ALA A 114 11.47 -10.57 11.59
C ALA A 114 12.82 -10.49 10.89
N ASP A 115 12.88 -9.67 9.85
CA ASP A 115 14.12 -9.49 9.09
C ASP A 115 15.22 -8.91 9.97
N TYR B 17 2.30 19.54 -1.90
CA TYR B 17 2.92 18.95 -3.11
C TYR B 17 3.89 17.83 -2.75
N ASP B 18 4.66 18.04 -1.68
CA ASP B 18 5.63 17.05 -1.23
C ASP B 18 4.98 16.08 -0.23
N SER B 19 4.68 16.60 0.96
CA SER B 19 4.06 15.78 2.00
C SER B 19 2.61 16.20 2.24
N GLU B 20 2.34 17.49 2.04
CA GLU B 20 0.99 18.02 2.24
C GLU B 20 0.01 17.35 1.28
N GLU B 21 0.50 16.92 0.13
CA GLU B 21 -0.34 16.27 -0.87
C GLU B 21 -0.49 14.78 -0.56
N PHE B 22 0.53 14.20 0.06
CA PHE B 22 0.52 12.78 0.40
C PHE B 22 1.66 12.45 1.36
N GLU B 23 1.34 11.68 2.41
CA GLU B 23 2.34 11.29 3.39
C GLU B 23 2.69 9.80 3.25
N ASP B 24 3.98 9.51 3.22
CA ASP B 24 4.46 8.14 3.09
C ASP B 24 4.78 7.54 4.46
N VAL B 25 4.53 6.23 4.59
CA VAL B 25 4.79 5.53 5.85
C VAL B 25 6.15 4.85 5.81
N THR B 26 6.63 4.42 6.97
CA THR B 26 7.92 3.74 7.07
C THR B 26 8.07 2.67 6.01
N ASP B 27 9.31 2.26 5.75
CA ASP B 27 9.58 1.23 4.76
C ASP B 27 10.45 0.13 5.35
N GLY B 28 11.53 0.52 6.03
CA GLY B 28 12.42 -0.45 6.63
C GLY B 28 13.82 0.10 6.83
N ASN B 29 13.96 1.05 7.74
CA ASN B 29 15.26 1.67 8.02
C ASN B 29 15.70 1.36 9.44
N GLU B 30 16.72 0.53 9.58
CA GLU B 30 17.24 0.16 10.89
C GLU B 30 18.60 0.78 11.13
N VAL B 31 18.81 1.98 10.59
CA VAL B 31 20.08 2.68 10.75
C VAL B 31 20.02 4.06 10.10
N PRO A 1 -14.55 -5.13 11.14
CA PRO A 1 -14.02 -3.98 10.34
C PRO A 1 -12.71 -3.46 10.93
N SER A 2 -11.74 -4.35 11.10
CA SER A 2 -10.45 -3.98 11.66
C SER A 2 -9.33 -4.18 10.63
N HIS A 3 -9.33 -5.34 9.99
CA HIS A 3 -8.32 -5.66 8.98
C HIS A 3 -8.97 -5.83 7.61
N SER A 4 -9.94 -4.98 7.30
CA SER A 4 -10.64 -5.03 6.02
C SER A 4 -11.71 -3.95 5.92
N GLY A 5 -11.65 -3.16 4.86
CA GLY A 5 -12.62 -2.10 4.67
C GLY A 5 -13.03 -1.97 3.22
N ALA A 6 -13.50 -0.79 2.84
CA ALA A 6 -13.92 -0.55 1.46
C ALA A 6 -12.94 0.39 0.76
N ALA A 7 -12.16 -0.17 -0.16
CA ALA A 7 -11.17 0.63 -0.88
C ALA A 7 -11.48 0.66 -2.38
N ILE A 8 -11.04 1.74 -3.03
CA ILE A 8 -11.26 1.90 -4.47
C ILE A 8 -10.03 1.49 -5.26
N PHE A 9 -10.23 0.92 -6.44
CA PHE A 9 -9.12 0.49 -7.29
C PHE A 9 -9.40 0.82 -8.75
N GLU A 10 -8.63 1.75 -9.30
CA GLU A 10 -8.79 2.16 -10.69
C GLU A 10 -10.10 2.93 -10.91
N LYS A 11 -10.49 3.70 -9.89
CA LYS A 11 -11.71 4.51 -9.95
C LYS A 11 -12.96 3.69 -9.59
N VAL A 12 -12.79 2.38 -9.42
CA VAL A 12 -13.92 1.53 -9.06
C VAL A 12 -13.85 1.15 -7.59
N SER A 13 -14.94 1.37 -6.88
CA SER A 13 -14.99 1.06 -5.46
C SER A 13 -15.01 -0.45 -5.24
N GLY A 14 -14.61 -0.87 -4.05
CA GLY A 14 -14.59 -2.28 -3.73
C GLY A 14 -14.42 -2.54 -2.26
N ILE A 15 -13.82 -3.67 -1.93
CA ILE A 15 -13.60 -4.03 -0.55
C ILE A 15 -12.16 -4.49 -0.33
N ILE A 16 -11.46 -3.80 0.55
CA ILE A 16 -10.09 -4.15 0.85
C ILE A 16 -10.05 -4.99 2.12
N ALA A 17 -9.50 -6.18 2.02
CA ALA A 17 -9.44 -7.07 3.17
C ALA A 17 -8.10 -7.80 3.23
N ILE A 18 -7.48 -7.76 4.41
CA ILE A 18 -6.19 -8.41 4.62
C ILE A 18 -6.35 -9.90 4.87
N ASN A 19 -5.60 -10.70 4.11
CA ASN A 19 -5.65 -12.15 4.25
C ASN A 19 -4.57 -12.64 5.21
N GLU A 20 -4.94 -12.77 6.48
CA GLU A 20 -4.00 -13.23 7.49
C GLU A 20 -4.15 -14.74 7.73
N ASP A 21 -4.64 -15.45 6.73
CA ASP A 21 -4.82 -16.88 6.82
C ASP A 21 -3.74 -17.63 6.04
N VAL A 22 -2.92 -16.88 5.30
CA VAL A 22 -1.85 -17.48 4.51
C VAL A 22 -0.49 -17.25 5.18
N SER A 23 0.57 -17.69 4.52
CA SER A 23 1.91 -17.50 5.06
C SER A 23 2.24 -16.01 5.10
N PRO A 24 2.38 -15.35 3.94
CA PRO A 24 2.65 -13.93 3.88
C PRO A 24 1.35 -13.13 3.84
N ALA A 25 1.06 -12.43 4.93
CA ALA A 25 -0.16 -11.64 5.02
C ALA A 25 -0.34 -10.77 3.78
N GLU A 26 -1.41 -11.03 3.03
CA GLU A 26 -1.70 -10.28 1.82
C GLU A 26 -2.93 -9.40 1.99
N LEU A 27 -3.19 -8.55 1.00
CA LEU A 27 -4.34 -7.66 1.02
C LEU A 27 -5.20 -7.93 -0.21
N THR A 28 -6.37 -8.51 -0.01
CA THR A 28 -7.25 -8.85 -1.12
C THR A 28 -8.38 -7.82 -1.32
N TRP A 29 -8.33 -7.13 -2.45
CA TRP A 29 -9.35 -6.15 -2.79
C TRP A 29 -10.47 -6.80 -3.59
N ARG A 30 -11.64 -6.91 -2.98
CA ARG A 30 -12.80 -7.51 -3.64
C ARG A 30 -13.86 -6.45 -3.88
N SER A 31 -14.13 -6.15 -5.15
CA SER A 31 -15.12 -5.15 -5.52
C SER A 31 -16.41 -5.34 -4.74
N THR A 32 -17.29 -4.35 -4.80
CA THR A 32 -18.56 -4.41 -4.11
C THR A 32 -19.50 -5.38 -4.83
N ASP A 33 -19.47 -5.29 -6.14
CA ASP A 33 -20.29 -6.14 -6.99
C ASP A 33 -19.62 -7.49 -7.22
N GLY A 34 -18.30 -7.47 -7.36
CA GLY A 34 -17.56 -8.70 -7.58
C GLY A 34 -17.06 -8.80 -9.01
N ASP A 35 -16.90 -7.66 -9.67
CA ASP A 35 -16.42 -7.64 -11.05
C ASP A 35 -14.93 -7.30 -11.10
N LYS A 36 -14.41 -6.71 -10.02
CA LYS A 36 -13.01 -6.33 -9.96
C LYS A 36 -12.35 -6.89 -8.70
N VAL A 37 -11.12 -7.38 -8.85
CA VAL A 37 -10.38 -7.94 -7.73
C VAL A 37 -8.89 -7.62 -7.86
N HIS A 38 -8.23 -7.45 -6.72
CA HIS A 38 -6.80 -7.14 -6.71
C HIS A 38 -6.18 -7.51 -5.36
N THR A 39 -5.20 -8.42 -5.40
CA THR A 39 -4.53 -8.86 -4.18
C THR A 39 -3.14 -8.26 -4.07
N VAL A 40 -2.75 -7.95 -2.83
CA VAL A 40 -1.44 -7.37 -2.57
C VAL A 40 -0.73 -8.14 -1.47
N VAL A 41 0.54 -8.41 -1.68
CA VAL A 41 1.30 -9.12 -0.68
C VAL A 41 2.16 -8.17 0.15
N LEU A 42 1.73 -7.93 1.37
CA LEU A 42 2.44 -7.03 2.28
C LEU A 42 3.89 -7.44 2.44
N SER A 43 4.18 -8.71 2.18
CA SER A 43 5.55 -9.21 2.30
C SER A 43 6.47 -8.51 1.32
N THR A 44 5.92 -8.12 0.18
CA THR A 44 6.69 -7.41 -0.84
C THR A 44 6.54 -5.92 -0.68
N ILE A 45 5.37 -5.51 -0.22
CA ILE A 45 5.07 -4.10 0.00
C ILE A 45 6.21 -3.39 0.72
N ASP A 46 7.02 -2.68 -0.04
CA ASP A 46 8.16 -1.95 0.51
C ASP A 46 7.72 -0.95 1.58
N LYS A 47 6.52 -0.40 1.40
CA LYS A 47 6.01 0.58 2.36
C LYS A 47 4.55 0.94 2.06
N LEU A 48 3.92 1.62 3.01
CA LEU A 48 2.54 2.05 2.85
C LEU A 48 2.47 3.56 2.67
N GLN A 49 1.35 4.05 2.16
CA GLN A 49 1.16 5.48 1.94
C GLN A 49 -0.25 5.92 2.30
N ALA A 50 -0.35 7.08 2.94
CA ALA A 50 -1.64 7.62 3.35
C ALA A 50 -1.63 9.14 3.33
N THR A 51 -2.65 9.74 2.73
CA THR A 51 -2.76 11.18 2.64
C THR A 51 -2.82 11.81 4.03
N PRO A 52 -1.70 12.42 4.47
CA PRO A 52 -1.60 13.08 5.77
C PRO A 52 -2.76 14.03 6.03
N ALA A 53 -2.95 14.41 7.28
CA ALA A 53 -4.03 15.32 7.65
C ALA A 53 -3.96 16.63 6.85
N SER A 54 -2.79 16.91 6.27
CA SER A 54 -2.60 18.12 5.48
C SER A 54 -3.22 17.97 4.09
N SER A 55 -3.40 16.73 3.66
CA SER A 55 -3.96 16.44 2.35
C SER A 55 -5.48 16.32 2.43
N GLU A 56 -6.18 17.25 1.78
CA GLU A 56 -7.64 17.25 1.79
C GLU A 56 -8.19 15.99 1.12
N LYS A 57 -7.37 15.38 0.27
CA LYS A 57 -7.78 14.17 -0.44
C LYS A 57 -7.38 12.93 0.35
N MET A 58 -8.35 12.04 0.57
CA MET A 58 -8.10 10.81 1.32
C MET A 58 -7.78 9.66 0.37
N MET A 59 -6.51 9.28 0.32
CA MET A 59 -6.07 8.18 -0.55
C MET A 59 -4.82 7.51 0.02
N LEU A 60 -4.77 6.19 -0.08
CA LEU A 60 -3.63 5.43 0.42
C LEU A 60 -2.94 4.70 -0.72
N ARG A 61 -1.60 4.71 -0.71
CA ARG A 61 -0.82 4.04 -1.73
C ARG A 61 -0.03 2.87 -1.14
N LEU A 62 0.27 1.88 -1.97
CA LEU A 62 1.01 0.70 -1.52
C LEU A 62 2.29 0.52 -2.34
N ILE A 63 3.43 0.66 -1.69
CA ILE A 63 4.71 0.50 -2.35
C ILE A 63 5.14 -0.96 -2.35
N GLY A 64 5.54 -1.46 -3.51
CA GLY A 64 5.97 -2.85 -3.62
C GLY A 64 7.45 -2.99 -3.89
N LYS A 65 7.93 -4.23 -3.91
CA LYS A 65 9.35 -4.48 -4.16
C LYS A 65 9.63 -4.55 -5.65
N VAL A 66 10.77 -4.02 -6.06
CA VAL A 66 11.17 -4.03 -7.46
C VAL A 66 11.70 -5.37 -7.88
N ASP A 67 11.88 -6.21 -6.89
CA ASP A 67 12.38 -7.57 -7.08
C ASP A 67 13.78 -7.54 -7.70
N GLU A 68 14.30 -8.72 -8.00
CA GLU A 68 15.63 -8.83 -8.59
C GLU A 68 15.54 -9.27 -10.06
N SER A 69 14.42 -9.88 -10.43
CA SER A 69 14.21 -10.34 -11.79
C SER A 69 13.30 -9.40 -12.57
N LYS A 70 12.53 -8.60 -11.84
CA LYS A 70 11.60 -7.65 -12.45
C LYS A 70 12.31 -6.33 -12.78
N LYS A 71 13.49 -6.12 -12.18
CA LYS A 71 14.26 -4.90 -12.40
C LYS A 71 14.32 -4.55 -13.89
N ARG A 72 13.60 -3.50 -14.27
CA ARG A 72 13.57 -3.05 -15.65
C ARG A 72 14.97 -2.65 -16.11
N LYS A 73 15.04 -1.95 -17.24
CA LYS A 73 16.32 -1.52 -17.79
C LYS A 73 16.43 0.01 -17.80
N ASP A 74 17.52 0.51 -18.38
CA ASP A 74 17.74 1.94 -18.46
C ASP A 74 17.56 2.46 -19.89
N ASN A 75 16.40 2.14 -20.47
CA ASN A 75 16.08 2.58 -21.84
C ASN A 75 16.70 1.67 -22.89
N GLU A 76 18.00 1.46 -22.76
CA GLU A 76 18.74 0.64 -23.71
C GLU A 76 18.71 -0.83 -23.30
N GLY A 77 18.95 -1.05 -22.03
CA GLY A 77 18.96 -2.41 -21.49
C GLY A 77 19.77 -2.53 -20.22
N ASN A 78 20.02 -1.41 -19.55
CA ASN A 78 20.80 -1.41 -18.32
C ASN A 78 19.89 -1.65 -17.11
N GLU A 79 20.05 -2.80 -16.47
CA GLU A 79 19.26 -3.15 -15.30
C GLU A 79 19.43 -2.10 -14.21
N VAL A 80 18.32 -1.63 -13.65
CA VAL A 80 18.36 -0.62 -12.59
C VAL A 80 17.11 -0.68 -11.72
N VAL A 81 16.96 0.32 -10.86
CA VAL A 81 15.81 0.40 -9.96
C VAL A 81 15.36 1.84 -9.78
N PRO A 82 14.71 2.43 -10.80
CA PRO A 82 14.24 3.82 -10.75
C PRO A 82 13.04 4.00 -9.83
N LYS A 83 12.03 3.15 -9.98
CA LYS A 83 10.83 3.23 -9.16
C LYS A 83 10.29 1.85 -8.82
N PRO A 84 9.85 1.65 -7.56
CA PRO A 84 9.31 0.37 -7.11
C PRO A 84 7.85 0.19 -7.48
N GLN A 85 7.47 -1.03 -7.87
CA GLN A 85 6.09 -1.31 -8.25
C GLN A 85 5.14 -1.03 -7.09
N ARG A 86 4.27 -0.05 -7.28
CA ARG A 86 3.32 0.33 -6.23
C ARG A 86 1.90 0.43 -6.79
N HIS A 87 0.92 0.40 -5.88
CA HIS A 87 -0.48 0.51 -6.26
C HIS A 87 -1.11 1.77 -5.68
N MET A 88 -2.11 2.30 -6.38
CA MET A 88 -2.79 3.51 -5.92
C MET A 88 -4.21 3.21 -5.47
N PHE A 89 -4.44 3.32 -4.16
CA PHE A 89 -5.76 3.06 -3.60
C PHE A 89 -6.36 4.36 -3.05
N SER A 90 -7.65 4.55 -3.29
CA SER A 90 -8.34 5.75 -2.83
C SER A 90 -9.33 5.42 -1.71
N PHE A 91 -9.33 6.25 -0.67
CA PHE A 91 -10.22 6.06 0.46
C PHE A 91 -11.26 7.18 0.53
N ASN A 92 -12.51 6.80 0.75
CA ASN A 92 -13.60 7.77 0.83
C ASN A 92 -13.98 8.07 2.28
N ASN A 93 -13.62 7.16 3.18
CA ASN A 93 -13.93 7.32 4.59
C ASN A 93 -12.65 7.49 5.41
N ARG A 94 -12.73 8.29 6.46
CA ARG A 94 -11.58 8.54 7.32
C ARG A 94 -11.41 7.41 8.33
N THR A 95 -12.53 6.88 8.81
CA THR A 95 -12.51 5.81 9.77
C THR A 95 -11.87 4.54 9.19
N VAL A 96 -12.35 4.13 8.02
CA VAL A 96 -11.82 2.96 7.36
C VAL A 96 -10.32 3.07 7.14
N MET A 97 -9.87 4.27 6.80
CA MET A 97 -8.46 4.53 6.56
C MET A 97 -7.67 4.34 7.85
N ASP A 98 -8.30 4.70 8.96
CA ASP A 98 -7.67 4.57 10.27
C ASP A 98 -7.43 3.11 10.64
N ASN A 99 -8.40 2.26 10.28
CA ASN A 99 -8.30 0.83 10.58
C ASN A 99 -7.43 0.13 9.54
N ILE A 100 -7.49 0.61 8.29
CA ILE A 100 -6.71 0.02 7.21
C ILE A 100 -5.24 0.37 7.33
N LYS A 101 -4.95 1.67 7.44
CA LYS A 101 -3.58 2.15 7.55
C LYS A 101 -2.88 1.53 8.77
N MET A 102 -3.58 1.46 9.88
CA MET A 102 -3.03 0.90 11.11
C MET A 102 -2.85 -0.61 11.00
N THR A 103 -3.82 -1.25 10.38
CA THR A 103 -3.78 -2.70 10.21
C THR A 103 -2.78 -3.12 9.14
N LEU A 104 -2.68 -2.32 8.08
CA LEU A 104 -1.74 -2.62 7.01
C LEU A 104 -0.33 -2.57 7.54
N GLN A 105 0.06 -1.42 8.09
CA GLN A 105 1.39 -1.24 8.66
C GLN A 105 1.69 -2.34 9.66
N GLN A 106 0.64 -2.89 10.26
CA GLN A 106 0.79 -3.97 11.23
C GLN A 106 1.40 -5.19 10.56
N ILE A 107 1.03 -5.38 9.30
CA ILE A 107 1.54 -6.50 8.51
C ILE A 107 2.92 -6.14 7.95
N ILE A 108 3.07 -4.87 7.59
CA ILE A 108 4.32 -4.36 7.06
C ILE A 108 5.48 -4.69 7.99
N SER A 109 5.41 -4.14 9.20
CA SER A 109 6.45 -4.37 10.20
C SER A 109 6.60 -5.86 10.51
N ARG A 110 5.53 -6.62 10.27
CA ARG A 110 5.54 -8.06 10.51
C ARG A 110 6.76 -8.73 9.88
N TYR A 111 7.27 -8.12 8.82
CA TYR A 111 8.44 -8.64 8.12
C TYR A 111 9.72 -7.95 8.59
N LYS A 112 9.58 -6.68 9.00
CA LYS A 112 10.71 -5.91 9.46
C LYS A 112 11.19 -6.41 10.83
N ASP A 113 10.30 -6.37 11.82
CA ASP A 113 10.63 -6.82 13.16
C ASP A 113 11.08 -8.27 13.15
N ALA A 114 10.54 -9.05 12.22
CA ALA A 114 10.89 -10.46 12.11
C ALA A 114 12.29 -10.63 11.53
N ASP A 115 12.69 -9.71 10.66
CA ASP A 115 14.00 -9.77 10.03
C ASP A 115 15.05 -9.11 10.92
N TYR B 17 5.92 15.17 -7.13
CA TYR B 17 4.51 15.48 -7.49
C TYR B 17 3.55 14.47 -6.86
N ASP B 18 3.88 13.19 -6.97
CA ASP B 18 3.05 12.14 -6.41
C ASP B 18 3.44 11.83 -4.97
N SER B 19 4.73 12.00 -4.66
CA SER B 19 5.23 11.75 -3.32
C SER B 19 5.30 13.04 -2.50
N GLU B 20 5.54 14.16 -3.19
CA GLU B 20 5.63 15.45 -2.53
C GLU B 20 4.33 15.80 -1.83
N GLU B 21 3.22 15.32 -2.38
CA GLU B 21 1.90 15.57 -1.79
C GLU B 21 1.54 14.51 -0.76
N PHE B 22 1.43 13.26 -1.23
CA PHE B 22 1.10 12.15 -0.35
C PHE B 22 2.32 11.69 0.45
N GLU B 23 2.13 11.47 1.74
CA GLU B 23 3.23 11.04 2.61
C GLU B 23 3.14 9.54 2.89
N ASP B 24 4.28 8.93 3.19
CA ASP B 24 4.34 7.51 3.48
C ASP B 24 4.14 7.24 4.97
N VAL B 25 3.80 5.99 5.30
CA VAL B 25 3.57 5.61 6.68
C VAL B 25 4.17 4.23 6.97
N THR B 26 5.23 4.22 7.78
CA THR B 26 5.90 2.97 8.13
C THR B 26 6.45 3.03 9.55
N ASP B 27 7.13 1.96 9.97
CA ASP B 27 7.71 1.90 11.31
C ASP B 27 8.89 0.93 11.33
N GLY B 28 10.02 1.37 10.81
CA GLY B 28 11.21 0.54 10.79
C GLY B 28 11.98 0.59 12.10
N ASN B 29 11.84 -0.46 12.91
CA ASN B 29 12.53 -0.53 14.19
C ASN B 29 14.02 -0.80 13.99
N GLU B 30 14.77 -0.74 15.09
CA GLU B 30 16.21 -0.98 15.05
C GLU B 30 16.78 -1.18 16.44
N VAL B 31 16.69 -2.42 16.93
CA VAL B 31 17.20 -2.74 18.26
C VAL B 31 18.73 -2.77 18.28
N PRO A 1 -14.28 -4.76 11.53
CA PRO A 1 -13.64 -4.18 10.31
C PRO A 1 -12.27 -3.57 10.62
N SER A 2 -11.40 -4.37 11.23
CA SER A 2 -10.07 -3.91 11.57
C SER A 2 -9.06 -4.30 10.49
N HIS A 3 -9.16 -5.52 10.01
CA HIS A 3 -8.25 -6.01 8.97
C HIS A 3 -8.96 -6.08 7.62
N SER A 4 -9.80 -5.09 7.35
CA SER A 4 -10.55 -5.03 6.09
C SER A 4 -11.45 -3.80 6.04
N GLY A 5 -11.37 -3.05 4.95
CA GLY A 5 -12.20 -1.87 4.80
C GLY A 5 -12.54 -1.63 3.34
N ALA A 6 -13.61 -0.87 3.10
CA ALA A 6 -14.02 -0.57 1.73
C ALA A 6 -13.05 0.40 1.08
N ALA A 7 -12.23 -0.12 0.17
CA ALA A 7 -11.25 0.70 -0.52
C ALA A 7 -11.54 0.78 -2.01
N ILE A 8 -11.15 1.91 -2.62
CA ILE A 8 -11.37 2.13 -4.05
C ILE A 8 -10.06 1.92 -4.82
N PHE A 9 -10.17 1.40 -6.03
CA PHE A 9 -8.98 1.15 -6.85
C PHE A 9 -9.21 1.56 -8.30
N GLU A 10 -8.62 2.68 -8.70
CA GLU A 10 -8.76 3.18 -10.06
C GLU A 10 -10.16 3.74 -10.32
N LYS A 11 -10.72 4.40 -9.30
CA LYS A 11 -12.05 5.01 -9.40
C LYS A 11 -13.17 4.01 -9.11
N VAL A 12 -12.85 2.73 -9.06
CA VAL A 12 -13.85 1.71 -8.79
C VAL A 12 -13.84 1.31 -7.32
N SER A 13 -14.98 1.44 -6.67
CA SER A 13 -15.07 1.10 -5.26
C SER A 13 -15.10 -0.41 -5.07
N GLY A 14 -14.68 -0.86 -3.89
CA GLY A 14 -14.66 -2.27 -3.59
C GLY A 14 -14.48 -2.54 -2.11
N ILE A 15 -13.80 -3.62 -1.80
CA ILE A 15 -13.54 -3.99 -0.41
C ILE A 15 -12.11 -4.46 -0.23
N ILE A 16 -11.39 -3.77 0.63
CA ILE A 16 -10.01 -4.14 0.90
C ILE A 16 -9.96 -5.00 2.15
N ALA A 17 -9.39 -6.18 2.03
CA ALA A 17 -9.32 -7.11 3.15
C ALA A 17 -7.99 -7.85 3.19
N ILE A 18 -7.35 -7.86 4.36
CA ILE A 18 -6.07 -8.54 4.53
C ILE A 18 -6.26 -9.99 4.95
N ASN A 19 -5.80 -10.89 4.11
CA ASN A 19 -5.91 -12.33 4.39
C ASN A 19 -4.77 -12.78 5.29
N GLU A 20 -5.05 -12.93 6.59
CA GLU A 20 -4.05 -13.35 7.54
C GLU A 20 -4.07 -14.87 7.72
N ASP A 21 -4.63 -15.57 6.73
CA ASP A 21 -4.69 -17.03 6.76
C ASP A 21 -3.50 -17.61 6.02
N VAL A 22 -2.84 -16.78 5.23
CA VAL A 22 -1.68 -17.20 4.45
C VAL A 22 -0.40 -17.05 5.27
N SER A 23 0.75 -17.14 4.62
CA SER A 23 2.04 -17.01 5.30
C SER A 23 2.55 -15.57 5.25
N PRO A 24 2.65 -14.99 4.04
CA PRO A 24 3.14 -13.62 3.86
C PRO A 24 2.05 -12.57 3.99
N ALA A 25 0.90 -12.99 4.44
CA ALA A 25 -0.26 -12.10 4.62
C ALA A 25 -0.48 -11.23 3.39
N GLU A 26 -1.57 -11.49 2.68
CA GLU A 26 -1.90 -10.73 1.48
C GLU A 26 -3.12 -9.84 1.69
N LEU A 27 -3.28 -8.85 0.83
CA LEU A 27 -4.40 -7.92 0.88
C LEU A 27 -5.24 -8.07 -0.37
N THR A 28 -6.44 -8.62 -0.22
CA THR A 28 -7.32 -8.85 -1.37
C THR A 28 -8.44 -7.81 -1.48
N TRP A 29 -8.42 -7.06 -2.58
CA TRP A 29 -9.43 -6.06 -2.82
C TRP A 29 -10.60 -6.69 -3.58
N ARG A 30 -11.73 -6.83 -2.91
CA ARG A 30 -12.92 -7.41 -3.54
C ARG A 30 -13.95 -6.34 -3.82
N SER A 31 -14.21 -6.07 -5.09
CA SER A 31 -15.17 -5.06 -5.48
C SER A 31 -16.46 -5.19 -4.69
N THR A 32 -17.27 -4.13 -4.70
CA THR A 32 -18.53 -4.11 -3.98
C THR A 32 -19.53 -4.99 -4.71
N ASP A 33 -19.51 -4.88 -6.02
CA ASP A 33 -20.41 -5.64 -6.87
C ASP A 33 -19.89 -7.07 -7.06
N GLY A 34 -18.58 -7.21 -7.15
CA GLY A 34 -17.98 -8.51 -7.33
C GLY A 34 -17.52 -8.75 -8.76
N ASP A 35 -17.24 -7.67 -9.47
CA ASP A 35 -16.80 -7.76 -10.86
C ASP A 35 -15.29 -7.49 -10.98
N LYS A 36 -14.72 -6.88 -9.94
CA LYS A 36 -13.30 -6.57 -9.95
C LYS A 36 -12.62 -7.09 -8.68
N VAL A 37 -11.38 -7.54 -8.83
CA VAL A 37 -10.62 -8.07 -7.70
C VAL A 37 -9.14 -7.70 -7.81
N HIS A 38 -8.45 -7.71 -6.68
CA HIS A 38 -7.03 -7.38 -6.64
C HIS A 38 -6.36 -8.00 -5.41
N THR A 39 -5.09 -8.39 -5.55
CA THR A 39 -4.37 -9.01 -4.45
C THR A 39 -3.01 -8.33 -4.22
N VAL A 40 -2.67 -8.13 -2.95
CA VAL A 40 -1.40 -7.51 -2.59
C VAL A 40 -0.70 -8.34 -1.53
N VAL A 41 0.59 -8.55 -1.72
CA VAL A 41 1.34 -9.32 -0.76
C VAL A 41 2.16 -8.42 0.16
N LEU A 42 1.65 -8.21 1.36
CA LEU A 42 2.31 -7.35 2.35
C LEU A 42 3.76 -7.78 2.57
N SER A 43 4.06 -9.05 2.32
CA SER A 43 5.41 -9.57 2.48
C SER A 43 6.39 -8.83 1.57
N THR A 44 5.88 -8.35 0.44
CA THR A 44 6.70 -7.62 -0.52
C THR A 44 6.52 -6.13 -0.36
N ILE A 45 5.31 -5.75 0.05
CA ILE A 45 4.98 -4.35 0.24
C ILE A 45 6.06 -3.62 1.05
N ASP A 46 6.92 -2.89 0.34
CA ASP A 46 8.00 -2.17 0.98
C ASP A 46 7.47 -1.15 1.98
N LYS A 47 6.29 -0.61 1.71
CA LYS A 47 5.68 0.37 2.60
C LYS A 47 4.36 0.87 2.04
N LEU A 48 3.49 1.36 2.91
CA LEU A 48 2.19 1.88 2.51
C LEU A 48 2.16 3.38 2.65
N GLN A 49 1.22 4.02 1.98
CA GLN A 49 1.07 5.46 2.04
C GLN A 49 -0.38 5.86 2.30
N ALA A 50 -0.58 6.74 3.27
CA ALA A 50 -1.92 7.19 3.62
C ALA A 50 -2.00 8.71 3.65
N THR A 51 -3.03 9.27 3.01
CA THR A 51 -3.22 10.71 2.97
C THR A 51 -4.03 11.19 4.18
N PRO A 52 -3.34 11.72 5.20
CA PRO A 52 -3.97 12.24 6.42
C PRO A 52 -5.13 13.17 6.11
N ALA A 53 -5.97 13.42 7.11
CA ALA A 53 -7.11 14.31 6.96
C ALA A 53 -6.68 15.71 6.53
N SER A 54 -5.39 16.01 6.67
CA SER A 54 -4.86 17.32 6.30
C SER A 54 -4.84 17.49 4.78
N SER A 55 -4.84 16.37 4.06
CA SER A 55 -4.82 16.40 2.61
C SER A 55 -6.23 16.36 2.04
N GLU A 56 -6.56 17.33 1.19
CA GLU A 56 -7.89 17.40 0.59
C GLU A 56 -8.20 16.13 -0.22
N LYS A 57 -7.14 15.47 -0.67
CA LYS A 57 -7.28 14.25 -1.46
C LYS A 57 -7.06 13.01 -0.58
N MET A 58 -8.11 12.22 -0.40
CA MET A 58 -8.02 11.01 0.41
C MET A 58 -7.74 9.80 -0.46
N MET A 59 -6.51 9.30 -0.40
CA MET A 59 -6.11 8.13 -1.19
C MET A 59 -4.97 7.39 -0.52
N LEU A 60 -5.03 6.05 -0.56
CA LEU A 60 -4.00 5.22 0.04
C LEU A 60 -3.12 4.59 -1.03
N ARG A 61 -1.81 4.53 -0.77
CA ARG A 61 -0.86 3.95 -1.73
C ARG A 61 -0.13 2.76 -1.12
N LEU A 62 0.27 1.82 -1.97
CA LEU A 62 0.98 0.63 -1.52
C LEU A 62 2.27 0.42 -2.32
N ILE A 63 3.39 0.44 -1.61
CA ILE A 63 4.69 0.23 -2.25
C ILE A 63 5.02 -1.26 -2.32
N GLY A 64 5.89 -1.62 -3.25
CA GLY A 64 6.27 -3.01 -3.41
C GLY A 64 7.77 -3.22 -3.30
N LYS A 65 8.19 -4.48 -3.27
CA LYS A 65 9.61 -4.79 -3.17
C LYS A 65 10.29 -4.62 -4.53
N VAL A 66 11.47 -4.02 -4.51
CA VAL A 66 12.23 -3.78 -5.72
C VAL A 66 13.40 -4.77 -5.81
N ASP A 67 14.58 -4.24 -5.93
CA ASP A 67 15.79 -5.03 -6.03
C ASP A 67 17.03 -4.14 -6.09
N GLU A 68 17.92 -4.30 -5.12
CA GLU A 68 19.14 -3.51 -5.07
C GLU A 68 20.33 -4.31 -5.59
N SER A 69 20.07 -5.22 -6.52
CA SER A 69 21.12 -6.04 -7.10
C SER A 69 21.82 -5.32 -8.25
N LYS A 70 21.16 -4.31 -8.81
CA LYS A 70 21.72 -3.55 -9.91
C LYS A 70 22.20 -2.17 -9.43
N LYS A 71 21.35 -1.49 -8.67
CA LYS A 71 21.68 -0.17 -8.16
C LYS A 71 21.95 0.82 -9.29
N ARG A 72 21.10 1.83 -9.39
CA ARG A 72 21.25 2.84 -10.44
C ARG A 72 21.24 4.25 -9.84
N LYS A 73 21.51 5.24 -10.68
CA LYS A 73 21.54 6.63 -10.23
C LYS A 73 20.24 7.35 -10.61
N ASP A 74 20.23 8.66 -10.45
CA ASP A 74 19.06 9.46 -10.78
C ASP A 74 19.44 10.68 -11.62
N ASN A 75 20.55 10.58 -12.34
CA ASN A 75 21.03 11.67 -13.19
C ASN A 75 21.67 12.78 -12.36
N GLU A 76 21.70 12.61 -11.04
CA GLU A 76 22.30 13.62 -10.16
C GLU A 76 23.66 13.16 -9.65
N GLY A 77 23.80 11.84 -9.54
CA GLY A 77 25.05 11.27 -9.07
C GLY A 77 24.89 10.53 -7.76
N ASN A 78 23.69 10.04 -7.50
CA ASN A 78 23.41 9.30 -6.28
C ASN A 78 22.87 7.91 -6.59
N GLU A 79 23.59 6.89 -6.16
CA GLU A 79 23.18 5.50 -6.39
C GLU A 79 21.86 5.20 -5.69
N VAL A 80 20.76 5.56 -6.33
CA VAL A 80 19.44 5.33 -5.77
C VAL A 80 18.96 3.91 -6.05
N VAL A 81 17.72 3.62 -5.69
CA VAL A 81 17.15 2.30 -5.92
C VAL A 81 15.99 2.36 -6.90
N PRO A 82 15.89 1.40 -7.83
CA PRO A 82 14.81 1.36 -8.83
C PRO A 82 13.43 1.46 -8.19
N LYS A 83 12.61 2.35 -8.72
CA LYS A 83 11.26 2.57 -8.21
C LYS A 83 10.48 1.25 -8.20
N PRO A 84 9.97 0.84 -7.01
CA PRO A 84 9.20 -0.40 -6.88
C PRO A 84 7.78 -0.26 -7.43
N GLN A 85 6.99 -1.32 -7.26
CA GLN A 85 5.61 -1.32 -7.74
C GLN A 85 4.72 -0.59 -6.74
N ARG A 86 4.15 0.54 -7.18
CA ARG A 86 3.29 1.33 -6.31
C ARG A 86 1.82 1.19 -6.71
N HIS A 87 1.03 0.64 -5.79
CA HIS A 87 -0.40 0.46 -6.03
C HIS A 87 -1.17 1.66 -5.48
N MET A 88 -1.75 2.45 -6.38
CA MET A 88 -2.51 3.63 -5.98
C MET A 88 -3.96 3.29 -5.68
N PHE A 89 -4.32 3.36 -4.41
CA PHE A 89 -5.69 3.09 -3.98
C PHE A 89 -6.38 4.40 -3.60
N SER A 90 -7.70 4.35 -3.45
CA SER A 90 -8.46 5.55 -3.09
C SER A 90 -9.49 5.23 -2.02
N PHE A 91 -9.58 6.11 -1.02
CA PHE A 91 -10.54 5.94 0.07
C PHE A 91 -11.51 7.11 0.11
N ASN A 92 -12.61 6.94 0.83
CA ASN A 92 -13.63 7.99 0.93
C ASN A 92 -13.69 8.58 2.34
N ASN A 93 -13.27 7.81 3.32
CA ASN A 93 -13.30 8.27 4.71
C ASN A 93 -11.88 8.37 5.28
N ARG A 94 -11.74 9.09 6.38
CA ARG A 94 -10.45 9.26 7.03
C ARG A 94 -10.16 8.13 8.01
N THR A 95 -11.19 7.70 8.73
CA THR A 95 -11.05 6.62 9.69
C THR A 95 -10.87 5.28 8.98
N VAL A 96 -11.60 5.09 7.89
CA VAL A 96 -11.52 3.85 7.13
C VAL A 96 -10.12 3.66 6.56
N MET A 97 -9.55 4.74 6.02
CA MET A 97 -8.21 4.68 5.44
C MET A 97 -7.19 4.39 6.52
N ASP A 98 -7.43 4.94 7.70
CA ASP A 98 -6.55 4.75 8.84
C ASP A 98 -6.55 3.30 9.29
N ASN A 99 -7.68 2.62 9.06
CA ASN A 99 -7.81 1.22 9.44
C ASN A 99 -6.87 0.34 8.62
N ILE A 100 -6.62 0.77 7.39
CA ILE A 100 -5.73 0.02 6.50
C ILE A 100 -4.27 0.37 6.75
N LYS A 101 -3.97 1.67 6.76
CA LYS A 101 -2.61 2.14 6.99
C LYS A 101 -2.04 1.60 8.29
N MET A 102 -2.90 1.45 9.29
CA MET A 102 -2.47 0.94 10.60
C MET A 102 -2.43 -0.58 10.63
N THR A 103 -3.41 -1.19 9.99
CA THR A 103 -3.49 -2.65 9.94
C THR A 103 -2.43 -3.24 9.01
N LEU A 104 -2.26 -2.64 7.85
CA LEU A 104 -1.27 -3.12 6.90
C LEU A 104 0.12 -3.07 7.53
N GLN A 105 0.50 -1.88 7.99
CA GLN A 105 1.80 -1.70 8.63
C GLN A 105 2.00 -2.72 9.75
N GLN A 106 0.89 -3.13 10.36
CA GLN A 106 0.94 -4.11 11.44
C GLN A 106 1.46 -5.43 10.88
N ILE A 107 1.14 -5.69 9.62
CA ILE A 107 1.57 -6.89 8.95
C ILE A 107 2.98 -6.69 8.39
N ILE A 108 3.25 -5.45 7.98
CA ILE A 108 4.55 -5.08 7.45
C ILE A 108 5.63 -5.31 8.49
N SER A 109 5.43 -4.70 9.65
CA SER A 109 6.37 -4.82 10.75
C SER A 109 6.68 -6.28 11.06
N ARG A 110 5.75 -7.16 10.72
CA ARG A 110 5.92 -8.59 10.94
C ARG A 110 7.18 -9.09 10.24
N TYR A 111 7.32 -8.72 8.98
CA TYR A 111 8.48 -9.12 8.19
C TYR A 111 9.72 -8.37 8.65
N LYS A 112 9.51 -7.19 9.22
CA LYS A 112 10.61 -6.36 9.70
C LYS A 112 11.48 -7.13 10.69
N ASP A 113 10.91 -7.44 11.85
CA ASP A 113 11.64 -8.17 12.88
C ASP A 113 12.08 -9.53 12.38
N ALA A 114 11.30 -10.11 11.47
CA ALA A 114 11.62 -11.42 10.91
C ALA A 114 12.85 -11.34 10.01
N ASP A 115 12.92 -10.29 9.19
CA ASP A 115 14.05 -10.11 8.29
C ASP A 115 15.16 -9.31 8.95
N TYR B 17 3.37 18.15 -6.87
CA TYR B 17 2.19 18.38 -6.01
C TYR B 17 1.85 17.14 -5.19
N ASP B 18 1.48 16.07 -5.88
CA ASP B 18 1.14 14.81 -5.22
C ASP B 18 2.32 14.28 -4.41
N SER B 19 3.53 14.56 -4.88
CA SER B 19 4.73 14.11 -4.20
C SER B 19 4.90 14.83 -2.87
N GLU B 20 4.50 16.09 -2.83
CA GLU B 20 4.61 16.89 -1.62
C GLU B 20 3.24 17.16 -1.01
N GLU B 21 2.30 16.24 -1.24
CA GLU B 21 0.95 16.37 -0.71
C GLU B 21 0.61 15.20 0.21
N PHE B 22 1.00 14.00 -0.19
CA PHE B 22 0.74 12.81 0.61
C PHE B 22 1.92 12.48 1.50
N GLU B 23 1.64 11.97 2.70
CA GLU B 23 2.68 11.62 3.65
C GLU B 23 3.05 10.15 3.53
N ASP B 24 4.30 9.82 3.82
CA ASP B 24 4.77 8.44 3.74
C ASP B 24 4.74 7.77 5.11
N VAL B 25 4.54 6.45 5.09
CA VAL B 25 4.47 5.68 6.32
C VAL B 25 5.81 4.97 6.58
N THR B 26 6.00 4.50 7.81
CA THR B 26 7.23 3.81 8.18
C THR B 26 7.62 2.77 7.14
N ASP B 27 8.93 2.59 6.95
CA ASP B 27 9.44 1.62 5.99
C ASP B 27 10.80 1.10 6.41
N GLY B 28 11.42 0.31 5.54
CA GLY B 28 12.73 -0.25 5.84
C GLY B 28 12.65 -1.58 6.57
N ASN B 29 13.79 -2.25 6.71
CA ASN B 29 13.85 -3.53 7.38
C ASN B 29 15.11 -3.65 8.23
N GLU B 30 15.10 -2.99 9.38
CA GLU B 30 16.25 -3.02 10.29
C GLU B 30 16.36 -4.37 10.99
N VAL B 31 17.58 -4.80 11.26
CA VAL B 31 17.83 -6.07 11.93
C VAL B 31 17.52 -5.98 13.42
N PRO A 1 -14.27 -5.86 11.66
CA PRO A 1 -14.00 -5.18 10.36
C PRO A 1 -12.82 -4.22 10.45
N SER A 2 -11.76 -4.65 11.15
CA SER A 2 -10.58 -3.82 11.32
C SER A 2 -9.52 -4.19 10.29
N HIS A 3 -9.51 -5.46 9.88
CA HIS A 3 -8.53 -5.93 8.90
C HIS A 3 -9.15 -5.95 7.50
N SER A 4 -9.95 -4.94 7.20
CA SER A 4 -10.60 -4.84 5.90
C SER A 4 -11.49 -3.59 5.81
N GLY A 5 -11.38 -2.88 4.70
CA GLY A 5 -12.17 -1.68 4.50
C GLY A 5 -12.49 -1.47 3.03
N ALA A 6 -13.55 -0.73 2.76
CA ALA A 6 -13.94 -0.46 1.37
C ALA A 6 -12.96 0.50 0.71
N ALA A 7 -12.13 -0.03 -0.18
CA ALA A 7 -11.13 0.77 -0.88
C ALA A 7 -11.42 0.82 -2.38
N ILE A 8 -11.02 1.92 -3.01
CA ILE A 8 -11.23 2.09 -4.44
C ILE A 8 -9.95 1.81 -5.23
N PHE A 9 -10.10 1.17 -6.38
CA PHE A 9 -8.97 0.86 -7.23
C PHE A 9 -8.99 1.77 -8.45
N GLU A 10 -8.10 2.76 -8.45
CA GLU A 10 -8.01 3.71 -9.56
C GLU A 10 -9.21 4.66 -9.57
N LYS A 11 -10.40 4.07 -9.69
CA LYS A 11 -11.63 4.84 -9.71
C LYS A 11 -12.84 3.97 -9.37
N VAL A 12 -12.66 2.65 -9.34
CA VAL A 12 -13.73 1.72 -9.02
C VAL A 12 -13.69 1.34 -7.55
N SER A 13 -14.81 1.51 -6.87
CA SER A 13 -14.87 1.18 -5.45
C SER A 13 -15.10 -0.31 -5.24
N GLY A 14 -14.44 -0.84 -4.23
CA GLY A 14 -14.56 -2.25 -3.92
C GLY A 14 -14.42 -2.52 -2.43
N ILE A 15 -13.68 -3.58 -2.10
CA ILE A 15 -13.46 -3.94 -0.70
C ILE A 15 -12.03 -4.40 -0.49
N ILE A 16 -11.32 -3.70 0.38
CA ILE A 16 -9.96 -4.06 0.70
C ILE A 16 -9.93 -4.89 1.98
N ALA A 17 -9.36 -6.08 1.89
CA ALA A 17 -9.31 -6.96 3.05
C ALA A 17 -7.98 -7.71 3.11
N ILE A 18 -7.39 -7.73 4.31
CA ILE A 18 -6.11 -8.39 4.52
C ILE A 18 -6.32 -9.88 4.83
N ASN A 19 -5.68 -10.74 4.04
CA ASN A 19 -5.77 -12.18 4.23
C ASN A 19 -4.72 -12.67 5.22
N GLU A 20 -5.12 -12.78 6.48
CA GLU A 20 -4.21 -13.24 7.52
C GLU A 20 -4.38 -14.73 7.77
N ASP A 21 -4.88 -15.44 6.78
CA ASP A 21 -5.10 -16.88 6.89
C ASP A 21 -4.00 -17.66 6.16
N VAL A 22 -3.16 -16.93 5.41
CA VAL A 22 -2.08 -17.56 4.66
C VAL A 22 -0.74 -17.33 5.35
N SER A 23 0.33 -17.78 4.72
CA SER A 23 1.67 -17.59 5.29
C SER A 23 2.02 -16.10 5.28
N PRO A 24 2.17 -15.49 4.09
CA PRO A 24 2.46 -14.07 3.98
C PRO A 24 1.18 -13.25 3.92
N ALA A 25 0.91 -12.52 4.99
CA ALA A 25 -0.30 -11.70 5.05
C ALA A 25 -0.42 -10.80 3.82
N GLU A 26 -1.45 -11.04 3.03
CA GLU A 26 -1.68 -10.27 1.81
C GLU A 26 -2.93 -9.38 1.95
N LEU A 27 -3.07 -8.44 1.02
CA LEU A 27 -4.21 -7.54 1.01
C LEU A 27 -5.01 -7.77 -0.27
N THR A 28 -6.21 -8.33 -0.13
CA THR A 28 -7.05 -8.64 -1.29
C THR A 28 -8.18 -7.64 -1.47
N TRP A 29 -8.21 -7.01 -2.64
CA TRP A 29 -9.24 -6.05 -2.97
C TRP A 29 -10.37 -6.71 -3.75
N ARG A 30 -11.52 -6.84 -3.12
CA ARG A 30 -12.68 -7.45 -3.75
C ARG A 30 -13.74 -6.40 -4.04
N SER A 31 -13.97 -6.13 -5.32
CA SER A 31 -14.96 -5.13 -5.72
C SER A 31 -16.27 -5.30 -4.95
N THR A 32 -17.11 -4.27 -5.00
CA THR A 32 -18.39 -4.30 -4.33
C THR A 32 -19.32 -5.27 -5.03
N ASP A 33 -19.25 -5.24 -6.35
CA ASP A 33 -20.07 -6.10 -7.18
C ASP A 33 -19.42 -7.47 -7.34
N GLY A 34 -18.12 -7.47 -7.57
CA GLY A 34 -17.40 -8.72 -7.73
C GLY A 34 -16.91 -8.92 -9.16
N ASP A 35 -16.80 -7.82 -9.90
CA ASP A 35 -16.34 -7.87 -11.28
C ASP A 35 -14.82 -7.70 -11.36
N LYS A 36 -14.23 -7.17 -10.30
CA LYS A 36 -12.78 -6.96 -10.27
C LYS A 36 -12.18 -7.40 -8.94
N VAL A 37 -10.95 -7.89 -8.99
CA VAL A 37 -10.26 -8.35 -7.80
C VAL A 37 -8.77 -8.03 -7.86
N HIS A 38 -8.15 -7.86 -6.69
CA HIS A 38 -6.72 -7.56 -6.62
C HIS A 38 -6.11 -8.17 -5.37
N THR A 39 -4.85 -8.58 -5.46
CA THR A 39 -4.15 -9.18 -4.33
C THR A 39 -2.79 -8.53 -4.10
N VAL A 40 -2.51 -8.18 -2.84
CA VAL A 40 -1.25 -7.56 -2.49
C VAL A 40 -0.57 -8.30 -1.36
N VAL A 41 0.70 -8.57 -1.52
CA VAL A 41 1.43 -9.27 -0.48
C VAL A 41 2.27 -8.30 0.34
N LEU A 42 1.80 -8.00 1.54
CA LEU A 42 2.49 -7.08 2.44
C LEU A 42 3.96 -7.45 2.61
N SER A 43 4.27 -8.73 2.40
CA SER A 43 5.64 -9.21 2.52
C SER A 43 6.54 -8.56 1.48
N THR A 44 5.96 -8.23 0.33
CA THR A 44 6.71 -7.59 -0.75
C THR A 44 6.56 -6.09 -0.69
N ILE A 45 5.40 -5.65 -0.22
CA ILE A 45 5.10 -4.23 -0.10
C ILE A 45 6.26 -3.48 0.56
N ASP A 46 6.97 -2.68 -0.24
CA ASP A 46 8.09 -1.90 0.25
C ASP A 46 7.65 -0.94 1.35
N LYS A 47 6.61 -0.18 1.08
CA LYS A 47 6.09 0.78 2.06
C LYS A 47 4.61 1.08 1.81
N LEU A 48 3.99 1.72 2.79
CA LEU A 48 2.58 2.09 2.70
C LEU A 48 2.44 3.60 2.52
N GLN A 49 1.27 4.04 2.06
CA GLN A 49 1.03 5.46 1.85
C GLN A 49 -0.39 5.85 2.21
N ALA A 50 -0.55 7.02 2.81
CA ALA A 50 -1.86 7.52 3.20
C ALA A 50 -1.89 9.04 3.18
N THR A 51 -2.93 9.59 2.55
CA THR A 51 -3.10 11.04 2.45
C THR A 51 -3.05 11.70 3.82
N PRO A 52 -1.92 12.32 4.16
CA PRO A 52 -1.73 13.02 5.44
C PRO A 52 -2.89 13.94 5.77
N ALA A 53 -2.97 14.35 7.04
CA ALA A 53 -4.04 15.24 7.48
C ALA A 53 -4.07 16.52 6.66
N SER A 54 -2.97 16.82 5.95
CA SER A 54 -2.90 18.02 5.13
C SER A 54 -3.79 17.90 3.90
N SER A 55 -4.13 16.67 3.52
CA SER A 55 -4.97 16.43 2.37
C SER A 55 -6.37 15.98 2.80
N GLU A 56 -7.39 16.62 2.25
CA GLU A 56 -8.77 16.29 2.58
C GLU A 56 -9.22 15.04 1.85
N LYS A 57 -8.53 14.68 0.77
CA LYS A 57 -8.86 13.51 -0.02
C LYS A 57 -8.25 12.25 0.59
N MET A 58 -9.11 11.32 1.00
CA MET A 58 -8.66 10.07 1.60
C MET A 58 -8.17 9.10 0.52
N MET A 59 -6.87 8.84 0.51
CA MET A 59 -6.28 7.93 -0.46
C MET A 59 -5.01 7.29 0.08
N LEU A 60 -4.84 6.00 -0.20
CA LEU A 60 -3.67 5.27 0.26
C LEU A 60 -2.97 4.56 -0.91
N ARG A 61 -1.64 4.59 -0.90
CA ARG A 61 -0.85 3.95 -1.96
C ARG A 61 -0.05 2.78 -1.39
N LEU A 62 0.26 1.81 -2.25
CA LEU A 62 1.01 0.63 -1.82
C LEU A 62 2.21 0.39 -2.71
N ILE A 63 3.41 0.50 -2.14
CA ILE A 63 4.65 0.26 -2.88
C ILE A 63 5.06 -1.20 -2.76
N GLY A 64 5.45 -1.80 -3.88
CA GLY A 64 5.87 -3.19 -3.88
C GLY A 64 7.38 -3.34 -3.90
N LYS A 65 7.86 -4.57 -3.70
CA LYS A 65 9.30 -4.84 -3.71
C LYS A 65 9.85 -4.74 -5.12
N VAL A 66 11.04 -4.17 -5.24
CA VAL A 66 11.69 -4.02 -6.52
C VAL A 66 12.84 -5.01 -6.65
N ASP A 67 14.01 -4.50 -6.90
CA ASP A 67 15.21 -5.32 -7.05
C ASP A 67 16.44 -4.45 -7.24
N GLU A 68 17.51 -4.75 -6.50
CA GLU A 68 18.74 -3.99 -6.59
C GLU A 68 19.77 -4.73 -7.45
N SER A 69 19.28 -5.51 -8.41
CA SER A 69 20.15 -6.26 -9.30
C SER A 69 20.12 -5.69 -10.72
N LYS A 70 19.06 -4.96 -11.03
CA LYS A 70 18.91 -4.36 -12.36
C LYS A 70 19.80 -3.13 -12.51
N LYS A 71 19.44 -2.06 -11.81
CA LYS A 71 20.21 -0.82 -11.86
C LYS A 71 20.25 -0.27 -13.29
N ARG A 72 19.18 0.39 -13.69
CA ARG A 72 19.09 0.97 -15.03
C ARG A 72 19.23 2.49 -14.97
N LYS A 73 19.04 3.14 -16.12
CA LYS A 73 19.14 4.59 -16.20
C LYS A 73 17.77 5.23 -16.29
N ASP A 74 17.73 6.56 -16.32
CA ASP A 74 16.47 7.29 -16.41
C ASP A 74 16.17 7.68 -17.85
N ASN A 75 16.79 6.97 -18.80
CA ASN A 75 16.58 7.24 -20.22
C ASN A 75 17.31 8.49 -20.68
N GLU A 76 17.96 9.19 -19.76
CA GLU A 76 18.69 10.40 -20.12
C GLU A 76 19.93 10.57 -19.25
N GLY A 77 21.02 9.98 -19.70
CA GLY A 77 22.29 10.06 -18.99
C GLY A 77 22.14 10.11 -17.48
N ASN A 78 21.15 9.39 -16.97
CA ASN A 78 20.90 9.35 -15.53
C ASN A 78 20.82 7.91 -15.02
N GLU A 79 21.49 7.64 -13.90
CA GLU A 79 21.49 6.31 -13.31
C GLU A 79 20.55 6.24 -12.11
N VAL A 80 19.45 5.51 -12.27
CA VAL A 80 18.47 5.36 -11.20
C VAL A 80 18.13 3.89 -10.96
N VAL A 81 17.16 3.65 -10.09
CA VAL A 81 16.74 2.29 -9.78
C VAL A 81 15.31 2.02 -10.26
N PRO A 82 15.06 0.84 -10.84
CA PRO A 82 13.73 0.47 -11.34
C PRO A 82 12.64 0.69 -10.31
N LYS A 83 11.57 1.36 -10.71
CA LYS A 83 10.45 1.64 -9.81
C LYS A 83 9.60 0.40 -9.61
N PRO A 84 9.20 0.10 -8.35
CA PRO A 84 8.37 -1.07 -8.04
C PRO A 84 6.91 -0.88 -8.45
N GLN A 85 6.06 -1.79 -7.99
CA GLN A 85 4.64 -1.72 -8.31
C GLN A 85 3.90 -0.83 -7.31
N ARG A 86 3.35 0.28 -7.81
CA ARG A 86 2.64 1.22 -6.95
C ARG A 86 1.13 1.03 -7.08
N HIS A 87 0.52 0.53 -6.01
CA HIS A 87 -0.93 0.30 -6.00
C HIS A 87 -1.65 1.51 -5.40
N MET A 88 -2.42 2.20 -6.23
CA MET A 88 -3.15 3.38 -5.78
C MET A 88 -4.54 3.00 -5.28
N PHE A 89 -4.86 3.42 -4.06
CA PHE A 89 -6.16 3.14 -3.45
C PHE A 89 -6.81 4.42 -2.96
N SER A 90 -8.07 4.61 -3.33
CA SER A 90 -8.81 5.81 -2.93
C SER A 90 -9.84 5.49 -1.85
N PHE A 91 -9.60 5.98 -0.64
CA PHE A 91 -10.51 5.75 0.47
C PHE A 91 -11.64 6.79 0.45
N ASN A 92 -12.52 6.74 1.45
CA ASN A 92 -13.63 7.68 1.52
C ASN A 92 -14.06 7.95 2.96
N ASN A 93 -13.10 7.97 3.87
CA ASN A 93 -13.40 8.24 5.28
C ASN A 93 -12.12 8.31 6.11
N ARG A 94 -12.23 8.92 7.29
CA ARG A 94 -11.08 9.05 8.18
C ARG A 94 -10.83 7.75 8.93
N THR A 95 -11.91 7.11 9.38
CA THR A 95 -11.83 5.87 10.10
C THR A 95 -11.33 4.75 9.19
N VAL A 96 -11.90 4.68 7.99
CA VAL A 96 -11.50 3.66 7.02
C VAL A 96 -10.03 3.80 6.65
N MET A 97 -9.57 5.04 6.56
CA MET A 97 -8.18 5.32 6.21
C MET A 97 -7.25 4.92 7.36
N ASP A 98 -7.74 5.07 8.57
CA ASP A 98 -6.96 4.73 9.76
C ASP A 98 -6.96 3.22 9.99
N ASN A 99 -8.10 2.58 9.72
CA ASN A 99 -8.23 1.15 9.90
C ASN A 99 -7.23 0.38 9.03
N ILE A 100 -7.19 0.75 7.75
CA ILE A 100 -6.29 0.11 6.81
C ILE A 100 -4.84 0.53 7.05
N LYS A 101 -4.63 1.84 7.17
CA LYS A 101 -3.30 2.39 7.39
C LYS A 101 -2.62 1.76 8.61
N MET A 102 -3.40 1.51 9.66
CA MET A 102 -2.86 0.92 10.88
C MET A 102 -2.77 -0.60 10.79
N THR A 103 -3.77 -1.19 10.16
CA THR A 103 -3.83 -2.65 10.01
C THR A 103 -2.78 -3.13 9.02
N LEU A 104 -2.59 -2.40 7.94
CA LEU A 104 -1.60 -2.79 6.94
C LEU A 104 -0.21 -2.80 7.56
N GLN A 105 0.19 -1.66 8.12
CA GLN A 105 1.50 -1.55 8.76
C GLN A 105 1.68 -2.65 9.79
N GLN A 106 0.57 -3.13 10.34
CA GLN A 106 0.62 -4.20 11.33
C GLN A 106 1.20 -5.45 10.71
N ILE A 107 0.92 -5.63 9.42
CA ILE A 107 1.44 -6.76 8.67
C ILE A 107 2.86 -6.47 8.21
N ILE A 108 3.08 -5.21 7.84
CA ILE A 108 4.39 -4.75 7.40
C ILE A 108 5.43 -4.99 8.48
N SER A 109 5.14 -4.47 9.67
CA SER A 109 6.04 -4.61 10.82
C SER A 109 6.44 -6.07 11.04
N ARG A 110 5.60 -7.00 10.58
CA ARG A 110 5.87 -8.42 10.74
C ARG A 110 7.18 -8.79 10.06
N TYR A 111 7.51 -8.08 8.98
CA TYR A 111 8.75 -8.34 8.24
C TYR A 111 9.87 -7.43 8.71
N LYS A 112 9.51 -6.23 9.18
CA LYS A 112 10.49 -5.27 9.66
C LYS A 112 11.30 -5.85 10.82
N ASP A 113 10.61 -6.35 11.83
CA ASP A 113 11.26 -6.93 13.00
C ASP A 113 12.10 -8.13 12.59
N ALA A 114 11.66 -8.85 11.56
CA ALA A 114 12.38 -10.02 11.09
C ALA A 114 13.60 -9.63 10.28
N ASP A 115 13.37 -8.91 9.18
CA ASP A 115 14.47 -8.47 8.32
C ASP A 115 15.44 -7.58 9.08
N TYR B 17 6.86 13.86 -8.45
CA TYR B 17 5.91 14.83 -7.85
C TYR B 17 4.87 14.13 -6.99
N ASP B 18 4.54 12.89 -7.36
CA ASP B 18 3.56 12.11 -6.61
C ASP B 18 4.07 11.77 -5.22
N SER B 19 5.38 11.61 -5.10
CA SER B 19 6.00 11.28 -3.82
C SER B 19 5.80 12.40 -2.81
N GLU B 20 5.87 13.64 -3.29
CA GLU B 20 5.69 14.81 -2.43
C GLU B 20 4.22 15.03 -2.12
N GLU B 21 3.35 14.66 -3.06
CA GLU B 21 1.91 14.83 -2.89
C GLU B 21 1.40 13.93 -1.77
N PHE B 22 2.04 12.78 -1.60
CA PHE B 22 1.64 11.83 -0.56
C PHE B 22 2.87 11.16 0.06
N GLU B 23 2.87 11.07 1.39
CA GLU B 23 3.99 10.46 2.11
C GLU B 23 3.63 9.06 2.57
N ASP B 24 4.63 8.31 3.04
CA ASP B 24 4.42 6.95 3.51
C ASP B 24 4.26 6.93 5.02
N VAL B 25 3.70 5.83 5.54
CA VAL B 25 3.50 5.67 6.98
C VAL B 25 4.46 4.65 7.56
N THR B 26 5.35 5.12 8.44
CA THR B 26 6.32 4.23 9.08
C THR B 26 6.57 4.66 10.52
N ASP B 27 6.55 3.69 11.42
CA ASP B 27 6.77 3.96 12.84
C ASP B 27 8.26 4.15 13.13
N GLY B 28 8.60 4.21 14.41
CA GLY B 28 9.99 4.40 14.80
C GLY B 28 10.26 3.92 16.21
N ASN B 29 9.99 4.79 17.19
CA ASN B 29 10.21 4.45 18.59
C ASN B 29 9.18 5.11 19.48
N GLU B 30 8.94 4.53 20.66
CA GLU B 30 7.98 5.08 21.60
C GLU B 30 6.58 5.10 21.00
N VAL B 31 5.57 5.10 21.85
CA VAL B 31 4.18 5.12 21.41
C VAL B 31 3.85 6.43 20.69
N PRO A 1 -14.60 -3.44 11.44
CA PRO A 1 -13.65 -3.53 10.29
C PRO A 1 -12.27 -2.99 10.66
N SER A 2 -11.39 -3.87 11.09
CA SER A 2 -10.03 -3.48 11.48
C SER A 2 -9.03 -3.88 10.40
N HIS A 3 -9.02 -5.15 10.03
CA HIS A 3 -8.11 -5.64 9.00
C HIS A 3 -8.80 -5.73 7.65
N SER A 4 -9.65 -4.75 7.37
CA SER A 4 -10.39 -4.72 6.10
C SER A 4 -11.30 -3.50 6.03
N GLY A 5 -11.21 -2.76 4.92
CA GLY A 5 -12.04 -1.58 4.75
C GLY A 5 -12.39 -1.36 3.30
N ALA A 6 -13.45 -0.59 3.04
CA ALA A 6 -13.88 -0.32 1.69
C ALA A 6 -12.89 0.61 0.99
N ALA A 7 -12.08 0.05 0.11
CA ALA A 7 -11.08 0.82 -0.62
C ALA A 7 -11.42 0.93 -2.10
N ILE A 8 -10.98 2.02 -2.73
CA ILE A 8 -11.24 2.24 -4.15
C ILE A 8 -10.01 1.90 -4.98
N PHE A 9 -10.23 1.38 -6.18
CA PHE A 9 -9.15 1.02 -7.07
C PHE A 9 -9.50 1.35 -8.52
N GLU A 10 -8.55 1.92 -9.24
CA GLU A 10 -8.76 2.29 -10.64
C GLU A 10 -10.03 3.13 -10.79
N LYS A 11 -10.36 3.88 -9.74
CA LYS A 11 -11.54 4.74 -9.74
C LYS A 11 -12.81 3.96 -9.40
N VAL A 12 -12.68 2.65 -9.20
CA VAL A 12 -13.83 1.82 -8.85
C VAL A 12 -13.79 1.43 -7.38
N SER A 13 -14.93 1.57 -6.72
CA SER A 13 -15.00 1.24 -5.30
C SER A 13 -14.99 -0.27 -5.09
N GLY A 14 -14.59 -0.68 -3.90
CA GLY A 14 -14.54 -2.09 -3.58
C GLY A 14 -14.33 -2.33 -2.10
N ILE A 15 -13.71 -3.45 -1.78
CA ILE A 15 -13.45 -3.79 -0.39
C ILE A 15 -12.02 -4.29 -0.21
N ILE A 16 -11.27 -3.60 0.62
CA ILE A 16 -9.90 -3.99 0.89
C ILE A 16 -9.85 -4.80 2.17
N ALA A 17 -9.33 -6.01 2.07
CA ALA A 17 -9.26 -6.90 3.23
C ALA A 17 -7.94 -7.67 3.26
N ILE A 18 -7.32 -7.68 4.43
CA ILE A 18 -6.04 -8.39 4.61
C ILE A 18 -6.25 -9.84 4.98
N ASN A 19 -5.69 -10.74 4.16
CA ASN A 19 -5.81 -12.18 4.39
C ASN A 19 -4.72 -12.66 5.34
N GLU A 20 -5.03 -12.70 6.63
CA GLU A 20 -4.08 -13.15 7.63
C GLU A 20 -4.26 -14.63 7.94
N ASP A 21 -4.81 -15.37 6.98
CA ASP A 21 -5.03 -16.80 7.14
C ASP A 21 -3.98 -17.60 6.38
N VAL A 22 -3.17 -16.91 5.57
CA VAL A 22 -2.14 -17.57 4.79
C VAL A 22 -0.77 -17.34 5.41
N SER A 23 0.28 -17.82 4.74
CA SER A 23 1.63 -17.64 5.25
C SER A 23 2.00 -16.16 5.23
N PRO A 24 2.13 -15.54 4.04
CA PRO A 24 2.43 -14.14 3.92
C PRO A 24 1.16 -13.30 3.87
N ALA A 25 0.90 -12.56 4.94
CA ALA A 25 -0.30 -11.74 5.01
C ALA A 25 -0.45 -10.88 3.76
N GLU A 26 -1.52 -11.13 3.01
CA GLU A 26 -1.79 -10.39 1.78
C GLU A 26 -3.01 -9.48 1.94
N LEU A 27 -3.17 -8.56 0.99
CA LEU A 27 -4.30 -7.63 1.00
C LEU A 27 -5.15 -7.87 -0.25
N THR A 28 -6.35 -8.41 -0.04
CA THR A 28 -7.24 -8.72 -1.15
C THR A 28 -8.36 -7.71 -1.30
N TRP A 29 -8.34 -6.97 -2.41
CA TRP A 29 -9.36 -5.97 -2.69
C TRP A 29 -10.50 -6.61 -3.47
N ARG A 30 -11.65 -6.74 -2.82
CA ARG A 30 -12.82 -7.31 -3.46
C ARG A 30 -13.86 -6.23 -3.74
N SER A 31 -14.12 -5.97 -5.01
CA SER A 31 -15.09 -4.94 -5.40
C SER A 31 -16.37 -5.06 -4.60
N THR A 32 -17.18 -4.00 -4.61
CA THR A 32 -18.44 -3.98 -3.90
C THR A 32 -19.45 -4.86 -4.62
N ASP A 33 -19.44 -4.75 -5.93
CA ASP A 33 -20.34 -5.51 -6.77
C ASP A 33 -19.79 -6.91 -7.03
N GLY A 34 -18.48 -7.01 -7.15
CA GLY A 34 -17.84 -8.29 -7.39
C GLY A 34 -17.36 -8.42 -8.82
N ASP A 35 -17.09 -7.29 -9.47
CA ASP A 35 -16.63 -7.30 -10.84
C ASP A 35 -15.13 -7.00 -10.92
N LYS A 36 -14.58 -6.44 -9.85
CA LYS A 36 -13.16 -6.12 -9.81
C LYS A 36 -12.50 -6.70 -8.57
N VAL A 37 -11.30 -7.22 -8.73
CA VAL A 37 -10.57 -7.81 -7.62
C VAL A 37 -9.06 -7.52 -7.73
N HIS A 38 -8.37 -7.60 -6.59
CA HIS A 38 -6.93 -7.35 -6.55
C HIS A 38 -6.31 -7.97 -5.31
N THR A 39 -5.07 -8.43 -5.43
CA THR A 39 -4.38 -9.06 -4.31
C THR A 39 -2.98 -8.47 -4.12
N VAL A 40 -2.66 -8.12 -2.88
CA VAL A 40 -1.35 -7.55 -2.56
C VAL A 40 -0.69 -8.33 -1.45
N VAL A 41 0.58 -8.62 -1.63
CA VAL A 41 1.31 -9.35 -0.61
C VAL A 41 2.18 -8.41 0.22
N LEU A 42 1.73 -8.14 1.44
CA LEU A 42 2.45 -7.25 2.34
C LEU A 42 3.90 -7.70 2.50
N SER A 43 4.16 -8.98 2.27
CA SER A 43 5.52 -9.52 2.39
C SER A 43 6.46 -8.82 1.41
N THR A 44 5.92 -8.42 0.28
CA THR A 44 6.70 -7.71 -0.74
C THR A 44 6.54 -6.21 -0.58
N ILE A 45 5.37 -5.80 -0.13
CA ILE A 45 5.07 -4.40 0.08
C ILE A 45 6.18 -3.70 0.84
N ASP A 46 7.07 -3.03 0.11
CA ASP A 46 8.18 -2.32 0.72
C ASP A 46 7.68 -1.29 1.73
N LYS A 47 6.50 -0.73 1.48
CA LYS A 47 5.92 0.27 2.36
C LYS A 47 4.51 0.62 1.92
N LEU A 48 3.81 1.38 2.76
CA LEU A 48 2.45 1.80 2.46
C LEU A 48 2.26 3.28 2.77
N GLN A 49 1.20 3.88 2.23
CA GLN A 49 0.94 5.29 2.45
C GLN A 49 -0.52 5.53 2.80
N ALA A 50 -0.80 6.69 3.40
CA ALA A 50 -2.15 7.04 3.79
C ALA A 50 -2.29 8.55 3.96
N THR A 51 -3.33 9.12 3.36
CA THR A 51 -3.57 10.56 3.45
C THR A 51 -4.40 10.90 4.68
N PRO A 52 -3.74 11.36 5.75
CA PRO A 52 -4.39 11.76 7.00
C PRO A 52 -5.58 12.68 6.76
N ALA A 53 -6.43 12.82 7.78
CA ALA A 53 -7.60 13.67 7.68
C ALA A 53 -7.22 15.10 7.32
N SER A 54 -5.95 15.45 7.49
CA SER A 54 -5.48 16.79 7.19
C SER A 54 -5.44 17.03 5.68
N SER A 55 -5.41 15.95 4.92
CA SER A 55 -5.37 16.05 3.46
C SER A 55 -6.78 16.02 2.88
N GLU A 56 -7.08 16.99 2.02
CA GLU A 56 -8.41 17.07 1.40
C GLU A 56 -8.66 15.88 0.51
N LYS A 57 -7.59 15.28 -0.01
CA LYS A 57 -7.69 14.12 -0.88
C LYS A 57 -7.41 12.84 -0.10
N MET A 58 -8.42 11.99 0.02
CA MET A 58 -8.27 10.72 0.74
C MET A 58 -7.87 9.59 -0.21
N MET A 59 -6.61 9.18 -0.14
CA MET A 59 -6.11 8.11 -0.99
C MET A 59 -4.91 7.43 -0.35
N LEU A 60 -4.85 6.10 -0.45
CA LEU A 60 -3.75 5.34 0.12
C LEU A 60 -2.84 4.80 -1.00
N ARG A 61 -1.62 4.42 -0.63
CA ARG A 61 -0.66 3.89 -1.58
C ARG A 61 0.06 2.66 -1.02
N LEU A 62 0.41 1.73 -1.89
CA LEU A 62 1.10 0.51 -1.47
C LEU A 62 2.37 0.29 -2.30
N ILE A 63 3.52 0.42 -1.67
CA ILE A 63 4.80 0.23 -2.34
C ILE A 63 5.21 -1.23 -2.32
N GLY A 64 5.61 -1.74 -3.48
CA GLY A 64 6.03 -3.14 -3.57
C GLY A 64 7.55 -3.28 -3.64
N LYS A 65 8.03 -4.50 -3.46
CA LYS A 65 9.46 -4.76 -3.50
C LYS A 65 10.01 -4.58 -4.91
N VAL A 66 11.18 -3.97 -5.01
CA VAL A 66 11.81 -3.72 -6.28
C VAL A 66 13.02 -4.63 -6.45
N ASP A 67 14.15 -4.03 -6.70
CA ASP A 67 15.40 -4.75 -6.89
C ASP A 67 16.57 -3.78 -7.02
N GLU A 68 17.75 -4.22 -6.58
CA GLU A 68 18.95 -3.40 -6.65
C GLU A 68 20.10 -4.15 -7.31
N SER A 69 19.78 -4.88 -8.38
CA SER A 69 20.79 -5.65 -9.10
C SER A 69 20.57 -5.54 -10.62
N LYS A 70 20.16 -4.36 -11.07
CA LYS A 70 19.91 -4.13 -12.49
C LYS A 70 20.46 -2.78 -12.92
N LYS A 71 19.86 -1.71 -12.41
CA LYS A 71 20.30 -0.36 -12.74
C LYS A 71 20.17 -0.10 -14.24
N ARG A 72 19.23 0.77 -14.60
CA ARG A 72 19.00 1.11 -16.00
C ARG A 72 18.82 2.62 -16.18
N LYS A 73 18.62 3.03 -17.42
CA LYS A 73 18.44 4.45 -17.73
C LYS A 73 17.04 4.91 -17.34
N ASP A 74 16.66 6.11 -17.80
CA ASP A 74 15.35 6.67 -17.49
C ASP A 74 14.56 6.94 -18.77
N ASN A 75 14.48 5.93 -19.63
CA ASN A 75 13.73 6.05 -20.89
C ASN A 75 14.55 6.74 -21.96
N GLU A 76 15.05 7.91 -21.63
CA GLU A 76 15.84 8.70 -22.55
C GLU A 76 17.33 8.42 -22.39
N GLY A 77 17.75 8.34 -21.14
CA GLY A 77 19.14 8.07 -20.84
C GLY A 77 19.58 8.66 -19.51
N ASN A 78 18.64 8.80 -18.58
CA ASN A 78 18.94 9.34 -17.27
C ASN A 78 19.32 8.23 -16.29
N GLU A 79 20.58 8.22 -15.87
CA GLU A 79 21.07 7.21 -14.94
C GLU A 79 20.23 7.20 -13.66
N VAL A 80 19.21 6.35 -13.64
CA VAL A 80 18.33 6.24 -12.48
C VAL A 80 18.08 4.77 -12.13
N VAL A 81 17.18 4.55 -11.17
CA VAL A 81 16.85 3.19 -10.74
C VAL A 81 15.37 2.90 -10.98
N PRO A 82 15.03 1.68 -11.46
CA PRO A 82 13.65 1.29 -11.72
C PRO A 82 12.75 1.51 -10.51
N LYS A 83 11.67 2.26 -10.70
CA LYS A 83 10.74 2.54 -9.63
C LYS A 83 10.12 1.25 -9.09
N PRO A 84 9.81 1.20 -7.78
CA PRO A 84 9.21 0.02 -7.16
C PRO A 84 7.73 -0.13 -7.47
N GLN A 85 7.34 -1.32 -7.90
CA GLN A 85 5.94 -1.58 -8.23
C GLN A 85 5.04 -1.29 -7.04
N ARG A 86 4.18 -0.28 -7.18
CA ARG A 86 3.28 0.11 -6.11
C ARG A 86 1.84 0.20 -6.61
N HIS A 87 0.90 0.00 -5.68
CA HIS A 87 -0.52 0.06 -6.02
C HIS A 87 -1.16 1.30 -5.40
N MET A 88 -1.65 2.20 -6.25
CA MET A 88 -2.28 3.43 -5.78
C MET A 88 -3.77 3.21 -5.51
N PHE A 89 -4.15 3.23 -4.23
CA PHE A 89 -5.54 3.04 -3.84
C PHE A 89 -6.17 4.37 -3.46
N SER A 90 -7.49 4.42 -3.47
CA SER A 90 -8.21 5.65 -3.12
C SER A 90 -9.30 5.36 -2.09
N PHE A 91 -9.38 6.21 -1.08
CA PHE A 91 -10.38 6.07 -0.02
C PHE A 91 -11.35 7.24 -0.03
N ASN A 92 -12.53 7.04 0.56
CA ASN A 92 -13.55 8.07 0.61
C ASN A 92 -13.83 8.53 2.04
N ASN A 93 -13.48 7.68 3.01
CA ASN A 93 -13.71 8.01 4.41
C ASN A 93 -12.40 8.32 5.11
N ARG A 94 -12.48 8.63 6.41
CA ARG A 94 -11.30 8.96 7.20
C ARG A 94 -10.98 7.84 8.19
N THR A 95 -12.01 7.09 8.58
CA THR A 95 -11.84 5.99 9.52
C THR A 95 -11.37 4.73 8.79
N VAL A 96 -11.93 4.49 7.61
CA VAL A 96 -11.56 3.32 6.82
C VAL A 96 -10.13 3.44 6.30
N MET A 97 -9.70 4.66 6.03
CA MET A 97 -8.35 4.89 5.54
C MET A 97 -7.35 4.78 6.67
N ASP A 98 -7.77 5.23 7.84
CA ASP A 98 -6.93 5.18 9.03
C ASP A 98 -6.76 3.73 9.52
N ASN A 99 -7.73 2.89 9.18
CA ASN A 99 -7.67 1.48 9.58
C ASN A 99 -6.67 0.73 8.72
N ILE A 100 -6.77 0.89 7.41
CA ILE A 100 -5.87 0.22 6.47
C ILE A 100 -4.43 0.70 6.68
N LYS A 101 -4.25 2.01 6.78
CA LYS A 101 -2.92 2.58 6.97
C LYS A 101 -2.23 2.01 8.22
N MET A 102 -3.00 1.87 9.29
CA MET A 102 -2.47 1.35 10.54
C MET A 102 -2.44 -0.17 10.55
N THR A 103 -3.31 -0.78 9.75
CA THR A 103 -3.38 -2.23 9.68
C THR A 103 -2.35 -2.80 8.71
N LEU A 104 -2.10 -2.07 7.62
CA LEU A 104 -1.12 -2.50 6.64
C LEU A 104 0.25 -2.57 7.27
N GLN A 105 0.72 -1.42 7.77
CA GLN A 105 2.02 -1.36 8.43
C GLN A 105 2.14 -2.44 9.50
N GLN A 106 1.00 -2.83 10.06
CA GLN A 106 0.98 -3.87 11.07
C GLN A 106 1.48 -5.18 10.49
N ILE A 107 1.16 -5.40 9.22
CA ILE A 107 1.60 -6.59 8.51
C ILE A 107 3.02 -6.39 8.00
N ILE A 108 3.28 -5.18 7.53
CA ILE A 108 4.59 -4.81 7.01
C ILE A 108 5.67 -5.04 8.07
N SER A 109 5.43 -4.49 9.25
CA SER A 109 6.36 -4.61 10.37
C SER A 109 6.70 -6.07 10.65
N ARG A 110 5.81 -6.98 10.25
CA ARG A 110 6.01 -8.40 10.46
C ARG A 110 7.29 -8.88 9.77
N TYR A 111 7.62 -8.22 8.66
CA TYR A 111 8.82 -8.57 7.89
C TYR A 111 9.97 -7.63 8.22
N LYS A 112 9.64 -6.36 8.45
CA LYS A 112 10.65 -5.35 8.78
C LYS A 112 11.39 -5.72 10.07
N ASP A 113 10.62 -6.02 11.11
CA ASP A 113 11.21 -6.39 12.40
C ASP A 113 12.07 -7.64 12.27
N ALA A 114 11.68 -8.52 11.35
CA ALA A 114 12.43 -9.76 11.13
C ALA A 114 13.71 -9.50 10.36
N ASP A 115 13.67 -8.53 9.45
CA ASP A 115 14.84 -8.18 8.64
C ASP A 115 15.90 -7.49 9.49
N TYR B 17 6.28 18.26 -5.03
CA TYR B 17 6.47 17.45 -6.25
C TYR B 17 5.23 16.59 -6.54
N ASP B 18 5.19 16.02 -7.74
CA ASP B 18 4.07 15.18 -8.14
C ASP B 18 4.20 13.78 -7.56
N SER B 19 5.37 13.17 -7.76
CA SER B 19 5.63 11.83 -7.24
C SER B 19 5.93 11.86 -5.74
N GLU B 20 6.54 12.97 -5.31
CA GLU B 20 6.89 13.12 -3.89
C GLU B 20 5.86 13.96 -3.16
N GLU B 21 4.61 13.91 -3.64
CA GLU B 21 3.53 14.67 -3.02
C GLU B 21 3.09 14.02 -1.72
N PHE B 22 2.58 12.80 -1.80
CA PHE B 22 2.12 12.08 -0.62
C PHE B 22 3.29 11.36 0.06
N GLU B 23 3.32 11.44 1.39
CA GLU B 23 4.38 10.79 2.17
C GLU B 23 3.96 9.40 2.62
N ASP B 24 4.95 8.56 2.90
CA ASP B 24 4.69 7.19 3.35
C ASP B 24 4.73 7.10 4.87
N VAL B 25 4.16 6.03 5.40
CA VAL B 25 4.12 5.82 6.85
C VAL B 25 5.08 4.71 7.26
N THR B 26 6.08 5.07 8.06
CA THR B 26 7.07 4.10 8.53
C THR B 26 7.56 4.46 9.93
N ASP B 27 8.16 3.49 10.60
CA ASP B 27 8.68 3.71 11.95
C ASP B 27 9.73 4.81 11.96
N GLY B 28 9.46 5.88 12.70
CA GLY B 28 10.39 6.98 12.79
C GLY B 28 9.70 8.31 13.08
N ASN B 29 8.84 8.73 12.16
CA ASN B 29 8.11 9.98 12.31
C ASN B 29 9.07 11.17 12.34
N GLU B 30 9.67 11.40 13.50
CA GLU B 30 10.61 12.51 13.67
C GLU B 30 11.61 12.22 14.78
N VAL B 31 11.15 12.30 16.03
CA VAL B 31 12.01 12.04 17.18
C VAL B 31 11.74 10.66 17.75
N PRO A 1 -13.90 -6.69 9.97
CA PRO A 1 -14.06 -5.22 9.89
C PRO A 1 -12.76 -4.49 10.19
N SER A 2 -11.94 -5.09 11.04
CA SER A 2 -10.67 -4.50 11.42
C SER A 2 -9.69 -4.53 10.26
N HIS A 3 -9.24 -5.71 9.88
CA HIS A 3 -8.30 -5.88 8.79
C HIS A 3 -9.03 -5.96 7.44
N SER A 4 -9.88 -4.98 7.16
CA SER A 4 -10.62 -4.95 5.92
C SER A 4 -11.51 -3.71 5.84
N GLY A 5 -11.39 -2.97 4.74
CA GLY A 5 -12.19 -1.77 4.55
C GLY A 5 -12.52 -1.54 3.10
N ALA A 6 -13.59 -0.79 2.84
CA ALA A 6 -13.99 -0.51 1.47
C ALA A 6 -13.02 0.46 0.81
N ALA A 7 -12.17 -0.08 -0.05
CA ALA A 7 -11.17 0.72 -0.74
C ALA A 7 -11.52 0.90 -2.22
N ILE A 8 -10.83 1.83 -2.88
CA ILE A 8 -11.07 2.11 -4.28
C ILE A 8 -9.81 1.87 -5.11
N PHE A 9 -10.00 1.39 -6.35
CA PHE A 9 -8.87 1.13 -7.24
C PHE A 9 -9.26 1.44 -8.68
N GLU A 10 -8.31 2.00 -9.43
CA GLU A 10 -8.57 2.35 -10.83
C GLU A 10 -9.84 3.17 -10.96
N LYS A 11 -10.18 3.91 -9.91
CA LYS A 11 -11.38 4.76 -9.89
C LYS A 11 -12.63 3.97 -9.53
N VAL A 12 -12.49 2.65 -9.36
CA VAL A 12 -13.62 1.80 -9.02
C VAL A 12 -13.58 1.43 -7.54
N SER A 13 -14.71 1.57 -6.87
CA SER A 13 -14.78 1.25 -5.45
C SER A 13 -15.00 -0.24 -5.24
N GLY A 14 -14.39 -0.77 -4.18
CA GLY A 14 -14.52 -2.18 -3.88
C GLY A 14 -14.37 -2.45 -2.41
N ILE A 15 -13.69 -3.54 -2.08
CA ILE A 15 -13.48 -3.92 -0.69
C ILE A 15 -12.05 -4.40 -0.48
N ILE A 16 -11.35 -3.73 0.41
CA ILE A 16 -9.97 -4.10 0.72
C ILE A 16 -9.97 -4.96 1.97
N ALA A 17 -9.41 -6.15 1.87
CA ALA A 17 -9.38 -7.07 3.00
C ALA A 17 -8.04 -7.79 3.10
N ILE A 18 -7.47 -7.81 4.30
CA ILE A 18 -6.19 -8.47 4.54
C ILE A 18 -6.38 -9.92 4.97
N ASN A 19 -5.88 -10.83 4.16
CA ASN A 19 -5.99 -12.26 4.47
C ASN A 19 -4.90 -12.68 5.45
N GLU A 20 -5.27 -12.75 6.73
CA GLU A 20 -4.34 -13.14 7.78
C GLU A 20 -4.34 -14.65 7.99
N ASP A 21 -4.87 -15.39 7.03
CA ASP A 21 -4.92 -16.84 7.12
C ASP A 21 -3.67 -17.45 6.49
N VAL A 22 -2.93 -16.63 5.74
CA VAL A 22 -1.71 -17.09 5.09
C VAL A 22 -0.49 -16.81 5.96
N SER A 23 0.70 -16.91 5.38
CA SER A 23 1.94 -16.67 6.12
C SER A 23 2.40 -15.22 6.01
N PRO A 24 2.69 -14.75 4.78
CA PRO A 24 3.16 -13.37 4.55
C PRO A 24 2.04 -12.35 4.58
N ALA A 25 0.86 -12.82 4.86
CA ALA A 25 -0.34 -11.97 4.93
C ALA A 25 -0.52 -11.17 3.64
N GLU A 26 -1.61 -11.45 2.93
CA GLU A 26 -1.91 -10.76 1.68
C GLU A 26 -3.12 -9.84 1.83
N LEU A 27 -3.23 -8.87 0.93
CA LEU A 27 -4.33 -7.92 0.92
C LEU A 27 -5.14 -8.10 -0.36
N THR A 28 -6.36 -8.62 -0.22
CA THR A 28 -7.20 -8.86 -1.39
C THR A 28 -8.32 -7.84 -1.53
N TRP A 29 -8.26 -7.08 -2.62
CA TRP A 29 -9.27 -6.08 -2.91
C TRP A 29 -10.41 -6.70 -3.72
N ARG A 30 -11.57 -6.83 -3.11
CA ARG A 30 -12.73 -7.40 -3.77
C ARG A 30 -13.77 -6.32 -4.05
N SER A 31 -14.02 -6.05 -5.33
CA SER A 31 -14.99 -5.03 -5.72
C SER A 31 -16.28 -5.16 -4.94
N THR A 32 -17.13 -4.14 -5.00
CA THR A 32 -18.40 -4.15 -4.31
C THR A 32 -19.36 -5.09 -5.01
N ASP A 33 -19.32 -5.03 -6.34
CA ASP A 33 -20.18 -5.86 -7.15
C ASP A 33 -19.53 -7.22 -7.42
N GLY A 34 -18.21 -7.21 -7.57
CA GLY A 34 -17.49 -8.44 -7.83
C GLY A 34 -17.00 -8.54 -9.26
N ASP A 35 -16.92 -7.39 -9.94
CA ASP A 35 -16.46 -7.35 -11.32
C ASP A 35 -14.96 -7.11 -11.41
N LYS A 36 -14.38 -6.62 -10.32
CA LYS A 36 -12.94 -6.36 -10.28
C LYS A 36 -12.33 -6.82 -8.97
N VAL A 37 -11.11 -7.37 -9.04
CA VAL A 37 -10.42 -7.86 -7.87
C VAL A 37 -8.92 -7.58 -7.96
N HIS A 38 -8.25 -7.55 -6.81
CA HIS A 38 -6.81 -7.30 -6.77
C HIS A 38 -6.19 -7.95 -5.53
N THR A 39 -4.95 -8.41 -5.66
CA THR A 39 -4.26 -9.05 -4.54
C THR A 39 -2.90 -8.42 -4.28
N VAL A 40 -2.65 -8.06 -3.03
CA VAL A 40 -1.39 -7.45 -2.64
C VAL A 40 -0.71 -8.26 -1.56
N VAL A 41 0.56 -8.52 -1.73
CA VAL A 41 1.29 -9.28 -0.74
C VAL A 41 2.12 -8.36 0.16
N LEU A 42 1.66 -8.18 1.38
CA LEU A 42 2.34 -7.33 2.35
C LEU A 42 3.81 -7.72 2.50
N SER A 43 4.13 -8.97 2.20
CA SER A 43 5.51 -9.45 2.31
C SER A 43 6.39 -8.79 1.26
N THR A 44 5.80 -8.42 0.15
CA THR A 44 6.54 -7.76 -0.94
C THR A 44 6.44 -6.26 -0.80
N ILE A 45 5.31 -5.81 -0.27
CA ILE A 45 5.05 -4.38 -0.08
C ILE A 45 6.27 -3.68 0.54
N ASP A 46 7.01 -2.96 -0.29
CA ASP A 46 8.19 -2.24 0.16
C ASP A 46 7.83 -1.24 1.26
N LYS A 47 6.78 -0.45 1.01
CA LYS A 47 6.34 0.55 1.98
C LYS A 47 4.86 0.84 1.81
N LEU A 48 4.26 1.43 2.85
CA LEU A 48 2.86 1.78 2.83
C LEU A 48 2.70 3.30 2.77
N GLN A 49 1.56 3.76 2.27
CA GLN A 49 1.30 5.19 2.15
C GLN A 49 -0.15 5.52 2.49
N ALA A 50 -0.35 6.66 3.13
CA ALA A 50 -1.70 7.11 3.50
C ALA A 50 -1.75 8.63 3.61
N THR A 51 -2.81 9.21 3.04
CA THR A 51 -2.99 10.65 3.07
C THR A 51 -3.02 11.18 4.50
N PRO A 52 -2.55 12.42 4.69
CA PRO A 52 -2.51 13.07 5.97
C PRO A 52 -3.82 13.75 6.32
N ALA A 53 -3.99 14.10 7.58
CA ALA A 53 -5.20 14.78 8.03
C ALA A 53 -5.34 16.15 7.36
N SER A 54 -4.32 16.58 6.61
CA SER A 54 -4.36 17.86 5.94
C SER A 54 -4.94 17.74 4.52
N SER A 55 -4.88 16.52 3.99
CA SER A 55 -5.40 16.26 2.64
C SER A 55 -6.90 16.01 2.68
N GLU A 56 -7.64 16.72 1.83
CA GLU A 56 -9.09 16.57 1.77
C GLU A 56 -9.48 15.25 1.11
N LYS A 57 -8.59 14.73 0.27
CA LYS A 57 -8.83 13.49 -0.44
C LYS A 57 -8.07 12.33 0.22
N MET A 58 -8.82 11.38 0.78
CA MET A 58 -8.22 10.23 1.43
C MET A 58 -7.78 9.19 0.41
N MET A 59 -6.48 8.91 0.36
CA MET A 59 -5.94 7.93 -0.57
C MET A 59 -4.71 7.23 0.02
N LEU A 60 -4.62 5.92 -0.21
CA LEU A 60 -3.50 5.14 0.29
C LEU A 60 -2.73 4.50 -0.85
N ARG A 61 -1.40 4.49 -0.74
CA ARG A 61 -0.55 3.91 -1.76
C ARG A 61 0.20 2.69 -1.21
N LEU A 62 0.42 1.70 -2.06
CA LEU A 62 1.09 0.48 -1.65
C LEU A 62 2.26 0.15 -2.58
N ILE A 63 3.48 0.35 -2.08
CA ILE A 63 4.68 0.07 -2.86
C ILE A 63 5.09 -1.40 -2.67
N GLY A 64 5.47 -2.04 -3.78
CA GLY A 64 5.87 -3.43 -3.71
C GLY A 64 7.37 -3.61 -3.89
N LYS A 65 7.79 -4.85 -4.16
CA LYS A 65 9.19 -5.15 -4.36
C LYS A 65 9.45 -5.65 -5.77
N VAL A 66 10.46 -5.07 -6.42
CA VAL A 66 10.82 -5.47 -7.78
C VAL A 66 11.79 -6.64 -7.75
N ASP A 67 12.18 -6.97 -6.56
CA ASP A 67 13.11 -8.07 -6.29
C ASP A 67 14.27 -8.11 -7.28
N GLU A 68 14.64 -6.93 -7.78
CA GLU A 68 15.73 -6.81 -8.75
C GLU A 68 15.69 -7.93 -9.77
N SER A 69 14.48 -8.39 -10.08
CA SER A 69 14.29 -9.47 -11.04
C SER A 69 13.11 -9.19 -11.96
N LYS A 70 12.79 -7.91 -12.14
CA LYS A 70 11.67 -7.51 -12.99
C LYS A 70 12.09 -6.43 -13.99
N LYS A 71 13.38 -6.37 -14.29
CA LYS A 71 13.89 -5.37 -15.23
C LYS A 71 13.27 -5.56 -16.61
N ARG A 72 13.13 -4.46 -17.35
CA ARG A 72 12.54 -4.51 -18.68
C ARG A 72 12.53 -3.13 -19.32
N LYS A 73 12.22 -3.08 -20.61
CA LYS A 73 12.17 -1.82 -21.35
C LYS A 73 11.10 -0.89 -20.78
N ASP A 74 11.21 0.39 -21.08
CA ASP A 74 10.24 1.37 -20.60
C ASP A 74 9.24 1.74 -21.69
N ASN A 75 8.98 0.79 -22.58
CA ASN A 75 8.04 1.00 -23.69
C ASN A 75 8.65 1.86 -24.80
N GLU A 76 9.90 2.27 -24.62
CA GLU A 76 10.59 3.09 -25.61
C GLU A 76 11.62 2.26 -26.36
N GLY A 77 12.17 1.27 -25.68
CA GLY A 77 13.17 0.41 -26.28
C GLY A 77 14.47 0.41 -25.51
N ASN A 78 14.39 0.56 -24.20
CA ASN A 78 15.58 0.59 -23.35
C ASN A 78 15.33 -0.18 -22.06
N GLU A 79 15.90 -1.38 -21.97
CA GLU A 79 15.74 -2.22 -20.79
C GLU A 79 16.21 -1.48 -19.53
N VAL A 80 15.25 -1.06 -18.71
CA VAL A 80 15.56 -0.35 -17.48
C VAL A 80 15.08 -1.12 -16.25
N VAL A 81 15.21 -0.51 -15.08
CA VAL A 81 14.78 -1.13 -13.83
C VAL A 81 13.50 -0.47 -13.32
N PRO A 82 12.35 -0.80 -13.93
CA PRO A 82 11.06 -0.23 -13.53
C PRO A 82 10.82 -0.32 -12.03
N LYS A 83 10.26 0.75 -11.47
CA LYS A 83 9.98 0.81 -10.03
C LYS A 83 9.10 -0.37 -9.61
N PRO A 84 8.97 -0.61 -8.28
CA PRO A 84 8.17 -1.69 -7.75
C PRO A 84 6.68 -1.53 -8.08
N GLN A 85 5.90 -2.59 -7.86
CA GLN A 85 4.48 -2.54 -8.13
C GLN A 85 3.79 -1.53 -7.23
N ARG A 86 3.25 -0.48 -7.84
CA ARG A 86 2.58 0.58 -7.08
C ARG A 86 1.06 0.47 -7.21
N HIS A 87 0.40 0.21 -6.09
CA HIS A 87 -1.05 0.09 -6.06
C HIS A 87 -1.68 1.35 -5.49
N MET A 88 -2.36 2.11 -6.33
CA MET A 88 -3.01 3.36 -5.91
C MET A 88 -4.41 3.09 -5.36
N PHE A 89 -4.57 3.25 -4.06
CA PHE A 89 -5.86 3.03 -3.42
C PHE A 89 -6.47 4.36 -2.99
N SER A 90 -7.75 4.54 -3.29
CA SER A 90 -8.45 5.78 -2.94
C SER A 90 -9.48 5.53 -1.85
N PHE A 91 -9.29 6.17 -0.70
CA PHE A 91 -10.22 6.02 0.42
C PHE A 91 -11.26 7.13 0.42
N ASN A 92 -12.38 6.89 1.07
CA ASN A 92 -13.45 7.88 1.14
C ASN A 92 -13.85 8.19 2.57
N ASN A 93 -12.87 8.22 3.47
CA ASN A 93 -13.12 8.52 4.87
C ASN A 93 -11.81 8.57 5.66
N ARG A 94 -11.83 9.31 6.77
CA ARG A 94 -10.65 9.45 7.62
C ARG A 94 -10.49 8.23 8.52
N THR A 95 -11.61 7.65 8.92
CA THR A 95 -11.59 6.47 9.79
C THR A 95 -11.20 5.21 9.02
N VAL A 96 -11.64 5.14 7.76
CA VAL A 96 -11.33 3.98 6.93
C VAL A 96 -9.86 3.94 6.55
N MET A 97 -9.24 5.12 6.44
CA MET A 97 -7.83 5.21 6.08
C MET A 97 -6.97 4.85 7.28
N ASP A 98 -7.46 5.20 8.46
CA ASP A 98 -6.75 4.93 9.70
C ASP A 98 -6.74 3.43 10.00
N ASN A 99 -7.76 2.73 9.51
CA ASN A 99 -7.87 1.29 9.72
C ASN A 99 -6.90 0.53 8.82
N ILE A 100 -6.98 0.80 7.53
CA ILE A 100 -6.10 0.14 6.55
C ILE A 100 -4.65 0.57 6.73
N LYS A 101 -4.44 1.88 6.89
CA LYS A 101 -3.10 2.43 7.06
C LYS A 101 -2.38 1.79 8.24
N MET A 102 -3.11 1.57 9.33
CA MET A 102 -2.52 0.97 10.53
C MET A 102 -2.50 -0.55 10.43
N THR A 103 -3.61 -1.13 10.02
CA THR A 103 -3.73 -2.58 9.89
C THR A 103 -2.65 -3.14 8.98
N LEU A 104 -2.45 -2.52 7.83
CA LEU A 104 -1.45 -2.97 6.89
C LEU A 104 -0.08 -2.96 7.56
N GLN A 105 0.29 -1.81 8.14
CA GLN A 105 1.56 -1.66 8.83
C GLN A 105 1.76 -2.80 9.84
N GLN A 106 0.68 -3.20 10.49
CA GLN A 106 0.75 -4.29 11.46
C GLN A 106 1.27 -5.55 10.80
N ILE A 107 0.98 -5.69 9.51
CA ILE A 107 1.45 -6.82 8.73
C ILE A 107 2.86 -6.54 8.22
N ILE A 108 3.09 -5.28 7.86
CA ILE A 108 4.39 -4.83 7.37
C ILE A 108 5.47 -5.09 8.42
N SER A 109 5.19 -4.61 9.63
CA SER A 109 6.13 -4.77 10.74
C SER A 109 6.52 -6.24 10.94
N ARG A 110 5.67 -7.14 10.48
CA ARG A 110 5.93 -8.58 10.62
C ARG A 110 7.26 -8.94 10.00
N TYR A 111 7.62 -8.26 8.92
CA TYR A 111 8.88 -8.52 8.22
C TYR A 111 9.97 -7.56 8.70
N LYS A 112 9.56 -6.36 9.09
CA LYS A 112 10.50 -5.35 9.57
C LYS A 112 11.28 -5.86 10.76
N ASP A 113 10.58 -6.50 11.70
CA ASP A 113 11.21 -7.03 12.91
C ASP A 113 12.28 -8.06 12.54
N ALA A 114 12.07 -8.76 11.44
CA ALA A 114 13.01 -9.77 10.98
C ALA A 114 14.07 -9.17 10.07
N ASP A 115 13.67 -8.18 9.29
CA ASP A 115 14.58 -7.51 8.37
C ASP A 115 15.30 -6.35 9.05
N TYR B 17 -2.58 21.15 -1.98
CA TYR B 17 -1.24 20.73 -2.47
C TYR B 17 -1.30 19.37 -3.16
N ASP B 18 -0.62 19.27 -4.30
CA ASP B 18 -0.60 18.02 -5.07
C ASP B 18 0.54 17.13 -4.61
N SER B 19 1.64 17.74 -4.18
CA SER B 19 2.80 17.00 -3.72
C SER B 19 2.69 16.65 -2.24
N GLU B 20 2.01 17.53 -1.49
CA GLU B 20 1.83 17.32 -0.06
C GLU B 20 0.45 16.73 0.23
N GLU B 21 -0.08 15.97 -0.73
CA GLU B 21 -1.38 15.35 -0.58
C GLU B 21 -1.26 13.98 0.09
N PHE B 22 -0.16 13.28 -0.19
CA PHE B 22 0.07 11.97 0.38
C PHE B 22 1.07 12.04 1.53
N GLU B 23 0.80 11.31 2.61
CA GLU B 23 1.66 11.30 3.77
C GLU B 23 2.65 10.13 3.70
N ASP B 24 3.67 10.18 4.55
CA ASP B 24 4.68 9.12 4.59
C ASP B 24 4.36 8.10 5.67
N VAL B 25 4.97 6.92 5.55
CA VAL B 25 4.76 5.84 6.52
C VAL B 25 6.07 5.16 6.87
N THR B 26 6.06 4.41 7.97
CA THR B 26 7.26 3.70 8.43
C THR B 26 7.92 2.94 7.28
N ASP B 27 9.22 3.17 7.09
CA ASP B 27 9.97 2.51 6.03
C ASP B 27 11.31 2.01 6.54
N GLY B 28 12.09 2.91 7.12
CA GLY B 28 13.39 2.56 7.65
C GLY B 28 13.87 3.50 8.73
N ASN B 29 13.87 3.03 9.98
CA ASN B 29 14.31 3.84 11.10
C ASN B 29 15.76 4.28 10.94
N GLU B 30 16.07 5.48 11.41
CA GLU B 30 17.42 6.01 11.31
C GLU B 30 17.57 7.27 12.14
N VAL B 31 18.81 7.67 12.39
CA VAL B 31 19.09 8.86 13.18
C VAL B 31 20.12 9.75 12.48
N PRO A 1 -14.52 -4.68 10.93
CA PRO A 1 -14.03 -3.44 10.28
C PRO A 1 -12.65 -3.03 10.80
N SER A 2 -11.78 -4.01 11.00
CA SER A 2 -10.43 -3.76 11.49
C SER A 2 -9.39 -4.17 10.47
N HIS A 3 -9.49 -5.40 9.99
CA HIS A 3 -8.54 -5.91 9.00
C HIS A 3 -9.20 -5.99 7.62
N SER A 4 -10.01 -4.99 7.30
CA SER A 4 -10.70 -4.95 6.01
C SER A 4 -11.59 -3.71 5.90
N GLY A 5 -11.47 -3.00 4.78
CA GLY A 5 -12.27 -1.82 4.57
C GLY A 5 -12.59 -1.61 3.10
N ALA A 6 -13.65 -0.88 2.81
CA ALA A 6 -14.04 -0.63 1.44
C ALA A 6 -13.06 0.33 0.76
N ALA A 7 -12.24 -0.21 -0.13
CA ALA A 7 -11.24 0.58 -0.84
C ALA A 7 -11.57 0.69 -2.33
N ILE A 8 -11.01 1.70 -2.97
CA ILE A 8 -11.24 1.94 -4.39
C ILE A 8 -9.99 1.62 -5.22
N PHE A 9 -10.19 1.07 -6.41
CA PHE A 9 -9.09 0.72 -7.29
C PHE A 9 -9.47 0.92 -8.75
N GLU A 10 -8.70 1.73 -9.45
CA GLU A 10 -8.96 2.02 -10.87
C GLU A 10 -10.25 2.83 -11.02
N LYS A 11 -10.55 3.66 -10.03
CA LYS A 11 -11.73 4.51 -10.04
C LYS A 11 -12.99 3.75 -9.58
N VAL A 12 -12.85 2.44 -9.35
CA VAL A 12 -13.98 1.64 -8.92
C VAL A 12 -13.86 1.30 -7.44
N SER A 13 -14.97 1.39 -6.71
CA SER A 13 -14.97 1.11 -5.29
C SER A 13 -15.21 -0.37 -5.04
N GLY A 14 -14.42 -0.93 -4.13
CA GLY A 14 -14.55 -2.34 -3.81
C GLY A 14 -14.40 -2.60 -2.34
N ILE A 15 -13.78 -3.73 -2.00
CA ILE A 15 -13.57 -4.09 -0.62
C ILE A 15 -12.14 -4.55 -0.39
N ILE A 16 -11.44 -3.87 0.49
CA ILE A 16 -10.07 -4.21 0.80
C ILE A 16 -10.04 -5.04 2.08
N ALA A 17 -9.48 -6.24 1.99
CA ALA A 17 -9.43 -7.12 3.15
C ALA A 17 -8.10 -7.86 3.21
N ILE A 18 -7.49 -7.87 4.40
CA ILE A 18 -6.21 -8.53 4.60
C ILE A 18 -6.39 -10.02 4.90
N ASN A 19 -5.71 -10.86 4.13
CA ASN A 19 -5.78 -12.30 4.31
C ASN A 19 -4.65 -12.79 5.21
N GLU A 20 -4.92 -12.88 6.50
CA GLU A 20 -3.93 -13.34 7.47
C GLU A 20 -4.07 -14.83 7.73
N ASP A 21 -4.62 -15.55 6.76
CA ASP A 21 -4.80 -16.99 6.89
C ASP A 21 -3.75 -17.74 6.07
N VAL A 22 -2.99 -17.01 5.27
CA VAL A 22 -1.95 -17.61 4.44
C VAL A 22 -0.57 -17.39 5.05
N SER A 23 0.47 -17.83 4.34
CA SER A 23 1.84 -17.65 4.83
C SER A 23 2.17 -16.16 4.88
N PRO A 24 2.27 -15.49 3.71
CA PRO A 24 2.55 -14.07 3.65
C PRO A 24 1.26 -13.26 3.67
N ALA A 25 1.00 -12.57 4.77
CA ALA A 25 -0.20 -11.76 4.90
C ALA A 25 -0.39 -10.86 3.68
N GLU A 26 -1.44 -11.13 2.91
CA GLU A 26 -1.74 -10.36 1.72
C GLU A 26 -3.01 -9.53 1.91
N LEU A 27 -3.22 -8.58 1.00
CA LEU A 27 -4.40 -7.73 1.04
C LEU A 27 -5.24 -7.97 -0.22
N THR A 28 -6.39 -8.60 -0.06
CA THR A 28 -7.25 -8.92 -1.20
C THR A 28 -8.37 -7.90 -1.39
N TRP A 29 -8.30 -7.14 -2.48
CA TRP A 29 -9.31 -6.16 -2.80
C TRP A 29 -10.41 -6.80 -3.65
N ARG A 30 -11.59 -6.95 -3.06
CA ARG A 30 -12.72 -7.53 -3.76
C ARG A 30 -13.78 -6.47 -4.02
N SER A 31 -14.03 -6.18 -5.30
CA SER A 31 -15.02 -5.17 -5.67
C SER A 31 -16.32 -5.36 -4.91
N THR A 32 -17.21 -4.38 -5.00
CA THR A 32 -18.50 -4.44 -4.33
C THR A 32 -19.36 -5.49 -4.99
N ASP A 33 -19.28 -5.51 -6.32
CA ASP A 33 -20.05 -6.46 -7.10
C ASP A 33 -19.23 -7.72 -7.38
N GLY A 34 -17.94 -7.54 -7.58
CA GLY A 34 -17.07 -8.67 -7.86
C GLY A 34 -16.54 -8.66 -9.28
N ASP A 35 -16.67 -7.51 -9.94
CA ASP A 35 -16.20 -7.37 -11.31
C ASP A 35 -14.69 -7.16 -11.37
N LYS A 36 -14.11 -6.78 -10.24
CA LYS A 36 -12.66 -6.55 -10.16
C LYS A 36 -12.08 -7.08 -8.85
N VAL A 37 -10.88 -7.63 -8.94
CA VAL A 37 -10.20 -8.17 -7.77
C VAL A 37 -8.70 -7.94 -7.84
N HIS A 38 -8.14 -7.36 -6.79
CA HIS A 38 -6.69 -7.07 -6.74
C HIS A 38 -6.11 -7.46 -5.39
N THR A 39 -5.11 -8.34 -5.41
CA THR A 39 -4.47 -8.80 -4.19
C THR A 39 -3.10 -8.16 -4.01
N VAL A 40 -2.72 -7.92 -2.76
CA VAL A 40 -1.42 -7.32 -2.44
C VAL A 40 -0.72 -8.11 -1.36
N VAL A 41 0.56 -8.34 -1.53
CA VAL A 41 1.31 -9.07 -0.53
C VAL A 41 2.13 -8.12 0.34
N LEU A 42 1.65 -7.91 1.55
CA LEU A 42 2.30 -7.01 2.50
C LEU A 42 3.77 -7.40 2.70
N SER A 43 4.09 -8.66 2.41
CA SER A 43 5.47 -9.14 2.54
C SER A 43 6.40 -8.43 1.57
N THR A 44 5.85 -8.03 0.43
CA THR A 44 6.63 -7.34 -0.59
C THR A 44 6.48 -5.83 -0.44
N ILE A 45 5.30 -5.42 0.01
CA ILE A 45 5.01 -4.01 0.21
C ILE A 45 6.16 -3.29 0.93
N ASP A 46 6.92 -2.52 0.17
CA ASP A 46 8.06 -1.79 0.72
C ASP A 46 7.60 -0.74 1.72
N LYS A 47 6.43 -0.16 1.49
CA LYS A 47 5.90 0.86 2.39
C LYS A 47 4.46 1.22 2.04
N LEU A 48 3.75 1.79 3.01
CA LEU A 48 2.37 2.19 2.81
C LEU A 48 2.26 3.71 2.75
N GLN A 49 1.24 4.21 2.08
CA GLN A 49 1.04 5.66 1.96
C GLN A 49 -0.39 6.05 2.27
N ALA A 50 -0.56 7.11 3.04
CA ALA A 50 -1.88 7.60 3.40
C ALA A 50 -1.92 9.12 3.48
N THR A 51 -2.96 9.71 2.90
CA THR A 51 -3.12 11.16 2.88
C THR A 51 -2.82 11.77 4.25
N PRO A 52 -1.61 12.32 4.42
CA PRO A 52 -1.17 12.96 5.67
C PRO A 52 -2.21 13.96 6.19
N ALA A 53 -2.07 14.32 7.46
CA ALA A 53 -2.99 15.28 8.07
C ALA A 53 -3.03 16.60 7.30
N SER A 54 -2.01 16.83 6.47
CA SER A 54 -1.93 18.06 5.68
C SER A 54 -2.78 17.95 4.42
N SER A 55 -3.07 16.73 4.00
CA SER A 55 -3.87 16.49 2.81
C SER A 55 -5.37 16.49 3.15
N GLU A 56 -6.16 17.15 2.31
CA GLU A 56 -7.60 17.21 2.52
C GLU A 56 -8.31 16.04 1.85
N LYS A 57 -7.65 15.41 0.90
CA LYS A 57 -8.22 14.28 0.19
C LYS A 57 -8.02 12.98 0.97
N MET A 58 -8.72 11.94 0.56
CA MET A 58 -8.60 10.64 1.22
C MET A 58 -8.19 9.56 0.23
N MET A 59 -6.93 9.14 0.32
CA MET A 59 -6.40 8.11 -0.56
C MET A 59 -5.14 7.49 0.03
N LEU A 60 -5.02 6.17 -0.11
CA LEU A 60 -3.87 5.44 0.41
C LEU A 60 -3.13 4.71 -0.70
N ARG A 61 -1.81 4.74 -0.66
CA ARG A 61 -0.99 4.08 -1.66
C ARG A 61 -0.19 2.92 -1.05
N LEU A 62 0.15 1.94 -1.88
CA LEU A 62 0.89 0.77 -1.43
C LEU A 62 2.15 0.56 -2.26
N ILE A 63 3.31 0.75 -1.65
CA ILE A 63 4.58 0.56 -2.35
C ILE A 63 5.03 -0.89 -2.28
N GLY A 64 5.48 -1.41 -3.41
CA GLY A 64 5.95 -2.79 -3.47
C GLY A 64 7.46 -2.90 -3.48
N LYS A 65 7.96 -4.13 -3.39
CA LYS A 65 9.40 -4.36 -3.40
C LYS A 65 9.94 -4.41 -4.82
N VAL A 66 11.10 -3.79 -5.04
CA VAL A 66 11.73 -3.77 -6.36
C VAL A 66 12.91 -4.73 -6.42
N ASP A 67 13.23 -5.24 -5.27
CA ASP A 67 14.33 -6.19 -5.11
C ASP A 67 15.66 -5.53 -5.49
N GLU A 68 16.66 -5.69 -4.62
CA GLU A 68 17.97 -5.11 -4.86
C GLU A 68 18.92 -6.14 -5.46
N SER A 69 18.36 -7.10 -6.19
CA SER A 69 19.17 -8.15 -6.81
C SER A 69 19.19 -8.00 -8.33
N LYS A 70 18.21 -7.26 -8.86
CA LYS A 70 18.13 -7.04 -10.31
C LYS A 70 18.82 -5.74 -10.71
N LYS A 71 18.14 -4.61 -10.47
CA LYS A 71 18.70 -3.31 -10.80
C LYS A 71 18.93 -3.19 -12.31
N ARG A 72 18.87 -1.97 -12.81
CA ARG A 72 19.07 -1.71 -14.23
C ARG A 72 19.05 -0.22 -14.53
N LYS A 73 19.44 0.14 -15.75
CA LYS A 73 19.47 1.53 -16.17
C LYS A 73 18.10 1.99 -16.66
N ASP A 74 18.04 3.21 -17.17
CA ASP A 74 16.78 3.77 -17.67
C ASP A 74 16.68 3.61 -19.18
N ASN A 75 17.41 2.64 -19.73
CA ASN A 75 17.41 2.37 -21.16
C ASN A 75 18.13 3.47 -21.95
N GLU A 76 18.64 4.48 -21.26
CA GLU A 76 19.35 5.58 -21.91
C GLU A 76 20.83 5.53 -21.57
N GLY A 77 21.13 5.08 -20.37
CA GLY A 77 22.52 4.97 -19.94
C GLY A 77 22.72 5.49 -18.52
N ASN A 78 21.78 5.20 -17.65
CA ASN A 78 21.85 5.65 -16.26
C ASN A 78 21.39 4.55 -15.31
N GLU A 79 22.35 3.86 -14.70
CA GLU A 79 22.03 2.78 -13.76
C GLU A 79 21.21 3.30 -12.59
N VAL A 80 19.94 2.93 -12.56
CA VAL A 80 19.05 3.36 -11.50
C VAL A 80 18.32 2.17 -10.87
N VAL A 81 17.42 2.45 -9.93
CA VAL A 81 16.66 1.41 -9.27
C VAL A 81 15.22 1.37 -9.79
N PRO A 82 14.82 0.26 -10.43
CA PRO A 82 13.47 0.11 -10.98
C PRO A 82 12.39 0.59 -10.01
N LYS A 83 11.33 1.16 -10.55
CA LYS A 83 10.22 1.66 -9.74
C LYS A 83 9.50 0.49 -9.04
N PRO A 84 9.16 0.66 -7.75
CA PRO A 84 8.48 -0.37 -6.97
C PRO A 84 7.01 -0.51 -7.35
N GLN A 85 6.58 -1.73 -7.65
CA GLN A 85 5.19 -1.98 -8.03
C GLN A 85 4.25 -1.53 -6.91
N ARG A 86 3.44 -0.53 -7.21
CA ARG A 86 2.50 0.00 -6.22
C ARG A 86 1.09 0.07 -6.77
N HIS A 87 0.12 0.15 -5.86
CA HIS A 87 -1.29 0.24 -6.23
C HIS A 87 -1.93 1.46 -5.58
N MET A 88 -2.60 2.28 -6.39
CA MET A 88 -3.26 3.48 -5.89
C MET A 88 -4.66 3.18 -5.39
N PHE A 89 -4.86 3.25 -4.09
CA PHE A 89 -6.17 2.99 -3.48
C PHE A 89 -6.72 4.28 -2.89
N SER A 90 -7.97 4.59 -3.22
CA SER A 90 -8.62 5.79 -2.73
C SER A 90 -9.68 5.46 -1.69
N PHE A 91 -9.64 6.16 -0.56
CA PHE A 91 -10.60 5.95 0.51
C PHE A 91 -11.68 7.03 0.51
N ASN A 92 -12.88 6.66 0.93
CA ASN A 92 -13.99 7.59 0.97
C ASN A 92 -14.37 7.94 2.42
N ASN A 93 -14.00 7.07 3.34
CA ASN A 93 -14.29 7.29 4.76
C ASN A 93 -13.00 7.50 5.56
N ARG A 94 -13.12 8.21 6.68
CA ARG A 94 -11.98 8.48 7.53
C ARG A 94 -11.67 7.28 8.43
N THR A 95 -12.71 6.68 8.98
CA THR A 95 -12.57 5.53 9.84
C THR A 95 -11.91 4.37 9.13
N VAL A 96 -12.44 4.02 7.95
CA VAL A 96 -11.90 2.91 7.17
C VAL A 96 -10.44 3.16 6.82
N MET A 97 -10.08 4.43 6.69
CA MET A 97 -8.71 4.81 6.36
C MET A 97 -7.79 4.56 7.55
N ASP A 98 -8.31 4.82 8.73
CA ASP A 98 -7.54 4.63 9.96
C ASP A 98 -7.30 3.15 10.22
N ASN A 99 -8.22 2.31 9.77
CA ASN A 99 -8.11 0.86 9.95
C ASN A 99 -7.05 0.28 9.02
N ILE A 100 -7.20 0.53 7.73
CA ILE A 100 -6.25 0.02 6.74
C ILE A 100 -4.84 0.55 7.00
N LYS A 101 -4.72 1.87 7.15
CA LYS A 101 -3.43 2.50 7.39
C LYS A 101 -2.68 1.84 8.54
N MET A 102 -3.37 1.59 9.65
CA MET A 102 -2.75 0.97 10.82
C MET A 102 -2.69 -0.54 10.70
N THR A 103 -3.73 -1.12 10.14
CA THR A 103 -3.82 -2.57 9.97
C THR A 103 -2.78 -3.08 8.97
N LEU A 104 -2.70 -2.43 7.81
CA LEU A 104 -1.74 -2.84 6.79
C LEU A 104 -0.33 -2.74 7.35
N GLN A 105 0.03 -1.55 7.83
CA GLN A 105 1.35 -1.33 8.41
C GLN A 105 1.63 -2.37 9.50
N GLN A 106 0.57 -2.85 10.14
CA GLN A 106 0.70 -3.86 11.19
C GLN A 106 1.33 -5.12 10.60
N ILE A 107 1.01 -5.38 9.34
CA ILE A 107 1.54 -6.53 8.64
C ILE A 107 2.90 -6.19 8.05
N ILE A 108 3.02 -4.95 7.58
CA ILE A 108 4.26 -4.45 7.00
C ILE A 108 5.40 -4.54 8.01
N SER A 109 5.22 -3.84 9.12
CA SER A 109 6.22 -3.83 10.18
C SER A 109 6.54 -5.24 10.67
N ARG A 110 5.60 -6.17 10.44
CA ARG A 110 5.78 -7.55 10.85
C ARG A 110 7.07 -8.13 10.25
N TYR A 111 7.24 -7.93 8.95
CA TYR A 111 8.42 -8.42 8.25
C TYR A 111 9.64 -7.59 8.63
N LYS A 112 9.40 -6.33 8.99
CA LYS A 112 10.47 -5.43 9.37
C LYS A 112 11.31 -6.01 10.51
N ASP A 113 10.69 -6.12 11.70
CA ASP A 113 11.38 -6.65 12.86
C ASP A 113 11.78 -8.10 12.63
N ALA A 114 10.93 -8.86 11.96
CA ALA A 114 11.20 -10.26 11.68
C ALA A 114 12.42 -10.41 10.79
N ASP A 115 12.60 -9.48 9.86
CA ASP A 115 13.73 -9.51 8.94
C ASP A 115 14.95 -8.85 9.57
N TYR B 17 2.68 16.91 -3.35
CA TYR B 17 2.11 18.17 -2.82
C TYR B 17 2.87 18.64 -1.57
N ASP B 18 2.73 17.90 -0.48
CA ASP B 18 3.40 18.23 0.77
C ASP B 18 4.91 18.23 0.58
N SER B 19 5.48 17.05 0.35
CA SER B 19 6.92 16.92 0.16
C SER B 19 7.27 16.89 -1.33
N GLU B 20 6.79 15.86 -2.03
CA GLU B 20 7.05 15.72 -3.45
C GLU B 20 5.83 15.15 -4.17
N GLU B 21 5.51 13.89 -3.88
CA GLU B 21 4.36 13.24 -4.50
C GLU B 21 3.33 12.81 -3.44
N PHE B 22 3.83 12.28 -2.33
CA PHE B 22 2.97 11.82 -1.25
C PHE B 22 3.78 11.50 0.00
N GLU B 23 3.09 11.26 1.11
CA GLU B 23 3.76 10.95 2.37
C GLU B 23 3.87 9.44 2.57
N ASP B 24 4.96 9.02 3.20
CA ASP B 24 5.19 7.60 3.45
C ASP B 24 4.63 7.19 4.81
N VAL B 25 4.44 5.88 5.00
CA VAL B 25 3.90 5.34 6.24
C VAL B 25 4.79 4.23 6.79
N THR B 26 5.57 4.55 7.82
CA THR B 26 6.46 3.57 8.43
C THR B 26 6.60 3.82 9.93
N ASP B 27 5.89 3.03 10.73
CA ASP B 27 5.94 3.17 12.18
C ASP B 27 5.55 1.86 12.86
N GLY B 28 4.42 1.29 12.44
CA GLY B 28 3.96 0.05 13.02
C GLY B 28 3.67 0.17 14.51
N ASN B 29 2.67 0.98 14.85
CA ASN B 29 2.30 1.19 16.24
C ASN B 29 3.47 1.76 17.04
N GLU B 30 3.62 3.08 17.00
CA GLU B 30 4.70 3.75 17.72
C GLU B 30 6.07 3.34 17.17
N VAL B 31 6.53 2.16 17.55
CA VAL B 31 7.81 1.66 17.09
C VAL B 31 7.63 0.45 16.18
N PRO A 1 -14.18 -4.04 11.19
CA PRO A 1 -13.16 -3.06 10.75
C PRO A 1 -11.83 -3.25 11.49
N SER A 2 -11.31 -4.47 11.45
CA SER A 2 -10.05 -4.78 12.12
C SER A 2 -8.94 -5.02 11.10
N HIS A 3 -9.31 -5.50 9.92
CA HIS A 3 -8.34 -5.77 8.87
C HIS A 3 -9.04 -5.87 7.51
N SER A 4 -9.90 -4.90 7.21
CA SER A 4 -10.63 -4.88 5.95
C SER A 4 -11.52 -3.66 5.85
N GLY A 5 -11.42 -2.93 4.74
CA GLY A 5 -12.24 -1.75 4.54
C GLY A 5 -12.56 -1.52 3.08
N ALA A 6 -13.62 -0.79 2.82
CA ALA A 6 -14.03 -0.51 1.44
C ALA A 6 -13.05 0.46 0.78
N ALA A 7 -12.16 -0.09 -0.04
CA ALA A 7 -11.16 0.71 -0.74
C ALA A 7 -11.51 0.88 -2.22
N ILE A 8 -10.78 1.76 -2.90
CA ILE A 8 -11.00 2.01 -4.31
C ILE A 8 -9.77 1.69 -5.14
N PHE A 9 -10.00 1.20 -6.36
CA PHE A 9 -8.91 0.85 -7.26
C PHE A 9 -9.30 1.13 -8.70
N GLU A 10 -8.36 1.62 -9.49
CA GLU A 10 -8.63 1.94 -10.90
C GLU A 10 -9.86 2.82 -11.03
N LYS A 11 -10.14 3.62 -10.00
CA LYS A 11 -11.29 4.52 -9.99
C LYS A 11 -12.57 3.80 -9.57
N VAL A 12 -12.50 2.49 -9.37
CA VAL A 12 -13.65 1.71 -8.97
C VAL A 12 -13.58 1.37 -7.48
N SER A 13 -14.70 1.53 -6.79
CA SER A 13 -14.75 1.24 -5.36
C SER A 13 -15.06 -0.23 -5.11
N GLY A 14 -14.26 -0.85 -4.25
CA GLY A 14 -14.47 -2.24 -3.93
C GLY A 14 -14.34 -2.51 -2.45
N ILE A 15 -13.65 -3.58 -2.10
CA ILE A 15 -13.46 -3.93 -0.69
C ILE A 15 -12.04 -4.41 -0.45
N ILE A 16 -11.33 -3.73 0.43
CA ILE A 16 -9.97 -4.09 0.76
C ILE A 16 -9.97 -4.94 2.02
N ALA A 17 -9.40 -6.13 1.94
CA ALA A 17 -9.37 -7.03 3.08
C ALA A 17 -8.03 -7.77 3.17
N ILE A 18 -7.47 -7.80 4.37
CA ILE A 18 -6.20 -8.47 4.61
C ILE A 18 -6.40 -9.94 4.95
N ASN A 19 -5.80 -10.82 4.16
CA ASN A 19 -5.91 -12.26 4.38
C ASN A 19 -4.83 -12.74 5.34
N GLU A 20 -5.21 -12.95 6.59
CA GLU A 20 -4.26 -13.42 7.60
C GLU A 20 -4.22 -14.94 7.67
N ASP A 21 -4.75 -15.60 6.63
CA ASP A 21 -4.77 -17.05 6.57
C ASP A 21 -3.50 -17.57 5.91
N VAL A 22 -2.79 -16.67 5.23
CA VAL A 22 -1.56 -17.02 4.54
C VAL A 22 -0.36 -16.90 5.49
N SER A 23 0.84 -16.87 4.93
CA SER A 23 2.05 -16.76 5.74
C SER A 23 2.54 -15.31 5.82
N PRO A 24 2.74 -14.65 4.67
CA PRO A 24 3.21 -13.27 4.62
C PRO A 24 2.08 -12.26 4.67
N ALA A 25 0.89 -12.74 4.93
CA ALA A 25 -0.30 -11.91 5.02
C ALA A 25 -0.47 -11.06 3.75
N GLU A 26 -1.54 -11.33 3.00
CA GLU A 26 -1.81 -10.60 1.77
C GLU A 26 -3.02 -9.70 1.92
N LEU A 27 -3.16 -8.75 1.00
CA LEU A 27 -4.29 -7.83 0.99
C LEU A 27 -5.10 -8.04 -0.28
N THR A 28 -6.31 -8.59 -0.13
CA THR A 28 -7.16 -8.87 -1.28
C THR A 28 -8.28 -7.86 -1.44
N TRP A 29 -8.25 -7.14 -2.57
CA TRP A 29 -9.27 -6.15 -2.88
C TRP A 29 -10.42 -6.81 -3.65
N ARG A 30 -11.56 -6.93 -3.00
CA ARG A 30 -12.74 -7.52 -3.62
C ARG A 30 -13.77 -6.44 -3.93
N SER A 31 -14.02 -6.21 -5.22
CA SER A 31 -14.97 -5.20 -5.65
C SER A 31 -16.28 -5.31 -4.87
N THR A 32 -17.11 -4.28 -4.95
CA THR A 32 -18.38 -4.26 -4.26
C THR A 32 -19.36 -5.16 -4.96
N ASP A 33 -19.35 -5.09 -6.28
CA ASP A 33 -20.23 -5.89 -7.11
C ASP A 33 -19.70 -7.31 -7.25
N GLY A 34 -18.39 -7.43 -7.35
CA GLY A 34 -17.76 -8.74 -7.50
C GLY A 34 -17.29 -8.99 -8.91
N ASP A 35 -17.01 -7.92 -9.64
CA ASP A 35 -16.54 -8.03 -11.02
C ASP A 35 -15.04 -7.76 -11.11
N LYS A 36 -14.49 -7.12 -10.09
CA LYS A 36 -13.07 -6.80 -10.08
C LYS A 36 -12.41 -7.26 -8.78
N VAL A 37 -11.19 -7.76 -8.90
CA VAL A 37 -10.45 -8.24 -7.74
C VAL A 37 -8.96 -7.92 -7.86
N HIS A 38 -8.27 -7.87 -6.71
CA HIS A 38 -6.84 -7.58 -6.69
C HIS A 38 -6.20 -8.17 -5.44
N THR A 39 -4.94 -8.60 -5.57
CA THR A 39 -4.23 -9.18 -4.44
C THR A 39 -2.89 -8.48 -4.21
N VAL A 40 -2.61 -8.16 -2.94
CA VAL A 40 -1.37 -7.48 -2.57
C VAL A 40 -0.66 -8.24 -1.47
N VAL A 41 0.62 -8.47 -1.65
CA VAL A 41 1.39 -9.17 -0.64
C VAL A 41 2.19 -8.19 0.21
N LEU A 42 1.71 -7.95 1.42
CA LEU A 42 2.37 -7.02 2.35
C LEU A 42 3.85 -7.35 2.51
N SER A 43 4.22 -8.61 2.25
CA SER A 43 5.61 -9.05 2.36
C SER A 43 6.47 -8.39 1.30
N THR A 44 5.88 -8.14 0.15
CA THR A 44 6.58 -7.51 -0.97
C THR A 44 6.45 -6.00 -0.88
N ILE A 45 5.32 -5.55 -0.36
CA ILE A 45 5.05 -4.13 -0.23
C ILE A 45 6.24 -3.39 0.37
N ASP A 46 6.96 -2.67 -0.48
CA ASP A 46 8.13 -1.91 -0.05
C ASP A 46 7.77 -0.93 1.05
N LYS A 47 6.54 -0.41 1.01
CA LYS A 47 6.09 0.54 2.02
C LYS A 47 4.62 0.90 1.80
N LEU A 48 4.03 1.56 2.79
CA LEU A 48 2.64 1.98 2.72
C LEU A 48 2.54 3.50 2.56
N GLN A 49 1.39 3.98 2.14
CA GLN A 49 1.19 5.41 1.95
C GLN A 49 -0.24 5.81 2.30
N ALA A 50 -0.37 6.86 3.09
CA ALA A 50 -1.69 7.35 3.50
C ALA A 50 -1.73 8.86 3.49
N THR A 51 -2.90 9.42 3.14
CA THR A 51 -3.08 10.86 3.08
C THR A 51 -3.26 11.45 4.48
N PRO A 52 -2.21 12.06 5.03
CA PRO A 52 -2.23 12.68 6.37
C PRO A 52 -3.45 13.57 6.56
N ALA A 53 -3.74 13.90 7.81
CA ALA A 53 -4.88 14.74 8.13
C ALA A 53 -4.76 16.11 7.48
N SER A 54 -3.57 16.45 6.99
CA SER A 54 -3.33 17.74 6.35
C SER A 54 -3.69 17.68 4.87
N SER A 55 -3.77 16.47 4.32
CA SER A 55 -4.11 16.29 2.92
C SER A 55 -5.60 16.53 2.67
N GLU A 56 -5.91 17.30 1.64
CA GLU A 56 -7.29 17.60 1.30
C GLU A 56 -8.00 16.38 0.74
N LYS A 57 -7.23 15.54 0.05
CA LYS A 57 -7.76 14.33 -0.55
C LYS A 57 -7.40 13.10 0.29
N MET A 58 -8.34 12.18 0.42
CA MET A 58 -8.12 10.96 1.19
C MET A 58 -7.84 9.78 0.28
N MET A 59 -6.57 9.37 0.23
CA MET A 59 -6.17 8.24 -0.60
C MET A 59 -4.91 7.58 -0.06
N LEU A 60 -4.87 6.25 -0.11
CA LEU A 60 -3.72 5.50 0.38
C LEU A 60 -3.01 4.79 -0.77
N ARG A 61 -1.68 4.76 -0.72
CA ARG A 61 -0.89 4.12 -1.77
C ARG A 61 -0.12 2.92 -1.21
N LEU A 62 0.15 1.96 -2.10
CA LEU A 62 0.87 0.75 -1.71
C LEU A 62 2.08 0.50 -2.63
N ILE A 63 3.27 0.52 -2.06
CA ILE A 63 4.48 0.29 -2.82
C ILE A 63 4.79 -1.20 -2.89
N GLY A 64 5.55 -1.60 -3.92
CA GLY A 64 5.90 -3.00 -4.07
C GLY A 64 7.39 -3.22 -4.08
N LYS A 65 7.81 -4.47 -3.86
CA LYS A 65 9.23 -4.78 -3.86
C LYS A 65 9.87 -4.46 -5.21
N VAL A 66 11.07 -3.91 -5.18
CA VAL A 66 11.79 -3.55 -6.37
C VAL A 66 12.92 -4.54 -6.62
N ASP A 67 14.11 -4.01 -6.74
CA ASP A 67 15.31 -4.82 -6.99
C ASP A 67 16.54 -3.94 -7.06
N GLU A 68 17.66 -4.46 -6.58
CA GLU A 68 18.92 -3.72 -6.60
C GLU A 68 19.91 -4.31 -7.61
N SER A 69 19.68 -5.56 -7.97
CA SER A 69 20.54 -6.24 -8.94
C SER A 69 20.53 -5.53 -10.29
N LYS A 70 19.50 -4.73 -10.53
CA LYS A 70 19.38 -3.99 -11.77
C LYS A 70 18.88 -2.57 -11.52
N LYS A 71 19.82 -1.65 -11.34
CA LYS A 71 19.47 -0.25 -11.09
C LYS A 71 19.19 0.49 -12.41
N ARG A 72 18.98 1.79 -12.30
CA ARG A 72 18.70 2.61 -13.48
C ARG A 72 18.61 4.09 -13.12
N LYS A 73 18.57 4.95 -14.13
CA LYS A 73 18.49 6.38 -13.92
C LYS A 73 17.04 6.85 -13.93
N ASP A 74 16.85 8.16 -13.90
CA ASP A 74 15.50 8.75 -13.93
C ASP A 74 15.22 9.43 -15.26
N ASN A 75 15.88 8.95 -16.32
CA ASN A 75 15.70 9.51 -17.66
C ASN A 75 16.35 10.89 -17.79
N GLU A 76 16.97 11.37 -16.72
CA GLU A 76 17.63 12.67 -16.73
C GLU A 76 19.14 12.50 -16.73
N GLY A 77 19.60 11.43 -16.12
CA GLY A 77 21.03 11.16 -16.06
C GLY A 77 21.53 11.05 -14.64
N ASN A 78 20.68 10.57 -13.74
CA ASN A 78 21.05 10.42 -12.33
C ASN A 78 20.80 9.00 -11.86
N GLU A 79 21.84 8.35 -11.36
CA GLU A 79 21.74 6.98 -10.87
C GLU A 79 20.73 6.89 -9.72
N VAL A 80 19.76 6.00 -9.88
CA VAL A 80 18.73 5.81 -8.86
C VAL A 80 18.21 4.38 -8.87
N VAL A 81 17.18 4.12 -8.06
CA VAL A 81 16.59 2.79 -7.97
C VAL A 81 15.30 2.70 -8.79
N PRO A 82 15.12 1.61 -9.55
CA PRO A 82 13.92 1.42 -10.38
C PRO A 82 12.63 1.63 -9.59
N LYS A 83 11.67 2.30 -10.23
CA LYS A 83 10.39 2.57 -9.59
C LYS A 83 9.59 1.28 -9.38
N PRO A 84 9.30 0.92 -8.12
CA PRO A 84 8.55 -0.29 -7.80
C PRO A 84 7.08 -0.19 -8.20
N GLN A 85 6.31 -1.24 -7.92
CA GLN A 85 4.89 -1.25 -8.25
C GLN A 85 4.10 -0.49 -7.19
N ARG A 86 3.48 0.61 -7.59
CA ARG A 86 2.70 1.43 -6.67
C ARG A 86 1.21 1.28 -6.93
N HIS A 87 0.48 0.75 -5.95
CA HIS A 87 -0.96 0.57 -6.06
C HIS A 87 -1.68 1.78 -5.48
N MET A 88 -2.42 2.49 -6.32
CA MET A 88 -3.15 3.67 -5.89
C MET A 88 -4.53 3.31 -5.36
N PHE A 89 -4.71 3.46 -4.05
CA PHE A 89 -5.99 3.16 -3.40
C PHE A 89 -6.63 4.44 -2.89
N SER A 90 -7.90 4.64 -3.22
CA SER A 90 -8.61 5.84 -2.79
C SER A 90 -9.58 5.54 -1.66
N PHE A 91 -9.49 6.32 -0.60
CA PHE A 91 -10.37 6.16 0.55
C PHE A 91 -11.41 7.26 0.62
N ASN A 92 -12.67 6.88 0.86
CA ASN A 92 -13.75 7.85 0.93
C ASN A 92 -14.05 8.26 2.37
N ASN A 93 -13.63 7.43 3.31
CA ASN A 93 -13.87 7.70 4.73
C ASN A 93 -12.55 7.81 5.49
N ARG A 94 -12.56 8.60 6.56
CA ARG A 94 -11.37 8.79 7.37
C ARG A 94 -11.18 7.61 8.34
N THR A 95 -12.29 7.09 8.84
CA THR A 95 -12.25 5.97 9.76
C THR A 95 -11.62 4.73 9.10
N VAL A 96 -12.16 4.37 7.94
CA VAL A 96 -11.66 3.21 7.20
C VAL A 96 -10.17 3.38 6.87
N MET A 97 -9.75 4.64 6.70
CA MET A 97 -8.35 4.93 6.38
C MET A 97 -7.47 4.68 7.60
N ASP A 98 -7.98 5.02 8.76
CA ASP A 98 -7.25 4.84 10.01
C ASP A 98 -7.08 3.36 10.31
N ASN A 99 -8.03 2.54 9.86
CA ASN A 99 -7.97 1.10 10.07
C ASN A 99 -7.00 0.44 9.11
N ILE A 100 -7.19 0.69 7.81
CA ILE A 100 -6.34 0.11 6.78
C ILE A 100 -4.88 0.53 6.98
N LYS A 101 -4.66 1.82 7.16
CA LYS A 101 -3.31 2.35 7.35
C LYS A 101 -2.66 1.74 8.59
N MET A 102 -3.41 1.62 9.68
CA MET A 102 -2.89 1.07 10.92
C MET A 102 -2.85 -0.46 10.88
N THR A 103 -3.70 -1.04 10.05
CA THR A 103 -3.76 -2.50 9.94
C THR A 103 -2.72 -3.01 8.95
N LEU A 104 -2.55 -2.31 7.84
CA LEU A 104 -1.57 -2.71 6.84
C LEU A 104 -0.18 -2.69 7.45
N GLN A 105 0.22 -1.53 7.97
CA GLN A 105 1.53 -1.39 8.60
C GLN A 105 1.72 -2.44 9.68
N GLN A 106 0.60 -2.90 10.25
CA GLN A 106 0.66 -3.92 11.29
C GLN A 106 1.22 -5.21 10.72
N ILE A 107 0.89 -5.47 9.46
CA ILE A 107 1.38 -6.64 8.76
C ILE A 107 2.82 -6.40 8.30
N ILE A 108 3.08 -5.16 7.93
CA ILE A 108 4.41 -4.75 7.48
C ILE A 108 5.45 -5.05 8.53
N SER A 109 5.21 -4.54 9.73
CA SER A 109 6.12 -4.74 10.86
C SER A 109 6.45 -6.21 11.06
N ARG A 110 5.56 -7.08 10.61
CA ARG A 110 5.77 -8.53 10.74
C ARG A 110 7.08 -8.95 10.08
N TYR A 111 7.49 -8.20 9.06
CA TYR A 111 8.72 -8.50 8.34
C TYR A 111 9.89 -7.73 8.94
N LYS A 112 9.62 -6.56 9.50
CA LYS A 112 10.66 -5.74 10.11
C LYS A 112 11.19 -6.38 11.38
N ASP A 113 10.31 -6.53 12.37
CA ASP A 113 10.68 -7.13 13.64
C ASP A 113 11.17 -8.56 13.45
N ALA A 114 10.63 -9.24 12.44
CA ALA A 114 11.01 -10.61 12.15
C ALA A 114 12.38 -10.67 11.49
N ASP A 115 12.51 -10.04 10.32
CA ASP A 115 13.76 -10.02 9.59
C ASP A 115 14.86 -9.34 10.42
N TYR B 17 0.12 20.89 -4.97
CA TYR B 17 1.40 20.18 -5.17
C TYR B 17 1.23 18.67 -5.01
N ASP B 18 1.16 17.96 -6.13
CA ASP B 18 0.99 16.52 -6.11
C ASP B 18 2.15 15.84 -5.40
N SER B 19 3.36 16.35 -5.63
CA SER B 19 4.55 15.79 -5.00
C SER B 19 4.46 15.90 -3.48
N GLU B 20 3.80 16.93 -3.00
CA GLU B 20 3.63 17.14 -1.56
C GLU B 20 2.20 16.86 -1.12
N GLU B 21 1.53 15.96 -1.85
CA GLU B 21 0.16 15.60 -1.53
C GLU B 21 0.04 14.12 -1.22
N PHE B 22 1.14 13.52 -0.78
CA PHE B 22 1.16 12.10 -0.44
C PHE B 22 2.44 11.72 0.29
N GLU B 23 2.30 10.95 1.37
CA GLU B 23 3.45 10.53 2.16
C GLU B 23 3.37 9.04 2.48
N ASP B 24 4.49 8.46 2.91
CA ASP B 24 4.55 7.05 3.25
C ASP B 24 4.36 6.85 4.75
N VAL B 25 4.02 5.62 5.13
CA VAL B 25 3.80 5.29 6.54
C VAL B 25 4.35 3.90 6.86
N THR B 26 5.36 3.85 7.71
CA THR B 26 5.97 2.57 8.11
C THR B 26 6.43 2.63 9.55
N ASP B 27 6.99 1.51 10.04
CA ASP B 27 7.48 1.43 11.40
C ASP B 27 8.87 0.81 11.45
N GLY B 28 9.48 0.83 12.63
CA GLY B 28 10.81 0.26 12.78
C GLY B 28 11.52 0.80 14.01
N ASN B 29 12.46 1.72 13.79
CA ASN B 29 13.22 2.31 14.89
C ASN B 29 14.00 1.25 15.64
N GLU B 30 14.48 0.24 14.92
CA GLU B 30 15.24 -0.84 15.53
C GLU B 30 16.25 -1.41 14.54
N VAL B 31 15.75 -1.95 13.44
CA VAL B 31 16.60 -2.54 12.41
C VAL B 31 16.09 -2.22 11.02
N PRO A 1 -14.32 -5.18 11.35
CA PRO A 1 -13.94 -4.18 10.32
C PRO A 1 -12.60 -3.51 10.63
N SER A 2 -11.65 -4.32 11.11
CA SER A 2 -10.33 -3.80 11.46
C SER A 2 -9.30 -4.16 10.39
N HIS A 3 -9.30 -5.42 9.99
CA HIS A 3 -8.37 -5.90 8.96
C HIS A 3 -9.04 -5.94 7.60
N SER A 4 -9.89 -4.96 7.33
CA SER A 4 -10.61 -4.90 6.06
C SER A 4 -11.49 -3.65 5.99
N GLY A 5 -11.38 -2.91 4.88
CA GLY A 5 -12.18 -1.72 4.71
C GLY A 5 -12.52 -1.49 3.25
N ALA A 6 -13.58 -0.73 3.00
CA ALA A 6 -14.00 -0.46 1.63
C ALA A 6 -13.02 0.48 0.95
N ALA A 7 -12.24 -0.07 0.01
CA ALA A 7 -11.25 0.71 -0.72
C ALA A 7 -11.57 0.77 -2.21
N ILE A 8 -11.16 1.87 -2.85
CA ILE A 8 -11.39 2.05 -4.28
C ILE A 8 -10.12 1.72 -5.08
N PHE A 9 -10.31 1.16 -6.27
CA PHE A 9 -9.17 0.80 -7.11
C PHE A 9 -9.46 1.10 -8.57
N GLU A 10 -8.70 2.04 -9.14
CA GLU A 10 -8.87 2.42 -10.54
C GLU A 10 -10.19 3.17 -10.74
N LYS A 11 -10.61 3.92 -9.72
CA LYS A 11 -11.85 4.70 -9.77
C LYS A 11 -13.07 3.84 -9.44
N VAL A 12 -12.88 2.54 -9.27
CA VAL A 12 -13.99 1.65 -8.94
C VAL A 12 -13.94 1.26 -7.47
N SER A 13 -15.07 1.37 -6.80
CA SER A 13 -15.14 1.05 -5.38
C SER A 13 -15.10 -0.46 -5.17
N GLY A 14 -14.73 -0.86 -3.98
CA GLY A 14 -14.65 -2.27 -3.65
C GLY A 14 -14.46 -2.51 -2.18
N ILE A 15 -13.82 -3.62 -1.84
CA ILE A 15 -13.56 -3.96 -0.45
C ILE A 15 -12.13 -4.42 -0.26
N ILE A 16 -11.40 -3.71 0.58
CA ILE A 16 -10.02 -4.07 0.87
C ILE A 16 -9.98 -4.92 2.13
N ALA A 17 -9.44 -6.12 2.01
CA ALA A 17 -9.37 -7.03 3.15
C ALA A 17 -8.05 -7.77 3.19
N ILE A 18 -7.45 -7.86 4.38
CA ILE A 18 -6.18 -8.53 4.56
C ILE A 18 -6.36 -10.01 4.87
N ASN A 19 -5.70 -10.85 4.07
CA ASN A 19 -5.78 -12.30 4.24
C ASN A 19 -4.66 -12.80 5.15
N GLU A 20 -4.96 -12.89 6.45
CA GLU A 20 -3.96 -13.34 7.42
C GLU A 20 -4.11 -14.84 7.68
N ASP A 21 -4.65 -15.55 6.69
CA ASP A 21 -4.84 -16.99 6.80
C ASP A 21 -3.78 -17.75 6.01
N VAL A 22 -2.99 -17.00 5.22
CA VAL A 22 -1.93 -17.62 4.41
C VAL A 22 -0.57 -17.39 5.06
N SER A 23 0.49 -17.83 4.38
CA SER A 23 1.84 -17.65 4.89
C SER A 23 2.17 -16.16 4.94
N PRO A 24 2.28 -15.49 3.77
CA PRO A 24 2.56 -14.07 3.70
C PRO A 24 1.28 -13.26 3.69
N ALA A 25 0.99 -12.57 4.78
CA ALA A 25 -0.22 -11.78 4.89
C ALA A 25 -0.41 -10.89 3.65
N GLU A 26 -1.47 -11.15 2.90
CA GLU A 26 -1.76 -10.39 1.69
C GLU A 26 -3.00 -9.52 1.88
N LEU A 27 -3.19 -8.58 0.97
CA LEU A 27 -4.34 -7.68 1.01
C LEU A 27 -5.18 -7.89 -0.25
N THR A 28 -6.36 -8.48 -0.07
CA THR A 28 -7.23 -8.77 -1.21
C THR A 28 -8.37 -7.76 -1.35
N TRP A 29 -8.33 -6.98 -2.41
CA TRP A 29 -9.36 -5.99 -2.69
C TRP A 29 -10.46 -6.63 -3.52
N ARG A 30 -11.63 -6.81 -2.92
CA ARG A 30 -12.77 -7.39 -3.62
C ARG A 30 -13.83 -6.33 -3.88
N SER A 31 -14.08 -6.06 -5.16
CA SER A 31 -15.07 -5.05 -5.54
C SER A 31 -16.37 -5.22 -4.76
N THR A 32 -17.21 -4.20 -4.80
CA THR A 32 -18.49 -4.24 -4.10
C THR A 32 -19.43 -5.18 -4.81
N ASP A 33 -19.39 -5.11 -6.13
CA ASP A 33 -20.23 -5.96 -6.96
C ASP A 33 -19.54 -7.28 -7.28
N GLY A 34 -18.23 -7.21 -7.45
CA GLY A 34 -17.46 -8.40 -7.76
C GLY A 34 -16.95 -8.42 -9.19
N ASP A 35 -16.87 -7.24 -9.79
CA ASP A 35 -16.39 -7.11 -11.17
C ASP A 35 -14.89 -6.84 -11.20
N LYS A 36 -14.35 -6.37 -10.09
CA LYS A 36 -12.92 -6.07 -10.00
C LYS A 36 -12.31 -6.64 -8.73
N VAL A 37 -11.09 -7.15 -8.86
CA VAL A 37 -10.39 -7.73 -7.72
C VAL A 37 -8.88 -7.43 -7.78
N HIS A 38 -8.23 -7.49 -6.62
CA HIS A 38 -6.80 -7.22 -6.54
C HIS A 38 -6.21 -7.84 -5.28
N THR A 39 -4.95 -8.28 -5.37
CA THR A 39 -4.28 -8.90 -4.24
C THR A 39 -2.90 -8.31 -4.02
N VAL A 40 -2.61 -7.91 -2.78
CA VAL A 40 -1.32 -7.33 -2.44
C VAL A 40 -0.64 -8.16 -1.36
N VAL A 41 0.64 -8.40 -1.54
CA VAL A 41 1.38 -9.17 -0.56
C VAL A 41 2.22 -8.25 0.34
N LEU A 42 1.71 -8.01 1.53
CA LEU A 42 2.39 -7.16 2.50
C LEU A 42 3.83 -7.58 2.70
N SER A 43 4.12 -8.86 2.45
CA SER A 43 5.47 -9.38 2.60
C SER A 43 6.42 -8.71 1.61
N THR A 44 5.88 -8.29 0.47
CA THR A 44 6.67 -7.63 -0.55
C THR A 44 6.53 -6.11 -0.44
N ILE A 45 5.37 -5.68 0.01
CA ILE A 45 5.08 -4.27 0.18
C ILE A 45 6.22 -3.54 0.88
N ASP A 46 6.99 -2.79 0.10
CA ASP A 46 8.13 -2.04 0.64
C ASP A 46 7.69 -1.09 1.75
N LYS A 47 6.62 -0.33 1.49
CA LYS A 47 6.13 0.62 2.47
C LYS A 47 4.65 0.92 2.24
N LEU A 48 4.05 1.62 3.19
CA LEU A 48 2.64 2.00 3.09
C LEU A 48 2.50 3.50 2.89
N GLN A 49 1.40 3.92 2.30
CA GLN A 49 1.16 5.33 2.06
C GLN A 49 -0.28 5.73 2.41
N ALA A 50 -0.41 6.80 3.17
CA ALA A 50 -1.73 7.28 3.58
C ALA A 50 -1.79 8.81 3.53
N THR A 51 -2.91 9.33 3.04
CA THR A 51 -3.09 10.78 2.94
C THR A 51 -3.62 11.35 4.25
N PRO A 52 -2.73 11.94 5.06
CA PRO A 52 -3.08 12.56 6.34
C PRO A 52 -4.27 13.49 6.22
N ALA A 53 -4.87 13.83 7.36
CA ALA A 53 -6.02 14.73 7.38
C ALA A 53 -5.67 16.10 6.83
N SER A 54 -4.37 16.38 6.69
CA SER A 54 -3.93 17.67 6.17
C SER A 54 -4.22 17.80 4.68
N SER A 55 -4.39 16.66 4.01
CA SER A 55 -4.68 16.65 2.58
C SER A 55 -6.18 16.64 2.33
N GLU A 56 -6.64 17.54 1.49
CA GLU A 56 -8.06 17.63 1.16
C GLU A 56 -8.56 16.33 0.55
N LYS A 57 -7.67 15.61 -0.11
CA LYS A 57 -8.00 14.34 -0.74
C LYS A 57 -7.67 13.18 0.19
N MET A 58 -8.29 12.03 -0.06
CA MET A 58 -8.05 10.84 0.76
C MET A 58 -7.74 9.63 -0.11
N MET A 59 -6.48 9.22 -0.14
CA MET A 59 -6.05 8.07 -0.92
C MET A 59 -4.83 7.41 -0.30
N LEU A 60 -4.81 6.08 -0.29
CA LEU A 60 -3.70 5.33 0.26
C LEU A 60 -2.93 4.59 -0.83
N ARG A 61 -1.60 4.62 -0.75
CA ARG A 61 -0.76 3.95 -1.74
C ARG A 61 0.01 2.79 -1.11
N LEU A 62 0.36 1.81 -1.93
CA LEU A 62 1.09 0.64 -1.46
C LEU A 62 2.34 0.38 -2.31
N ILE A 63 3.51 0.55 -1.70
CA ILE A 63 4.77 0.33 -2.39
C ILE A 63 5.18 -1.14 -2.31
N GLY A 64 5.65 -1.69 -3.43
CA GLY A 64 6.06 -3.08 -3.45
C GLY A 64 7.57 -3.24 -3.44
N LYS A 65 8.03 -4.48 -3.29
CA LYS A 65 9.46 -4.76 -3.25
C LYS A 65 10.09 -4.56 -4.63
N VAL A 66 11.29 -4.02 -4.66
CA VAL A 66 12.00 -3.77 -5.89
C VAL A 66 13.13 -4.77 -6.07
N ASP A 67 14.31 -4.27 -6.23
CA ASP A 67 15.51 -5.10 -6.42
C ASP A 67 16.77 -4.27 -6.21
N GLU A 68 17.45 -4.51 -5.09
CA GLU A 68 18.67 -3.79 -4.78
C GLU A 68 19.73 -4.00 -5.85
N SER A 69 19.59 -5.08 -6.62
CA SER A 69 20.53 -5.39 -7.68
C SER A 69 20.03 -4.86 -9.03
N LYS A 70 19.51 -3.65 -9.02
CA LYS A 70 18.99 -3.02 -10.24
C LYS A 70 19.11 -1.50 -10.17
N LYS A 71 20.13 -1.03 -9.47
CA LYS A 71 20.35 0.41 -9.31
C LYS A 71 20.65 1.05 -10.67
N ARG A 72 20.24 2.30 -10.82
CA ARG A 72 20.47 3.04 -12.06
C ARG A 72 20.13 4.52 -11.89
N LYS A 73 20.19 5.26 -13.00
CA LYS A 73 19.88 6.69 -12.97
C LYS A 73 18.54 6.97 -13.65
N ASP A 74 18.26 8.24 -13.87
CA ASP A 74 17.01 8.64 -14.51
C ASP A 74 17.27 9.30 -15.87
N ASN A 75 18.39 8.93 -16.49
CA ASN A 75 18.76 9.48 -17.79
C ASN A 75 19.29 10.91 -17.68
N GLU A 76 19.33 11.44 -16.46
CA GLU A 76 19.82 12.80 -16.24
C GLU A 76 21.19 12.77 -15.58
N GLY A 77 21.41 11.74 -14.78
CA GLY A 77 22.68 11.60 -14.08
C GLY A 77 22.52 11.56 -12.57
N ASN A 78 21.38 11.04 -12.12
CA ASN A 78 21.10 10.96 -10.68
C ASN A 78 20.81 9.52 -10.28
N GLU A 79 21.67 8.95 -9.43
CA GLU A 79 21.50 7.59 -8.97
C GLU A 79 20.17 7.43 -8.22
N VAL A 80 19.28 6.62 -8.80
CA VAL A 80 17.98 6.37 -8.19
C VAL A 80 17.70 4.88 -8.07
N VAL A 81 16.48 4.54 -7.65
CA VAL A 81 16.08 3.15 -7.48
C VAL A 81 14.91 2.80 -8.39
N PRO A 82 14.91 1.62 -9.02
CA PRO A 82 13.83 1.18 -9.91
C PRO A 82 12.47 1.31 -9.26
N LYS A 83 11.55 1.99 -9.94
CA LYS A 83 10.20 2.19 -9.44
C LYS A 83 9.51 0.85 -9.17
N PRO A 84 9.30 0.49 -7.89
CA PRO A 84 8.65 -0.76 -7.51
C PRO A 84 7.16 -0.77 -7.85
N GLN A 85 6.48 -1.85 -7.49
CA GLN A 85 5.05 -1.97 -7.75
C GLN A 85 4.27 -1.06 -6.80
N ARG A 86 3.60 -0.06 -7.36
CA ARG A 86 2.82 0.87 -6.56
C ARG A 86 1.32 0.65 -6.75
N HIS A 87 0.65 0.25 -5.68
CA HIS A 87 -0.79 0.01 -5.71
C HIS A 87 -1.53 1.27 -5.27
N MET A 88 -2.22 1.91 -6.21
CA MET A 88 -2.96 3.13 -5.91
C MET A 88 -4.37 2.82 -5.41
N PHE A 89 -4.60 3.08 -4.12
CA PHE A 89 -5.90 2.85 -3.52
C PHE A 89 -6.49 4.17 -3.01
N SER A 90 -7.76 4.39 -3.29
CA SER A 90 -8.41 5.62 -2.87
C SER A 90 -9.46 5.35 -1.79
N PHE A 91 -9.43 6.16 -0.74
CA PHE A 91 -10.37 6.02 0.36
C PHE A 91 -11.32 7.22 0.42
N ASN A 92 -12.53 6.99 0.95
CA ASN A 92 -13.52 8.04 1.05
C ASN A 92 -13.73 8.49 2.50
N ASN A 93 -13.47 7.60 3.43
CA ASN A 93 -13.63 7.90 4.84
C ASN A 93 -12.28 8.06 5.53
N ARG A 94 -12.29 8.66 6.71
CA ARG A 94 -11.06 8.88 7.48
C ARG A 94 -10.78 7.71 8.41
N THR A 95 -11.83 7.17 9.00
CA THR A 95 -11.71 6.06 9.92
C THR A 95 -11.35 4.78 9.19
N VAL A 96 -12.11 4.44 8.16
CA VAL A 96 -11.87 3.23 7.39
C VAL A 96 -10.44 3.21 6.85
N MET A 97 -10.00 4.32 6.28
CA MET A 97 -8.64 4.42 5.75
C MET A 97 -7.63 4.30 6.88
N ASP A 98 -8.02 4.84 8.03
CA ASP A 98 -7.16 4.80 9.21
C ASP A 98 -6.92 3.36 9.64
N ASN A 99 -7.91 2.50 9.43
CA ASN A 99 -7.79 1.09 9.79
C ASN A 99 -6.78 0.39 8.90
N ILE A 100 -6.91 0.61 7.59
CA ILE A 100 -5.99 0.00 6.62
C ILE A 100 -4.56 0.49 6.84
N LYS A 101 -4.40 1.80 6.95
CA LYS A 101 -3.09 2.40 7.15
C LYS A 101 -2.38 1.78 8.35
N MET A 102 -3.11 1.55 9.43
CA MET A 102 -2.55 0.98 10.65
C MET A 102 -2.47 -0.54 10.56
N THR A 103 -3.49 -1.13 9.98
CA THR A 103 -3.56 -2.59 9.85
C THR A 103 -2.51 -3.10 8.86
N LEU A 104 -2.34 -2.40 7.75
CA LEU A 104 -1.36 -2.81 6.76
C LEU A 104 0.03 -2.77 7.38
N GLN A 105 0.42 -1.60 7.86
CA GLN A 105 1.72 -1.43 8.50
C GLN A 105 1.93 -2.48 9.58
N GLN A 106 0.82 -2.93 10.17
CA GLN A 106 0.89 -3.95 11.21
C GLN A 106 1.48 -5.23 10.64
N ILE A 107 1.17 -5.47 9.37
CA ILE A 107 1.68 -6.64 8.67
C ILE A 107 3.07 -6.34 8.10
N ILE A 108 3.23 -5.11 7.63
CA ILE A 108 4.51 -4.66 7.08
C ILE A 108 5.62 -4.82 8.10
N SER A 109 5.45 -4.15 9.23
CA SER A 109 6.44 -4.21 10.31
C SER A 109 6.72 -5.64 10.74
N ARG A 110 5.77 -6.53 10.47
CA ARG A 110 5.93 -7.94 10.82
C ARG A 110 7.18 -8.52 10.19
N TYR A 111 7.33 -8.30 8.89
CA TYR A 111 8.49 -8.78 8.16
C TYR A 111 9.74 -7.98 8.52
N LYS A 112 9.53 -6.73 8.93
CA LYS A 112 10.63 -5.86 9.31
C LYS A 112 11.51 -6.50 10.37
N ASP A 113 10.96 -6.66 11.57
CA ASP A 113 11.69 -7.26 12.67
C ASP A 113 12.14 -8.68 12.32
N ALA A 114 11.36 -9.36 11.50
CA ALA A 114 11.66 -10.72 11.09
C ALA A 114 12.87 -10.74 10.13
N ASP A 115 12.98 -9.70 9.31
CA ASP A 115 14.07 -9.60 8.36
C ASP A 115 15.31 -8.97 9.02
N TYR B 17 8.62 14.30 -5.98
CA TYR B 17 7.40 14.63 -6.77
C TYR B 17 6.14 14.18 -6.06
N ASP B 18 6.00 12.86 -5.86
CA ASP B 18 4.84 12.30 -5.19
C ASP B 18 4.97 12.44 -3.68
N SER B 19 6.21 12.40 -3.18
CA SER B 19 6.46 12.52 -1.76
C SER B 19 5.92 13.85 -1.21
N GLU B 20 5.89 14.87 -2.07
CA GLU B 20 5.40 16.18 -1.67
C GLU B 20 3.96 16.10 -1.18
N GLU B 21 3.08 15.56 -2.03
CA GLU B 21 1.67 15.43 -1.68
C GLU B 21 1.43 14.15 -0.87
N PHE B 22 1.70 13.01 -1.49
CA PHE B 22 1.51 11.72 -0.84
C PHE B 22 2.59 11.48 0.21
N GLU B 23 2.17 11.01 1.38
CA GLU B 23 3.12 10.74 2.47
C GLU B 23 3.10 9.26 2.85
N ASP B 24 4.27 8.72 3.16
CA ASP B 24 4.39 7.32 3.54
C ASP B 24 4.40 7.17 5.06
N VAL B 25 4.13 5.95 5.53
CA VAL B 25 4.11 5.67 6.96
C VAL B 25 5.03 4.52 7.31
N THR B 26 6.14 4.83 7.97
CA THR B 26 7.11 3.82 8.36
C THR B 26 7.79 4.20 9.67
N ASP B 27 8.74 3.38 10.10
CA ASP B 27 9.48 3.62 11.34
C ASP B 27 10.96 3.87 11.06
N GLY B 28 11.28 5.10 10.67
CA GLY B 28 12.66 5.45 10.39
C GLY B 28 13.05 6.80 10.95
N ASN B 29 12.83 7.85 10.18
CA ASN B 29 13.16 9.21 10.61
C ASN B 29 14.65 9.34 10.88
N GLU B 30 15.09 10.57 11.13
CA GLU B 30 16.51 10.83 11.41
C GLU B 30 16.70 12.24 11.95
N VAL B 31 17.67 12.40 12.84
CA VAL B 31 17.96 13.70 13.44
C VAL B 31 18.99 14.47 12.61
N PRO A 1 -14.62 -3.64 11.44
CA PRO A 1 -13.50 -3.41 10.49
C PRO A 1 -12.15 -3.32 11.20
N SER A 2 -11.50 -4.46 11.36
CA SER A 2 -10.20 -4.51 12.03
C SER A 2 -9.08 -4.72 11.02
N HIS A 3 -9.40 -5.43 9.93
CA HIS A 3 -8.42 -5.70 8.88
C HIS A 3 -9.08 -5.81 7.52
N SER A 4 -9.95 -4.85 7.21
CA SER A 4 -10.66 -4.83 5.94
C SER A 4 -11.54 -3.59 5.82
N GLY A 5 -11.42 -2.89 4.69
CA GLY A 5 -12.21 -1.70 4.47
C GLY A 5 -12.49 -1.48 2.99
N ALA A 6 -13.53 -0.72 2.70
CA ALA A 6 -13.89 -0.45 1.31
C ALA A 6 -12.87 0.48 0.66
N ALA A 7 -12.07 -0.08 -0.26
CA ALA A 7 -11.05 0.69 -0.96
C ALA A 7 -11.35 0.77 -2.46
N ILE A 8 -10.89 1.85 -3.08
CA ILE A 8 -11.11 2.04 -4.51
C ILE A 8 -9.87 1.62 -5.31
N PHE A 9 -10.10 1.07 -6.50
CA PHE A 9 -9.00 0.64 -7.36
C PHE A 9 -9.40 0.78 -8.83
N GLU A 10 -8.56 1.49 -9.60
CA GLU A 10 -8.83 1.70 -11.01
C GLU A 10 -10.08 2.56 -11.20
N LYS A 11 -10.31 3.47 -10.26
CA LYS A 11 -11.46 4.37 -10.30
C LYS A 11 -12.75 3.69 -9.82
N VAL A 12 -12.67 2.40 -9.51
CA VAL A 12 -13.84 1.67 -9.04
C VAL A 12 -13.74 1.38 -7.55
N SER A 13 -14.86 1.41 -6.86
CA SER A 13 -14.88 1.16 -5.43
C SER A 13 -15.15 -0.31 -5.14
N GLY A 14 -14.29 -0.91 -4.33
CA GLY A 14 -14.45 -2.30 -3.97
C GLY A 14 -14.31 -2.53 -2.48
N ILE A 15 -13.68 -3.64 -2.11
CA ILE A 15 -13.48 -3.97 -0.71
C ILE A 15 -12.06 -4.44 -0.47
N ILE A 16 -11.35 -3.74 0.39
CA ILE A 16 -9.98 -4.12 0.72
C ILE A 16 -9.98 -4.93 2.00
N ALA A 17 -9.46 -6.15 1.92
CA ALA A 17 -9.43 -7.03 3.07
C ALA A 17 -8.10 -7.78 3.17
N ILE A 18 -7.50 -7.75 4.35
CA ILE A 18 -6.22 -8.40 4.59
C ILE A 18 -6.41 -9.89 4.85
N ASN A 19 -5.69 -10.72 4.09
CA ASN A 19 -5.77 -12.17 4.24
C ASN A 19 -4.75 -12.65 5.27
N GLU A 20 -5.18 -12.76 6.52
CA GLU A 20 -4.31 -13.21 7.60
C GLU A 20 -4.49 -14.70 7.86
N ASP A 21 -4.93 -15.42 6.83
CA ASP A 21 -5.15 -16.86 6.95
C ASP A 21 -4.03 -17.63 6.24
N VAL A 22 -3.18 -16.93 5.52
CA VAL A 22 -2.07 -17.56 4.80
C VAL A 22 -0.75 -17.31 5.52
N SER A 23 0.34 -17.79 4.92
CA SER A 23 1.66 -17.60 5.52
C SER A 23 2.00 -16.10 5.55
N PRO A 24 2.20 -15.47 4.38
CA PRO A 24 2.49 -14.05 4.30
C PRO A 24 1.21 -13.24 4.20
N ALA A 25 0.87 -12.53 5.25
CA ALA A 25 -0.35 -11.72 5.27
C ALA A 25 -0.46 -10.86 4.01
N GLU A 26 -1.52 -11.11 3.24
CA GLU A 26 -1.75 -10.37 2.01
C GLU A 26 -2.95 -9.44 2.12
N LEU A 27 -3.14 -8.61 1.10
CA LEU A 27 -4.24 -7.67 1.05
C LEU A 27 -5.07 -7.92 -0.21
N THR A 28 -6.28 -8.45 -0.04
CA THR A 28 -7.12 -8.76 -1.20
C THR A 28 -8.26 -7.77 -1.37
N TRP A 29 -8.26 -7.09 -2.52
CA TRP A 29 -9.28 -6.12 -2.85
C TRP A 29 -10.40 -6.79 -3.65
N ARG A 30 -11.57 -6.93 -3.03
CA ARG A 30 -12.71 -7.53 -3.69
C ARG A 30 -13.77 -6.48 -3.99
N SER A 31 -14.02 -6.23 -5.27
CA SER A 31 -15.01 -5.22 -5.68
C SER A 31 -16.30 -5.39 -4.89
N THR A 32 -17.17 -4.38 -4.98
CA THR A 32 -18.44 -4.40 -4.28
C THR A 32 -19.40 -5.32 -5.00
N ASP A 33 -19.39 -5.24 -6.32
CA ASP A 33 -20.24 -6.05 -7.16
C ASP A 33 -19.66 -7.44 -7.37
N GLY A 34 -18.34 -7.50 -7.50
CA GLY A 34 -17.68 -8.78 -7.70
C GLY A 34 -17.17 -8.94 -9.12
N ASP A 35 -16.91 -7.81 -9.78
CA ASP A 35 -16.41 -7.83 -11.15
C ASP A 35 -14.92 -7.50 -11.22
N LYS A 36 -14.40 -6.89 -10.15
CA LYS A 36 -13.00 -6.51 -10.10
C LYS A 36 -12.35 -7.01 -8.82
N VAL A 37 -11.12 -7.51 -8.94
CA VAL A 37 -10.39 -8.02 -7.79
C VAL A 37 -8.90 -7.70 -7.89
N HIS A 38 -8.23 -7.70 -6.74
CA HIS A 38 -6.80 -7.41 -6.69
C HIS A 38 -6.18 -8.02 -5.44
N THR A 39 -4.93 -8.45 -5.54
CA THR A 39 -4.23 -9.06 -4.41
C THR A 39 -2.87 -8.40 -4.17
N VAL A 40 -2.61 -8.06 -2.90
CA VAL A 40 -1.35 -7.44 -2.53
C VAL A 40 -0.70 -8.19 -1.39
N VAL A 41 0.57 -8.50 -1.56
CA VAL A 41 1.28 -9.21 -0.51
C VAL A 41 2.14 -8.26 0.31
N LEU A 42 1.70 -7.99 1.53
CA LEU A 42 2.42 -7.09 2.44
C LEU A 42 3.88 -7.49 2.56
N SER A 43 4.17 -8.76 2.31
CA SER A 43 5.55 -9.25 2.39
C SER A 43 6.42 -8.61 1.32
N THR A 44 5.81 -8.26 0.21
CA THR A 44 6.53 -7.62 -0.90
C THR A 44 6.39 -6.11 -0.81
N ILE A 45 5.24 -5.67 -0.33
CA ILE A 45 4.95 -4.25 -0.19
C ILE A 45 6.12 -3.51 0.45
N ASP A 46 6.83 -2.71 -0.34
CA ASP A 46 7.96 -1.95 0.15
C ASP A 46 7.55 -1.03 1.28
N LYS A 47 6.51 -0.24 1.06
CA LYS A 47 6.01 0.70 2.07
C LYS A 47 4.55 1.03 1.84
N LEU A 48 3.96 1.73 2.80
CA LEU A 48 2.56 2.12 2.71
C LEU A 48 2.45 3.63 2.49
N GLN A 49 1.29 4.09 2.04
CA GLN A 49 1.09 5.51 1.80
C GLN A 49 -0.33 5.94 2.15
N ALA A 50 -0.46 7.07 2.82
CA ALA A 50 -1.76 7.59 3.22
C ALA A 50 -1.75 9.12 3.26
N THR A 51 -2.76 9.72 2.64
CA THR A 51 -2.88 11.17 2.59
C THR A 51 -2.94 11.76 4.00
N PRO A 52 -1.81 12.35 4.46
CA PRO A 52 -1.71 12.97 5.79
C PRO A 52 -2.88 13.92 6.07
N ALA A 53 -3.05 14.26 7.33
CA ALA A 53 -4.13 15.15 7.74
C ALA A 53 -4.05 16.49 6.99
N SER A 54 -2.88 16.79 6.43
CA SER A 54 -2.68 18.03 5.69
C SER A 54 -3.37 17.98 4.33
N SER A 55 -3.62 16.77 3.84
CA SER A 55 -4.27 16.59 2.55
C SER A 55 -5.74 16.23 2.73
N GLU A 56 -6.62 17.18 2.40
CA GLU A 56 -8.06 16.96 2.52
C GLU A 56 -8.51 15.77 1.68
N LYS A 57 -7.71 15.42 0.68
CA LYS A 57 -8.03 14.29 -0.20
C LYS A 57 -7.58 12.98 0.42
N MET A 58 -8.54 12.11 0.73
CA MET A 58 -8.25 10.82 1.33
C MET A 58 -7.82 9.81 0.26
N MET A 59 -6.59 9.34 0.35
CA MET A 59 -6.06 8.38 -0.61
C MET A 59 -4.88 7.62 -0.03
N LEU A 60 -4.82 6.32 -0.30
CA LEU A 60 -3.72 5.49 0.19
C LEU A 60 -3.01 4.79 -0.96
N ARG A 61 -1.68 4.70 -0.87
CA ARG A 61 -0.88 4.06 -1.91
C ARG A 61 -0.12 2.87 -1.33
N LEU A 62 0.16 1.88 -2.18
CA LEU A 62 0.88 0.69 -1.75
C LEU A 62 2.07 0.39 -2.66
N ILE A 63 3.28 0.55 -2.12
CA ILE A 63 4.49 0.30 -2.88
C ILE A 63 4.89 -1.17 -2.79
N GLY A 64 5.26 -1.74 -3.93
CA GLY A 64 5.67 -3.14 -3.96
C GLY A 64 7.17 -3.32 -3.97
N LYS A 65 7.62 -4.54 -3.68
CA LYS A 65 9.05 -4.84 -3.67
C LYS A 65 9.67 -4.63 -5.04
N VAL A 66 10.89 -4.11 -5.06
CA VAL A 66 11.60 -3.86 -6.29
C VAL A 66 12.72 -4.88 -6.47
N ASP A 67 13.91 -4.38 -6.63
CA ASP A 67 15.08 -5.23 -6.80
C ASP A 67 16.35 -4.39 -6.89
N GLU A 68 17.43 -4.89 -6.30
CA GLU A 68 18.71 -4.19 -6.31
C GLU A 68 19.70 -4.84 -7.26
N SER A 69 19.47 -6.12 -7.57
CA SER A 69 20.34 -6.87 -8.46
C SER A 69 20.11 -6.47 -9.91
N LYS A 70 18.94 -5.90 -10.19
CA LYS A 70 18.61 -5.47 -11.53
C LYS A 70 18.56 -3.95 -11.64
N LYS A 71 19.71 -3.32 -11.41
CA LYS A 71 19.80 -1.86 -11.47
C LYS A 71 19.95 -1.39 -12.91
N ARG A 72 20.06 -0.07 -13.09
CA ARG A 72 20.21 0.50 -14.41
C ARG A 72 20.39 2.02 -14.33
N LYS A 73 20.76 2.64 -15.45
CA LYS A 73 20.97 4.08 -15.50
C LYS A 73 19.64 4.81 -15.72
N ASP A 74 19.72 6.13 -15.83
CA ASP A 74 18.52 6.94 -16.04
C ASP A 74 18.64 7.77 -17.32
N ASN A 75 19.39 7.24 -18.29
CA ASN A 75 19.60 7.93 -19.57
C ASN A 75 20.60 9.08 -19.44
N GLU A 76 21.12 9.28 -18.22
CA GLU A 76 22.09 10.35 -17.98
C GLU A 76 23.48 9.78 -17.82
N GLY A 77 23.55 8.55 -17.30
CA GLY A 77 24.83 7.89 -17.10
C GLY A 77 25.10 7.62 -15.63
N ASN A 78 24.02 7.48 -14.85
CA ASN A 78 24.16 7.21 -13.42
C ASN A 78 23.34 5.98 -13.02
N GLU A 79 24.04 4.93 -12.57
CA GLU A 79 23.38 3.70 -12.17
C GLU A 79 22.41 3.95 -11.01
N VAL A 80 21.13 4.09 -11.34
CA VAL A 80 20.10 4.33 -10.34
C VAL A 80 19.39 3.05 -9.95
N VAL A 81 18.36 3.17 -9.12
CA VAL A 81 17.59 2.00 -8.68
C VAL A 81 16.17 2.04 -9.23
N PRO A 82 15.73 0.96 -9.92
CA PRO A 82 14.39 0.89 -10.49
C PRO A 82 13.30 1.18 -9.46
N LYS A 83 12.43 2.13 -9.77
CA LYS A 83 11.34 2.50 -8.87
C LYS A 83 10.44 1.30 -8.57
N PRO A 84 9.99 1.15 -7.32
CA PRO A 84 9.13 0.03 -6.92
C PRO A 84 7.68 0.23 -7.38
N GLN A 85 6.89 -0.83 -7.27
CA GLN A 85 5.49 -0.77 -7.68
C GLN A 85 4.74 0.27 -6.86
N ARG A 86 3.47 0.48 -7.18
CA ARG A 86 2.66 1.46 -6.46
C ARG A 86 1.17 1.29 -6.79
N HIS A 87 0.41 0.81 -5.82
CA HIS A 87 -1.02 0.62 -6.00
C HIS A 87 -1.80 1.85 -5.54
N MET A 88 -2.57 2.44 -6.44
CA MET A 88 -3.35 3.62 -6.12
C MET A 88 -4.71 3.26 -5.52
N PHE A 89 -4.86 3.54 -4.23
CA PHE A 89 -6.12 3.25 -3.54
C PHE A 89 -6.73 4.53 -3.00
N SER A 90 -8.01 4.73 -3.27
CA SER A 90 -8.72 5.93 -2.81
C SER A 90 -9.81 5.57 -1.81
N PHE A 91 -9.65 6.03 -0.57
CA PHE A 91 -10.61 5.75 0.48
C PHE A 91 -11.57 6.93 0.66
N ASN A 92 -12.85 6.64 0.76
CA ASN A 92 -13.87 7.69 0.92
C ASN A 92 -14.26 7.84 2.39
N ASN A 93 -13.33 7.55 3.29
CA ASN A 93 -13.58 7.66 4.72
C ASN A 93 -12.28 7.86 5.48
N ARG A 94 -12.36 8.55 6.62
CA ARG A 94 -11.18 8.81 7.44
C ARG A 94 -10.89 7.63 8.36
N THR A 95 -11.93 6.97 8.84
CA THR A 95 -11.80 5.84 9.73
C THR A 95 -11.32 4.61 8.98
N VAL A 96 -11.83 4.41 7.76
CA VAL A 96 -11.44 3.26 6.95
C VAL A 96 -9.94 3.23 6.71
N MET A 97 -9.39 4.35 6.23
CA MET A 97 -7.96 4.42 5.97
C MET A 97 -7.18 4.32 7.27
N ASP A 98 -7.78 4.85 8.33
CA ASP A 98 -7.17 4.82 9.66
C ASP A 98 -7.10 3.39 10.19
N ASN A 99 -8.12 2.59 9.85
CA ASN A 99 -8.17 1.21 10.30
C ASN A 99 -7.30 0.32 9.41
N ILE A 100 -7.10 0.74 8.17
CA ILE A 100 -6.29 -0.01 7.22
C ILE A 100 -4.82 0.35 7.35
N LYS A 101 -4.53 1.65 7.36
CA LYS A 101 -3.16 2.13 7.48
C LYS A 101 -2.49 1.59 8.74
N MET A 102 -3.29 1.35 9.77
CA MET A 102 -2.77 0.83 11.04
C MET A 102 -2.63 -0.69 10.99
N THR A 103 -3.57 -1.33 10.34
CA THR A 103 -3.56 -2.79 10.22
C THR A 103 -2.55 -3.24 9.17
N LEU A 104 -2.38 -2.44 8.13
CA LEU A 104 -1.43 -2.77 7.09
C LEU A 104 -0.01 -2.79 7.64
N GLN A 105 0.42 -1.65 8.17
CA GLN A 105 1.75 -1.54 8.77
C GLN A 105 1.95 -2.64 9.81
N GLN A 106 0.85 -3.10 10.39
CA GLN A 106 0.91 -4.16 11.39
C GLN A 106 1.47 -5.43 10.75
N ILE A 107 1.12 -5.63 9.49
CA ILE A 107 1.60 -6.78 8.73
C ILE A 107 3.02 -6.51 8.23
N ILE A 108 3.24 -5.26 7.84
CA ILE A 108 4.54 -4.83 7.35
C ILE A 108 5.62 -5.09 8.38
N SER A 109 5.39 -4.56 9.59
CA SER A 109 6.33 -4.72 10.69
C SER A 109 6.72 -6.18 10.90
N ARG A 110 5.84 -7.08 10.48
CA ARG A 110 6.09 -8.51 10.63
C ARG A 110 7.36 -8.91 9.88
N TYR A 111 7.66 -8.20 8.79
CA TYR A 111 8.84 -8.49 8.00
C TYR A 111 10.02 -7.62 8.44
N LYS A 112 9.71 -6.40 8.87
CA LYS A 112 10.75 -5.48 9.32
C LYS A 112 11.52 -6.06 10.50
N ASP A 113 10.82 -6.25 11.62
CA ASP A 113 11.44 -6.80 12.82
C ASP A 113 12.02 -8.19 12.54
N ALA A 114 11.40 -8.92 11.63
CA ALA A 114 11.86 -10.26 11.28
C ALA A 114 13.12 -10.19 10.44
N ASP A 115 13.18 -9.24 9.53
CA ASP A 115 14.34 -9.06 8.66
C ASP A 115 15.44 -8.30 9.37
N TYR B 17 7.87 18.54 -4.42
CA TYR B 17 6.78 19.32 -3.77
C TYR B 17 5.42 18.94 -4.34
N ASP B 18 5.24 19.13 -5.64
CA ASP B 18 3.99 18.80 -6.30
C ASP B 18 3.66 17.32 -6.16
N SER B 19 4.69 16.49 -6.09
CA SER B 19 4.52 15.05 -5.95
C SER B 19 4.68 14.61 -4.50
N GLU B 20 4.88 15.58 -3.60
CA GLU B 20 5.04 15.28 -2.18
C GLU B 20 3.73 15.47 -1.42
N GLU B 21 2.62 15.28 -2.12
CA GLU B 21 1.30 15.43 -1.50
C GLU B 21 1.01 14.28 -0.54
N PHE B 22 1.08 13.06 -1.04
CA PHE B 22 0.83 11.87 -0.23
C PHE B 22 2.08 11.49 0.56
N GLU B 23 1.89 11.18 1.84
CA GLU B 23 3.00 10.80 2.71
C GLU B 23 2.94 9.31 3.05
N ASP B 24 4.08 8.77 3.46
CA ASP B 24 4.16 7.36 3.81
C ASP B 24 4.01 7.16 5.32
N VAL B 25 3.70 5.93 5.74
CA VAL B 25 3.54 5.62 7.15
C VAL B 25 4.50 4.52 7.59
N THR B 26 5.46 4.89 8.42
CA THR B 26 6.44 3.93 8.92
C THR B 26 6.86 4.26 10.34
N ASP B 27 7.37 3.27 11.06
CA ASP B 27 7.80 3.45 12.43
C ASP B 27 9.32 3.36 12.54
N GLY B 28 9.88 2.32 11.94
CA GLY B 28 11.32 2.12 11.98
C GLY B 28 11.81 1.69 13.34
N ASN B 29 12.82 0.81 13.36
CA ASN B 29 13.37 0.31 14.61
C ASN B 29 14.89 0.20 14.52
N GLU B 30 15.59 1.11 15.19
CA GLU B 30 17.05 1.13 15.19
C GLU B 30 17.59 0.66 16.54
N VAL B 31 18.68 -0.11 16.49
CA VAL B 31 19.31 -0.62 17.71
C VAL B 31 20.58 0.15 18.04
N PRO A 1 -14.02 -5.84 11.58
CA PRO A 1 -13.32 -5.77 10.26
C PRO A 1 -12.23 -4.68 10.26
N SER A 2 -11.33 -4.75 11.23
CA SER A 2 -10.24 -3.78 11.33
C SER A 2 -9.27 -3.92 10.17
N HIS A 3 -8.99 -5.17 9.80
CA HIS A 3 -8.07 -5.44 8.70
C HIS A 3 -8.82 -5.58 7.37
N SER A 4 -9.72 -4.64 7.11
CA SER A 4 -10.49 -4.65 5.87
C SER A 4 -11.37 -3.41 5.75
N GLY A 5 -11.28 -2.74 4.62
CA GLY A 5 -12.09 -1.54 4.40
C GLY A 5 -12.43 -1.37 2.93
N ALA A 6 -13.50 -0.64 2.66
CA ALA A 6 -13.92 -0.41 1.28
C ALA A 6 -12.96 0.54 0.58
N ALA A 7 -12.13 -0.03 -0.31
CA ALA A 7 -11.15 0.76 -1.04
C ALA A 7 -11.51 0.85 -2.52
N ILE A 8 -10.94 1.83 -3.21
CA ILE A 8 -11.20 2.04 -4.63
C ILE A 8 -9.97 1.71 -5.46
N PHE A 9 -10.20 1.13 -6.64
CA PHE A 9 -9.12 0.75 -7.54
C PHE A 9 -9.54 0.93 -9.00
N GLU A 10 -8.78 1.74 -9.73
CA GLU A 10 -9.08 1.99 -11.14
C GLU A 10 -10.36 2.82 -11.28
N LYS A 11 -10.62 3.68 -10.29
CA LYS A 11 -11.79 4.53 -10.29
C LYS A 11 -13.05 3.80 -9.80
N VAL A 12 -12.92 2.49 -9.54
CA VAL A 12 -14.04 1.70 -9.06
C VAL A 12 -13.89 1.40 -7.58
N SER A 13 -15.00 1.48 -6.85
CA SER A 13 -14.97 1.21 -5.42
C SER A 13 -15.24 -0.25 -5.14
N GLY A 14 -14.39 -0.85 -4.30
CA GLY A 14 -14.54 -2.25 -3.96
C GLY A 14 -14.37 -2.48 -2.47
N ILE A 15 -13.71 -3.58 -2.12
CA ILE A 15 -13.47 -3.91 -0.73
C ILE A 15 -12.05 -4.38 -0.52
N ILE A 16 -11.33 -3.67 0.33
CA ILE A 16 -9.95 -4.03 0.63
C ILE A 16 -9.90 -4.83 1.91
N ALA A 17 -9.36 -6.03 1.84
CA ALA A 17 -9.28 -6.90 3.00
C ALA A 17 -7.95 -7.62 3.08
N ILE A 18 -7.36 -7.62 4.27
CA ILE A 18 -6.07 -8.27 4.48
C ILE A 18 -6.23 -9.73 4.88
N ASN A 19 -5.67 -10.63 4.08
CA ASN A 19 -5.73 -12.06 4.34
C ASN A 19 -4.69 -12.47 5.37
N GLU A 20 -5.07 -12.48 6.63
CA GLU A 20 -4.16 -12.85 7.71
C GLU A 20 -4.33 -14.32 8.08
N ASP A 21 -4.82 -15.11 7.14
CA ASP A 21 -5.03 -16.54 7.36
C ASP A 21 -3.96 -17.37 6.66
N VAL A 22 -3.11 -16.71 5.88
CA VAL A 22 -2.05 -17.40 5.16
C VAL A 22 -0.69 -17.14 5.81
N SER A 23 0.38 -17.65 5.20
CA SER A 23 1.71 -17.44 5.75
C SER A 23 2.07 -15.96 5.67
N PRO A 24 2.22 -15.40 4.46
CA PRO A 24 2.52 -13.98 4.28
C PRO A 24 1.23 -13.17 4.16
N ALA A 25 0.94 -12.38 5.18
CA ALA A 25 -0.27 -11.56 5.19
C ALA A 25 -0.43 -10.81 3.87
N GLU A 26 -1.53 -11.07 3.17
CA GLU A 26 -1.81 -10.43 1.90
C GLU A 26 -2.98 -9.45 2.01
N LEU A 27 -3.20 -8.70 0.94
CA LEU A 27 -4.27 -7.73 0.88
C LEU A 27 -5.10 -7.97 -0.38
N THR A 28 -6.33 -8.46 -0.21
CA THR A 28 -7.18 -8.77 -1.36
C THR A 28 -8.31 -7.77 -1.52
N TRP A 29 -8.29 -7.05 -2.64
CA TRP A 29 -9.32 -6.08 -2.95
C TRP A 29 -10.46 -6.74 -3.72
N ARG A 30 -11.61 -6.88 -3.07
CA ARG A 30 -12.77 -7.48 -3.70
C ARG A 30 -13.84 -6.43 -3.98
N SER A 31 -14.10 -6.18 -5.27
CA SER A 31 -15.10 -5.19 -5.66
C SER A 31 -16.39 -5.34 -4.86
N THR A 32 -17.23 -4.32 -4.90
CA THR A 32 -18.49 -4.33 -4.18
C THR A 32 -19.47 -5.24 -4.90
N ASP A 33 -19.47 -5.14 -6.22
CA ASP A 33 -20.34 -5.93 -7.05
C ASP A 33 -19.77 -7.32 -7.29
N GLY A 34 -18.46 -7.40 -7.42
CA GLY A 34 -17.80 -8.67 -7.65
C GLY A 34 -17.30 -8.81 -9.08
N ASP A 35 -17.03 -7.69 -9.72
CA ASP A 35 -16.54 -7.69 -11.09
C ASP A 35 -15.06 -7.35 -11.17
N LYS A 36 -14.54 -6.75 -10.11
CA LYS A 36 -13.13 -6.37 -10.06
C LYS A 36 -12.46 -6.91 -8.81
N VAL A 37 -11.23 -7.40 -8.97
CA VAL A 37 -10.49 -7.96 -7.85
C VAL A 37 -9.00 -7.65 -7.96
N HIS A 38 -8.30 -7.67 -6.83
CA HIS A 38 -6.87 -7.40 -6.79
C HIS A 38 -6.23 -8.01 -5.55
N THR A 39 -4.99 -8.45 -5.67
CA THR A 39 -4.29 -9.06 -4.55
C THR A 39 -2.93 -8.43 -4.31
N VAL A 40 -2.64 -8.11 -3.05
CA VAL A 40 -1.36 -7.52 -2.68
C VAL A 40 -0.71 -8.29 -1.55
N VAL A 41 0.54 -8.64 -1.74
CA VAL A 41 1.24 -9.37 -0.70
C VAL A 41 2.15 -8.45 0.11
N LEU A 42 1.66 -8.07 1.29
CA LEU A 42 2.40 -7.18 2.17
C LEU A 42 3.86 -7.64 2.33
N SER A 43 4.08 -8.94 2.17
CA SER A 43 5.42 -9.50 2.28
C SER A 43 6.36 -8.87 1.27
N THR A 44 5.80 -8.48 0.13
CA THR A 44 6.58 -7.85 -0.93
C THR A 44 6.47 -6.34 -0.83
N ILE A 45 5.28 -5.89 -0.44
CA ILE A 45 5.01 -4.47 -0.31
C ILE A 45 6.11 -3.77 0.48
N ASP A 46 6.99 -3.06 -0.24
CA ASP A 46 8.09 -2.35 0.39
C ASP A 46 7.59 -1.43 1.51
N LYS A 47 6.42 -0.84 1.31
CA LYS A 47 5.84 0.05 2.30
C LYS A 47 4.42 0.46 1.92
N LEU A 48 3.81 1.28 2.75
CA LEU A 48 2.45 1.76 2.49
C LEU A 48 2.33 3.23 2.88
N GLN A 49 1.35 3.91 2.30
CA GLN A 49 1.14 5.33 2.58
C GLN A 49 -0.33 5.65 2.83
N ALA A 50 -0.59 6.87 3.30
CA ALA A 50 -1.94 7.32 3.58
C ALA A 50 -2.01 8.84 3.67
N THR A 51 -2.98 9.42 2.98
CA THR A 51 -3.16 10.87 2.96
C THR A 51 -3.26 11.43 4.39
N PRO A 52 -2.17 12.03 4.88
CA PRO A 52 -2.12 12.63 6.22
C PRO A 52 -3.32 13.54 6.49
N ALA A 53 -3.55 13.85 7.75
CA ALA A 53 -4.65 14.72 8.14
C ALA A 53 -4.51 16.11 7.51
N SER A 54 -3.33 16.43 6.99
CA SER A 54 -3.08 17.72 6.37
C SER A 54 -3.65 17.77 4.95
N SER A 55 -3.84 16.60 4.36
CA SER A 55 -4.37 16.51 3.00
C SER A 55 -5.89 16.30 3.02
N GLU A 56 -6.61 17.15 2.31
CA GLU A 56 -8.06 17.05 2.24
C GLU A 56 -8.49 15.81 1.46
N LYS A 57 -7.62 15.33 0.59
CA LYS A 57 -7.90 14.15 -0.22
C LYS A 57 -7.59 12.88 0.55
N MET A 58 -8.45 11.88 0.40
CA MET A 58 -8.27 10.61 1.09
C MET A 58 -7.85 9.51 0.11
N MET A 59 -6.58 9.13 0.16
CA MET A 59 -6.05 8.09 -0.72
C MET A 59 -4.80 7.44 -0.12
N LEU A 60 -4.70 6.13 -0.26
CA LEU A 60 -3.55 5.40 0.26
C LEU A 60 -2.75 4.77 -0.87
N ARG A 61 -1.43 4.73 -0.71
CA ARG A 61 -0.55 4.15 -1.72
C ARG A 61 0.14 2.90 -1.18
N LEU A 62 0.41 1.95 -2.08
CA LEU A 62 1.06 0.71 -1.70
C LEU A 62 2.28 0.43 -2.58
N ILE A 63 3.45 0.37 -1.94
CA ILE A 63 4.69 0.10 -2.67
C ILE A 63 4.93 -1.39 -2.78
N GLY A 64 5.72 -1.79 -3.77
CA GLY A 64 6.01 -3.20 -3.97
C GLY A 64 7.51 -3.47 -3.99
N LYS A 65 7.89 -4.71 -3.72
CA LYS A 65 9.30 -5.09 -3.73
C LYS A 65 9.89 -4.95 -5.13
N VAL A 66 11.09 -4.42 -5.20
CA VAL A 66 11.76 -4.22 -6.46
C VAL A 66 12.86 -5.26 -6.64
N ASP A 67 14.05 -4.80 -6.85
CA ASP A 67 15.21 -5.67 -7.04
C ASP A 67 16.48 -4.85 -7.27
N GLU A 68 17.31 -4.78 -6.24
CA GLU A 68 18.56 -4.02 -6.32
C GLU A 68 19.74 -4.95 -6.62
N SER A 69 19.47 -6.06 -7.29
CA SER A 69 20.50 -7.03 -7.62
C SER A 69 20.74 -7.08 -9.13
N LYS A 70 19.76 -6.61 -9.90
CA LYS A 70 19.88 -6.61 -11.35
C LYS A 70 20.47 -5.29 -11.85
N LYS A 71 19.75 -4.20 -11.63
CA LYS A 71 20.21 -2.89 -12.06
C LYS A 71 20.38 -2.83 -13.57
N ARG A 72 19.45 -2.16 -14.25
CA ARG A 72 19.50 -2.04 -15.70
C ARG A 72 19.14 -0.63 -16.14
N LYS A 73 19.30 -0.35 -17.43
CA LYS A 73 18.99 0.96 -17.98
C LYS A 73 17.49 1.10 -18.23
N ASP A 74 17.09 2.24 -18.79
CA ASP A 74 15.69 2.50 -19.09
C ASP A 74 15.43 2.41 -20.60
N ASN A 75 16.18 1.56 -21.27
CA ASN A 75 16.04 1.37 -22.72
C ASN A 75 16.58 2.56 -23.51
N GLU A 76 17.10 3.56 -22.79
CA GLU A 76 17.65 4.75 -23.44
C GLU A 76 19.17 4.70 -23.45
N GLY A 77 19.73 4.03 -22.45
CA GLY A 77 21.17 3.91 -22.34
C GLY A 77 21.71 4.51 -21.06
N ASN A 78 20.89 4.50 -20.01
CA ASN A 78 21.29 5.05 -18.72
C ASN A 78 20.92 4.10 -17.59
N GLU A 79 21.93 3.52 -16.94
CA GLU A 79 21.70 2.59 -15.85
C GLU A 79 20.93 3.26 -14.72
N VAL A 80 19.70 2.81 -14.52
CA VAL A 80 18.85 3.37 -13.46
C VAL A 80 18.27 2.27 -12.57
N VAL A 81 17.40 2.65 -11.66
CA VAL A 81 16.77 1.69 -10.75
C VAL A 81 15.27 1.63 -10.97
N PRO A 82 14.78 0.57 -11.64
CA PRO A 82 13.35 0.40 -11.90
C PRO A 82 12.49 0.63 -10.66
N LYS A 83 11.53 1.54 -10.77
CA LYS A 83 10.64 1.85 -9.65
C LYS A 83 9.82 0.63 -9.25
N PRO A 84 9.49 0.51 -7.96
CA PRO A 84 8.71 -0.61 -7.44
C PRO A 84 7.25 -0.57 -7.88
N GLN A 85 6.44 -1.46 -7.34
CA GLN A 85 5.02 -1.51 -7.67
C GLN A 85 4.23 -0.56 -6.77
N ARG A 86 3.64 0.46 -7.38
CA ARG A 86 2.86 1.44 -6.62
C ARG A 86 1.36 1.28 -6.88
N HIS A 87 0.65 0.80 -5.87
CA HIS A 87 -0.79 0.59 -5.98
C HIS A 87 -1.54 1.81 -5.46
N MET A 88 -2.24 2.51 -6.34
CA MET A 88 -2.99 3.70 -5.96
C MET A 88 -4.40 3.34 -5.50
N PHE A 89 -4.64 3.51 -4.20
CA PHE A 89 -5.94 3.21 -3.62
C PHE A 89 -6.58 4.48 -3.07
N SER A 90 -7.83 4.71 -3.43
CA SER A 90 -8.56 5.90 -2.98
C SER A 90 -9.57 5.54 -1.90
N PHE A 91 -9.40 6.13 -0.72
CA PHE A 91 -10.31 5.88 0.40
C PHE A 91 -11.46 6.87 0.40
N ASN A 92 -12.68 6.36 0.59
CA ASN A 92 -13.86 7.21 0.60
C ASN A 92 -14.35 7.48 2.04
N ASN A 93 -13.41 7.42 2.98
CA ASN A 93 -13.76 7.66 4.38
C ASN A 93 -12.49 7.82 5.23
N ARG A 94 -12.61 8.55 6.34
CA ARG A 94 -11.48 8.77 7.23
C ARG A 94 -11.29 7.57 8.16
N THR A 95 -12.40 7.00 8.62
CA THR A 95 -12.36 5.87 9.50
C THR A 95 -11.70 4.66 8.82
N VAL A 96 -12.09 4.41 7.58
CA VAL A 96 -11.54 3.29 6.83
C VAL A 96 -10.02 3.40 6.70
N MET A 97 -9.52 4.63 6.74
CA MET A 97 -8.09 4.88 6.64
C MET A 97 -7.37 4.40 7.90
N ASP A 98 -7.98 4.67 9.04
CA ASP A 98 -7.42 4.27 10.32
C ASP A 98 -7.36 2.75 10.46
N ASN A 99 -8.27 2.08 9.76
CA ASN A 99 -8.33 0.62 9.79
C ASN A 99 -7.28 0.01 8.87
N ILE A 100 -7.09 0.64 7.71
CA ILE A 100 -6.11 0.15 6.74
C ILE A 100 -4.72 0.69 7.03
N LYS A 101 -4.60 2.01 7.07
CA LYS A 101 -3.31 2.66 7.33
C LYS A 101 -2.61 2.04 8.53
N MET A 102 -3.39 1.64 9.53
CA MET A 102 -2.83 1.05 10.74
C MET A 102 -2.59 -0.44 10.54
N THR A 103 -3.65 -1.17 10.23
CA THR A 103 -3.56 -2.61 10.02
C THR A 103 -2.47 -2.96 9.01
N LEU A 104 -2.30 -2.11 8.01
CA LEU A 104 -1.27 -2.35 7.02
C LEU A 104 0.11 -2.33 7.67
N GLN A 105 0.44 -1.19 8.29
CA GLN A 105 1.71 -1.04 8.98
C GLN A 105 1.95 -2.20 9.94
N GLN A 106 0.86 -2.69 10.53
CA GLN A 106 0.93 -3.81 11.45
C GLN A 106 1.51 -5.04 10.77
N ILE A 107 1.21 -5.16 9.49
CA ILE A 107 1.71 -6.27 8.68
C ILE A 107 3.12 -5.95 8.20
N ILE A 108 3.34 -4.68 7.90
CA ILE A 108 4.64 -4.19 7.45
C ILE A 108 5.75 -4.59 8.42
N SER A 109 5.60 -4.14 9.66
CA SER A 109 6.58 -4.42 10.71
C SER A 109 6.92 -5.91 10.78
N ARG A 110 5.98 -6.75 10.35
CA ARG A 110 6.20 -8.20 10.36
C ARG A 110 7.44 -8.58 9.55
N TYR A 111 7.77 -7.75 8.57
CA TYR A 111 8.94 -8.00 7.73
C TYR A 111 10.09 -7.08 8.10
N LYS A 112 10.10 -6.62 9.35
CA LYS A 112 11.15 -5.74 9.83
C LYS A 112 11.68 -6.19 11.19
N ASP A 113 10.81 -6.11 12.21
CA ASP A 113 11.19 -6.52 13.56
C ASP A 113 11.55 -8.00 13.60
N ALA A 114 10.91 -8.78 12.75
CA ALA A 114 11.16 -10.21 12.69
C ALA A 114 12.57 -10.50 12.16
N ASP A 115 12.88 -9.93 11.00
CA ASP A 115 14.19 -10.12 10.39
C ASP A 115 15.29 -9.50 11.24
N TYR B 17 4.81 18.91 -4.99
CA TYR B 17 5.30 17.51 -5.11
C TYR B 17 4.25 16.52 -4.64
N ASP B 18 4.55 15.22 -4.79
CA ASP B 18 3.62 14.17 -4.38
C ASP B 18 3.86 13.75 -2.93
N SER B 19 4.61 14.57 -2.18
CA SER B 19 4.90 14.28 -0.79
C SER B 19 3.97 15.04 0.15
N GLU B 20 3.54 16.22 -0.29
CA GLU B 20 2.65 17.06 0.50
C GLU B 20 1.32 16.34 0.76
N GLU B 21 0.62 16.00 -0.31
CA GLU B 21 -0.66 15.31 -0.20
C GLU B 21 -0.47 13.87 0.25
N PHE B 22 0.44 13.16 -0.41
CA PHE B 22 0.72 11.77 -0.07
C PHE B 22 2.00 11.66 0.76
N GLU B 23 1.95 10.86 1.82
CA GLU B 23 3.10 10.67 2.70
C GLU B 23 3.22 9.22 3.13
N ASP B 24 4.45 8.71 3.12
CA ASP B 24 4.70 7.32 3.52
C ASP B 24 4.60 7.16 5.03
N VAL B 25 4.30 5.93 5.47
CA VAL B 25 4.17 5.64 6.90
C VAL B 25 4.88 4.35 7.25
N THR B 26 5.99 4.46 7.97
CA THR B 26 6.77 3.30 8.37
C THR B 26 7.43 3.53 9.73
N ASP B 27 7.19 2.62 10.67
CA ASP B 27 7.76 2.72 12.00
C ASP B 27 8.97 1.80 12.15
N GLY B 28 9.45 1.67 13.38
CA GLY B 28 10.60 0.82 13.63
C GLY B 28 10.86 0.62 15.11
N ASN B 29 11.87 1.30 15.63
CA ASN B 29 12.22 1.20 17.05
C ASN B 29 13.32 2.18 17.41
N GLU B 30 12.95 3.44 17.60
CA GLU B 30 13.91 4.48 17.95
C GLU B 30 13.88 4.77 19.44
N VAL B 31 15.05 5.02 20.02
CA VAL B 31 15.15 5.32 21.44
C VAL B 31 16.11 6.49 21.69
N PRO A 1 -13.99 -5.98 9.94
CA PRO A 1 -14.01 -4.49 9.75
C PRO A 1 -12.65 -3.87 10.06
N SER A 2 -11.92 -4.49 10.97
CA SER A 2 -10.60 -3.99 11.36
C SER A 2 -9.61 -4.14 10.22
N HIS A 3 -9.28 -5.38 9.87
CA HIS A 3 -8.34 -5.66 8.79
C HIS A 3 -9.06 -5.77 7.44
N SER A 4 -9.89 -4.77 7.14
CA SER A 4 -10.62 -4.76 5.88
C SER A 4 -11.46 -3.48 5.75
N GLY A 5 -11.32 -2.81 4.61
CA GLY A 5 -12.06 -1.59 4.38
C GLY A 5 -12.37 -1.40 2.91
N ALA A 6 -13.42 -0.64 2.62
CA ALA A 6 -13.81 -0.39 1.24
C ALA A 6 -12.81 0.53 0.56
N ALA A 7 -11.97 -0.04 -0.30
CA ALA A 7 -10.95 0.72 -1.02
C ALA A 7 -11.28 0.82 -2.51
N ILE A 8 -10.79 1.88 -3.14
CA ILE A 8 -11.04 2.09 -4.57
C ILE A 8 -9.79 1.75 -5.40
N PHE A 9 -10.02 1.22 -6.59
CA PHE A 9 -8.92 0.85 -7.48
C PHE A 9 -9.33 1.05 -8.94
N GLU A 10 -8.42 1.58 -9.74
CA GLU A 10 -8.71 1.82 -11.16
C GLU A 10 -9.95 2.70 -11.32
N LYS A 11 -10.20 3.56 -10.32
CA LYS A 11 -11.35 4.46 -10.33
C LYS A 11 -12.64 3.75 -9.87
N VAL A 12 -12.55 2.45 -9.60
CA VAL A 12 -13.72 1.70 -9.16
C VAL A 12 -13.62 1.39 -7.67
N SER A 13 -14.75 1.46 -6.99
CA SER A 13 -14.77 1.19 -5.55
C SER A 13 -15.04 -0.28 -5.28
N GLY A 14 -14.26 -0.86 -4.39
CA GLY A 14 -14.41 -2.25 -4.04
C GLY A 14 -14.28 -2.49 -2.55
N ILE A 15 -13.60 -3.57 -2.18
CA ILE A 15 -13.41 -3.91 -0.78
C ILE A 15 -12.00 -4.41 -0.54
N ILE A 16 -11.28 -3.71 0.32
CA ILE A 16 -9.92 -4.10 0.64
C ILE A 16 -9.92 -4.92 1.92
N ALA A 17 -9.40 -6.12 1.84
CA ALA A 17 -9.38 -7.00 3.00
C ALA A 17 -8.05 -7.74 3.11
N ILE A 18 -7.45 -7.70 4.30
CA ILE A 18 -6.18 -8.36 4.54
C ILE A 18 -6.35 -9.84 4.87
N ASN A 19 -5.68 -10.70 4.10
CA ASN A 19 -5.76 -12.14 4.31
C ASN A 19 -4.65 -12.60 5.25
N GLU A 20 -4.95 -12.66 6.53
CA GLU A 20 -3.97 -13.10 7.53
C GLU A 20 -4.12 -14.57 7.83
N ASP A 21 -4.65 -15.32 6.87
CA ASP A 21 -4.83 -16.76 7.03
C ASP A 21 -3.77 -17.53 6.25
N VAL A 22 -2.98 -16.82 5.45
CA VAL A 22 -1.94 -17.46 4.65
C VAL A 22 -0.57 -17.22 5.29
N SER A 23 0.48 -17.68 4.62
CA SER A 23 1.83 -17.50 5.13
C SER A 23 2.18 -16.00 5.14
N PRO A 24 2.30 -15.38 3.96
CA PRO A 24 2.59 -13.95 3.86
C PRO A 24 1.31 -13.14 3.81
N ALA A 25 1.01 -12.42 4.88
CA ALA A 25 -0.20 -11.62 4.95
C ALA A 25 -0.38 -10.78 3.68
N GLU A 26 -1.42 -11.07 2.93
CA GLU A 26 -1.71 -10.35 1.69
C GLU A 26 -2.97 -9.50 1.85
N LEU A 27 -3.15 -8.56 0.92
CA LEU A 27 -4.31 -7.69 0.92
C LEU A 27 -5.13 -7.94 -0.35
N THR A 28 -6.30 -8.54 -0.18
CA THR A 28 -7.16 -8.86 -1.32
C THR A 28 -8.28 -7.85 -1.51
N TRP A 29 -8.24 -7.13 -2.63
CA TRP A 29 -9.26 -6.14 -2.95
C TRP A 29 -10.40 -6.80 -3.73
N ARG A 30 -11.56 -6.91 -3.09
CA ARG A 30 -12.72 -7.51 -3.74
C ARG A 30 -13.75 -6.43 -4.04
N SER A 31 -13.99 -6.19 -5.34
CA SER A 31 -14.95 -5.16 -5.76
C SER A 31 -16.25 -5.28 -4.98
N THR A 32 -17.07 -4.23 -5.05
CA THR A 32 -18.35 -4.22 -4.35
C THR A 32 -19.33 -5.12 -5.06
N ASP A 33 -19.28 -5.06 -6.39
CA ASP A 33 -20.16 -5.86 -7.21
C ASP A 33 -19.64 -7.29 -7.34
N GLY A 34 -18.33 -7.41 -7.49
CA GLY A 34 -17.72 -8.73 -7.62
C GLY A 34 -17.23 -9.00 -9.02
N ASP A 35 -16.93 -7.93 -9.77
CA ASP A 35 -16.46 -8.06 -11.14
C ASP A 35 -14.95 -7.81 -11.23
N LYS A 36 -14.39 -7.17 -10.21
CA LYS A 36 -12.97 -6.87 -10.19
C LYS A 36 -12.33 -7.33 -8.90
N VAL A 37 -11.09 -7.81 -8.99
CA VAL A 37 -10.37 -8.29 -7.82
C VAL A 37 -8.88 -7.96 -7.91
N HIS A 38 -8.21 -7.92 -6.76
CA HIS A 38 -6.78 -7.62 -6.70
C HIS A 38 -6.16 -8.18 -5.43
N THR A 39 -4.90 -8.60 -5.52
CA THR A 39 -4.22 -9.17 -4.37
C THR A 39 -2.85 -8.51 -4.16
N VAL A 40 -2.56 -8.15 -2.90
CA VAL A 40 -1.29 -7.52 -2.56
C VAL A 40 -0.60 -8.28 -1.45
N VAL A 41 0.68 -8.52 -1.60
CA VAL A 41 1.43 -9.22 -0.58
C VAL A 41 2.23 -8.25 0.27
N LEU A 42 1.73 -7.98 1.47
CA LEU A 42 2.39 -7.07 2.40
C LEU A 42 3.86 -7.46 2.60
N SER A 43 4.15 -8.74 2.40
CA SER A 43 5.52 -9.24 2.56
C SER A 43 6.46 -8.59 1.55
N THR A 44 5.91 -8.26 0.39
CA THR A 44 6.67 -7.62 -0.69
C THR A 44 6.57 -6.11 -0.60
N ILE A 45 5.41 -5.66 -0.16
CA ILE A 45 5.13 -4.24 -0.02
C ILE A 45 6.31 -3.51 0.64
N ASP A 46 7.02 -2.71 -0.16
CA ASP A 46 8.16 -1.97 0.33
C ASP A 46 7.74 -0.92 1.36
N LYS A 47 6.55 -0.36 1.21
CA LYS A 47 6.05 0.64 2.14
C LYS A 47 4.58 0.93 1.92
N LEU A 48 3.97 1.60 2.90
CA LEU A 48 2.56 1.96 2.83
C LEU A 48 2.40 3.46 2.63
N GLN A 49 1.23 3.88 2.20
CA GLN A 49 0.97 5.31 1.99
C GLN A 49 -0.45 5.68 2.36
N ALA A 50 -0.61 6.79 3.05
CA ALA A 50 -1.93 7.26 3.48
C ALA A 50 -1.95 8.78 3.62
N THR A 51 -2.98 9.40 3.04
CA THR A 51 -3.12 10.86 3.11
C THR A 51 -3.20 11.33 4.56
N PRO A 52 -2.10 11.91 5.06
CA PRO A 52 -2.02 12.44 6.42
C PRO A 52 -3.22 13.33 6.77
N ALA A 53 -3.41 13.56 8.06
CA ALA A 53 -4.51 14.40 8.53
C ALA A 53 -4.53 15.76 7.82
N SER A 54 -3.39 16.15 7.26
CA SER A 54 -3.28 17.43 6.56
C SER A 54 -3.93 17.35 5.18
N SER A 55 -4.07 16.14 4.66
CA SER A 55 -4.68 15.94 3.35
C SER A 55 -6.18 15.68 3.47
N GLU A 56 -6.97 16.60 2.94
CA GLU A 56 -8.43 16.47 2.99
C GLU A 56 -8.91 15.30 2.13
N LYS A 57 -8.10 14.91 1.16
CA LYS A 57 -8.44 13.81 0.27
C LYS A 57 -7.97 12.48 0.85
N MET A 58 -8.94 11.61 1.17
CA MET A 58 -8.63 10.30 1.73
C MET A 58 -8.17 9.34 0.64
N MET A 59 -6.87 9.06 0.62
CA MET A 59 -6.31 8.15 -0.37
C MET A 59 -5.09 7.42 0.18
N LEU A 60 -4.98 6.13 -0.14
CA LEU A 60 -3.86 5.32 0.34
C LEU A 60 -3.15 4.64 -0.84
N ARG A 61 -1.86 4.39 -0.66
CA ARG A 61 -1.06 3.75 -1.71
C ARG A 61 -0.23 2.60 -1.12
N LEU A 62 0.09 1.63 -1.97
CA LEU A 62 0.87 0.47 -1.54
C LEU A 62 2.08 0.26 -2.44
N ILE A 63 3.27 0.43 -1.87
CA ILE A 63 4.51 0.25 -2.62
C ILE A 63 4.95 -1.21 -2.58
N GLY A 64 5.22 -1.78 -3.75
CA GLY A 64 5.64 -3.17 -3.83
C GLY A 64 7.15 -3.31 -3.91
N LYS A 65 7.65 -4.51 -3.64
CA LYS A 65 9.08 -4.76 -3.68
C LYS A 65 9.62 -4.58 -5.11
N VAL A 66 10.82 -4.04 -5.22
CA VAL A 66 11.45 -3.81 -6.49
C VAL A 66 12.55 -4.84 -6.73
N ASP A 67 13.73 -4.36 -6.96
CA ASP A 67 14.88 -5.22 -7.21
C ASP A 67 16.16 -4.59 -6.63
N GLU A 68 16.58 -5.09 -5.48
CA GLU A 68 17.79 -4.59 -4.83
C GLU A 68 19.01 -4.75 -5.72
N SER A 69 18.92 -5.64 -6.70
CA SER A 69 20.02 -5.89 -7.62
C SER A 69 19.81 -5.12 -8.93
N LYS A 70 19.22 -3.93 -8.83
CA LYS A 70 18.96 -3.11 -10.01
C LYS A 70 18.98 -1.63 -9.65
N LYS A 71 19.86 -1.26 -8.73
CA LYS A 71 19.98 0.13 -8.29
C LYS A 71 20.61 0.99 -9.38
N ARG A 72 20.14 2.22 -9.50
CA ARG A 72 20.66 3.15 -10.50
C ARG A 72 20.02 4.52 -10.35
N LYS A 73 20.58 5.51 -11.05
CA LYS A 73 20.08 6.87 -11.00
C LYS A 73 18.74 6.98 -11.73
N ASP A 74 18.13 8.16 -11.69
CA ASP A 74 16.86 8.39 -12.36
C ASP A 74 17.04 9.27 -13.60
N ASN A 75 18.21 9.19 -14.20
CA ASN A 75 18.52 9.98 -15.40
C ASN A 75 18.79 11.45 -15.06
N GLU A 76 18.72 11.78 -13.78
CA GLU A 76 18.97 13.15 -13.34
C GLU A 76 20.33 13.26 -12.66
N GLY A 77 20.76 12.17 -12.06
CA GLY A 77 22.05 12.15 -11.39
C GLY A 77 21.92 11.85 -9.91
N ASN A 78 20.90 11.09 -9.54
CA ASN A 78 20.67 10.72 -8.15
C ASN A 78 20.41 9.22 -8.01
N GLU A 79 21.33 8.52 -7.37
CA GLU A 79 21.19 7.08 -7.16
C GLU A 79 19.92 6.76 -6.40
N VAL A 80 18.90 6.28 -7.13
CA VAL A 80 17.63 5.92 -6.53
C VAL A 80 17.26 4.48 -6.82
N VAL A 81 16.07 4.07 -6.41
CA VAL A 81 15.59 2.72 -6.63
C VAL A 81 14.56 2.67 -7.76
N PRO A 82 14.64 1.65 -8.63
CA PRO A 82 13.71 1.51 -9.76
C PRO A 82 12.25 1.61 -9.31
N LYS A 83 11.45 2.32 -10.11
CA LYS A 83 10.03 2.51 -9.81
C LYS A 83 9.37 1.19 -9.42
N PRO A 84 9.09 1.00 -8.11
CA PRO A 84 8.46 -0.22 -7.60
C PRO A 84 6.96 -0.28 -7.94
N GLN A 85 6.49 -1.47 -8.29
CA GLN A 85 5.09 -1.66 -8.63
C GLN A 85 4.20 -1.38 -7.41
N ARG A 86 3.38 -0.35 -7.51
CA ARG A 86 2.49 0.03 -6.42
C ARG A 86 1.04 0.07 -6.88
N HIS A 87 0.14 0.30 -5.93
CA HIS A 87 -1.29 0.38 -6.22
C HIS A 87 -1.90 1.63 -5.60
N MET A 88 -2.58 2.42 -6.43
CA MET A 88 -3.22 3.65 -5.95
C MET A 88 -4.62 3.37 -5.43
N PHE A 89 -4.79 3.49 -4.11
CA PHE A 89 -6.08 3.26 -3.48
C PHE A 89 -6.67 4.57 -2.98
N SER A 90 -7.97 4.76 -3.21
CA SER A 90 -8.66 5.98 -2.79
C SER A 90 -9.79 5.66 -1.82
N PHE A 91 -9.69 6.19 -0.60
CA PHE A 91 -10.71 5.96 0.42
C PHE A 91 -11.70 7.12 0.47
N ASN A 92 -12.70 7.01 1.34
CA ASN A 92 -13.71 8.05 1.46
C ASN A 92 -14.14 8.25 2.92
N ASN A 93 -13.17 8.27 3.82
CA ASN A 93 -13.45 8.46 5.25
C ASN A 93 -12.16 8.53 6.06
N ARG A 94 -12.24 9.10 7.25
CA ARG A 94 -11.08 9.23 8.13
C ARG A 94 -10.77 7.90 8.81
N THR A 95 -11.81 7.24 9.31
CA THR A 95 -11.67 5.98 9.99
C THR A 95 -11.30 4.86 9.02
N VAL A 96 -11.97 4.84 7.87
CA VAL A 96 -11.71 3.81 6.86
C VAL A 96 -10.26 3.84 6.41
N MET A 97 -9.75 5.03 6.11
CA MET A 97 -8.37 5.18 5.68
C MET A 97 -7.42 4.87 6.82
N ASP A 98 -7.85 5.22 8.03
CA ASP A 98 -7.06 4.99 9.23
C ASP A 98 -7.01 3.50 9.56
N ASN A 99 -8.08 2.78 9.20
CA ASN A 99 -8.15 1.35 9.46
C ASN A 99 -7.09 0.59 8.67
N ILE A 100 -7.10 0.78 7.35
CA ILE A 100 -6.13 0.12 6.49
C ILE A 100 -4.72 0.64 6.73
N LYS A 101 -4.59 1.96 6.83
CA LYS A 101 -3.29 2.59 7.06
C LYS A 101 -2.58 2.00 8.28
N MET A 102 -3.32 1.82 9.36
CA MET A 102 -2.76 1.28 10.59
C MET A 102 -2.70 -0.24 10.56
N THR A 103 -3.75 -0.86 10.05
CA THR A 103 -3.81 -2.32 9.98
C THR A 103 -2.69 -2.87 9.12
N LEU A 104 -2.54 -2.35 7.90
CA LEU A 104 -1.49 -2.81 7.01
C LEU A 104 -0.14 -2.69 7.70
N GLN A 105 0.11 -1.53 8.30
CA GLN A 105 1.36 -1.28 9.01
C GLN A 105 1.66 -2.40 10.00
N GLN A 106 0.62 -2.88 10.67
CA GLN A 106 0.78 -3.96 11.64
C GLN A 106 1.43 -5.18 10.97
N ILE A 107 1.15 -5.34 9.69
CA ILE A 107 1.72 -6.43 8.91
C ILE A 107 3.12 -6.03 8.43
N ILE A 108 3.28 -4.74 8.18
CA ILE A 108 4.55 -4.19 7.73
C ILE A 108 5.64 -4.48 8.75
N SER A 109 5.47 -3.93 9.94
CA SER A 109 6.43 -4.11 11.03
C SER A 109 6.61 -5.59 11.35
N ARG A 110 5.62 -6.40 11.00
CA ARG A 110 5.68 -7.83 11.27
C ARG A 110 6.88 -8.45 10.57
N TYR A 111 7.18 -7.99 9.36
CA TYR A 111 8.31 -8.50 8.60
C TYR A 111 9.60 -7.87 9.09
N LYS A 112 9.52 -6.64 9.57
CA LYS A 112 10.69 -5.93 10.07
C LYS A 112 11.16 -6.53 11.39
N ASP A 113 10.25 -6.61 12.35
CA ASP A 113 10.57 -7.16 13.66
C ASP A 113 11.07 -8.60 13.53
N ALA A 114 10.57 -9.31 12.54
CA ALA A 114 10.96 -10.70 12.30
C ALA A 114 12.28 -10.78 11.57
N ASP A 115 12.55 -9.78 10.74
CA ASP A 115 13.80 -9.74 9.96
C ASP A 115 14.98 -9.44 10.87
N TYR B 17 6.72 15.71 -8.85
CA TYR B 17 6.28 16.89 -8.07
C TYR B 17 5.02 16.57 -7.25
N ASP B 18 4.18 15.71 -7.78
CA ASP B 18 2.94 15.32 -7.11
C ASP B 18 3.25 14.50 -5.87
N SER B 19 4.34 13.74 -5.91
CA SER B 19 4.74 12.90 -4.78
C SER B 19 4.97 13.75 -3.53
N GLU B 20 5.40 14.99 -3.73
CA GLU B 20 5.67 15.90 -2.62
C GLU B 20 4.40 16.10 -1.78
N GLU B 21 3.25 16.03 -2.43
CA GLU B 21 1.97 16.21 -1.74
C GLU B 21 1.60 14.96 -0.94
N PHE B 22 2.02 13.81 -1.44
CA PHE B 22 1.73 12.53 -0.78
C PHE B 22 2.89 12.11 0.11
N GLU B 23 2.58 11.67 1.32
CA GLU B 23 3.59 11.24 2.27
C GLU B 23 3.67 9.71 2.33
N ASP B 24 4.78 9.20 2.86
CA ASP B 24 4.98 7.77 2.97
C ASP B 24 4.57 7.26 4.35
N VAL B 25 4.36 5.96 4.47
CA VAL B 25 3.97 5.36 5.74
C VAL B 25 4.80 4.11 6.03
N THR B 26 5.76 4.25 6.94
CA THR B 26 6.62 3.13 7.31
C THR B 26 7.02 3.22 8.78
N ASP B 27 6.45 2.34 9.61
CA ASP B 27 6.76 2.33 11.02
C ASP B 27 8.23 2.04 11.27
N GLY B 28 8.68 2.28 12.49
CA GLY B 28 10.08 2.04 12.83
C GLY B 28 10.85 3.33 13.05
N ASN B 29 11.67 3.71 12.08
CA ASN B 29 12.46 4.92 12.16
C ASN B 29 13.42 4.86 13.35
N GLU B 30 14.39 5.77 13.38
CA GLU B 30 15.36 5.82 14.46
C GLU B 30 15.53 7.24 14.98
N VAL B 31 15.30 7.43 16.27
CA VAL B 31 15.43 8.74 16.89
C VAL B 31 16.88 9.24 16.85
N PRO A 1 -14.92 -4.07 11.33
CA PRO A 1 -14.03 -3.89 10.15
C PRO A 1 -12.67 -3.30 10.56
N SER A 2 -11.77 -4.17 11.00
CA SER A 2 -10.44 -3.75 11.42
C SER A 2 -9.39 -4.16 10.40
N HIS A 3 -9.42 -5.42 10.00
CA HIS A 3 -8.47 -5.94 9.02
C HIS A 3 -9.09 -5.96 7.62
N SER A 4 -9.86 -4.92 7.31
CA SER A 4 -10.50 -4.82 6.01
C SER A 4 -11.36 -3.55 5.92
N GLY A 5 -11.23 -2.84 4.80
CA GLY A 5 -12.00 -1.63 4.60
C GLY A 5 -12.34 -1.42 3.14
N ALA A 6 -13.37 -0.64 2.88
CA ALA A 6 -13.79 -0.39 1.49
C ALA A 6 -12.78 0.52 0.80
N ALA A 7 -11.98 -0.08 -0.09
CA ALA A 7 -10.96 0.68 -0.81
C ALA A 7 -11.28 0.75 -2.31
N ILE A 8 -10.76 1.78 -2.96
CA ILE A 8 -10.99 1.97 -4.39
C ILE A 8 -9.75 1.61 -5.21
N PHE A 9 -9.97 1.06 -6.40
CA PHE A 9 -8.87 0.68 -7.28
C PHE A 9 -9.24 0.89 -8.73
N GLU A 10 -8.30 1.40 -9.53
CA GLU A 10 -8.55 1.66 -10.93
C GLU A 10 -9.78 2.55 -11.12
N LYS A 11 -10.04 3.41 -10.14
CA LYS A 11 -11.17 4.34 -10.17
C LYS A 11 -12.48 3.65 -9.74
N VAL A 12 -12.41 2.35 -9.46
CA VAL A 12 -13.59 1.62 -9.04
C VAL A 12 -13.53 1.31 -7.55
N SER A 13 -14.66 1.43 -6.87
CA SER A 13 -14.72 1.17 -5.44
C SER A 13 -14.94 -0.31 -5.17
N GLY A 14 -14.29 -0.82 -4.14
CA GLY A 14 -14.43 -2.22 -3.78
C GLY A 14 -14.26 -2.44 -2.29
N ILE A 15 -13.65 -3.57 -1.94
CA ILE A 15 -13.42 -3.90 -0.54
C ILE A 15 -12.01 -4.42 -0.33
N ILE A 16 -11.26 -3.73 0.52
CA ILE A 16 -9.90 -4.14 0.81
C ILE A 16 -9.89 -4.93 2.10
N ALA A 17 -9.36 -6.14 2.03
CA ALA A 17 -9.33 -7.01 3.20
C ALA A 17 -8.02 -7.79 3.28
N ILE A 18 -7.33 -7.65 4.42
CA ILE A 18 -6.07 -8.34 4.63
C ILE A 18 -6.27 -9.78 5.09
N ASN A 19 -5.75 -10.72 4.31
CA ASN A 19 -5.88 -12.13 4.63
C ASN A 19 -4.75 -12.58 5.56
N GLU A 20 -5.07 -12.75 6.83
CA GLU A 20 -4.09 -13.18 7.82
C GLU A 20 -4.07 -14.70 7.97
N ASP A 21 -4.59 -15.39 6.96
CA ASP A 21 -4.63 -16.84 6.96
C ASP A 21 -3.40 -17.40 6.23
N VAL A 22 -2.74 -16.54 5.47
CA VAL A 22 -1.55 -16.92 4.72
C VAL A 22 -0.31 -16.81 5.60
N SER A 23 0.87 -16.83 4.97
CA SER A 23 2.12 -16.73 5.72
C SER A 23 2.62 -15.29 5.77
N PRO A 24 2.78 -14.65 4.60
CA PRO A 24 3.26 -13.27 4.52
C PRO A 24 2.15 -12.24 4.59
N ALA A 25 0.96 -12.71 4.92
CA ALA A 25 -0.22 -11.86 5.02
C ALA A 25 -0.43 -11.05 3.75
N GLU A 26 -1.51 -11.34 3.04
CA GLU A 26 -1.82 -10.65 1.79
C GLU A 26 -3.04 -9.73 1.95
N LEU A 27 -3.19 -8.84 0.99
CA LEU A 27 -4.31 -7.89 0.98
C LEU A 27 -5.18 -8.15 -0.25
N THR A 28 -6.38 -8.67 -0.04
CA THR A 28 -7.28 -8.99 -1.14
C THR A 28 -8.38 -7.94 -1.31
N TRP A 29 -8.31 -7.21 -2.42
CA TRP A 29 -9.30 -6.20 -2.73
C TRP A 29 -10.45 -6.82 -3.53
N ARG A 30 -11.61 -6.91 -2.91
CA ARG A 30 -12.77 -7.48 -3.56
C ARG A 30 -13.80 -6.39 -3.84
N SER A 31 -14.06 -6.13 -5.12
CA SER A 31 -15.02 -5.10 -5.51
C SER A 31 -16.31 -5.21 -4.71
N THR A 32 -17.15 -4.19 -4.81
CA THR A 32 -18.42 -4.17 -4.10
C THR A 32 -19.39 -5.13 -4.76
N ASP A 33 -19.36 -5.12 -6.08
CA ASP A 33 -20.22 -5.98 -6.88
C ASP A 33 -19.55 -7.31 -7.17
N GLY A 34 -18.24 -7.27 -7.37
CA GLY A 34 -17.49 -8.48 -7.65
C GLY A 34 -17.00 -8.53 -9.08
N ASP A 35 -16.94 -7.37 -9.73
CA ASP A 35 -16.48 -7.29 -11.11
C ASP A 35 -14.97 -7.07 -11.18
N LYS A 36 -14.39 -6.63 -10.08
CA LYS A 36 -12.96 -6.38 -10.01
C LYS A 36 -12.36 -6.93 -8.73
N VAL A 37 -11.15 -7.49 -8.83
CA VAL A 37 -10.46 -8.06 -7.68
C VAL A 37 -8.96 -7.81 -7.76
N HIS A 38 -8.29 -7.85 -6.61
CA HIS A 38 -6.85 -7.63 -6.55
C HIS A 38 -6.26 -8.26 -5.28
N THR A 39 -5.03 -8.74 -5.38
CA THR A 39 -4.37 -9.36 -4.23
C THR A 39 -2.96 -8.81 -4.04
N VAL A 40 -2.79 -7.99 -3.00
CA VAL A 40 -1.49 -7.40 -2.70
C VAL A 40 -0.80 -8.17 -1.60
N VAL A 41 0.47 -8.45 -1.79
CA VAL A 41 1.23 -9.16 -0.79
C VAL A 41 2.08 -8.21 0.04
N LEU A 42 1.65 -7.98 1.28
CA LEU A 42 2.36 -7.08 2.18
C LEU A 42 3.83 -7.45 2.31
N SER A 43 4.14 -8.73 2.10
CA SER A 43 5.52 -9.21 2.19
C SER A 43 6.38 -8.58 1.11
N THR A 44 5.75 -8.23 -0.01
CA THR A 44 6.46 -7.60 -1.12
C THR A 44 6.38 -6.09 -1.02
N ILE A 45 5.27 -5.62 -0.46
CA ILE A 45 5.05 -4.19 -0.30
C ILE A 45 6.25 -3.51 0.35
N ASP A 46 6.98 -2.75 -0.46
CA ASP A 46 8.16 -2.04 0.02
C ASP A 46 7.80 -1.03 1.10
N LYS A 47 6.62 -0.42 0.98
CA LYS A 47 6.18 0.57 1.95
C LYS A 47 4.70 0.90 1.76
N LEU A 48 4.10 1.51 2.78
CA LEU A 48 2.70 1.89 2.74
C LEU A 48 2.57 3.40 2.64
N GLN A 49 1.46 3.87 2.07
CA GLN A 49 1.23 5.30 1.92
C GLN A 49 -0.18 5.67 2.34
N ALA A 50 -0.30 6.77 3.07
CA ALA A 50 -1.60 7.25 3.55
C ALA A 50 -1.62 8.76 3.67
N THR A 51 -2.69 9.38 3.19
CA THR A 51 -2.84 10.82 3.25
C THR A 51 -3.40 11.27 4.59
N PRO A 52 -2.53 11.72 5.51
CA PRO A 52 -2.92 12.19 6.84
C PRO A 52 -4.10 13.15 6.78
N ALA A 53 -4.74 13.37 7.94
CA ALA A 53 -5.88 14.26 8.03
C ALA A 53 -5.54 15.66 7.49
N SER A 54 -4.24 15.96 7.39
CA SER A 54 -3.81 17.26 6.89
C SER A 54 -4.06 17.39 5.40
N SER A 55 -4.20 16.25 4.72
CA SER A 55 -4.45 16.24 3.28
C SER A 55 -5.95 16.16 3.00
N GLU A 56 -6.48 17.19 2.35
CA GLU A 56 -7.89 17.23 2.01
C GLU A 56 -8.30 16.03 1.16
N LYS A 57 -7.32 15.44 0.48
CA LYS A 57 -7.57 14.28 -0.38
C LYS A 57 -7.21 12.99 0.34
N MET A 58 -8.21 12.16 0.60
CA MET A 58 -8.00 10.89 1.29
C MET A 58 -7.66 9.79 0.29
N MET A 59 -6.38 9.40 0.27
CA MET A 59 -5.93 8.35 -0.64
C MET A 59 -4.70 7.64 -0.08
N LEU A 60 -4.66 6.32 -0.24
CA LEU A 60 -3.54 5.52 0.25
C LEU A 60 -2.85 4.79 -0.90
N ARG A 61 -1.52 4.75 -0.87
CA ARG A 61 -0.75 4.09 -1.91
C ARG A 61 0.00 2.89 -1.34
N LEU A 62 0.28 1.91 -2.21
CA LEU A 62 0.98 0.71 -1.80
C LEU A 62 2.17 0.43 -2.70
N ILE A 63 3.37 0.58 -2.15
CA ILE A 63 4.60 0.35 -2.91
C ILE A 63 5.00 -1.12 -2.85
N GLY A 64 5.28 -1.70 -4.02
CA GLY A 64 5.68 -3.10 -4.06
C GLY A 64 7.18 -3.29 -4.08
N LYS A 65 7.63 -4.52 -3.86
CA LYS A 65 9.06 -4.82 -3.84
C LYS A 65 9.71 -4.43 -5.17
N VAL A 66 10.91 -3.88 -5.09
CA VAL A 66 11.65 -3.46 -6.24
C VAL A 66 12.84 -4.38 -6.47
N ASP A 67 14.00 -3.80 -6.56
CA ASP A 67 15.24 -4.55 -6.77
C ASP A 67 16.44 -3.61 -6.78
N GLU A 68 17.61 -4.16 -7.06
CA GLU A 68 18.84 -3.37 -7.11
C GLU A 68 20.02 -4.22 -7.56
N SER A 69 19.77 -5.12 -8.50
CA SER A 69 20.82 -6.00 -9.01
C SER A 69 20.45 -6.53 -10.39
N LYS A 70 19.71 -5.74 -11.16
CA LYS A 70 19.30 -6.12 -12.50
C LYS A 70 19.05 -4.89 -13.37
N LYS A 71 18.28 -3.95 -12.85
CA LYS A 71 17.97 -2.73 -13.57
C LYS A 71 17.24 -3.05 -14.88
N ARG A 72 16.63 -2.02 -15.47
CA ARG A 72 15.89 -2.19 -16.71
C ARG A 72 16.23 -1.08 -17.70
N LYS A 73 15.56 -1.08 -18.84
CA LYS A 73 15.79 -0.07 -19.87
C LYS A 73 14.54 0.79 -20.06
N ASP A 74 14.67 1.84 -20.88
CA ASP A 74 13.56 2.74 -21.15
C ASP A 74 12.86 2.37 -22.45
N ASN A 75 13.00 1.12 -22.86
CA ASN A 75 12.37 0.63 -24.09
C ASN A 75 13.11 1.12 -25.34
N GLU A 76 14.16 1.90 -25.14
CA GLU A 76 14.94 2.43 -26.25
C GLU A 76 16.32 1.79 -26.30
N GLY A 77 16.84 1.47 -25.13
CA GLY A 77 18.15 0.84 -25.03
C GLY A 77 18.97 1.39 -23.87
N ASN A 78 18.52 2.50 -23.30
CA ASN A 78 19.23 3.13 -22.18
C ASN A 78 19.08 2.28 -20.91
N GLU A 79 19.94 2.54 -19.95
CA GLU A 79 19.92 1.80 -18.69
C GLU A 79 19.35 2.66 -17.56
N VAL A 80 18.41 2.11 -16.80
CA VAL A 80 17.80 2.82 -15.70
C VAL A 80 17.32 1.86 -14.62
N VAL A 81 16.64 2.40 -13.61
CA VAL A 81 16.13 1.58 -12.51
C VAL A 81 14.61 1.40 -12.63
N PRO A 82 14.13 0.15 -12.61
CA PRO A 82 12.69 -0.14 -12.72
C PRO A 82 11.91 0.33 -11.49
N LYS A 83 10.91 1.17 -11.71
CA LYS A 83 10.09 1.68 -10.63
C LYS A 83 9.39 0.54 -9.89
N PRO A 84 9.12 0.72 -8.59
CA PRO A 84 8.45 -0.29 -7.76
C PRO A 84 6.97 -0.40 -8.06
N GLN A 85 6.52 -1.59 -8.44
CA GLN A 85 5.11 -1.82 -8.75
C GLN A 85 4.23 -1.44 -7.56
N ARG A 86 3.41 -0.42 -7.74
CA ARG A 86 2.52 0.05 -6.68
C ARG A 86 1.08 0.15 -7.18
N HIS A 87 0.15 0.30 -6.23
CA HIS A 87 -1.26 0.41 -6.56
C HIS A 87 -1.86 1.66 -5.91
N MET A 88 -2.58 2.45 -6.70
CA MET A 88 -3.20 3.67 -6.20
C MET A 88 -4.58 3.38 -5.62
N PHE A 89 -4.69 3.48 -4.29
CA PHE A 89 -5.95 3.24 -3.61
C PHE A 89 -6.53 4.54 -3.07
N SER A 90 -7.80 4.78 -3.34
CA SER A 90 -8.48 6.00 -2.87
C SER A 90 -9.53 5.67 -1.83
N PHE A 91 -9.41 6.27 -0.66
CA PHE A 91 -10.36 6.04 0.42
C PHE A 91 -11.37 7.19 0.51
N ASN A 92 -12.49 6.94 1.18
CA ASN A 92 -13.53 7.95 1.31
C ASN A 92 -14.07 8.01 2.73
N ASN A 93 -13.18 8.09 3.71
CA ASN A 93 -13.58 8.16 5.12
C ASN A 93 -12.36 8.28 6.03
N ARG A 94 -12.57 8.81 7.22
CA ARG A 94 -11.48 8.99 8.19
C ARG A 94 -11.10 7.66 8.83
N THR A 95 -12.11 6.82 9.08
CA THR A 95 -11.88 5.53 9.70
C THR A 95 -11.34 4.53 8.68
N VAL A 96 -11.93 4.50 7.50
CA VAL A 96 -11.51 3.60 6.44
C VAL A 96 -10.04 3.81 6.09
N MET A 97 -9.65 5.08 5.94
CA MET A 97 -8.27 5.42 5.61
C MET A 97 -7.34 5.07 6.76
N ASP A 98 -7.84 5.26 7.97
CA ASP A 98 -7.07 4.97 9.17
C ASP A 98 -6.96 3.46 9.40
N ASN A 99 -7.94 2.72 8.90
CA ASN A 99 -7.95 1.27 9.04
C ASN A 99 -6.74 0.64 8.35
N ILE A 100 -6.72 0.73 7.03
CA ILE A 100 -5.62 0.18 6.24
C ILE A 100 -4.29 0.77 6.68
N LYS A 101 -4.26 2.08 6.89
CA LYS A 101 -3.05 2.77 7.32
C LYS A 101 -2.33 2.01 8.44
N MET A 102 -3.04 1.77 9.54
CA MET A 102 -2.48 1.05 10.67
C MET A 102 -2.55 -0.45 10.48
N THR A 103 -3.69 -0.91 9.97
CA THR A 103 -3.91 -2.34 9.74
C THR A 103 -2.78 -2.94 8.90
N LEU A 104 -2.64 -2.50 7.67
CA LEU A 104 -1.59 -3.02 6.80
C LEU A 104 -0.25 -2.98 7.53
N GLN A 105 0.00 -1.87 8.22
CA GLN A 105 1.23 -1.70 8.98
C GLN A 105 1.48 -2.90 9.90
N GLN A 106 0.41 -3.38 10.53
CA GLN A 106 0.52 -4.53 11.42
C GLN A 106 1.13 -5.71 10.69
N ILE A 107 0.88 -5.76 9.39
CA ILE A 107 1.42 -6.81 8.54
C ILE A 107 2.82 -6.42 8.09
N ILE A 108 2.99 -5.13 7.82
CA ILE A 108 4.28 -4.58 7.40
C ILE A 108 5.34 -4.89 8.44
N SER A 109 5.12 -4.36 9.64
CA SER A 109 6.05 -4.56 10.74
C SER A 109 6.26 -6.05 11.01
N ARG A 110 5.28 -6.86 10.63
CA ARG A 110 5.35 -8.30 10.82
C ARG A 110 6.65 -8.87 10.25
N TYR A 111 7.21 -8.17 9.27
CA TYR A 111 8.45 -8.60 8.64
C TYR A 111 9.66 -7.98 9.33
N LYS A 112 9.48 -6.77 9.86
CA LYS A 112 10.55 -6.07 10.55
C LYS A 112 10.81 -6.69 11.92
N ASP A 113 9.79 -6.67 12.77
CA ASP A 113 9.91 -7.23 14.12
C ASP A 113 10.26 -8.71 14.05
N ALA A 114 9.66 -9.41 13.10
CA ALA A 114 9.90 -10.85 12.92
C ALA A 114 11.12 -11.10 12.04
N ASP A 115 11.00 -10.77 10.76
CA ASP A 115 12.08 -10.95 9.81
C ASP A 115 12.67 -12.36 9.92
N TYR B 17 1.37 20.15 -6.28
CA TYR B 17 2.30 19.07 -5.85
C TYR B 17 1.56 17.96 -5.10
N ASP B 18 1.54 16.78 -5.68
CA ASP B 18 0.85 15.64 -5.07
C ASP B 18 1.68 15.07 -3.92
N SER B 19 3.01 15.15 -4.04
CA SER B 19 3.90 14.64 -3.03
C SER B 19 3.73 15.41 -1.72
N GLU B 20 3.38 16.69 -1.83
CA GLU B 20 3.18 17.53 -0.66
C GLU B 20 1.97 17.08 0.14
N GLU B 21 0.97 16.55 -0.56
CA GLU B 21 -0.24 16.08 0.08
C GLU B 21 -0.13 14.61 0.45
N PHE B 22 0.46 13.82 -0.44
CA PHE B 22 0.63 12.39 -0.21
C PHE B 22 1.94 12.11 0.53
N GLU B 23 1.88 11.25 1.54
CA GLU B 23 3.06 10.90 2.32
C GLU B 23 3.10 9.40 2.59
N ASP B 24 4.26 8.92 3.03
CA ASP B 24 4.44 7.50 3.33
C ASP B 24 4.22 7.22 4.81
N VAL B 25 3.99 5.95 5.15
CA VAL B 25 3.76 5.55 6.53
C VAL B 25 4.60 4.32 6.88
N THR B 26 5.63 4.53 7.68
CA THR B 26 6.52 3.44 8.09
C THR B 26 7.05 3.68 9.50
N ASP B 27 6.46 2.99 10.47
CA ASP B 27 6.88 3.13 11.86
C ASP B 27 8.12 2.28 12.14
N GLY B 28 9.27 2.94 12.22
CA GLY B 28 10.51 2.23 12.48
C GLY B 28 11.02 2.47 13.89
N ASN B 29 12.32 2.28 14.08
CA ASN B 29 12.94 2.48 15.39
C ASN B 29 14.04 3.54 15.32
N GLU B 30 13.73 4.72 15.84
CA GLU B 30 14.69 5.83 15.85
C GLU B 30 15.64 5.72 17.04
N VAL B 31 16.78 6.38 16.94
CA VAL B 31 17.77 6.37 18.00
C VAL B 31 18.26 7.77 18.33
#